data_1K85
#
_entry.id   1K85
#
_entity_poly.entity_id   1
_entity_poly.type   'polypeptide(L)'
_entity_poly.pdbx_seq_one_letter_code
;HMAPTAPTNLASTAQTTSSITLSWTASTDNVGVTGYDVYNGTALATTVTGTTATISGLAADTSYTFTVKAKDAAGNVSAA
SNAVSVKT
;
_entity_poly.pdbx_strand_id   A
#
# COMPACT_ATOMS: atom_id res chain seq x y z
N HIS A 1 7.05 -15.41 -16.41
CA HIS A 1 6.69 -13.98 -16.32
C HIS A 1 5.17 -13.80 -16.30
N MET A 2 4.60 -13.82 -15.10
CA MET A 2 3.16 -13.66 -14.94
C MET A 2 2.84 -12.63 -13.86
N ALA A 3 3.27 -12.90 -12.64
CA ALA A 3 3.03 -12.00 -11.52
C ALA A 3 3.61 -10.62 -11.79
N PRO A 4 2.91 -9.55 -11.35
CA PRO A 4 3.35 -8.17 -11.56
C PRO A 4 4.55 -7.81 -10.67
N THR A 5 4.98 -6.55 -10.76
CA THR A 5 6.11 -6.08 -9.97
C THR A 5 5.64 -5.48 -8.65
N ALA A 6 6.53 -5.47 -7.66
CA ALA A 6 6.21 -4.92 -6.35
C ALA A 6 6.38 -3.42 -6.32
N PRO A 7 5.35 -2.67 -5.88
CA PRO A 7 5.41 -1.21 -5.80
C PRO A 7 6.68 -0.73 -5.10
N THR A 8 7.27 0.32 -5.65
CA THR A 8 8.51 0.87 -5.07
C THR A 8 8.40 2.37 -4.83
N ASN A 9 9.29 2.89 -4.00
CA ASN A 9 9.32 4.30 -3.67
C ASN A 9 8.00 4.76 -3.04
N LEU A 10 7.59 4.08 -1.96
CA LEU A 10 6.37 4.44 -1.27
C LEU A 10 6.54 5.78 -0.55
N ALA A 11 5.43 6.42 -0.21
CA ALA A 11 5.48 7.70 0.47
C ALA A 11 4.16 8.03 1.16
N SER A 12 4.14 9.14 1.89
CA SER A 12 2.95 9.58 2.59
C SER A 12 2.73 11.09 2.41
N THR A 13 1.58 11.45 1.89
CA THR A 13 1.26 12.85 1.65
C THR A 13 0.38 13.41 2.77
N ALA A 14 -0.94 13.27 2.61
CA ALA A 14 -1.88 13.76 3.61
C ALA A 14 -2.09 12.73 4.72
N GLN A 15 -2.00 13.19 5.97
CA GLN A 15 -2.18 12.31 7.12
C GLN A 15 -2.74 13.08 8.30
N THR A 16 -3.98 12.74 8.69
CA THR A 16 -4.63 13.40 9.81
C THR A 16 -4.46 12.60 11.09
N THR A 17 -5.40 12.76 12.02
CA THR A 17 -5.34 12.04 13.29
C THR A 17 -6.21 10.78 13.26
N SER A 18 -6.49 10.29 12.06
CA SER A 18 -7.30 9.08 11.91
C SER A 18 -7.20 8.51 10.49
N SER A 19 -7.31 9.38 9.49
CA SER A 19 -7.23 8.95 8.09
C SER A 19 -5.90 9.36 7.46
N ILE A 20 -5.27 8.42 6.76
CA ILE A 20 -3.99 8.69 6.11
C ILE A 20 -4.07 8.38 4.61
N THR A 21 -3.23 9.06 3.84
CA THR A 21 -3.19 8.86 2.39
C THR A 21 -1.79 8.46 1.94
N LEU A 22 -1.68 7.30 1.30
CA LEU A 22 -0.40 6.80 0.83
C LEU A 22 -0.27 6.94 -0.69
N SER A 23 0.96 7.12 -1.15
CA SER A 23 1.23 7.26 -2.57
C SER A 23 2.49 6.47 -2.94
N TRP A 24 2.50 5.88 -4.12
CA TRP A 24 3.64 5.09 -4.57
C TRP A 24 3.67 4.95 -6.09
N THR A 25 4.78 4.42 -6.60
CA THR A 25 4.95 4.23 -8.04
C THR A 25 4.23 2.98 -8.52
N ALA A 26 3.42 3.14 -9.56
CA ALA A 26 2.67 2.02 -10.13
C ALA A 26 3.61 0.97 -10.70
N SER A 27 3.13 -0.27 -10.77
CA SER A 27 3.93 -1.37 -11.30
C SER A 27 4.22 -1.15 -12.80
N THR A 28 5.42 -1.52 -13.22
CA THR A 28 5.82 -1.37 -14.61
C THR A 28 4.97 -2.26 -15.52
N ASP A 29 4.30 -3.24 -14.93
CA ASP A 29 3.46 -4.15 -15.68
C ASP A 29 1.99 -3.95 -15.32
N ASN A 30 1.12 -4.08 -16.32
CA ASN A 30 -0.31 -3.93 -16.11
C ASN A 30 -1.10 -4.75 -17.14
N VAL A 31 -0.64 -5.98 -17.37
CA VAL A 31 -1.29 -6.87 -18.32
C VAL A 31 -2.42 -7.65 -17.66
N GLY A 32 -2.40 -7.69 -16.34
CA GLY A 32 -3.44 -8.41 -15.61
C GLY A 32 -3.68 -7.84 -14.23
N VAL A 33 -2.89 -6.84 -13.85
CA VAL A 33 -3.02 -6.21 -12.54
C VAL A 33 -4.36 -5.50 -12.41
N THR A 34 -4.88 -5.44 -11.19
CA THR A 34 -6.16 -4.79 -10.94
C THR A 34 -6.02 -3.70 -9.87
N GLY A 35 -5.44 -4.06 -8.74
CA GLY A 35 -5.26 -3.10 -7.66
C GLY A 35 -4.09 -3.43 -6.76
N TYR A 36 -3.97 -2.70 -5.66
CA TYR A 36 -2.90 -2.91 -4.71
C TYR A 36 -3.44 -3.23 -3.32
N ASP A 37 -2.54 -3.52 -2.39
CA ASP A 37 -2.93 -3.85 -1.03
C ASP A 37 -1.96 -3.22 -0.02
N VAL A 38 -2.50 -2.56 0.99
CA VAL A 38 -1.68 -1.93 2.01
C VAL A 38 -1.58 -2.78 3.26
N TYR A 39 -0.35 -3.06 3.68
CA TYR A 39 -0.11 -3.87 4.87
C TYR A 39 0.21 -2.98 6.07
N ASN A 40 -0.49 -3.23 7.18
CA ASN A 40 -0.27 -2.46 8.40
C ASN A 40 0.46 -3.31 9.44
N GLY A 41 1.79 -3.33 9.34
CA GLY A 41 2.59 -4.10 10.27
C GLY A 41 2.95 -5.47 9.72
N THR A 42 2.07 -6.43 9.93
CA THR A 42 2.29 -7.80 9.46
C THR A 42 0.98 -8.43 8.99
N ALA A 43 -0.06 -7.61 8.87
CA ALA A 43 -1.36 -8.09 8.44
C ALA A 43 -2.00 -7.14 7.44
N LEU A 44 -2.83 -7.68 6.55
CA LEU A 44 -3.50 -6.87 5.53
C LEU A 44 -4.38 -5.81 6.19
N ALA A 45 -4.32 -4.59 5.65
CA ALA A 45 -5.11 -3.49 6.18
C ALA A 45 -6.18 -3.03 5.18
N THR A 46 -5.91 -1.92 4.50
CA THR A 46 -6.84 -1.39 3.51
C THR A 46 -6.61 -1.98 2.13
N THR A 47 -7.46 -1.61 1.18
CA THR A 47 -7.34 -2.10 -0.19
C THR A 47 -7.63 -0.99 -1.19
N VAL A 48 -6.86 -0.96 -2.27
CA VAL A 48 -7.05 0.06 -3.30
C VAL A 48 -6.88 -0.52 -4.70
N THR A 49 -7.08 0.32 -5.71
CA THR A 49 -6.95 -0.11 -7.10
C THR A 49 -6.37 1.02 -7.95
N GLY A 50 -6.02 2.13 -7.32
CA GLY A 50 -5.47 3.27 -8.03
C GLY A 50 -4.01 3.49 -7.71
N THR A 51 -3.66 4.74 -7.41
CA THR A 51 -2.28 5.10 -7.09
C THR A 51 -2.15 5.62 -5.66
N THR A 52 -3.26 5.58 -4.91
CA THR A 52 -3.26 6.05 -3.54
C THR A 52 -3.89 5.01 -2.61
N ALA A 53 -3.97 5.34 -1.33
CA ALA A 53 -4.55 4.44 -0.33
C ALA A 53 -5.10 5.22 0.86
N THR A 54 -6.17 4.70 1.45
CA THR A 54 -6.80 5.34 2.61
C THR A 54 -6.95 4.38 3.77
N ILE A 55 -6.37 4.73 4.91
CA ILE A 55 -6.44 3.91 6.11
C ILE A 55 -7.09 4.67 7.27
N SER A 56 -8.21 4.16 7.74
CA SER A 56 -8.93 4.78 8.85
C SER A 56 -8.70 4.02 10.15
N GLY A 57 -9.22 4.56 11.25
CA GLY A 57 -9.05 3.93 12.54
C GLY A 57 -7.61 3.88 12.98
N LEU A 58 -7.06 5.05 13.34
CA LEU A 58 -5.68 5.14 13.79
C LEU A 58 -5.56 6.06 14.99
N ALA A 59 -5.02 5.52 16.09
CA ALA A 59 -4.84 6.29 17.31
C ALA A 59 -3.69 7.29 17.17
N ALA A 60 -3.86 8.46 17.77
CA ALA A 60 -2.83 9.50 17.72
C ALA A 60 -1.64 9.16 18.60
N ASP A 61 -0.51 9.83 18.34
CA ASP A 61 0.71 9.61 19.10
C ASP A 61 1.12 8.14 19.10
N THR A 62 1.05 7.52 17.93
CA THR A 62 1.41 6.11 17.80
C THR A 62 2.18 5.86 16.51
N SER A 63 3.02 4.83 16.51
CA SER A 63 3.82 4.47 15.34
C SER A 63 3.06 3.49 14.46
N TYR A 64 3.06 3.75 13.16
CA TYR A 64 2.37 2.89 12.21
C TYR A 64 3.20 2.67 10.95
N THR A 65 3.48 1.40 10.66
CA THR A 65 4.25 1.04 9.47
C THR A 65 3.34 0.53 8.37
N PHE A 66 3.42 1.14 7.20
CA PHE A 66 2.59 0.74 6.06
C PHE A 66 3.43 0.29 4.88
N THR A 67 2.78 -0.42 3.96
CA THR A 67 3.43 -0.93 2.76
C THR A 67 2.41 -1.15 1.65
N VAL A 68 2.88 -1.61 0.49
CA VAL A 68 1.98 -1.85 -0.64
C VAL A 68 2.33 -3.14 -1.36
N LYS A 69 1.32 -3.81 -1.89
CA LYS A 69 1.50 -5.06 -2.60
C LYS A 69 0.59 -5.15 -3.82
N ALA A 70 1.19 -5.29 -5.00
CA ALA A 70 0.41 -5.39 -6.24
C ALA A 70 -0.11 -6.81 -6.42
N LYS A 71 -1.36 -6.93 -6.86
CA LYS A 71 -1.98 -8.23 -7.08
C LYS A 71 -2.50 -8.38 -8.50
N ASP A 72 -2.74 -9.62 -8.91
CA ASP A 72 -3.24 -9.91 -10.25
C ASP A 72 -4.54 -10.71 -10.17
N ALA A 73 -5.35 -10.62 -11.22
CA ALA A 73 -6.62 -11.33 -11.27
C ALA A 73 -6.43 -12.75 -11.80
N ALA A 74 -5.49 -13.48 -11.20
CA ALA A 74 -5.21 -14.85 -11.62
C ALA A 74 -4.48 -15.62 -10.52
N GLY A 75 -4.29 -14.96 -9.38
CA GLY A 75 -3.61 -15.60 -8.26
C GLY A 75 -2.12 -15.33 -8.27
N ASN A 76 -1.73 -14.09 -8.55
CA ASN A 76 -0.33 -13.71 -8.59
C ASN A 76 -0.11 -12.40 -7.84
N VAL A 77 0.73 -12.45 -6.80
CA VAL A 77 1.01 -11.27 -6.00
C VAL A 77 2.51 -10.93 -6.03
N SER A 78 2.81 -9.64 -5.95
CA SER A 78 4.20 -9.18 -5.97
C SER A 78 4.77 -9.11 -4.56
N ALA A 79 5.90 -8.43 -4.41
CA ALA A 79 6.54 -8.30 -3.11
C ALA A 79 6.04 -7.04 -2.39
N ALA A 80 6.49 -6.85 -1.16
CA ALA A 80 6.09 -5.68 -0.37
C ALA A 80 7.04 -4.51 -0.60
N SER A 81 6.50 -3.30 -0.55
CA SER A 81 7.30 -2.09 -0.75
C SER A 81 8.03 -1.71 0.53
N ASN A 82 8.70 -0.56 0.50
CA ASN A 82 9.43 -0.07 1.66
C ASN A 82 8.48 0.29 2.79
N ALA A 83 8.92 0.08 4.02
CA ALA A 83 8.09 0.38 5.19
C ALA A 83 8.12 1.87 5.51
N VAL A 84 6.94 2.48 5.55
CA VAL A 84 6.82 3.90 5.83
C VAL A 84 6.40 4.13 7.29
N SER A 85 7.33 4.58 8.11
CA SER A 85 7.07 4.83 9.52
C SER A 85 6.43 6.21 9.71
N VAL A 86 5.12 6.24 9.77
CA VAL A 86 4.39 7.49 9.96
C VAL A 86 3.82 7.59 11.37
N LYS A 87 3.95 8.76 11.98
CA LYS A 87 3.45 8.99 13.34
C LYS A 87 2.16 9.79 13.30
N THR A 88 1.07 9.16 13.73
CA THR A 88 -0.24 9.82 13.76
C THR A 88 -0.37 10.70 15.00
N HIS A 1 4.47 -19.16 -13.21
CA HIS A 1 4.08 -18.14 -12.21
C HIS A 1 4.62 -16.76 -12.58
N MET A 2 3.91 -16.07 -13.46
CA MET A 2 4.31 -14.74 -13.90
C MET A 2 3.79 -13.67 -12.96
N ALA A 3 4.33 -13.63 -11.75
CA ALA A 3 3.92 -12.65 -10.74
C ALA A 3 4.25 -11.23 -11.18
N PRO A 4 3.49 -10.23 -10.71
CA PRO A 4 3.70 -8.83 -11.06
C PRO A 4 4.94 -8.25 -10.39
N THR A 5 4.99 -6.92 -10.31
CA THR A 5 6.12 -6.23 -9.69
C THR A 5 5.68 -5.48 -8.43
N ALA A 6 6.51 -5.55 -7.40
CA ALA A 6 6.22 -4.88 -6.13
C ALA A 6 6.34 -3.37 -6.27
N PRO A 7 5.34 -2.62 -5.77
CA PRO A 7 5.34 -1.15 -5.82
C PRO A 7 6.69 -0.57 -5.41
N THR A 8 6.96 0.65 -5.87
CA THR A 8 8.22 1.31 -5.55
C THR A 8 8.02 2.78 -5.19
N ASN A 9 8.89 3.30 -4.33
CA ASN A 9 8.83 4.69 -3.90
C ASN A 9 7.50 5.03 -3.23
N LEU A 10 7.24 4.41 -2.08
CA LEU A 10 6.01 4.67 -1.35
C LEU A 10 6.22 5.85 -0.39
N ALA A 11 5.14 6.56 -0.09
CA ALA A 11 5.21 7.70 0.81
C ALA A 11 3.84 8.06 1.37
N SER A 12 3.81 9.11 2.18
CA SER A 12 2.56 9.57 2.78
C SER A 12 2.40 11.08 2.58
N THR A 13 1.26 11.48 2.03
CA THR A 13 1.00 12.90 1.78
C THR A 13 0.12 13.50 2.87
N ALA A 14 -1.19 13.37 2.70
CA ALA A 14 -2.14 13.90 3.68
C ALA A 14 -2.39 12.90 4.79
N GLN A 15 -1.70 13.07 5.91
CA GLN A 15 -1.85 12.17 7.06
C GLN A 15 -2.38 12.91 8.27
N THR A 16 -3.63 12.61 8.64
CA THR A 16 -4.26 13.24 9.79
C THR A 16 -4.01 12.43 11.05
N THR A 17 -4.80 12.70 12.09
CA THR A 17 -4.65 11.99 13.37
C THR A 17 -5.53 10.74 13.41
N SER A 18 -6.17 10.44 12.28
CA SER A 18 -7.04 9.27 12.19
C SER A 18 -6.87 8.57 10.85
N SER A 19 -6.92 9.35 9.77
CA SER A 19 -6.77 8.82 8.42
C SER A 19 -5.42 9.19 7.84
N ILE A 20 -5.04 8.51 6.76
CA ILE A 20 -3.74 8.78 6.11
C ILE A 20 -3.81 8.49 4.61
N THR A 21 -3.06 9.27 3.84
CA THR A 21 -3.02 9.11 2.39
C THR A 21 -1.67 8.54 1.94
N LEU A 22 -1.72 7.42 1.24
CA LEU A 22 -0.50 6.77 0.76
C LEU A 22 -0.39 6.86 -0.75
N SER A 23 0.77 7.28 -1.24
CA SER A 23 1.01 7.40 -2.67
C SER A 23 2.28 6.65 -3.06
N TRP A 24 2.22 5.93 -4.18
CA TRP A 24 3.37 5.15 -4.65
C TRP A 24 3.31 4.95 -6.16
N THR A 25 4.40 4.45 -6.72
CA THR A 25 4.48 4.20 -8.15
C THR A 25 3.96 2.80 -8.49
N ALA A 26 3.05 2.72 -9.47
CA ALA A 26 2.48 1.45 -9.88
C ALA A 26 3.56 0.51 -10.38
N SER A 27 3.22 -0.77 -10.50
CA SER A 27 4.16 -1.77 -10.97
C SER A 27 4.53 -1.54 -12.43
N THR A 28 5.59 -2.22 -12.88
CA THR A 28 6.05 -2.10 -14.26
C THR A 28 5.44 -3.19 -15.14
N ASP A 29 4.66 -4.06 -14.51
CA ASP A 29 4.02 -5.15 -15.23
C ASP A 29 2.50 -5.04 -15.16
N ASN A 30 1.96 -3.98 -15.76
CA ASN A 30 0.52 -3.75 -15.78
C ASN A 30 -0.17 -4.75 -16.68
N VAL A 31 -1.33 -4.37 -17.23
CA VAL A 31 -2.12 -5.24 -18.11
C VAL A 31 -2.84 -6.32 -17.32
N GLY A 32 -2.16 -6.85 -16.30
CA GLY A 32 -2.76 -7.88 -15.48
C GLY A 32 -3.12 -7.36 -14.09
N VAL A 33 -2.38 -6.36 -13.64
CA VAL A 33 -2.61 -5.75 -12.33
C VAL A 33 -3.94 -4.99 -12.33
N THR A 34 -4.81 -5.34 -11.40
CA THR A 34 -6.12 -4.69 -11.31
C THR A 34 -6.36 -4.07 -9.93
N GLY A 35 -5.37 -4.19 -9.03
CA GLY A 35 -5.52 -3.63 -7.71
C GLY A 35 -4.29 -3.79 -6.86
N TYR A 36 -4.28 -3.10 -5.71
CA TYR A 36 -3.15 -3.16 -4.79
C TYR A 36 -3.63 -3.41 -3.36
N ASP A 37 -2.71 -3.84 -2.50
CA ASP A 37 -3.06 -4.12 -1.11
C ASP A 37 -2.13 -3.38 -0.16
N VAL A 38 -2.70 -2.77 0.87
CA VAL A 38 -1.92 -2.03 1.85
C VAL A 38 -1.68 -2.85 3.11
N TYR A 39 -0.42 -2.94 3.53
CA TYR A 39 -0.05 -3.69 4.72
C TYR A 39 0.32 -2.74 5.86
N ASN A 40 -0.28 -2.98 7.02
CA ASN A 40 -0.02 -2.14 8.19
C ASN A 40 0.46 -3.00 9.37
N GLY A 41 1.77 -3.11 9.52
CA GLY A 41 2.34 -3.90 10.60
C GLY A 41 1.91 -5.35 10.55
N THR A 42 2.46 -6.08 9.58
CA THR A 42 2.16 -7.49 9.40
C THR A 42 0.65 -7.75 9.47
N ALA A 43 -0.12 -6.79 8.99
CA ALA A 43 -1.58 -6.90 8.99
C ALA A 43 -2.20 -5.97 7.95
N LEU A 44 -2.71 -6.56 6.87
CA LEU A 44 -3.33 -5.79 5.79
C LEU A 44 -4.39 -4.84 6.33
N ALA A 45 -4.22 -3.55 6.06
CA ALA A 45 -5.16 -2.54 6.50
C ALA A 45 -6.25 -2.28 5.47
N THR A 46 -6.05 -1.27 4.63
CA THR A 46 -7.02 -0.92 3.59
C THR A 46 -6.73 -1.64 2.28
N THR A 47 -7.59 -1.43 1.30
CA THR A 47 -7.45 -2.05 0.00
C THR A 47 -7.84 -1.06 -1.11
N VAL A 48 -7.01 -0.98 -2.15
CA VAL A 48 -7.27 -0.07 -3.26
C VAL A 48 -7.02 -0.73 -4.60
N THR A 49 -7.10 0.06 -5.67
CA THR A 49 -6.87 -0.44 -7.02
C THR A 49 -5.92 0.47 -7.79
N GLY A 50 -5.86 1.73 -7.37
CA GLY A 50 -4.98 2.69 -8.03
C GLY A 50 -3.63 2.79 -7.36
N THR A 51 -3.00 3.96 -7.45
CA THR A 51 -1.69 4.18 -6.85
C THR A 51 -1.81 4.94 -5.53
N THR A 52 -3.04 5.03 -5.03
CA THR A 52 -3.30 5.73 -3.78
C THR A 52 -4.11 4.85 -2.82
N ALA A 53 -3.98 5.12 -1.52
CA ALA A 53 -4.70 4.36 -0.51
C ALA A 53 -5.11 5.26 0.65
N THR A 54 -6.17 4.86 1.36
CA THR A 54 -6.66 5.62 2.49
C THR A 54 -6.98 4.72 3.67
N ILE A 55 -6.21 4.88 4.75
CA ILE A 55 -6.41 4.08 5.95
C ILE A 55 -7.20 4.87 6.99
N SER A 56 -8.41 4.40 7.28
CA SER A 56 -9.27 5.06 8.26
C SER A 56 -9.26 4.30 9.59
N GLY A 57 -9.09 5.05 10.68
CA GLY A 57 -9.07 4.43 11.99
C GLY A 57 -7.65 4.20 12.49
N LEU A 58 -7.01 5.27 12.96
CA LEU A 58 -5.65 5.17 13.48
C LEU A 58 -5.51 5.98 14.76
N ALA A 59 -5.25 5.29 15.87
CA ALA A 59 -5.11 5.95 17.16
C ALA A 59 -3.84 6.81 17.20
N ALA A 60 -4.00 8.07 17.60
CA ALA A 60 -2.87 8.99 17.68
C ALA A 60 -1.86 8.53 18.72
N ASP A 61 -0.75 9.25 18.81
CA ASP A 61 0.31 8.93 19.78
C ASP A 61 0.80 7.50 19.58
N THR A 62 0.75 7.01 18.35
CA THR A 62 1.19 5.66 18.04
C THR A 62 1.94 5.61 16.71
N SER A 63 2.96 4.75 16.64
CA SER A 63 3.75 4.59 15.43
C SER A 63 3.11 3.56 14.51
N TYR A 64 3.03 3.88 13.22
CA TYR A 64 2.44 2.97 12.24
C TYR A 64 3.37 2.75 11.05
N THR A 65 3.43 1.51 10.60
CA THR A 65 4.26 1.15 9.46
C THR A 65 3.40 0.62 8.32
N PHE A 66 3.42 1.31 7.19
CA PHE A 66 2.61 0.91 6.04
C PHE A 66 3.45 0.30 4.93
N THR A 67 2.76 -0.25 3.93
CA THR A 67 3.40 -0.88 2.78
C THR A 67 2.37 -1.13 1.69
N VAL A 68 2.83 -1.58 0.53
CA VAL A 68 1.93 -1.87 -0.58
C VAL A 68 2.33 -3.14 -1.31
N LYS A 69 1.34 -3.82 -1.89
CA LYS A 69 1.58 -5.06 -2.61
C LYS A 69 0.71 -5.14 -3.87
N ALA A 70 1.36 -5.31 -5.02
CA ALA A 70 0.64 -5.39 -6.29
C ALA A 70 0.08 -6.80 -6.51
N LYS A 71 -1.18 -6.86 -6.95
CA LYS A 71 -1.83 -8.15 -7.22
C LYS A 71 -2.51 -8.14 -8.58
N ASP A 72 -2.58 -9.31 -9.20
CA ASP A 72 -3.20 -9.45 -10.51
C ASP A 72 -4.50 -10.24 -10.43
N ALA A 73 -5.14 -10.42 -11.57
CA ALA A 73 -6.40 -11.17 -11.63
C ALA A 73 -6.15 -12.65 -11.87
N ALA A 74 -5.16 -13.21 -11.17
CA ALA A 74 -4.82 -14.61 -11.31
C ALA A 74 -4.26 -15.17 -10.00
N GLY A 75 -4.27 -14.35 -8.96
CA GLY A 75 -3.76 -14.78 -7.67
C GLY A 75 -2.27 -14.55 -7.52
N ASN A 76 -1.70 -13.83 -8.49
CA ASN A 76 -0.27 -13.53 -8.47
C ASN A 76 0.00 -12.20 -7.81
N VAL A 77 0.73 -12.23 -6.69
CA VAL A 77 1.06 -11.01 -5.95
C VAL A 77 2.57 -10.88 -5.76
N SER A 78 3.10 -9.69 -5.98
CA SER A 78 4.52 -9.42 -5.84
C SER A 78 4.90 -9.30 -4.36
N ALA A 79 6.05 -8.69 -4.11
CA ALA A 79 6.54 -8.49 -2.75
C ALA A 79 6.03 -7.18 -2.17
N ALA A 80 6.45 -6.87 -0.94
CA ALA A 80 6.05 -5.64 -0.28
C ALA A 80 7.02 -4.50 -0.59
N SER A 81 6.47 -3.32 -0.86
CA SER A 81 7.29 -2.15 -1.19
C SER A 81 7.99 -1.64 0.07
N ASN A 82 8.67 -0.50 -0.07
CA ASN A 82 9.38 0.11 1.05
C ASN A 82 8.43 0.39 2.21
N ALA A 83 8.92 0.19 3.43
CA ALA A 83 8.12 0.41 4.62
C ALA A 83 8.22 1.87 5.09
N VAL A 84 7.07 2.51 5.25
CA VAL A 84 7.03 3.90 5.69
C VAL A 84 6.69 3.99 7.18
N SER A 85 7.56 4.66 7.93
CA SER A 85 7.36 4.83 9.37
C SER A 85 6.67 6.16 9.68
N VAL A 86 5.35 6.13 9.71
CA VAL A 86 4.57 7.34 10.00
C VAL A 86 3.75 7.17 11.27
N LYS A 87 3.81 8.16 12.15
CA LYS A 87 3.07 8.10 13.41
C LYS A 87 1.96 9.15 13.43
N THR A 88 0.77 8.73 13.86
CA THR A 88 -0.37 9.63 13.94
C THR A 88 -0.32 10.48 15.20
N HIS A 1 7.12 -16.20 -13.99
CA HIS A 1 6.09 -16.34 -12.94
C HIS A 1 4.78 -15.68 -13.36
N MET A 2 3.77 -15.79 -12.49
CA MET A 2 2.47 -15.20 -12.77
C MET A 2 2.27 -13.91 -11.98
N ALA A 3 3.14 -13.69 -11.00
CA ALA A 3 3.06 -12.49 -10.17
C ALA A 3 3.39 -11.24 -10.98
N PRO A 4 2.76 -10.09 -10.64
CA PRO A 4 2.99 -8.83 -11.34
C PRO A 4 4.28 -8.13 -10.88
N THR A 5 4.22 -6.81 -10.72
CA THR A 5 5.37 -6.03 -10.29
C THR A 5 5.13 -5.42 -8.91
N ALA A 6 6.13 -5.52 -8.03
CA ALA A 6 6.03 -4.98 -6.69
C ALA A 6 6.25 -3.48 -6.68
N PRO A 7 5.34 -2.72 -6.03
CA PRO A 7 5.45 -1.26 -5.93
C PRO A 7 6.80 -0.82 -5.36
N THR A 8 7.05 0.49 -5.40
CA THR A 8 8.31 1.04 -4.89
C THR A 8 8.21 2.54 -4.67
N ASN A 9 9.16 3.09 -3.92
CA ASN A 9 9.18 4.52 -3.64
C ASN A 9 7.90 4.97 -2.95
N LEU A 10 7.33 4.10 -2.11
CA LEU A 10 6.11 4.43 -1.40
C LEU A 10 6.33 5.65 -0.50
N ALA A 11 5.24 6.31 -0.14
CA ALA A 11 5.31 7.48 0.72
C ALA A 11 3.96 7.79 1.35
N SER A 12 3.92 8.88 2.12
CA SER A 12 2.69 9.31 2.78
C SER A 12 2.63 10.83 2.81
N THR A 13 1.52 11.39 2.33
CA THR A 13 1.34 12.84 2.30
C THR A 13 0.48 13.31 3.45
N ALA A 14 -0.83 13.20 3.31
CA ALA A 14 -1.77 13.64 4.34
C ALA A 14 -1.96 12.58 5.41
N GLN A 15 -1.34 12.79 6.56
CA GLN A 15 -1.44 11.86 7.67
C GLN A 15 -2.05 12.55 8.89
N THR A 16 -3.38 12.50 8.99
CA THR A 16 -4.09 13.12 10.10
C THR A 16 -4.06 12.23 11.34
N THR A 17 -5.00 12.45 12.25
CA THR A 17 -5.07 11.67 13.48
C THR A 17 -6.04 10.50 13.34
N SER A 18 -6.28 10.08 12.10
CA SER A 18 -7.19 8.95 11.85
C SER A 18 -7.10 8.48 10.40
N SER A 19 -7.09 9.42 9.47
CA SER A 19 -7.01 9.09 8.05
C SER A 19 -5.63 9.40 7.49
N ILE A 20 -5.12 8.49 6.66
CA ILE A 20 -3.80 8.67 6.05
C ILE A 20 -3.86 8.47 4.54
N THR A 21 -2.99 9.18 3.82
CA THR A 21 -2.93 9.08 2.37
C THR A 21 -1.58 8.53 1.91
N LEU A 22 -1.60 7.30 1.42
CA LEU A 22 -0.38 6.64 0.95
C LEU A 22 -0.27 6.73 -0.57
N SER A 23 0.92 7.07 -1.06
CA SER A 23 1.15 7.18 -2.50
C SER A 23 2.42 6.41 -2.90
N TRP A 24 2.36 5.73 -4.03
CA TRP A 24 3.51 4.96 -4.51
C TRP A 24 3.50 4.85 -6.03
N THR A 25 4.60 4.36 -6.58
CA THR A 25 4.73 4.19 -8.03
C THR A 25 4.01 2.93 -8.50
N ALA A 26 3.26 3.06 -9.59
CA ALA A 26 2.52 1.93 -10.15
C ALA A 26 3.47 0.84 -10.61
N SER A 27 2.90 -0.30 -11.02
CA SER A 27 3.70 -1.42 -11.49
C SER A 27 4.20 -1.17 -12.92
N THR A 28 5.30 -1.84 -13.27
CA THR A 28 5.88 -1.69 -14.60
C THR A 28 5.33 -2.72 -15.56
N ASP A 29 4.19 -3.31 -15.20
CA ASP A 29 3.56 -4.32 -16.03
C ASP A 29 2.10 -3.96 -16.31
N ASN A 30 1.27 -4.03 -15.27
CA ASN A 30 -0.15 -3.70 -15.39
C ASN A 30 -0.81 -4.53 -16.49
N VAL A 31 -0.29 -5.75 -16.69
CA VAL A 31 -0.83 -6.65 -17.71
C VAL A 31 -1.95 -7.52 -17.14
N GLY A 32 -2.08 -7.51 -15.82
CA GLY A 32 -3.11 -8.29 -15.16
C GLY A 32 -3.47 -7.76 -13.79
N VAL A 33 -2.75 -6.73 -13.35
CA VAL A 33 -2.99 -6.12 -12.06
C VAL A 33 -4.40 -5.51 -11.99
N THR A 34 -5.11 -5.78 -10.90
CA THR A 34 -6.45 -5.26 -10.72
C THR A 34 -6.50 -4.26 -9.58
N GLY A 35 -5.55 -4.36 -8.66
CA GLY A 35 -5.51 -3.45 -7.52
C GLY A 35 -4.24 -3.60 -6.70
N TYR A 36 -4.15 -2.83 -5.63
CA TYR A 36 -2.98 -2.86 -4.75
C TYR A 36 -3.39 -3.09 -3.30
N ASP A 37 -2.70 -4.01 -2.63
CA ASP A 37 -2.99 -4.33 -1.24
C ASP A 37 -1.89 -3.80 -0.33
N VAL A 38 -2.26 -2.87 0.56
CA VAL A 38 -1.28 -2.28 1.48
C VAL A 38 -1.36 -2.94 2.85
N TYR A 39 -0.19 -3.30 3.39
CA TYR A 39 -0.11 -3.95 4.70
C TYR A 39 0.26 -2.94 5.78
N ASN A 40 0.17 -3.39 7.03
CA ASN A 40 0.49 -2.54 8.17
C ASN A 40 1.24 -3.35 9.23
N GLY A 41 2.55 -3.45 9.08
CA GLY A 41 3.35 -4.21 10.02
C GLY A 41 3.47 -5.66 9.62
N THR A 42 2.35 -6.38 9.68
CA THR A 42 2.32 -7.78 9.32
C THR A 42 0.92 -8.22 8.90
N ALA A 43 -0.06 -7.32 9.10
CA ALA A 43 -1.44 -7.60 8.73
C ALA A 43 -1.95 -6.62 7.68
N LEU A 44 -2.65 -7.13 6.68
CA LEU A 44 -3.19 -6.30 5.61
C LEU A 44 -4.13 -5.23 6.16
N ALA A 45 -3.94 -3.99 5.71
CA ALA A 45 -4.77 -2.88 6.14
C ALA A 45 -5.87 -2.59 5.13
N THR A 46 -5.72 -1.50 4.37
CA THR A 46 -6.71 -1.14 3.37
C THR A 46 -6.39 -1.75 2.01
N THR A 47 -7.31 -1.58 1.06
CA THR A 47 -7.14 -2.11 -0.28
C THR A 47 -7.63 -1.12 -1.32
N VAL A 48 -6.77 -0.80 -2.28
CA VAL A 48 -7.11 0.15 -3.32
C VAL A 48 -6.89 -0.44 -4.71
N THR A 49 -6.96 0.41 -5.73
CA THR A 49 -6.76 -0.04 -7.10
C THR A 49 -5.88 0.95 -7.88
N GLY A 50 -5.42 1.98 -7.20
CA GLY A 50 -4.57 2.97 -7.85
C GLY A 50 -3.27 3.18 -7.11
N THR A 51 -2.76 4.41 -7.15
CA THR A 51 -1.51 4.75 -6.49
C THR A 51 -1.76 5.55 -5.22
N THR A 52 -2.95 5.38 -4.63
CA THR A 52 -3.32 6.09 -3.42
C THR A 52 -4.21 5.24 -2.53
N ALA A 53 -3.82 5.09 -1.26
CA ALA A 53 -4.59 4.30 -0.31
C ALA A 53 -5.05 5.15 0.87
N THR A 54 -6.28 4.91 1.33
CA THR A 54 -6.83 5.66 2.45
C THR A 54 -7.12 4.73 3.63
N ILE A 55 -6.40 4.93 4.73
CA ILE A 55 -6.59 4.11 5.92
C ILE A 55 -7.14 4.93 7.07
N SER A 56 -8.40 4.66 7.43
CA SER A 56 -9.06 5.37 8.53
C SER A 56 -9.31 4.43 9.70
N GLY A 57 -9.49 5.01 10.88
CA GLY A 57 -9.74 4.21 12.06
C GLY A 57 -8.48 3.90 12.84
N LEU A 58 -7.49 4.80 12.77
CA LEU A 58 -6.24 4.61 13.47
C LEU A 58 -6.28 5.25 14.85
N ALA A 59 -5.14 5.25 15.54
CA ALA A 59 -5.05 5.83 16.87
C ALA A 59 -3.98 6.91 16.93
N ALA A 60 -4.39 8.13 17.27
CA ALA A 60 -3.46 9.25 17.36
C ALA A 60 -2.33 8.98 18.34
N ASP A 61 -1.24 9.72 18.21
CA ASP A 61 -0.07 9.57 19.08
C ASP A 61 0.45 8.14 19.05
N THR A 62 0.40 7.51 17.87
CA THR A 62 0.88 6.14 17.72
C THR A 62 1.64 5.97 16.40
N SER A 63 2.64 5.10 16.42
CA SER A 63 3.45 4.84 15.23
C SER A 63 2.84 3.70 14.41
N TYR A 64 2.84 3.85 13.09
CA TYR A 64 2.28 2.83 12.21
C TYR A 64 3.14 2.65 10.97
N THR A 65 3.56 1.41 10.72
CA THR A 65 4.37 1.10 9.55
C THR A 65 3.52 0.47 8.46
N PHE A 66 3.55 1.07 7.27
CA PHE A 66 2.76 0.57 6.16
C PHE A 66 3.64 0.09 5.01
N THR A 67 3.01 -0.59 4.06
CA THR A 67 3.70 -1.12 2.88
C THR A 67 2.68 -1.37 1.77
N VAL A 68 3.15 -1.45 0.53
CA VAL A 68 2.25 -1.67 -0.59
C VAL A 68 2.60 -2.93 -1.37
N LYS A 69 1.58 -3.57 -1.93
CA LYS A 69 1.76 -4.80 -2.70
C LYS A 69 0.85 -4.79 -3.92
N ALA A 70 1.21 -5.58 -4.93
CA ALA A 70 0.44 -5.67 -6.16
C ALA A 70 -0.26 -7.02 -6.29
N LYS A 71 -1.49 -6.99 -6.80
CA LYS A 71 -2.26 -8.22 -6.97
C LYS A 71 -2.87 -8.28 -8.37
N ASP A 72 -3.11 -9.48 -8.86
CA ASP A 72 -3.68 -9.69 -10.19
C ASP A 72 -5.08 -10.30 -10.09
N ALA A 73 -5.74 -10.43 -11.24
CA ALA A 73 -7.07 -11.00 -11.30
C ALA A 73 -7.02 -12.52 -11.31
N ALA A 74 -6.37 -13.10 -10.31
CA ALA A 74 -6.24 -14.55 -10.21
C ALA A 74 -5.91 -14.98 -8.79
N GLY A 75 -5.01 -14.24 -8.14
CA GLY A 75 -4.62 -14.56 -6.78
C GLY A 75 -3.13 -14.42 -6.55
N ASN A 76 -2.42 -13.96 -7.58
CA ASN A 76 -0.98 -13.78 -7.48
C ASN A 76 -0.64 -12.40 -6.93
N VAL A 77 0.43 -12.32 -6.15
CA VAL A 77 0.85 -11.06 -5.55
C VAL A 77 2.37 -10.87 -5.67
N SER A 78 2.80 -9.62 -5.78
CA SER A 78 4.21 -9.30 -5.89
C SER A 78 4.85 -9.15 -4.52
N ALA A 79 6.00 -8.50 -4.46
CA ALA A 79 6.70 -8.29 -3.19
C ALA A 79 6.27 -6.99 -2.53
N ALA A 80 6.67 -6.81 -1.28
CA ALA A 80 6.32 -5.60 -0.52
C ALA A 80 7.31 -4.48 -0.81
N SER A 81 6.79 -3.25 -0.93
CA SER A 81 7.64 -2.09 -1.19
C SER A 81 8.33 -1.63 0.08
N ASN A 82 9.02 -0.50 0.01
CA ASN A 82 9.72 0.06 1.15
C ASN A 82 8.76 0.36 2.29
N ALA A 83 9.26 0.37 3.52
CA ALA A 83 8.44 0.65 4.69
C ALA A 83 8.23 2.16 4.87
N VAL A 84 7.13 2.53 5.51
CA VAL A 84 6.82 3.92 5.75
C VAL A 84 6.31 4.14 7.17
N SER A 85 7.13 4.79 8.00
CA SER A 85 6.77 5.06 9.37
C SER A 85 6.06 6.41 9.49
N VAL A 86 4.77 6.37 9.80
CA VAL A 86 3.98 7.60 9.95
C VAL A 86 3.55 7.81 11.39
N LYS A 87 3.35 9.07 11.76
CA LYS A 87 2.93 9.41 13.12
C LYS A 87 1.53 10.00 13.13
N THR A 88 0.57 9.22 13.59
CA THR A 88 -0.82 9.68 13.65
C THR A 88 -1.06 10.55 14.88
N HIS A 1 6.53 -13.55 -15.26
CA HIS A 1 5.43 -14.22 -15.99
C HIS A 1 4.27 -14.55 -15.06
N MET A 2 4.59 -14.85 -13.80
CA MET A 2 3.57 -15.19 -12.81
C MET A 2 3.27 -13.99 -11.92
N ALA A 3 4.11 -13.77 -10.92
CA ALA A 3 3.94 -12.66 -9.99
C ALA A 3 4.29 -11.33 -10.64
N PRO A 4 3.56 -10.25 -10.28
CA PRO A 4 3.81 -8.92 -10.83
C PRO A 4 5.09 -8.29 -10.28
N THR A 5 5.08 -6.96 -10.16
CA THR A 5 6.23 -6.24 -9.63
C THR A 5 5.87 -5.47 -8.37
N ALA A 6 6.64 -5.67 -7.32
CA ALA A 6 6.41 -5.01 -6.04
C ALA A 6 6.52 -3.49 -6.18
N PRO A 7 5.50 -2.75 -5.70
CA PRO A 7 5.49 -1.27 -5.76
C PRO A 7 6.83 -0.68 -5.33
N THR A 8 7.20 0.43 -5.96
CA THR A 8 8.46 1.09 -5.65
C THR A 8 8.27 2.57 -5.34
N ASN A 9 9.20 3.13 -4.59
CA ASN A 9 9.16 4.54 -4.22
C ASN A 9 7.84 4.91 -3.53
N LEU A 10 7.57 4.27 -2.39
CA LEU A 10 6.35 4.54 -1.64
C LEU A 10 6.51 5.83 -0.83
N ALA A 11 5.38 6.44 -0.47
CA ALA A 11 5.41 7.67 0.31
C ALA A 11 4.08 7.94 0.99
N SER A 12 4.03 8.98 1.80
CA SER A 12 2.82 9.37 2.51
C SER A 12 2.51 10.84 2.25
N THR A 13 1.27 11.11 1.84
CA THR A 13 0.86 12.49 1.56
C THR A 13 0.08 13.09 2.73
N ALA A 14 -1.22 12.82 2.77
CA ALA A 14 -2.07 13.33 3.83
C ALA A 14 -2.05 12.41 5.05
N GLN A 15 -2.21 13.00 6.22
CA GLN A 15 -2.22 12.24 7.47
C GLN A 15 -2.88 13.03 8.59
N THR A 16 -3.72 12.36 9.37
CA THR A 16 -4.42 13.00 10.47
C THR A 16 -4.36 12.14 11.74
N THR A 17 -5.33 12.32 12.62
CA THR A 17 -5.38 11.57 13.86
C THR A 17 -6.28 10.35 13.73
N SER A 18 -6.52 9.91 12.49
CA SER A 18 -7.37 8.74 12.25
C SER A 18 -7.23 8.25 10.81
N SER A 19 -7.19 9.19 9.87
CA SER A 19 -7.08 8.83 8.45
C SER A 19 -5.70 9.20 7.90
N ILE A 20 -5.30 8.51 6.83
CA ILE A 20 -4.01 8.77 6.20
C ILE A 20 -3.97 8.26 4.76
N THR A 21 -3.45 9.09 3.86
CA THR A 21 -3.36 8.73 2.45
C THR A 21 -1.93 8.36 2.08
N LEU A 22 -1.80 7.36 1.21
CA LEU A 22 -0.48 6.90 0.77
C LEU A 22 -0.38 6.94 -0.75
N SER A 23 0.82 7.24 -1.25
CA SER A 23 1.05 7.31 -2.68
C SER A 23 2.33 6.57 -3.07
N TRP A 24 2.22 5.66 -4.02
CA TRP A 24 3.35 4.86 -4.47
C TRP A 24 3.38 4.74 -5.99
N THR A 25 4.48 4.23 -6.52
CA THR A 25 4.63 4.06 -7.96
C THR A 25 4.07 2.72 -8.41
N ALA A 26 3.37 2.73 -9.55
CA ALA A 26 2.78 1.52 -10.10
C ALA A 26 3.83 0.47 -10.39
N SER A 27 3.39 -0.75 -10.63
CA SER A 27 4.30 -1.86 -10.93
C SER A 27 4.87 -1.73 -12.34
N THR A 28 4.40 -0.72 -13.07
CA THR A 28 4.85 -0.48 -14.44
C THR A 28 4.58 -1.70 -15.33
N ASP A 29 3.70 -2.58 -14.85
CA ASP A 29 3.34 -3.77 -15.60
C ASP A 29 1.90 -4.18 -15.30
N ASN A 30 0.96 -3.34 -15.77
CA ASN A 30 -0.46 -3.60 -15.55
C ASN A 30 -1.00 -4.60 -16.58
N VAL A 31 -0.12 -5.43 -17.12
CA VAL A 31 -0.52 -6.43 -18.10
C VAL A 31 -1.53 -7.41 -17.49
N GLY A 32 -1.56 -7.46 -16.17
CA GLY A 32 -2.47 -8.36 -15.48
C GLY A 32 -2.90 -7.80 -14.14
N VAL A 33 -2.19 -6.79 -13.65
CA VAL A 33 -2.49 -6.17 -12.37
C VAL A 33 -3.83 -5.45 -12.41
N THR A 34 -4.56 -5.49 -11.30
CA THR A 34 -5.86 -4.84 -11.22
C THR A 34 -5.91 -3.84 -10.07
N GLY A 35 -5.46 -4.27 -8.89
CA GLY A 35 -5.48 -3.40 -7.74
C GLY A 35 -4.24 -3.56 -6.86
N TYR A 36 -4.23 -2.87 -5.73
CA TYR A 36 -3.10 -2.94 -4.80
C TYR A 36 -3.60 -3.13 -3.37
N ASP A 37 -2.74 -3.70 -2.52
CA ASP A 37 -3.08 -3.94 -1.12
C ASP A 37 -2.11 -3.24 -0.20
N VAL A 38 -2.63 -2.62 0.86
CA VAL A 38 -1.79 -1.93 1.83
C VAL A 38 -1.65 -2.75 3.11
N TYR A 39 -0.42 -2.95 3.54
CA TYR A 39 -0.14 -3.73 4.75
C TYR A 39 0.19 -2.82 5.93
N ASN A 40 -0.54 -3.02 7.04
CA ASN A 40 -0.32 -2.23 8.24
C ASN A 40 0.54 -3.00 9.23
N GLY A 41 1.85 -2.92 9.05
CA GLY A 41 2.76 -3.62 9.92
C GLY A 41 2.95 -5.07 9.52
N THR A 42 1.92 -5.89 9.76
CA THR A 42 1.97 -7.31 9.41
C THR A 42 0.60 -7.83 9.01
N ALA A 43 -0.39 -6.93 8.98
CA ALA A 43 -1.75 -7.31 8.62
C ALA A 43 -2.25 -6.53 7.41
N LEU A 44 -3.43 -6.89 6.94
CA LEU A 44 -4.03 -6.22 5.78
C LEU A 44 -4.89 -5.04 6.23
N ALA A 45 -4.52 -3.84 5.78
CA ALA A 45 -5.26 -2.64 6.14
C ALA A 45 -6.34 -2.31 5.11
N THR A 46 -6.07 -1.30 4.27
CA THR A 46 -7.02 -0.89 3.25
C THR A 46 -6.79 -1.64 1.93
N THR A 47 -7.69 -1.42 0.98
CA THR A 47 -7.59 -2.05 -0.33
C THR A 47 -7.97 -1.07 -1.44
N VAL A 48 -7.03 -0.80 -2.34
CA VAL A 48 -7.28 0.13 -3.43
C VAL A 48 -7.07 -0.53 -4.79
N THR A 49 -7.12 0.27 -5.85
CA THR A 49 -6.93 -0.23 -7.20
C THR A 49 -6.13 0.76 -8.05
N GLY A 50 -5.92 1.95 -7.51
CA GLY A 50 -5.17 2.97 -8.23
C GLY A 50 -3.74 3.10 -7.73
N THR A 51 -3.37 4.32 -7.33
CA THR A 51 -2.03 4.57 -6.83
C THR A 51 -2.07 5.15 -5.42
N THR A 52 -3.26 5.56 -4.98
CA THR A 52 -3.42 6.12 -3.64
C THR A 52 -4.12 5.12 -2.71
N ALA A 53 -4.20 5.47 -1.44
CA ALA A 53 -4.84 4.60 -0.45
C ALA A 53 -5.40 5.41 0.71
N THR A 54 -6.40 4.87 1.39
CA THR A 54 -7.02 5.54 2.52
C THR A 54 -7.11 4.61 3.73
N ILE A 55 -6.43 4.99 4.81
CA ILE A 55 -6.43 4.19 6.03
C ILE A 55 -7.08 4.96 7.18
N SER A 56 -8.26 4.52 7.59
CA SER A 56 -8.98 5.17 8.69
C SER A 56 -8.96 4.31 9.94
N GLY A 57 -9.10 4.94 11.09
CA GLY A 57 -9.10 4.22 12.35
C GLY A 57 -7.70 4.10 12.95
N LEU A 58 -7.05 5.25 13.14
CA LEU A 58 -5.70 5.27 13.70
C LEU A 58 -5.68 6.06 15.01
N ALA A 59 -4.86 5.60 15.94
CA ALA A 59 -4.74 6.26 17.24
C ALA A 59 -3.55 7.24 17.24
N ALA A 60 -3.77 8.41 17.84
CA ALA A 60 -2.73 9.44 17.90
C ALA A 60 -1.59 9.01 18.82
N ASP A 61 -0.44 9.67 18.67
CA ASP A 61 0.74 9.37 19.47
C ASP A 61 1.13 7.90 19.37
N THR A 62 1.09 7.37 18.15
CA THR A 62 1.44 5.97 17.92
C THR A 62 2.24 5.81 16.63
N SER A 63 3.16 4.85 16.62
CA SER A 63 3.99 4.58 15.44
C SER A 63 3.32 3.53 14.55
N TYR A 64 3.04 3.92 13.31
CA TYR A 64 2.40 3.01 12.36
C TYR A 64 3.25 2.81 11.11
N THR A 65 3.48 1.55 10.76
CA THR A 65 4.26 1.22 9.57
C THR A 65 3.32 0.76 8.45
N PHE A 66 3.63 1.16 7.22
CA PHE A 66 2.79 0.79 6.08
C PHE A 66 3.60 0.20 4.94
N THR A 67 2.88 -0.37 3.97
CA THR A 67 3.49 -0.99 2.80
C THR A 67 2.43 -1.22 1.73
N VAL A 68 2.87 -1.56 0.52
CA VAL A 68 1.94 -1.81 -0.57
C VAL A 68 2.35 -3.02 -1.40
N LYS A 69 1.37 -3.66 -2.02
CA LYS A 69 1.61 -4.83 -2.84
C LYS A 69 0.75 -4.81 -4.10
N ALA A 70 1.25 -5.41 -5.17
CA ALA A 70 0.52 -5.46 -6.43
C ALA A 70 -0.05 -6.85 -6.67
N LYS A 71 -1.29 -6.91 -7.12
CA LYS A 71 -1.96 -8.18 -7.38
C LYS A 71 -2.54 -8.22 -8.79
N ASP A 72 -2.60 -9.42 -9.36
CA ASP A 72 -3.14 -9.61 -10.71
C ASP A 72 -4.51 -10.28 -10.65
N ALA A 73 -5.21 -10.27 -11.78
CA ALA A 73 -6.54 -10.87 -11.85
C ALA A 73 -6.44 -12.38 -11.98
N ALA A 74 -5.22 -12.88 -12.18
CA ALA A 74 -4.99 -14.32 -12.32
C ALA A 74 -4.66 -14.96 -10.97
N GLY A 75 -4.43 -14.12 -9.97
CA GLY A 75 -4.10 -14.61 -8.65
C GLY A 75 -2.61 -14.64 -8.37
N ASN A 76 -1.95 -13.49 -8.55
CA ASN A 76 -0.52 -13.38 -8.33
C ASN A 76 -0.18 -12.09 -7.61
N VAL A 77 0.63 -12.19 -6.56
CA VAL A 77 1.04 -11.03 -5.79
C VAL A 77 2.56 -10.94 -5.66
N SER A 78 3.09 -9.75 -5.91
CA SER A 78 4.54 -9.53 -5.84
C SER A 78 4.97 -9.35 -4.38
N ALA A 79 6.12 -8.71 -4.18
CA ALA A 79 6.64 -8.49 -2.84
C ALA A 79 6.10 -7.17 -2.26
N ALA A 80 6.46 -6.88 -1.02
CA ALA A 80 6.02 -5.66 -0.36
C ALA A 80 6.96 -4.50 -0.68
N SER A 81 6.39 -3.31 -0.84
CA SER A 81 7.17 -2.12 -1.15
C SER A 81 7.96 -1.65 0.06
N ASN A 82 8.55 -0.46 -0.04
CA ASN A 82 9.33 0.10 1.06
C ASN A 82 8.47 0.28 2.30
N ALA A 83 9.09 0.11 3.47
CA ALA A 83 8.37 0.26 4.73
C ALA A 83 8.20 1.72 5.11
N VAL A 84 7.00 2.08 5.54
CA VAL A 84 6.70 3.46 5.93
C VAL A 84 6.72 3.60 7.44
N SER A 85 6.99 4.81 7.91
CA SER A 85 7.04 5.08 9.34
C SER A 85 6.42 6.44 9.65
N VAL A 86 5.10 6.49 9.73
CA VAL A 86 4.39 7.72 10.02
C VAL A 86 3.97 7.78 11.49
N LYS A 87 4.24 8.91 12.13
CA LYS A 87 3.89 9.09 13.54
C LYS A 87 2.69 10.01 13.69
N THR A 88 1.58 9.43 14.15
CA THR A 88 0.35 10.20 14.34
C THR A 88 0.39 10.99 15.65
N HIS A 1 6.16 -12.76 -17.34
CA HIS A 1 5.09 -13.79 -17.42
C HIS A 1 4.73 -14.33 -16.04
N MET A 2 5.40 -13.81 -15.01
CA MET A 2 5.15 -14.24 -13.65
C MET A 2 4.39 -13.17 -12.86
N ALA A 3 4.52 -13.20 -11.54
CA ALA A 3 3.86 -12.23 -10.68
C ALA A 3 4.21 -10.79 -11.08
N PRO A 4 3.33 -9.83 -10.76
CA PRO A 4 3.56 -8.41 -11.10
C PRO A 4 4.75 -7.84 -10.35
N THR A 5 5.11 -6.59 -10.68
CA THR A 5 6.23 -5.93 -10.03
C THR A 5 5.79 -5.26 -8.74
N ALA A 6 6.50 -5.55 -7.65
CA ALA A 6 6.19 -4.98 -6.35
C ALA A 6 6.38 -3.46 -6.36
N PRO A 7 5.35 -2.71 -5.94
CA PRO A 7 5.41 -1.24 -5.89
C PRO A 7 6.72 -0.74 -5.27
N THR A 8 7.34 0.23 -5.91
CA THR A 8 8.60 0.78 -5.43
C THR A 8 8.46 2.26 -5.07
N ASN A 9 9.31 2.70 -4.15
CA ASN A 9 9.31 4.10 -3.71
C ASN A 9 7.96 4.51 -3.13
N LEU A 10 7.70 4.10 -1.89
CA LEU A 10 6.45 4.45 -1.22
C LEU A 10 6.58 5.83 -0.58
N ALA A 11 5.45 6.44 -0.26
CA ALA A 11 5.47 7.77 0.35
C ALA A 11 4.17 8.06 1.08
N SER A 12 4.19 9.11 1.89
CA SER A 12 3.01 9.53 2.66
C SER A 12 2.72 11.01 2.44
N THR A 13 1.45 11.33 2.24
CA THR A 13 1.04 12.71 2.02
C THR A 13 0.22 13.26 3.19
N ALA A 14 -1.09 13.06 3.14
CA ALA A 14 -1.99 13.53 4.19
C ALA A 14 -2.16 12.49 5.29
N GLN A 15 -1.57 12.76 6.45
CA GLN A 15 -1.67 11.85 7.59
C GLN A 15 -2.32 12.54 8.78
N THR A 16 -3.62 12.28 8.96
CA THR A 16 -4.36 12.87 10.07
C THR A 16 -4.23 12.02 11.32
N THR A 17 -5.24 12.07 12.20
CA THR A 17 -5.21 11.31 13.44
C THR A 17 -6.08 10.06 13.34
N SER A 18 -6.88 9.97 12.29
CA SER A 18 -7.76 8.83 12.10
C SER A 18 -7.55 8.17 10.73
N SER A 19 -7.23 8.98 9.74
CA SER A 19 -7.00 8.48 8.38
C SER A 19 -5.61 8.87 7.88
N ILE A 20 -5.14 8.14 6.87
CA ILE A 20 -3.83 8.41 6.28
C ILE A 20 -3.85 8.20 4.78
N THR A 21 -2.98 8.93 4.07
CA THR A 21 -2.90 8.83 2.62
C THR A 21 -1.51 8.36 2.19
N LEU A 22 -1.47 7.31 1.38
CA LEU A 22 -0.21 6.76 0.90
C LEU A 22 -0.15 6.78 -0.63
N SER A 23 1.02 7.14 -1.15
CA SER A 23 1.23 7.20 -2.59
C SER A 23 2.49 6.43 -2.97
N TRP A 24 2.47 5.81 -4.15
CA TRP A 24 3.63 5.04 -4.61
C TRP A 24 3.63 4.89 -6.13
N THR A 25 4.72 4.38 -6.66
CA THR A 25 4.86 4.19 -8.10
C THR A 25 4.14 2.92 -8.57
N ALA A 26 3.25 3.07 -9.54
CA ALA A 26 2.48 1.96 -10.07
C ALA A 26 3.40 0.93 -10.73
N SER A 27 2.95 -0.33 -10.74
CA SER A 27 3.73 -1.40 -11.35
C SER A 27 3.76 -1.27 -12.87
N THR A 28 4.61 -2.06 -13.51
CA THR A 28 4.73 -2.03 -14.97
C THR A 28 3.83 -3.08 -15.62
N ASP A 29 3.42 -4.07 -14.83
CA ASP A 29 2.56 -5.14 -15.33
C ASP A 29 1.09 -4.76 -15.18
N ASN A 30 0.79 -3.49 -15.40
CA ASN A 30 -0.58 -2.99 -15.28
C ASN A 30 -1.52 -3.74 -16.22
N VAL A 31 -0.96 -4.49 -17.16
CA VAL A 31 -1.74 -5.26 -18.12
C VAL A 31 -2.37 -6.48 -17.46
N GLY A 32 -2.16 -6.61 -16.16
CA GLY A 32 -2.71 -7.75 -15.43
C GLY A 32 -3.17 -7.36 -14.02
N VAL A 33 -2.58 -6.31 -13.48
CA VAL A 33 -2.93 -5.85 -12.14
C VAL A 33 -4.39 -5.44 -12.06
N THR A 34 -5.02 -5.69 -10.92
CA THR A 34 -6.42 -5.35 -10.71
C THR A 34 -6.60 -4.46 -9.49
N GLY A 35 -5.54 -4.32 -8.71
CA GLY A 35 -5.61 -3.50 -7.51
C GLY A 35 -4.39 -3.66 -6.63
N TYR A 36 -4.29 -2.83 -5.59
CA TYR A 36 -3.16 -2.87 -4.67
C TYR A 36 -3.63 -3.04 -3.23
N ASP A 37 -2.98 -3.96 -2.51
CA ASP A 37 -3.32 -4.23 -1.12
C ASP A 37 -2.33 -3.53 -0.19
N VAL A 38 -2.84 -2.89 0.86
CA VAL A 38 -2.00 -2.18 1.81
C VAL A 38 -1.79 -3.00 3.09
N TYR A 39 -0.54 -3.04 3.55
CA TYR A 39 -0.19 -3.77 4.76
C TYR A 39 0.24 -2.80 5.86
N ASN A 40 -0.35 -2.95 7.04
CA ASN A 40 -0.02 -2.10 8.18
C ASN A 40 0.47 -2.93 9.36
N GLY A 41 1.76 -2.85 9.63
CA GLY A 41 2.33 -3.61 10.74
C GLY A 41 2.10 -5.10 10.59
N THR A 42 2.59 -5.67 9.50
CA THR A 42 2.44 -7.10 9.23
C THR A 42 0.98 -7.52 9.31
N ALA A 43 0.08 -6.61 8.92
CA ALA A 43 -1.36 -6.88 8.96
C ALA A 43 -2.10 -5.96 8.00
N LEU A 44 -2.65 -6.54 6.93
CA LEU A 44 -3.39 -5.78 5.92
C LEU A 44 -4.41 -4.84 6.56
N ALA A 45 -4.74 -3.76 5.86
CA ALA A 45 -5.70 -2.79 6.35
C ALA A 45 -6.69 -2.39 5.26
N THR A 46 -6.32 -1.39 4.47
CA THR A 46 -7.18 -0.91 3.39
C THR A 46 -6.93 -1.64 2.08
N THR A 47 -7.80 -1.39 1.10
CA THR A 47 -7.68 -2.00 -0.21
C THR A 47 -8.03 -1.00 -1.31
N VAL A 48 -7.10 -0.79 -2.24
CA VAL A 48 -7.31 0.16 -3.33
C VAL A 48 -7.03 -0.48 -4.68
N THR A 49 -6.98 0.35 -5.72
CA THR A 49 -6.73 -0.12 -7.07
C THR A 49 -5.86 0.88 -7.84
N GLY A 50 -5.99 2.16 -7.51
CA GLY A 50 -5.21 3.18 -8.17
C GLY A 50 -3.77 3.22 -7.68
N THR A 51 -3.33 4.39 -7.23
CA THR A 51 -1.98 4.56 -6.73
C THR A 51 -1.98 5.09 -5.30
N THR A 52 -3.13 5.56 -4.84
CA THR A 52 -3.28 6.08 -3.49
C THR A 52 -4.09 5.14 -2.61
N ALA A 53 -3.87 5.23 -1.30
CA ALA A 53 -4.59 4.38 -0.35
C ALA A 53 -4.99 5.17 0.88
N THR A 54 -6.16 4.83 1.44
CA THR A 54 -6.66 5.50 2.63
C THR A 54 -7.00 4.51 3.73
N ILE A 55 -6.34 4.64 4.87
CA ILE A 55 -6.57 3.76 6.01
C ILE A 55 -7.39 4.45 7.09
N SER A 56 -8.32 3.73 7.68
CA SER A 56 -9.17 4.28 8.74
C SER A 56 -8.96 3.54 10.05
N GLY A 57 -9.41 4.15 11.15
CA GLY A 57 -9.26 3.52 12.46
C GLY A 57 -7.87 3.72 13.04
N LEU A 58 -7.31 4.90 12.85
CA LEU A 58 -5.98 5.22 13.35
C LEU A 58 -6.06 5.96 14.69
N ALA A 59 -4.95 5.98 15.42
CA ALA A 59 -4.89 6.65 16.70
C ALA A 59 -3.75 7.67 16.74
N ALA A 60 -4.09 8.90 17.12
CA ALA A 60 -3.10 9.98 17.19
C ALA A 60 -1.98 9.63 18.17
N ASP A 61 -0.85 10.31 18.02
CA ASP A 61 0.31 10.10 18.89
C ASP A 61 0.71 8.62 18.91
N THR A 62 0.73 7.99 17.74
CA THR A 62 1.08 6.58 17.64
C THR A 62 1.93 6.32 16.40
N SER A 63 2.85 5.36 16.52
CA SER A 63 3.73 5.00 15.40
C SER A 63 3.06 3.95 14.52
N TYR A 64 3.17 4.11 13.22
CA TYR A 64 2.57 3.17 12.28
C TYR A 64 3.48 2.89 11.08
N THR A 65 3.65 1.60 10.78
CA THR A 65 4.46 1.17 9.65
C THR A 65 3.55 0.68 8.52
N PHE A 66 3.77 1.17 7.31
CA PHE A 66 2.94 0.78 6.18
C PHE A 66 3.74 0.18 5.04
N THR A 67 3.03 -0.44 4.12
CA THR A 67 3.62 -1.06 2.94
C THR A 67 2.56 -1.28 1.87
N VAL A 68 2.98 -1.46 0.62
CA VAL A 68 2.03 -1.68 -0.46
C VAL A 68 2.38 -2.92 -1.27
N LYS A 69 1.35 -3.53 -1.84
CA LYS A 69 1.52 -4.75 -2.64
C LYS A 69 0.62 -4.72 -3.87
N ALA A 70 1.06 -5.35 -4.95
CA ALA A 70 0.30 -5.40 -6.18
C ALA A 70 -0.21 -6.81 -6.45
N LYS A 71 -1.36 -6.92 -7.11
CA LYS A 71 -1.95 -8.22 -7.42
C LYS A 71 -2.50 -8.26 -8.85
N ASP A 72 -2.33 -9.39 -9.51
CA ASP A 72 -2.82 -9.57 -10.88
C ASP A 72 -4.03 -10.50 -10.91
N ALA A 73 -4.74 -10.50 -12.03
CA ALA A 73 -5.91 -11.34 -12.18
C ALA A 73 -5.54 -12.71 -12.72
N ALA A 74 -4.24 -12.99 -12.76
CA ALA A 74 -3.74 -14.26 -13.26
C ALA A 74 -3.47 -15.23 -12.11
N GLY A 75 -3.73 -14.78 -10.89
CA GLY A 75 -3.52 -15.61 -9.72
C GLY A 75 -2.12 -15.46 -9.14
N ASN A 76 -1.53 -14.30 -9.36
CA ASN A 76 -0.18 -14.02 -8.86
C ASN A 76 -0.15 -12.72 -8.06
N VAL A 77 0.88 -12.57 -7.22
CA VAL A 77 1.02 -11.37 -6.40
C VAL A 77 2.47 -10.91 -6.33
N SER A 78 2.67 -9.60 -6.27
CA SER A 78 4.01 -9.04 -6.20
C SER A 78 4.53 -9.05 -4.76
N ALA A 79 5.70 -8.45 -4.55
CA ALA A 79 6.30 -8.40 -3.23
C ALA A 79 5.87 -7.15 -2.48
N ALA A 80 6.34 -7.01 -1.24
CA ALA A 80 5.99 -5.86 -0.42
C ALA A 80 6.95 -4.70 -0.66
N SER A 81 6.43 -3.48 -0.64
CA SER A 81 7.25 -2.29 -0.86
C SER A 81 8.06 -1.94 0.39
N ASN A 82 8.62 -0.73 0.38
CA ASN A 82 9.42 -0.26 1.52
C ASN A 82 8.53 0.10 2.70
N ALA A 83 8.97 -0.25 3.90
CA ALA A 83 8.21 0.04 5.11
C ALA A 83 8.41 1.50 5.53
N VAL A 84 7.30 2.24 5.57
CA VAL A 84 7.35 3.65 5.96
C VAL A 84 6.94 3.83 7.42
N SER A 85 7.67 4.70 8.12
CA SER A 85 7.38 4.98 9.52
C SER A 85 6.75 6.35 9.69
N VAL A 86 5.43 6.40 9.61
CA VAL A 86 4.70 7.66 9.74
C VAL A 86 3.91 7.72 11.04
N LYS A 87 3.90 8.90 11.66
CA LYS A 87 3.19 9.10 12.91
C LYS A 87 1.80 9.68 12.66
N THR A 88 0.92 9.59 13.65
CA THR A 88 -0.44 10.10 13.52
C THR A 88 -0.79 11.03 14.68
N HIS A 1 5.72 -12.41 -16.75
CA HIS A 1 5.34 -13.85 -16.74
C HIS A 1 4.11 -14.10 -15.88
N MET A 2 4.31 -14.16 -14.57
CA MET A 2 3.22 -14.39 -13.63
C MET A 2 3.13 -13.27 -12.61
N ALA A 3 4.17 -13.16 -11.79
CA ALA A 3 4.22 -12.14 -10.75
C ALA A 3 4.30 -10.73 -11.37
N PRO A 4 3.54 -9.77 -10.82
CA PRO A 4 3.51 -8.40 -11.32
C PRO A 4 4.76 -7.61 -10.90
N THR A 5 4.59 -6.30 -10.73
CA THR A 5 5.69 -5.44 -10.31
C THR A 5 5.45 -4.86 -8.93
N ALA A 6 6.29 -5.25 -7.97
CA ALA A 6 6.16 -4.76 -6.61
C ALA A 6 6.32 -3.24 -6.55
N PRO A 7 5.37 -2.55 -5.90
CA PRO A 7 5.41 -1.09 -5.77
C PRO A 7 6.77 -0.59 -5.31
N THR A 8 7.13 0.63 -5.70
CA THR A 8 8.41 1.20 -5.33
C THR A 8 8.29 2.69 -5.03
N ASN A 9 9.22 3.20 -4.23
CA ASN A 9 9.25 4.61 -3.87
C ASN A 9 7.97 5.03 -3.15
N LEU A 10 7.53 4.22 -2.20
CA LEU A 10 6.32 4.54 -1.45
C LEU A 10 6.55 5.77 -0.58
N ALA A 11 5.46 6.46 -0.23
CA ALA A 11 5.56 7.66 0.59
C ALA A 11 4.23 8.02 1.24
N SER A 12 4.28 8.96 2.17
CA SER A 12 3.10 9.44 2.87
C SER A 12 2.96 10.94 2.72
N THR A 13 1.73 11.43 2.60
CA THR A 13 1.48 12.85 2.45
C THR A 13 0.52 13.38 3.51
N ALA A 14 -0.78 13.28 3.23
CA ALA A 14 -1.79 13.76 4.17
C ALA A 14 -2.06 12.73 5.27
N GLN A 15 -1.43 12.93 6.43
CA GLN A 15 -1.61 12.02 7.55
C GLN A 15 -2.24 12.74 8.75
N THR A 16 -3.53 12.52 8.95
CA THR A 16 -4.25 13.15 10.05
C THR A 16 -4.15 12.29 11.32
N THR A 17 -5.15 12.40 12.19
CA THR A 17 -5.16 11.63 13.43
C THR A 17 -6.06 10.41 13.34
N SER A 18 -7.01 10.45 12.41
CA SER A 18 -7.95 9.34 12.22
C SER A 18 -7.89 8.79 10.80
N SER A 19 -7.16 9.49 9.93
CA SER A 19 -7.03 9.08 8.53
C SER A 19 -5.60 9.26 8.04
N ILE A 20 -5.30 8.64 6.91
CA ILE A 20 -3.96 8.74 6.32
C ILE A 20 -4.01 8.47 4.82
N THR A 21 -3.16 9.17 4.08
CA THR A 21 -3.09 9.01 2.63
C THR A 21 -1.70 8.59 2.19
N LEU A 22 -1.63 7.51 1.41
CA LEU A 22 -0.36 6.98 0.92
C LEU A 22 -0.32 6.98 -0.60
N SER A 23 0.81 7.43 -1.16
CA SER A 23 0.99 7.47 -2.60
C SER A 23 2.26 6.73 -3.00
N TRP A 24 2.20 5.97 -4.09
CA TRP A 24 3.35 5.21 -4.56
C TRP A 24 3.32 5.03 -6.08
N THR A 25 4.42 4.54 -6.63
CA THR A 25 4.53 4.31 -8.07
C THR A 25 3.84 3.01 -8.47
N ALA A 26 3.00 3.09 -9.51
CA ALA A 26 2.29 1.92 -9.99
C ALA A 26 3.24 0.89 -10.59
N SER A 27 2.69 -0.22 -11.04
CA SER A 27 3.50 -1.29 -11.63
C SER A 27 3.76 -1.02 -13.11
N THR A 28 4.65 -1.80 -13.69
CA THR A 28 4.98 -1.66 -15.11
C THR A 28 4.23 -2.68 -15.95
N ASP A 29 3.69 -3.70 -15.28
CA ASP A 29 2.95 -4.75 -15.97
C ASP A 29 1.49 -4.79 -15.50
N ASN A 30 0.77 -3.68 -15.72
CA ASN A 30 -0.62 -3.58 -15.33
C ASN A 30 -1.52 -4.41 -16.25
N VAL A 31 -0.89 -5.08 -17.21
CA VAL A 31 -1.63 -5.91 -18.16
C VAL A 31 -2.30 -7.09 -17.47
N GLY A 32 -1.92 -7.32 -16.22
CA GLY A 32 -2.51 -8.42 -15.46
C GLY A 32 -2.92 -8.01 -14.06
N VAL A 33 -2.38 -6.90 -13.58
CA VAL A 33 -2.68 -6.40 -12.24
C VAL A 33 -4.09 -5.82 -12.19
N THR A 34 -4.74 -5.95 -11.04
CA THR A 34 -6.09 -5.43 -10.86
C THR A 34 -6.14 -4.36 -9.77
N GLY A 35 -5.57 -4.68 -8.61
CA GLY A 35 -5.55 -3.73 -7.52
C GLY A 35 -4.33 -3.90 -6.62
N TYR A 36 -4.16 -2.96 -5.70
CA TYR A 36 -3.03 -2.99 -4.77
C TYR A 36 -3.51 -3.10 -3.33
N ASP A 37 -2.90 -4.00 -2.57
CA ASP A 37 -3.26 -4.21 -1.18
C ASP A 37 -2.16 -3.74 -0.24
N VAL A 38 -2.49 -2.79 0.63
CA VAL A 38 -1.51 -2.26 1.57
C VAL A 38 -1.68 -2.89 2.95
N TYR A 39 -0.55 -3.22 3.57
CA TYR A 39 -0.56 -3.85 4.89
C TYR A 39 -0.29 -2.84 6.00
N ASN A 40 -0.78 -3.15 7.20
CA ASN A 40 -0.59 -2.30 8.36
C ASN A 40 0.00 -3.09 9.53
N GLY A 41 1.31 -3.23 9.54
CA GLY A 41 1.97 -3.97 10.59
C GLY A 41 2.28 -5.40 10.18
N THR A 42 1.23 -6.22 10.08
CA THR A 42 1.39 -7.61 9.69
C THR A 42 0.10 -8.18 9.11
N ALA A 43 -0.90 -7.32 8.96
CA ALA A 43 -2.19 -7.73 8.41
C ALA A 43 -2.62 -6.82 7.26
N LEU A 44 -3.70 -7.20 6.58
CA LEU A 44 -4.20 -6.41 5.46
C LEU A 44 -5.02 -5.22 5.95
N ALA A 45 -4.57 -4.02 5.61
CA ALA A 45 -5.27 -2.81 6.02
C ALA A 45 -6.32 -2.40 4.99
N THR A 46 -6.03 -1.35 4.22
CA THR A 46 -6.95 -0.87 3.20
C THR A 46 -6.69 -1.55 1.86
N THR A 47 -7.68 -1.48 0.98
CA THR A 47 -7.58 -2.08 -0.35
C THR A 47 -7.92 -1.06 -1.43
N VAL A 48 -7.03 -0.95 -2.42
CA VAL A 48 -7.23 0.00 -3.50
C VAL A 48 -6.94 -0.64 -4.86
N THR A 49 -7.01 0.16 -5.91
CA THR A 49 -6.76 -0.32 -7.26
C THR A 49 -5.99 0.72 -8.08
N GLY A 50 -5.96 1.95 -7.58
CA GLY A 50 -5.26 3.01 -8.27
C GLY A 50 -3.81 3.14 -7.83
N THR A 51 -3.46 4.32 -7.33
CA THR A 51 -2.10 4.58 -6.87
C THR A 51 -2.11 5.14 -5.45
N THR A 52 -3.29 5.39 -4.91
CA THR A 52 -3.43 5.93 -3.57
C THR A 52 -4.10 4.93 -2.63
N ALA A 53 -4.07 5.21 -1.33
CA ALA A 53 -4.67 4.34 -0.33
C ALA A 53 -5.06 5.12 0.92
N THR A 54 -6.35 5.10 1.23
CA THR A 54 -6.87 5.82 2.39
C THR A 54 -7.25 4.85 3.51
N ILE A 55 -6.61 5.01 4.67
CA ILE A 55 -6.89 4.16 5.81
C ILE A 55 -7.62 4.95 6.91
N SER A 56 -8.70 4.38 7.41
CA SER A 56 -9.48 5.04 8.46
C SER A 56 -9.37 4.26 9.77
N GLY A 57 -9.91 4.85 10.84
CA GLY A 57 -9.85 4.21 12.14
C GLY A 57 -8.44 4.02 12.64
N LEU A 58 -7.86 5.09 13.19
CA LEU A 58 -6.50 5.04 13.70
C LEU A 58 -6.39 5.77 15.03
N ALA A 59 -5.19 5.78 15.60
CA ALA A 59 -4.95 6.45 16.88
C ALA A 59 -3.82 7.46 16.75
N ALA A 60 -3.83 8.47 17.63
CA ALA A 60 -2.80 9.51 17.61
C ALA A 60 -1.62 9.12 18.51
N ASP A 61 -0.49 9.79 18.29
CA ASP A 61 0.72 9.53 19.07
C ASP A 61 1.11 8.05 19.01
N THR A 62 1.04 7.47 17.82
CA THR A 62 1.38 6.07 17.63
C THR A 62 2.15 5.85 16.32
N SER A 63 3.17 5.01 16.38
CA SER A 63 3.98 4.71 15.20
C SER A 63 3.35 3.58 14.39
N TYR A 64 3.24 3.80 13.08
CA TYR A 64 2.65 2.81 12.19
C TYR A 64 3.55 2.54 10.99
N THR A 65 3.67 1.26 10.64
CA THR A 65 4.49 0.86 9.49
C THR A 65 3.61 0.34 8.37
N PHE A 66 3.67 0.99 7.22
CA PHE A 66 2.86 0.58 6.07
C PHE A 66 3.71 0.06 4.93
N THR A 67 3.07 -0.71 4.05
CA THR A 67 3.73 -1.28 2.88
C THR A 67 2.69 -1.63 1.82
N VAL A 68 3.00 -1.33 0.56
CA VAL A 68 2.06 -1.62 -0.52
C VAL A 68 2.43 -2.90 -1.26
N LYS A 69 1.41 -3.59 -1.76
CA LYS A 69 1.61 -4.83 -2.49
C LYS A 69 0.74 -4.88 -3.75
N ALA A 70 1.20 -5.64 -4.75
CA ALA A 70 0.47 -5.76 -6.00
C ALA A 70 -0.07 -7.17 -6.18
N LYS A 71 -1.32 -7.27 -6.66
CA LYS A 71 -1.95 -8.57 -6.87
C LYS A 71 -2.61 -8.61 -8.25
N ASP A 72 -2.49 -9.76 -8.92
CA ASP A 72 -3.07 -9.94 -10.24
C ASP A 72 -4.27 -10.88 -10.18
N ALA A 73 -5.00 -10.96 -11.29
CA ALA A 73 -6.18 -11.82 -11.37
C ALA A 73 -5.78 -13.22 -11.81
N ALA A 74 -4.48 -13.49 -11.83
CA ALA A 74 -3.97 -14.79 -12.23
C ALA A 74 -3.50 -15.60 -11.02
N GLY A 75 -3.36 -14.92 -9.89
CA GLY A 75 -2.91 -15.57 -8.67
C GLY A 75 -1.43 -15.38 -8.41
N ASN A 76 -0.94 -14.16 -8.65
CA ASN A 76 0.46 -13.85 -8.43
C ASN A 76 0.61 -12.51 -7.72
N VAL A 77 1.41 -12.49 -6.66
CA VAL A 77 1.64 -11.28 -5.89
C VAL A 77 3.13 -10.96 -5.79
N SER A 78 3.49 -9.72 -6.08
CA SER A 78 4.87 -9.28 -6.02
C SER A 78 5.32 -9.06 -4.58
N ALA A 79 6.60 -8.76 -4.40
CA ALA A 79 7.15 -8.52 -3.07
C ALA A 79 6.54 -7.28 -2.42
N ALA A 80 6.77 -7.10 -1.13
CA ALA A 80 6.26 -5.95 -0.40
C ALA A 80 7.11 -4.72 -0.66
N SER A 81 6.46 -3.57 -0.81
CA SER A 81 7.16 -2.32 -1.05
C SER A 81 7.98 -1.89 0.17
N ASN A 82 8.65 -0.76 0.06
CA ASN A 82 9.46 -0.24 1.16
C ASN A 82 8.58 0.13 2.35
N ALA A 83 9.16 0.08 3.54
CA ALA A 83 8.43 0.42 4.76
C ALA A 83 8.38 1.93 4.99
N VAL A 84 7.24 2.41 5.49
CA VAL A 84 7.06 3.83 5.75
C VAL A 84 6.52 4.06 7.16
N SER A 85 7.34 4.69 8.00
CA SER A 85 6.95 4.97 9.38
C SER A 85 6.27 6.33 9.48
N VAL A 86 5.05 6.34 10.01
CA VAL A 86 4.29 7.58 10.15
C VAL A 86 3.83 7.77 11.59
N LYS A 87 4.28 8.86 12.21
CA LYS A 87 3.91 9.17 13.59
C LYS A 87 2.67 10.05 13.64
N THR A 88 1.53 9.43 13.92
CA THR A 88 0.26 10.15 13.99
C THR A 88 0.10 10.84 15.35
N HIS A 1 6.33 -16.20 -10.36
CA HIS A 1 6.83 -15.69 -11.67
C HIS A 1 5.73 -15.00 -12.46
N MET A 2 4.49 -15.46 -12.26
CA MET A 2 3.34 -14.89 -12.94
C MET A 2 2.83 -13.65 -12.22
N ALA A 3 3.24 -13.48 -10.96
CA ALA A 3 2.83 -12.33 -10.16
C ALA A 3 3.34 -11.04 -10.78
N PRO A 4 2.65 -9.91 -10.50
CA PRO A 4 3.05 -8.60 -11.04
C PRO A 4 4.36 -8.10 -10.44
N THR A 5 4.53 -6.78 -10.40
CA THR A 5 5.74 -6.18 -9.85
C THR A 5 5.46 -5.45 -8.54
N ALA A 6 6.30 -5.73 -7.54
CA ALA A 6 6.16 -5.12 -6.23
C ALA A 6 6.28 -3.60 -6.32
N PRO A 7 5.33 -2.86 -5.69
CA PRO A 7 5.33 -1.39 -5.69
C PRO A 7 6.71 -0.83 -5.38
N THR A 8 7.05 0.30 -5.99
CA THR A 8 8.35 0.93 -5.78
C THR A 8 8.22 2.33 -5.18
N ASN A 9 9.08 2.62 -4.21
CA ASN A 9 9.10 3.93 -3.56
C ASN A 9 7.72 4.31 -3.01
N LEU A 10 7.50 4.01 -1.72
CA LEU A 10 6.24 4.35 -1.08
C LEU A 10 6.34 5.74 -0.45
N ALA A 11 5.19 6.36 -0.19
CA ALA A 11 5.16 7.69 0.39
C ALA A 11 3.83 8.01 1.04
N SER A 12 3.73 9.20 1.62
CA SER A 12 2.49 9.64 2.27
C SER A 12 2.29 11.13 2.06
N THR A 13 1.04 11.56 2.02
CA THR A 13 0.72 12.97 1.81
C THR A 13 -0.18 13.50 2.93
N ALA A 14 -1.49 13.31 2.77
CA ALA A 14 -2.45 13.78 3.76
C ALA A 14 -2.62 12.78 4.89
N GLN A 15 -2.18 13.17 6.09
CA GLN A 15 -2.29 12.31 7.26
C GLN A 15 -2.80 13.09 8.46
N THR A 16 -4.00 12.74 8.92
CA THR A 16 -4.62 13.39 10.06
C THR A 16 -4.53 12.51 11.31
N THR A 17 -5.29 12.86 12.33
CA THR A 17 -5.30 12.10 13.58
C THR A 17 -6.38 11.02 13.55
N SER A 18 -6.67 10.51 12.37
CA SER A 18 -7.68 9.47 12.20
C SER A 18 -7.53 8.77 10.85
N SER A 19 -7.24 9.54 9.81
CA SER A 19 -7.07 8.99 8.47
C SER A 19 -5.66 9.25 7.95
N ILE A 20 -5.34 8.65 6.81
CA ILE A 20 -4.03 8.82 6.20
C ILE A 20 -4.05 8.48 4.72
N THR A 21 -3.18 9.11 3.95
CA THR A 21 -3.08 8.88 2.51
C THR A 21 -1.71 8.36 2.14
N LEU A 22 -1.69 7.31 1.32
CA LEU A 22 -0.43 6.70 0.88
C LEU A 22 -0.32 6.73 -0.64
N SER A 23 0.84 7.18 -1.13
CA SER A 23 1.08 7.25 -2.57
C SER A 23 2.36 6.51 -2.93
N TRP A 24 2.28 5.61 -3.89
CA TRP A 24 3.43 4.82 -4.33
C TRP A 24 3.47 4.71 -5.84
N THR A 25 4.58 4.20 -6.36
CA THR A 25 4.74 4.04 -7.81
C THR A 25 4.12 2.74 -8.30
N ALA A 26 3.38 2.82 -9.39
CA ALA A 26 2.74 1.65 -9.97
C ALA A 26 3.77 0.64 -10.45
N SER A 27 3.30 -0.56 -10.78
CA SER A 27 4.18 -1.62 -11.25
C SER A 27 4.53 -1.42 -12.73
N THR A 28 5.58 -2.10 -13.18
CA THR A 28 6.02 -2.00 -14.57
C THR A 28 5.16 -2.87 -15.46
N ASP A 29 4.30 -3.68 -14.85
CA ASP A 29 3.42 -4.57 -15.59
C ASP A 29 1.96 -4.34 -15.20
N ASN A 30 1.45 -3.15 -15.52
CA ASN A 30 0.08 -2.79 -15.22
C ASN A 30 -0.89 -3.47 -16.19
N VAL A 31 -0.34 -4.25 -17.11
CA VAL A 31 -1.14 -4.95 -18.10
C VAL A 31 -1.90 -6.11 -17.47
N GLY A 32 -1.58 -6.42 -16.21
CA GLY A 32 -2.24 -7.50 -15.51
C GLY A 32 -2.72 -7.08 -14.13
N VAL A 33 -2.14 -6.03 -13.59
CA VAL A 33 -2.50 -5.53 -12.28
C VAL A 33 -3.89 -4.88 -12.30
N THR A 34 -4.65 -5.10 -11.23
CA THR A 34 -5.99 -4.54 -11.12
C THR A 34 -6.15 -3.74 -9.84
N GLY A 35 -5.19 -3.87 -8.94
CA GLY A 35 -5.25 -3.15 -7.68
C GLY A 35 -4.04 -3.39 -6.81
N TYR A 36 -4.04 -2.81 -5.61
CA TYR A 36 -2.94 -2.96 -4.68
C TYR A 36 -3.45 -3.26 -3.27
N ASP A 37 -2.58 -3.85 -2.45
CA ASP A 37 -2.93 -4.19 -1.07
C ASP A 37 -2.01 -3.48 -0.09
N VAL A 38 -2.59 -2.82 0.89
CA VAL A 38 -1.81 -2.10 1.89
C VAL A 38 -1.66 -2.90 3.17
N TYR A 39 -0.48 -2.86 3.77
CA TYR A 39 -0.20 -3.58 5.01
C TYR A 39 0.27 -2.64 6.12
N ASN A 40 -0.07 -2.98 7.35
CA ASN A 40 0.32 -2.17 8.50
C ASN A 40 0.77 -3.07 9.65
N GLY A 41 2.06 -3.39 9.66
CA GLY A 41 2.60 -4.26 10.70
C GLY A 41 2.24 -5.71 10.48
N THR A 42 2.65 -6.25 9.34
CA THR A 42 2.37 -7.64 8.98
C THR A 42 0.89 -7.96 9.14
N ALA A 43 0.04 -7.07 8.67
CA ALA A 43 -1.40 -7.25 8.76
C ALA A 43 -2.14 -6.43 7.71
N LEU A 44 -2.90 -7.11 6.85
CA LEU A 44 -3.66 -6.46 5.80
C LEU A 44 -4.57 -5.37 6.37
N ALA A 45 -4.51 -4.18 5.79
CA ALA A 45 -5.34 -3.06 6.25
C ALA A 45 -6.38 -2.68 5.20
N THR A 46 -6.09 -1.64 4.42
CA THR A 46 -7.02 -1.17 3.40
C THR A 46 -6.78 -1.87 2.05
N THR A 47 -7.69 -1.62 1.11
CA THR A 47 -7.60 -2.19 -0.22
C THR A 47 -7.96 -1.16 -1.28
N VAL A 48 -7.07 -0.98 -2.26
CA VAL A 48 -7.30 0.00 -3.32
C VAL A 48 -7.10 -0.61 -4.70
N THR A 49 -7.25 0.21 -5.73
CA THR A 49 -7.08 -0.25 -7.10
C THR A 49 -6.20 0.72 -7.91
N GLY A 50 -6.16 1.96 -7.47
CA GLY A 50 -5.36 2.97 -8.15
C GLY A 50 -3.92 2.98 -7.68
N THR A 51 -3.44 4.15 -7.27
CA THR A 51 -2.07 4.29 -6.79
C THR A 51 -2.05 4.97 -5.42
N THR A 52 -3.22 5.15 -4.83
CA THR A 52 -3.33 5.78 -3.53
C THR A 52 -4.18 4.93 -2.58
N ALA A 53 -3.92 5.06 -1.28
CA ALA A 53 -4.66 4.31 -0.28
C ALA A 53 -5.24 5.24 0.80
N THR A 54 -6.30 4.79 1.45
CA THR A 54 -6.94 5.59 2.49
C THR A 54 -7.24 4.73 3.72
N ILE A 55 -6.51 4.96 4.80
CA ILE A 55 -6.69 4.21 6.03
C ILE A 55 -7.28 5.10 7.12
N SER A 56 -8.49 4.76 7.56
CA SER A 56 -9.17 5.54 8.60
C SER A 56 -9.23 4.75 9.91
N GLY A 57 -9.92 5.30 10.90
CA GLY A 57 -10.04 4.64 12.17
C GLY A 57 -8.71 4.52 12.90
N LEU A 58 -7.97 5.63 12.96
CA LEU A 58 -6.68 5.65 13.63
C LEU A 58 -6.68 6.60 14.81
N ALA A 59 -5.59 6.61 15.58
CA ALA A 59 -5.46 7.47 16.73
C ALA A 59 -4.08 8.14 16.78
N ALA A 60 -3.93 9.10 17.68
CA ALA A 60 -2.66 9.82 17.82
C ALA A 60 -1.71 9.06 18.75
N ASP A 61 -0.46 9.52 18.80
CA ASP A 61 0.57 8.89 19.63
C ASP A 61 0.71 7.42 19.29
N THR A 62 0.70 7.11 18.00
CA THR A 62 0.82 5.73 17.53
C THR A 62 1.76 5.64 16.33
N SER A 63 2.53 4.56 16.29
CA SER A 63 3.47 4.34 15.18
C SER A 63 2.86 3.38 14.16
N TYR A 64 2.95 3.76 12.89
CA TYR A 64 2.38 2.92 11.83
C TYR A 64 3.41 2.61 10.74
N THR A 65 3.58 1.32 10.46
CA THR A 65 4.51 0.88 9.43
C THR A 65 3.72 0.31 8.26
N PHE A 66 3.70 1.05 7.14
CA PHE A 66 2.96 0.63 5.97
C PHE A 66 3.84 -0.01 4.91
N THR A 67 3.21 -0.83 4.07
CA THR A 67 3.87 -1.53 2.99
C THR A 67 2.83 -1.95 1.95
N VAL A 68 2.99 -1.50 0.71
CA VAL A 68 2.04 -1.84 -0.34
C VAL A 68 2.53 -2.99 -1.20
N LYS A 69 1.59 -3.65 -1.85
CA LYS A 69 1.89 -4.78 -2.72
C LYS A 69 1.03 -4.73 -3.97
N ALA A 70 1.50 -5.34 -5.05
CA ALA A 70 0.76 -5.36 -6.30
C ALA A 70 0.13 -6.72 -6.55
N LYS A 71 -1.16 -6.72 -6.90
CA LYS A 71 -1.88 -7.97 -7.15
C LYS A 71 -2.43 -8.00 -8.57
N ASP A 72 -2.73 -9.20 -9.05
CA ASP A 72 -3.27 -9.37 -10.40
C ASP A 72 -4.71 -9.86 -10.34
N ALA A 73 -5.33 -10.02 -11.51
CA ALA A 73 -6.72 -10.47 -11.59
C ALA A 73 -6.82 -11.98 -11.36
N ALA A 74 -5.71 -12.69 -11.52
CA ALA A 74 -5.69 -14.14 -11.34
C ALA A 74 -5.10 -14.52 -9.98
N GLY A 75 -5.31 -13.66 -8.99
CA GLY A 75 -4.80 -13.93 -7.65
C GLY A 75 -3.30 -14.15 -7.64
N ASN A 76 -2.55 -13.05 -7.63
CA ASN A 76 -1.08 -13.14 -7.62
C ASN A 76 -0.48 -11.81 -7.14
N VAL A 77 0.38 -11.89 -6.13
CA VAL A 77 1.02 -10.70 -5.59
C VAL A 77 2.55 -10.79 -5.67
N SER A 78 3.17 -9.66 -5.93
CA SER A 78 4.63 -9.59 -6.01
C SER A 78 5.23 -9.46 -4.61
N ALA A 79 6.33 -8.72 -4.50
CA ALA A 79 6.98 -8.51 -3.21
C ALA A 79 6.43 -7.27 -2.51
N ALA A 80 6.91 -7.01 -1.30
CA ALA A 80 6.47 -5.85 -0.53
C ALA A 80 7.36 -4.65 -0.81
N SER A 81 6.75 -3.48 -0.95
CA SER A 81 7.48 -2.25 -1.22
C SER A 81 8.35 -1.85 -0.03
N ASN A 82 8.91 -0.64 -0.07
CA ASN A 82 9.74 -0.15 1.01
C ASN A 82 8.93 -0.02 2.30
N ALA A 83 9.60 0.39 3.37
CA ALA A 83 8.94 0.55 4.66
C ALA A 83 8.76 2.02 5.00
N VAL A 84 7.51 2.41 5.21
CA VAL A 84 7.19 3.80 5.54
C VAL A 84 6.67 3.90 6.97
N SER A 85 7.42 4.59 7.82
CA SER A 85 7.03 4.76 9.22
C SER A 85 6.45 6.14 9.47
N VAL A 86 5.13 6.21 9.56
CA VAL A 86 4.44 7.48 9.79
C VAL A 86 3.81 7.51 11.18
N LYS A 87 4.31 8.40 12.04
CA LYS A 87 3.80 8.53 13.38
C LYS A 87 2.77 9.65 13.49
N THR A 88 1.57 9.30 13.93
CA THR A 88 0.49 10.28 14.07
C THR A 88 0.59 11.01 15.40
N HIS A 1 6.31 -12.15 -16.66
CA HIS A 1 6.15 -13.63 -16.62
C HIS A 1 4.83 -14.02 -15.99
N MET A 2 4.69 -13.76 -14.69
CA MET A 2 3.48 -14.10 -13.97
C MET A 2 3.15 -13.03 -12.92
N ALA A 3 3.81 -13.13 -11.76
CA ALA A 3 3.59 -12.18 -10.67
C ALA A 3 4.02 -10.78 -11.08
N PRO A 4 3.26 -9.75 -10.67
CA PRO A 4 3.58 -8.35 -10.99
C PRO A 4 4.80 -7.84 -10.25
N THR A 5 5.15 -6.58 -10.48
CA THR A 5 6.30 -5.97 -9.83
C THR A 5 5.89 -5.23 -8.57
N ALA A 6 6.68 -5.41 -7.50
CA ALA A 6 6.40 -4.76 -6.22
C ALA A 6 6.49 -3.24 -6.33
N PRO A 7 5.46 -2.52 -5.84
CA PRO A 7 5.42 -1.05 -5.88
C PRO A 7 6.73 -0.44 -5.42
N THR A 8 7.16 0.62 -6.10
CA THR A 8 8.41 1.29 -5.75
C THR A 8 8.19 2.77 -5.45
N ASN A 9 9.08 3.33 -4.64
CA ASN A 9 9.01 4.74 -4.25
C ASN A 9 7.71 5.06 -3.52
N LEU A 10 7.49 4.44 -2.38
CA LEU A 10 6.28 4.69 -1.59
C LEU A 10 6.46 5.95 -0.75
N ALA A 11 5.35 6.54 -0.33
CA ALA A 11 5.41 7.75 0.48
C ALA A 11 4.11 8.00 1.21
N SER A 12 4.10 9.04 2.04
CA SER A 12 2.92 9.42 2.81
C SER A 12 2.62 10.90 2.64
N THR A 13 1.42 11.23 2.17
CA THR A 13 1.04 12.61 1.95
C THR A 13 0.18 13.14 3.09
N ALA A 14 -1.14 12.92 3.00
CA ALA A 14 -2.06 13.38 4.02
C ALA A 14 -2.22 12.36 5.14
N GLN A 15 -1.46 12.56 6.22
CA GLN A 15 -1.50 11.67 7.36
C GLN A 15 -2.04 12.38 8.60
N THR A 16 -3.30 12.13 8.92
CA THR A 16 -3.93 12.76 10.08
C THR A 16 -3.85 11.86 11.31
N THR A 17 -4.78 12.04 12.25
CA THR A 17 -4.81 11.25 13.47
C THR A 17 -5.65 10.00 13.30
N SER A 18 -6.16 9.78 12.10
CA SER A 18 -6.99 8.61 11.82
C SER A 18 -6.91 8.19 10.36
N SER A 19 -7.08 9.14 9.45
CA SER A 19 -7.04 8.85 8.02
C SER A 19 -5.69 9.22 7.43
N ILE A 20 -5.03 8.24 6.82
CA ILE A 20 -3.73 8.46 6.20
C ILE A 20 -3.81 8.25 4.69
N THR A 21 -2.96 8.95 3.95
CA THR A 21 -2.94 8.83 2.50
C THR A 21 -1.56 8.38 2.03
N LEU A 22 -1.53 7.23 1.36
CA LEU A 22 -0.27 6.67 0.86
C LEU A 22 -0.18 6.83 -0.66
N SER A 23 1.00 7.24 -1.13
CA SER A 23 1.22 7.43 -2.57
C SER A 23 2.47 6.70 -3.02
N TRP A 24 2.31 5.81 -4.00
CA TRP A 24 3.43 5.03 -4.51
C TRP A 24 3.36 4.92 -6.05
N THR A 25 4.43 4.42 -6.64
CA THR A 25 4.49 4.27 -8.09
C THR A 25 3.85 2.94 -8.54
N ALA A 26 3.24 2.96 -9.72
CA ALA A 26 2.60 1.77 -10.26
C ALA A 26 3.62 0.67 -10.56
N SER A 27 3.12 -0.54 -10.83
CA SER A 27 3.98 -1.68 -11.13
C SER A 27 4.48 -1.61 -12.56
N THR A 28 4.04 -0.58 -13.29
CA THR A 28 4.44 -0.40 -14.69
C THR A 28 4.03 -1.59 -15.55
N ASP A 29 3.05 -2.35 -15.06
CA ASP A 29 2.57 -3.52 -15.80
C ASP A 29 1.11 -3.82 -15.45
N ASN A 30 0.20 -3.02 -16.00
CA ASN A 30 -1.23 -3.20 -15.75
C ASN A 30 -1.83 -4.17 -16.75
N VAL A 31 -1.04 -5.17 -17.14
CA VAL A 31 -1.50 -6.18 -18.09
C VAL A 31 -2.23 -7.31 -17.38
N GLY A 32 -2.32 -7.21 -16.05
CA GLY A 32 -2.99 -8.23 -15.26
C GLY A 32 -3.41 -7.73 -13.90
N VAL A 33 -2.69 -6.74 -13.39
CA VAL A 33 -3.00 -6.16 -12.07
C VAL A 33 -4.42 -5.62 -12.01
N THR A 34 -5.04 -5.72 -10.84
CA THR A 34 -6.40 -5.24 -10.65
C THR A 34 -6.45 -4.16 -9.57
N GLY A 35 -5.68 -4.37 -8.51
CA GLY A 35 -5.64 -3.40 -7.41
C GLY A 35 -4.40 -3.54 -6.56
N TYR A 36 -4.26 -2.66 -5.58
CA TYR A 36 -3.10 -2.68 -4.70
C TYR A 36 -3.54 -2.82 -3.23
N ASP A 37 -3.08 -3.89 -2.58
CA ASP A 37 -3.41 -4.13 -1.18
C ASP A 37 -2.27 -3.70 -0.29
N VAL A 38 -2.55 -2.78 0.63
CA VAL A 38 -1.52 -2.29 1.55
C VAL A 38 -1.66 -2.95 2.92
N TYR A 39 -0.53 -3.29 3.53
CA TYR A 39 -0.52 -3.93 4.84
C TYR A 39 -0.25 -2.92 5.93
N ASN A 40 -0.40 -3.35 7.18
CA ASN A 40 -0.18 -2.50 8.34
C ASN A 40 0.52 -3.27 9.45
N GLY A 41 1.85 -3.31 9.39
CA GLY A 41 2.62 -4.03 10.39
C GLY A 41 2.72 -5.51 10.09
N THR A 42 1.59 -6.21 10.19
CA THR A 42 1.56 -7.64 9.91
C THR A 42 0.18 -8.06 9.41
N ALA A 43 -0.78 -7.16 9.53
CA ALA A 43 -2.15 -7.43 9.08
C ALA A 43 -2.57 -6.45 7.99
N LEU A 44 -3.29 -6.95 6.99
CA LEU A 44 -3.75 -6.10 5.89
C LEU A 44 -4.55 -4.91 6.40
N ALA A 45 -4.49 -3.80 5.67
CA ALA A 45 -5.19 -2.59 6.04
C ALA A 45 -6.27 -2.25 5.01
N THR A 46 -6.04 -1.21 4.20
CA THR A 46 -7.01 -0.80 3.20
C THR A 46 -6.74 -1.49 1.86
N THR A 47 -7.71 -1.35 0.95
CA THR A 47 -7.61 -1.96 -0.37
C THR A 47 -7.98 -0.94 -1.45
N VAL A 48 -7.05 -0.69 -2.35
CA VAL A 48 -7.26 0.28 -3.43
C VAL A 48 -7.01 -0.34 -4.80
N THR A 49 -7.03 0.50 -5.83
CA THR A 49 -6.80 0.04 -7.19
C THR A 49 -5.94 1.02 -7.98
N GLY A 50 -5.75 2.20 -7.41
CA GLY A 50 -4.95 3.23 -8.07
C GLY A 50 -3.54 3.30 -7.50
N THR A 51 -3.04 4.53 -7.33
CA THR A 51 -1.71 4.74 -6.80
C THR A 51 -1.77 5.39 -5.42
N THR A 52 -2.97 5.42 -4.84
CA THR A 52 -3.16 5.99 -3.52
C THR A 52 -3.99 5.07 -2.63
N ALA A 53 -3.80 5.19 -1.32
CA ALA A 53 -4.54 4.37 -0.36
C ALA A 53 -5.04 5.20 0.82
N THR A 54 -6.29 4.94 1.21
CA THR A 54 -6.90 5.65 2.33
C THR A 54 -7.27 4.70 3.44
N ILE A 55 -6.60 4.82 4.58
CA ILE A 55 -6.86 3.96 5.72
C ILE A 55 -7.59 4.71 6.83
N SER A 56 -8.49 4.00 7.52
CA SER A 56 -9.25 4.60 8.62
C SER A 56 -8.70 4.17 9.97
N GLY A 57 -9.47 4.40 11.03
CA GLY A 57 -9.02 4.03 12.36
C GLY A 57 -7.73 4.72 12.74
N LEU A 58 -6.64 3.94 12.79
CA LEU A 58 -5.33 4.48 13.13
C LEU A 58 -5.33 5.18 14.48
N ALA A 59 -4.77 4.52 15.48
CA ALA A 59 -4.69 5.08 16.83
C ALA A 59 -3.69 6.24 16.86
N ALA A 60 -4.21 7.45 17.05
CA ALA A 60 -3.38 8.65 17.10
C ALA A 60 -2.29 8.53 18.16
N ASP A 61 -1.30 9.41 18.08
CA ASP A 61 -0.19 9.43 19.03
C ASP A 61 0.56 8.09 19.01
N THR A 62 0.53 7.41 17.87
CA THR A 62 1.19 6.13 17.72
C THR A 62 1.85 6.00 16.34
N SER A 63 3.06 5.45 16.32
CA SER A 63 3.79 5.26 15.07
C SER A 63 3.30 4.00 14.35
N TYR A 64 3.31 4.04 13.02
CA TYR A 64 2.86 2.90 12.23
C TYR A 64 3.73 2.69 11.00
N THR A 65 3.89 1.43 10.60
CA THR A 65 4.68 1.09 9.44
C THR A 65 3.80 0.47 8.36
N PHE A 66 3.77 1.10 7.19
CA PHE A 66 2.94 0.63 6.10
C PHE A 66 3.76 0.03 4.96
N THR A 67 3.08 -0.72 4.11
CA THR A 67 3.71 -1.36 2.95
C THR A 67 2.65 -1.62 1.88
N VAL A 68 3.03 -1.46 0.61
CA VAL A 68 2.08 -1.68 -0.48
C VAL A 68 2.39 -2.95 -1.24
N LYS A 69 1.33 -3.65 -1.66
CA LYS A 69 1.47 -4.89 -2.39
C LYS A 69 0.56 -4.89 -3.63
N ALA A 70 1.06 -5.49 -4.72
CA ALA A 70 0.29 -5.55 -5.95
C ALA A 70 -0.29 -6.94 -6.16
N LYS A 71 -1.55 -6.99 -6.62
CA LYS A 71 -2.23 -8.26 -6.86
C LYS A 71 -2.82 -8.29 -8.27
N ASP A 72 -2.66 -9.42 -8.95
CA ASP A 72 -3.18 -9.58 -10.30
C ASP A 72 -4.47 -10.39 -10.29
N ALA A 73 -5.17 -10.39 -11.43
CA ALA A 73 -6.43 -11.12 -11.55
C ALA A 73 -6.18 -12.59 -11.91
N ALA A 74 -5.32 -13.24 -11.14
CA ALA A 74 -5.00 -14.64 -11.38
C ALA A 74 -4.58 -15.34 -10.09
N GLY A 75 -4.09 -14.56 -9.14
CA GLY A 75 -3.66 -15.13 -7.86
C GLY A 75 -2.17 -14.95 -7.63
N ASN A 76 -1.60 -13.88 -8.21
CA ASN A 76 -0.18 -13.61 -8.06
C ASN A 76 0.03 -12.22 -7.45
N VAL A 77 0.77 -12.18 -6.35
CA VAL A 77 1.04 -10.92 -5.67
C VAL A 77 2.54 -10.64 -5.59
N SER A 78 2.93 -9.40 -5.87
CA SER A 78 4.32 -9.00 -5.83
C SER A 78 4.83 -8.97 -4.39
N ALA A 79 6.01 -8.38 -4.20
CA ALA A 79 6.60 -8.28 -2.87
C ALA A 79 6.17 -6.99 -2.18
N ALA A 80 6.36 -6.93 -0.86
CA ALA A 80 5.99 -5.76 -0.09
C ALA A 80 6.98 -4.63 -0.32
N SER A 81 6.46 -3.46 -0.69
CA SER A 81 7.31 -2.30 -0.95
C SER A 81 8.03 -1.85 0.31
N ASN A 82 8.78 -0.75 0.20
CA ASN A 82 9.53 -0.22 1.33
C ASN A 82 8.59 0.15 2.48
N ALA A 83 9.15 0.21 3.69
CA ALA A 83 8.37 0.53 4.88
C ALA A 83 8.37 2.04 5.13
N VAL A 84 7.17 2.58 5.36
CA VAL A 84 7.03 4.01 5.62
C VAL A 84 6.53 4.26 7.04
N SER A 85 7.42 4.79 7.88
CA SER A 85 7.09 5.08 9.27
C SER A 85 6.44 6.45 9.41
N VAL A 86 5.20 6.47 9.90
CA VAL A 86 4.48 7.73 10.09
C VAL A 86 4.02 7.89 11.53
N LYS A 87 3.72 9.13 11.91
CA LYS A 87 3.27 9.43 13.26
C LYS A 87 1.87 10.02 13.25
N THR A 88 0.91 9.27 13.79
CA THR A 88 -0.48 9.71 13.84
C THR A 88 -0.73 10.56 15.08
N HIS A 1 4.22 -18.48 -11.84
CA HIS A 1 3.69 -17.66 -10.71
C HIS A 1 2.75 -16.58 -11.21
N MET A 2 3.10 -15.98 -12.35
CA MET A 2 2.28 -14.92 -12.94
C MET A 2 2.11 -13.76 -11.97
N ALA A 3 3.01 -13.67 -11.00
CA ALA A 3 2.96 -12.61 -10.00
C ALA A 3 3.32 -11.26 -10.63
N PRO A 4 2.70 -10.16 -10.14
CA PRO A 4 2.96 -8.82 -10.66
C PRO A 4 4.30 -8.26 -10.18
N THR A 5 4.44 -6.94 -10.23
CA THR A 5 5.67 -6.28 -9.80
C THR A 5 5.43 -5.45 -8.54
N ALA A 6 6.20 -5.74 -7.49
CA ALA A 6 6.07 -5.04 -6.22
C ALA A 6 6.31 -3.54 -6.39
N PRO A 7 5.42 -2.70 -5.81
CA PRO A 7 5.53 -1.24 -5.88
C PRO A 7 6.92 -0.74 -5.48
N THR A 8 7.12 0.57 -5.57
CA THR A 8 8.41 1.16 -5.21
C THR A 8 8.26 2.62 -4.81
N ASN A 9 9.13 3.07 -3.91
CA ASN A 9 9.13 4.45 -3.44
C ASN A 9 7.77 4.84 -2.85
N LEU A 10 7.42 4.25 -1.72
CA LEU A 10 6.15 4.56 -1.07
C LEU A 10 6.25 5.90 -0.35
N ALA A 11 5.10 6.52 -0.07
CA ALA A 11 5.08 7.80 0.62
C ALA A 11 3.72 8.09 1.24
N SER A 12 3.61 9.24 1.88
CA SER A 12 2.36 9.64 2.53
C SER A 12 2.15 11.14 2.36
N THR A 13 0.95 11.52 1.92
CA THR A 13 0.62 12.94 1.72
C THR A 13 -0.22 13.47 2.87
N ALA A 14 -1.52 13.22 2.83
CA ALA A 14 -2.43 13.70 3.87
C ALA A 14 -2.49 12.72 5.03
N GLN A 15 -1.72 12.98 6.08
CA GLN A 15 -1.68 12.13 7.25
C GLN A 15 -2.41 12.78 8.43
N THR A 16 -3.67 12.40 8.61
CA THR A 16 -4.48 12.95 9.70
C THR A 16 -4.23 12.18 11.00
N THR A 17 -5.24 12.13 11.85
CA THR A 17 -5.12 11.44 13.13
C THR A 17 -5.66 10.01 13.06
N SER A 18 -6.83 9.86 12.45
CA SER A 18 -7.46 8.55 12.32
C SER A 18 -7.39 8.02 10.88
N SER A 19 -6.86 8.84 9.98
CA SER A 19 -6.74 8.45 8.59
C SER A 19 -5.41 8.91 7.99
N ILE A 20 -5.05 8.33 6.85
CA ILE A 20 -3.79 8.67 6.18
C ILE A 20 -3.86 8.39 4.69
N THR A 21 -3.13 9.18 3.91
CA THR A 21 -3.10 9.02 2.47
C THR A 21 -1.74 8.51 2.01
N LEU A 22 -1.74 7.41 1.27
CA LEU A 22 -0.49 6.81 0.77
C LEU A 22 -0.35 7.01 -0.73
N SER A 23 0.89 7.11 -1.19
CA SER A 23 1.17 7.29 -2.61
C SER A 23 2.46 6.55 -2.98
N TRP A 24 2.43 5.84 -4.10
CA TRP A 24 3.59 5.07 -4.55
C TRP A 24 3.59 4.90 -6.06
N THR A 25 4.71 4.41 -6.59
CA THR A 25 4.85 4.17 -8.02
C THR A 25 4.18 2.87 -8.43
N ALA A 26 3.07 2.97 -9.16
CA ALA A 26 2.33 1.81 -9.61
C ALA A 26 3.25 0.80 -10.29
N SER A 27 2.88 -0.47 -10.21
CA SER A 27 3.66 -1.54 -10.82
C SER A 27 3.90 -1.28 -12.31
N THR A 28 5.12 -1.50 -12.76
CA THR A 28 5.48 -1.28 -14.16
C THR A 28 4.67 -2.20 -15.07
N ASP A 29 4.21 -3.30 -14.51
CA ASP A 29 3.43 -4.28 -15.26
C ASP A 29 1.93 -4.07 -15.01
N ASN A 30 1.51 -2.80 -15.07
CA ASN A 30 0.10 -2.46 -14.86
C ASN A 30 -0.79 -3.06 -15.93
N VAL A 31 -0.17 -3.61 -16.98
CA VAL A 31 -0.91 -4.21 -18.07
C VAL A 31 -1.48 -5.57 -17.66
N GLY A 32 -1.27 -5.93 -16.39
CA GLY A 32 -1.75 -7.20 -15.90
C GLY A 32 -2.25 -7.10 -14.46
N VAL A 33 -2.11 -5.93 -13.87
CA VAL A 33 -2.55 -5.70 -12.50
C VAL A 33 -3.94 -5.08 -12.45
N THR A 34 -4.71 -5.42 -11.43
CA THR A 34 -6.07 -4.92 -11.28
C THR A 34 -6.18 -3.96 -10.09
N GLY A 35 -5.37 -4.21 -9.05
CA GLY A 35 -5.42 -3.35 -7.88
C GLY A 35 -4.21 -3.55 -6.97
N TYR A 36 -4.18 -2.80 -5.87
CA TYR A 36 -3.08 -2.87 -4.93
C TYR A 36 -3.59 -2.97 -3.49
N ASP A 37 -2.99 -3.86 -2.71
CA ASP A 37 -3.37 -4.05 -1.31
C ASP A 37 -2.24 -3.63 -0.39
N VAL A 38 -2.51 -2.67 0.49
CA VAL A 38 -1.48 -2.19 1.41
C VAL A 38 -1.66 -2.82 2.79
N TYR A 39 -0.52 -3.15 3.41
CA TYR A 39 -0.53 -3.76 4.74
C TYR A 39 -0.26 -2.73 5.82
N ASN A 40 -0.52 -3.12 7.07
CA ASN A 40 -0.31 -2.24 8.22
C ASN A 40 0.27 -3.03 9.38
N GLY A 41 1.59 -3.15 9.40
CA GLY A 41 2.24 -3.89 10.47
C GLY A 41 2.01 -5.38 10.34
N THR A 42 2.47 -5.95 9.23
CA THR A 42 2.32 -7.38 8.95
C THR A 42 0.86 -7.81 9.03
N ALA A 43 -0.03 -6.94 8.57
CA ALA A 43 -1.47 -7.24 8.58
C ALA A 43 -2.21 -6.36 7.57
N LEU A 44 -2.74 -6.98 6.52
CA LEU A 44 -3.49 -6.27 5.48
C LEU A 44 -4.48 -5.29 6.09
N ALA A 45 -4.45 -4.05 5.59
CA ALA A 45 -5.35 -3.01 6.09
C ALA A 45 -6.37 -2.60 5.02
N THR A 46 -6.07 -1.51 4.31
CA THR A 46 -6.97 -1.02 3.27
C THR A 46 -6.66 -1.62 1.91
N THR A 47 -7.57 -1.41 0.96
CA THR A 47 -7.42 -1.91 -0.39
C THR A 47 -7.71 -0.82 -1.42
N VAL A 48 -6.95 -0.79 -2.50
CA VAL A 48 -7.14 0.21 -3.54
C VAL A 48 -6.97 -0.39 -4.93
N THR A 49 -7.07 0.46 -5.94
CA THR A 49 -6.92 0.01 -7.33
C THR A 49 -6.14 1.04 -8.15
N GLY A 50 -5.98 2.23 -7.59
CA GLY A 50 -5.27 3.29 -8.27
C GLY A 50 -3.82 3.40 -7.82
N THR A 51 -3.43 4.59 -7.39
CA THR A 51 -2.07 4.84 -6.93
C THR A 51 -2.05 5.30 -5.47
N THR A 52 -3.21 5.71 -4.97
CA THR A 52 -3.34 6.18 -3.60
C THR A 52 -3.91 5.09 -2.70
N ALA A 53 -4.00 5.40 -1.40
CA ALA A 53 -4.55 4.44 -0.43
C ALA A 53 -5.02 5.16 0.83
N THR A 54 -6.29 4.96 1.17
CA THR A 54 -6.87 5.58 2.35
C THR A 54 -7.05 4.57 3.48
N ILE A 55 -6.34 4.81 4.59
CA ILE A 55 -6.42 3.92 5.74
C ILE A 55 -7.23 4.56 6.88
N SER A 56 -8.25 3.85 7.34
CA SER A 56 -9.09 4.35 8.42
C SER A 56 -8.82 3.60 9.72
N GLY A 57 -9.43 4.06 10.82
CA GLY A 57 -9.23 3.42 12.11
C GLY A 57 -7.80 3.55 12.59
N LEU A 58 -7.39 4.77 12.92
CA LEU A 58 -6.04 5.03 13.40
C LEU A 58 -6.06 5.86 14.68
N ALA A 59 -5.03 5.72 15.50
CA ALA A 59 -4.93 6.46 16.75
C ALA A 59 -3.65 7.30 16.80
N ALA A 60 -3.76 8.50 17.36
CA ALA A 60 -2.62 9.40 17.45
C ALA A 60 -1.64 8.93 18.52
N ASP A 61 -0.51 9.61 18.61
CA ASP A 61 0.53 9.27 19.58
C ASP A 61 0.98 7.82 19.41
N THR A 62 0.88 7.32 18.18
CA THR A 62 1.28 5.95 17.88
C THR A 62 2.02 5.87 16.55
N SER A 63 3.05 5.03 16.50
CA SER A 63 3.84 4.85 15.28
C SER A 63 3.22 3.78 14.40
N TYR A 64 3.18 4.04 13.09
CA TYR A 64 2.60 3.09 12.15
C TYR A 64 3.50 2.89 10.94
N THR A 65 3.72 1.63 10.58
CA THR A 65 4.55 1.29 9.43
C THR A 65 3.70 0.64 8.34
N PHE A 66 3.54 1.35 7.23
CA PHE A 66 2.74 0.85 6.11
C PHE A 66 3.61 0.31 4.99
N THR A 67 2.97 -0.43 4.08
CA THR A 67 3.64 -1.02 2.93
C THR A 67 2.63 -1.38 1.86
N VAL A 68 3.03 -1.33 0.60
CA VAL A 68 2.11 -1.65 -0.49
C VAL A 68 2.47 -2.97 -1.17
N LYS A 69 1.44 -3.68 -1.62
CA LYS A 69 1.62 -4.96 -2.27
C LYS A 69 0.76 -5.04 -3.53
N ALA A 70 1.37 -5.38 -4.66
CA ALA A 70 0.66 -5.49 -5.92
C ALA A 70 -0.05 -6.84 -6.04
N LYS A 71 -1.24 -6.82 -6.63
CA LYS A 71 -2.02 -8.05 -6.81
C LYS A 71 -2.69 -8.08 -8.18
N ASP A 72 -2.79 -9.27 -8.75
CA ASP A 72 -3.41 -9.43 -10.07
C ASP A 72 -4.78 -10.09 -9.95
N ALA A 73 -5.41 -10.33 -11.10
CA ALA A 73 -6.72 -10.95 -11.13
C ALA A 73 -6.61 -12.48 -11.11
N ALA A 74 -5.39 -12.97 -11.26
CA ALA A 74 -5.14 -14.41 -11.25
C ALA A 74 -4.92 -14.93 -9.84
N GLY A 75 -4.86 -14.01 -8.88
CA GLY A 75 -4.65 -14.39 -7.50
C GLY A 75 -3.19 -14.42 -7.12
N ASN A 76 -2.37 -13.67 -7.86
CA ASN A 76 -0.94 -13.61 -7.59
C ASN A 76 -0.56 -12.26 -7.00
N VAL A 77 0.46 -12.25 -6.15
CA VAL A 77 0.92 -11.02 -5.51
C VAL A 77 2.43 -10.94 -5.48
N SER A 78 2.96 -9.73 -5.60
CA SER A 78 4.40 -9.50 -5.58
C SER A 78 4.90 -9.37 -4.15
N ALA A 79 6.13 -8.88 -4.00
CA ALA A 79 6.71 -8.70 -2.67
C ALA A 79 6.23 -7.40 -2.05
N ALA A 80 6.53 -7.22 -0.76
CA ALA A 80 6.12 -6.01 -0.05
C ALA A 80 7.06 -4.85 -0.35
N SER A 81 6.49 -3.69 -0.61
CA SER A 81 7.26 -2.50 -0.92
C SER A 81 8.05 -2.02 0.29
N ASN A 82 8.72 -0.87 0.14
CA ASN A 82 9.51 -0.29 1.21
C ASN A 82 8.62 0.06 2.40
N ALA A 83 9.15 -0.14 3.60
CA ALA A 83 8.41 0.15 4.82
C ALA A 83 8.48 1.64 5.17
N VAL A 84 7.31 2.27 5.27
CA VAL A 84 7.24 3.68 5.60
C VAL A 84 6.93 3.88 7.08
N SER A 85 7.52 4.92 7.67
CA SER A 85 7.30 5.22 9.08
C SER A 85 6.66 6.59 9.26
N VAL A 86 5.40 6.59 9.68
CA VAL A 86 4.67 7.84 9.89
C VAL A 86 4.11 7.92 11.30
N LYS A 87 4.28 9.07 11.93
CA LYS A 87 3.79 9.28 13.29
C LYS A 87 2.44 9.99 13.27
N THR A 88 1.41 9.29 13.76
CA THR A 88 0.06 9.85 13.79
C THR A 88 -0.14 10.69 15.04
N HIS A 1 5.28 -17.79 -8.97
CA HIS A 1 5.92 -16.98 -10.04
C HIS A 1 4.87 -16.23 -10.86
N MET A 2 5.31 -15.66 -11.98
CA MET A 2 4.41 -14.92 -12.87
C MET A 2 3.78 -13.74 -12.12
N ALA A 3 4.40 -13.33 -11.03
CA ALA A 3 3.90 -12.22 -10.23
C ALA A 3 4.27 -10.88 -10.86
N PRO A 4 3.48 -9.82 -10.62
CA PRO A 4 3.74 -8.49 -11.17
C PRO A 4 4.95 -7.83 -10.53
N THR A 5 4.97 -6.50 -10.56
CA THR A 5 6.08 -5.75 -9.97
C THR A 5 5.69 -5.14 -8.63
N ALA A 6 6.52 -5.35 -7.62
CA ALA A 6 6.25 -4.83 -6.29
C ALA A 6 6.39 -3.30 -6.25
N PRO A 7 5.37 -2.60 -5.76
CA PRO A 7 5.39 -1.13 -5.66
C PRO A 7 6.68 -0.62 -5.05
N THR A 8 7.12 0.56 -5.47
CA THR A 8 8.34 1.15 -4.95
C THR A 8 8.19 2.65 -4.70
N ASN A 9 9.07 3.20 -3.89
CA ASN A 9 9.06 4.63 -3.56
C ASN A 9 7.73 5.03 -2.94
N LEU A 10 7.32 4.31 -1.89
CA LEU A 10 6.07 4.63 -1.20
C LEU A 10 6.25 5.88 -0.35
N ALA A 11 5.15 6.54 -0.03
CA ALA A 11 5.19 7.74 0.79
C ALA A 11 3.84 8.05 1.42
N SER A 12 3.77 9.17 2.14
CA SER A 12 2.54 9.60 2.78
C SER A 12 2.35 11.11 2.64
N THR A 13 1.21 11.52 2.12
CA THR A 13 0.93 12.94 1.92
C THR A 13 0.03 13.49 3.03
N ALA A 14 -1.28 13.34 2.86
CA ALA A 14 -2.23 13.84 3.85
C ALA A 14 -2.50 12.78 4.91
N GLN A 15 -1.90 12.96 6.08
CA GLN A 15 -2.09 12.02 7.19
C GLN A 15 -2.65 12.74 8.42
N THR A 16 -3.85 12.33 8.82
CA THR A 16 -4.51 12.92 9.98
C THR A 16 -4.31 12.06 11.23
N THR A 17 -5.19 12.25 12.21
CA THR A 17 -5.11 11.48 13.46
C THR A 17 -5.92 10.18 13.37
N SER A 18 -6.50 9.93 12.20
CA SER A 18 -7.31 8.72 12.00
C SER A 18 -7.11 8.15 10.61
N SER A 19 -7.19 9.02 9.61
CA SER A 19 -7.02 8.60 8.21
C SER A 19 -5.61 8.93 7.72
N ILE A 20 -5.24 8.34 6.59
CA ILE A 20 -3.93 8.57 6.00
C ILE A 20 -3.94 8.35 4.50
N THR A 21 -3.19 9.18 3.77
CA THR A 21 -3.12 9.07 2.32
C THR A 21 -1.74 8.55 1.89
N LEU A 22 -1.72 7.35 1.32
CA LEU A 22 -0.47 6.74 0.88
C LEU A 22 -0.32 6.84 -0.63
N SER A 23 0.86 7.24 -1.08
CA SER A 23 1.14 7.37 -2.50
C SER A 23 2.43 6.62 -2.85
N TRP A 24 2.38 5.86 -3.94
CA TRP A 24 3.54 5.08 -4.36
C TRP A 24 3.59 4.97 -5.88
N THR A 25 4.71 4.47 -6.40
CA THR A 25 4.89 4.30 -7.83
C THR A 25 4.20 3.04 -8.34
N ALA A 26 3.44 3.18 -9.42
CA ALA A 26 2.71 2.06 -10.01
C ALA A 26 3.68 1.03 -10.59
N SER A 27 3.19 -0.19 -10.76
CA SER A 27 3.99 -1.27 -11.31
C SER A 27 4.20 -1.10 -12.82
N THR A 28 5.24 -1.73 -13.35
CA THR A 28 5.53 -1.64 -14.77
C THR A 28 4.49 -2.38 -15.60
N ASP A 29 3.75 -3.26 -14.95
CA ASP A 29 2.72 -4.05 -15.63
C ASP A 29 1.32 -3.49 -15.33
N ASN A 30 0.36 -3.86 -16.17
CA ASN A 30 -1.02 -3.41 -16.00
C ASN A 30 -1.99 -4.31 -16.75
N VAL A 31 -1.45 -5.18 -17.61
CA VAL A 31 -2.27 -6.10 -18.39
C VAL A 31 -2.79 -7.23 -17.51
N GLY A 32 -2.33 -7.28 -16.26
CA GLY A 32 -2.76 -8.31 -15.34
C GLY A 32 -3.19 -7.75 -14.00
N VAL A 33 -2.50 -6.69 -13.55
CA VAL A 33 -2.82 -6.07 -12.27
C VAL A 33 -4.25 -5.58 -12.25
N THR A 34 -4.86 -5.59 -11.07
CA THR A 34 -6.24 -5.14 -10.91
C THR A 34 -6.39 -4.21 -9.70
N GLY A 35 -5.41 -4.27 -8.79
CA GLY A 35 -5.47 -3.42 -7.62
C GLY A 35 -4.25 -3.58 -6.72
N TYR A 36 -4.16 -2.74 -5.69
CA TYR A 36 -3.04 -2.78 -4.75
C TYR A 36 -3.54 -2.86 -3.32
N ASP A 37 -3.00 -3.81 -2.55
CA ASP A 37 -3.39 -3.98 -1.16
C ASP A 37 -2.27 -3.54 -0.23
N VAL A 38 -2.59 -2.64 0.71
CA VAL A 38 -1.59 -2.13 1.64
C VAL A 38 -1.70 -2.82 3.01
N TYR A 39 -0.54 -3.16 3.56
CA TYR A 39 -0.48 -3.83 4.86
C TYR A 39 -0.09 -2.84 5.96
N ASN A 40 -0.43 -3.17 7.20
CA ASN A 40 -0.12 -2.32 8.34
C ASN A 40 0.31 -3.17 9.54
N GLY A 41 1.62 -3.27 9.75
CA GLY A 41 2.13 -4.05 10.87
C GLY A 41 1.69 -5.49 10.79
N THR A 42 2.20 -6.22 9.80
CA THR A 42 1.87 -7.63 9.62
C THR A 42 0.35 -7.84 9.67
N ALA A 43 -0.39 -6.85 9.19
CA ALA A 43 -1.85 -6.94 9.17
C ALA A 43 -2.43 -5.97 8.15
N LEU A 44 -2.90 -6.52 7.03
CA LEU A 44 -3.48 -5.72 5.96
C LEU A 44 -4.48 -4.70 6.50
N ALA A 45 -4.44 -3.48 5.97
CA ALA A 45 -5.34 -2.42 6.40
C ALA A 45 -6.38 -2.14 5.32
N THR A 46 -6.15 -1.09 4.52
CA THR A 46 -7.08 -0.73 3.47
C THR A 46 -6.73 -1.41 2.15
N THR A 47 -7.66 -1.32 1.19
CA THR A 47 -7.48 -1.91 -0.12
C THR A 47 -7.85 -0.92 -1.21
N VAL A 48 -7.01 -0.82 -2.23
CA VAL A 48 -7.27 0.11 -3.33
C VAL A 48 -7.02 -0.55 -4.69
N THR A 49 -7.23 0.22 -5.75
CA THR A 49 -7.04 -0.29 -7.11
C THR A 49 -6.20 0.67 -7.94
N GLY A 50 -5.89 1.83 -7.37
CA GLY A 50 -5.11 2.82 -8.08
C GLY A 50 -3.67 2.91 -7.56
N THR A 51 -3.20 4.12 -7.29
CA THR A 51 -1.86 4.32 -6.78
C THR A 51 -1.88 5.02 -5.42
N THR A 52 -3.07 5.23 -4.89
CA THR A 52 -3.24 5.89 -3.60
C THR A 52 -4.14 5.06 -2.69
N ALA A 53 -3.77 5.00 -1.41
CA ALA A 53 -4.55 4.24 -0.43
C ALA A 53 -5.06 5.15 0.69
N THR A 54 -6.12 4.71 1.36
CA THR A 54 -6.71 5.47 2.46
C THR A 54 -7.02 4.57 3.64
N ILE A 55 -6.17 4.63 4.66
CA ILE A 55 -6.36 3.83 5.86
C ILE A 55 -6.99 4.64 6.98
N SER A 56 -8.14 4.19 7.45
CA SER A 56 -8.86 4.88 8.52
C SER A 56 -8.84 4.04 9.80
N GLY A 57 -9.36 4.62 10.87
CA GLY A 57 -9.40 3.92 12.15
C GLY A 57 -8.02 3.69 12.72
N LEU A 58 -7.31 4.78 13.01
CA LEU A 58 -5.96 4.70 13.57
C LEU A 58 -5.83 5.60 14.79
N ALA A 59 -5.07 5.13 15.78
CA ALA A 59 -4.86 5.90 17.00
C ALA A 59 -3.80 6.98 16.80
N ALA A 60 -4.01 8.14 17.42
CA ALA A 60 -3.09 9.25 17.30
C ALA A 60 -1.84 9.04 18.16
N ASP A 61 -0.76 9.74 17.81
CA ASP A 61 0.50 9.63 18.55
C ASP A 61 0.98 8.19 18.61
N THR A 62 1.00 7.53 17.45
CA THR A 62 1.44 6.14 17.38
C THR A 62 2.29 5.90 16.14
N SER A 63 3.29 5.03 16.27
CA SER A 63 4.17 4.71 15.16
C SER A 63 3.56 3.60 14.30
N TYR A 64 3.19 3.94 13.07
CA TYR A 64 2.59 2.98 12.16
C TYR A 64 3.46 2.73 10.94
N THR A 65 3.63 1.45 10.59
CA THR A 65 4.43 1.08 9.43
C THR A 65 3.54 0.52 8.33
N PHE A 66 3.63 1.09 7.14
CA PHE A 66 2.80 0.64 6.02
C PHE A 66 3.65 0.13 4.86
N THR A 67 3.00 -0.63 3.97
CA THR A 67 3.65 -1.20 2.80
C THR A 67 2.60 -1.56 1.76
N VAL A 68 2.87 -1.29 0.50
CA VAL A 68 1.92 -1.61 -0.57
C VAL A 68 2.30 -2.88 -1.30
N LYS A 69 1.28 -3.56 -1.83
CA LYS A 69 1.48 -4.81 -2.55
C LYS A 69 0.63 -4.85 -3.82
N ALA A 70 1.19 -5.43 -4.88
CA ALA A 70 0.48 -5.53 -6.15
C ALA A 70 -0.10 -6.93 -6.36
N LYS A 71 -1.29 -6.98 -6.97
CA LYS A 71 -1.96 -8.25 -7.23
C LYS A 71 -2.60 -8.25 -8.61
N ASP A 72 -2.69 -9.43 -9.23
CA ASP A 72 -3.28 -9.55 -10.56
C ASP A 72 -4.61 -10.28 -10.51
N ALA A 73 -5.29 -10.36 -11.64
CA ALA A 73 -6.58 -11.04 -11.73
C ALA A 73 -6.41 -12.54 -11.93
N ALA A 74 -5.51 -13.13 -11.16
CA ALA A 74 -5.25 -14.57 -11.26
C ALA A 74 -4.78 -15.13 -9.91
N GLY A 75 -4.33 -14.24 -9.04
CA GLY A 75 -3.86 -14.65 -7.73
C GLY A 75 -2.35 -14.58 -7.63
N ASN A 76 -1.75 -13.58 -8.25
CA ASN A 76 -0.31 -13.40 -8.23
C ASN A 76 0.06 -12.07 -7.59
N VAL A 77 0.64 -12.13 -6.40
CA VAL A 77 1.05 -10.93 -5.68
C VAL A 77 2.56 -10.78 -5.65
N SER A 78 3.06 -9.60 -5.99
CA SER A 78 4.48 -9.33 -5.99
C SER A 78 5.00 -9.18 -4.56
N ALA A 79 6.24 -8.70 -4.43
CA ALA A 79 6.84 -8.51 -3.13
C ALA A 79 6.23 -7.30 -2.43
N ALA A 80 6.60 -7.09 -1.17
CA ALA A 80 6.09 -5.98 -0.39
C ALA A 80 6.96 -4.74 -0.58
N SER A 81 6.32 -3.59 -0.75
CA SER A 81 7.03 -2.34 -0.95
C SER A 81 7.85 -1.97 0.29
N ASN A 82 8.45 -0.78 0.25
CA ASN A 82 9.25 -0.30 1.37
C ASN A 82 8.37 0.08 2.55
N ALA A 83 8.85 -0.18 3.75
CA ALA A 83 8.10 0.13 4.97
C ALA A 83 8.22 1.60 5.32
N VAL A 84 7.07 2.25 5.51
CA VAL A 84 7.04 3.67 5.87
C VAL A 84 6.72 3.86 7.34
N SER A 85 7.68 4.42 8.08
CA SER A 85 7.49 4.66 9.51
C SER A 85 6.86 6.03 9.75
N VAL A 86 5.55 6.12 9.59
CA VAL A 86 4.83 7.37 9.78
C VAL A 86 4.10 7.39 11.13
N LYS A 87 4.13 8.53 11.80
CA LYS A 87 3.47 8.68 13.08
C LYS A 87 2.27 9.63 12.96
N THR A 88 1.31 9.48 13.86
CA THR A 88 0.12 10.33 13.86
C THR A 88 0.10 11.26 15.05
N HIS A 1 7.08 -12.71 -14.65
CA HIS A 1 7.37 -14.00 -13.96
C HIS A 1 6.28 -14.34 -12.95
N MET A 2 5.20 -14.95 -13.45
CA MET A 2 4.07 -15.34 -12.60
C MET A 2 3.46 -14.12 -11.91
N ALA A 3 4.00 -13.75 -10.76
CA ALA A 3 3.50 -12.61 -10.01
C ALA A 3 3.79 -11.30 -10.74
N PRO A 4 3.01 -10.24 -10.46
CA PRO A 4 3.19 -8.93 -11.10
C PRO A 4 4.46 -8.22 -10.62
N THR A 5 4.40 -6.90 -10.50
CA THR A 5 5.54 -6.11 -10.05
C THR A 5 5.25 -5.42 -8.73
N ALA A 6 6.06 -5.71 -7.72
CA ALA A 6 5.91 -5.11 -6.40
C ALA A 6 6.12 -3.60 -6.45
N PRO A 7 5.18 -2.81 -5.88
CA PRO A 7 5.27 -1.35 -5.85
C PRO A 7 6.64 -0.86 -5.37
N THR A 8 6.89 0.43 -5.52
CA THR A 8 8.16 1.02 -5.10
C THR A 8 8.02 2.52 -4.86
N ASN A 9 8.95 3.08 -4.08
CA ASN A 9 8.95 4.51 -3.77
C ASN A 9 7.62 4.94 -3.15
N LEU A 10 7.29 4.34 -2.01
CA LEU A 10 6.05 4.68 -1.31
C LEU A 10 6.28 5.88 -0.39
N ALA A 11 5.20 6.60 -0.10
CA ALA A 11 5.29 7.76 0.77
C ALA A 11 3.91 8.13 1.35
N SER A 12 3.91 9.13 2.23
CA SER A 12 2.66 9.58 2.84
C SER A 12 2.45 11.08 2.59
N THR A 13 1.23 11.44 2.21
CA THR A 13 0.91 12.83 1.94
C THR A 13 0.05 13.43 3.05
N ALA A 14 -1.27 13.26 2.94
CA ALA A 14 -2.19 13.79 3.93
C ALA A 14 -2.46 12.77 5.05
N GLN A 15 -1.76 12.93 6.17
CA GLN A 15 -1.92 12.03 7.31
C GLN A 15 -2.58 12.76 8.48
N THR A 16 -3.56 12.11 9.08
CA THR A 16 -4.27 12.68 10.22
C THR A 16 -4.25 11.74 11.41
N THR A 17 -5.14 11.97 12.37
CA THR A 17 -5.23 11.14 13.56
C THR A 17 -6.25 10.02 13.39
N SER A 18 -6.52 9.66 12.14
CA SER A 18 -7.49 8.60 11.84
C SER A 18 -7.36 8.13 10.39
N SER A 19 -7.31 9.08 9.47
CA SER A 19 -7.20 8.76 8.05
C SER A 19 -5.86 9.25 7.48
N ILE A 20 -5.13 8.33 6.85
CA ILE A 20 -3.84 8.67 6.25
C ILE A 20 -3.84 8.41 4.75
N THR A 21 -3.14 9.25 4.00
CA THR A 21 -3.06 9.11 2.56
C THR A 21 -1.70 8.54 2.13
N LEU A 22 -1.72 7.54 1.25
CA LEU A 22 -0.49 6.91 0.79
C LEU A 22 -0.35 7.01 -0.72
N SER A 23 0.87 7.19 -1.18
CA SER A 23 1.16 7.30 -2.60
C SER A 23 2.44 6.53 -2.95
N TRP A 24 2.41 5.82 -4.07
CA TRP A 24 3.57 5.05 -4.50
C TRP A 24 3.58 4.87 -6.02
N THR A 25 4.70 4.35 -6.52
CA THR A 25 4.85 4.13 -7.95
C THR A 25 4.19 2.82 -8.38
N ALA A 26 3.35 2.91 -9.40
CA ALA A 26 2.65 1.73 -9.91
C ALA A 26 3.64 0.70 -10.43
N SER A 27 3.14 -0.50 -10.73
CA SER A 27 3.97 -1.58 -11.23
C SER A 27 4.48 -1.28 -12.63
N THR A 28 3.89 -0.26 -13.25
CA THR A 28 4.27 0.14 -14.61
C THR A 28 4.04 -0.99 -15.61
N ASP A 29 3.33 -2.02 -15.18
CA ASP A 29 3.02 -3.15 -16.04
C ASP A 29 1.54 -3.17 -16.41
N ASN A 30 0.69 -3.37 -15.40
CA ASN A 30 -0.75 -3.42 -15.60
C ASN A 30 -1.14 -4.47 -16.64
N VAL A 31 -0.24 -5.43 -16.85
CA VAL A 31 -0.48 -6.50 -17.81
C VAL A 31 -1.65 -7.37 -17.38
N GLY A 32 -1.91 -7.40 -16.07
CA GLY A 32 -3.00 -8.19 -15.54
C GLY A 32 -3.37 -7.77 -14.12
N VAL A 33 -2.70 -6.74 -13.61
CA VAL A 33 -2.97 -6.24 -12.27
C VAL A 33 -4.37 -5.66 -12.18
N THR A 34 -4.99 -5.81 -11.00
CA THR A 34 -6.34 -5.30 -10.78
C THR A 34 -6.35 -4.21 -9.72
N GLY A 35 -5.54 -4.39 -8.69
CA GLY A 35 -5.47 -3.42 -7.62
C GLY A 35 -4.27 -3.61 -6.72
N TYR A 36 -4.10 -2.70 -5.75
CA TYR A 36 -2.99 -2.78 -4.82
C TYR A 36 -3.49 -2.97 -3.39
N ASP A 37 -2.69 -3.65 -2.57
CA ASP A 37 -3.06 -3.89 -1.18
C ASP A 37 -1.95 -3.43 -0.23
N VAL A 38 -2.26 -2.44 0.60
CA VAL A 38 -1.28 -1.92 1.54
C VAL A 38 -1.52 -2.49 2.93
N TYR A 39 -0.43 -2.86 3.60
CA TYR A 39 -0.50 -3.44 4.95
C TYR A 39 -0.21 -2.39 6.01
N ASN A 40 -0.48 -2.74 7.26
CA ASN A 40 -0.24 -1.85 8.38
C ASN A 40 0.43 -2.58 9.53
N GLY A 41 1.76 -2.63 9.50
CA GLY A 41 2.51 -3.31 10.55
C GLY A 41 2.83 -4.75 10.16
N THR A 42 1.79 -5.57 10.00
CA THR A 42 1.96 -6.96 9.64
C THR A 42 0.74 -7.50 8.90
N ALA A 43 -0.43 -7.08 9.34
CA ALA A 43 -1.68 -7.51 8.72
C ALA A 43 -2.09 -6.56 7.61
N LEU A 44 -3.12 -6.96 6.85
CA LEU A 44 -3.61 -6.15 5.75
C LEU A 44 -4.42 -4.95 6.26
N ALA A 45 -4.13 -3.78 5.72
CA ALA A 45 -4.84 -2.56 6.12
C ALA A 45 -5.93 -2.21 5.11
N THR A 46 -5.70 -1.16 4.32
CA THR A 46 -6.67 -0.74 3.32
C THR A 46 -6.43 -1.40 1.98
N THR A 47 -7.41 -1.27 1.08
CA THR A 47 -7.31 -1.85 -0.26
C THR A 47 -7.68 -0.82 -1.31
N VAL A 48 -6.87 -0.73 -2.35
CA VAL A 48 -7.10 0.23 -3.43
C VAL A 48 -6.86 -0.40 -4.80
N THR A 49 -6.93 0.43 -5.83
CA THR A 49 -6.71 -0.02 -7.21
C THR A 49 -5.88 0.99 -7.99
N GLY A 50 -5.78 2.20 -7.46
CA GLY A 50 -5.03 3.25 -8.12
C GLY A 50 -3.64 3.43 -7.54
N THR A 51 -3.15 4.66 -7.55
CA THR A 51 -1.83 4.98 -7.02
C THR A 51 -1.93 5.67 -5.67
N THR A 52 -3.06 5.51 -5.01
CA THR A 52 -3.29 6.12 -3.70
C THR A 52 -3.96 5.13 -2.76
N ALA A 53 -3.86 5.41 -1.46
CA ALA A 53 -4.46 4.55 -0.43
C ALA A 53 -5.10 5.39 0.66
N THR A 54 -6.17 4.86 1.25
CA THR A 54 -6.87 5.55 2.32
C THR A 54 -7.16 4.61 3.50
N ILE A 55 -6.42 4.79 4.58
CA ILE A 55 -6.59 3.96 5.77
C ILE A 55 -7.41 4.69 6.82
N SER A 56 -8.52 4.08 7.23
CA SER A 56 -9.40 4.67 8.23
C SER A 56 -9.15 4.06 9.60
N GLY A 57 -9.78 4.64 10.62
CA GLY A 57 -9.62 4.14 11.98
C GLY A 57 -8.29 4.53 12.58
N LEU A 58 -7.28 3.70 12.35
CA LEU A 58 -5.93 3.96 12.86
C LEU A 58 -5.96 4.34 14.34
N ALA A 59 -4.91 5.04 14.80
CA ALA A 59 -4.82 5.46 16.19
C ALA A 59 -3.76 6.55 16.35
N ALA A 60 -4.09 7.59 17.10
CA ALA A 60 -3.16 8.70 17.33
C ALA A 60 -2.17 8.37 18.44
N ASP A 61 -1.12 9.18 18.53
CA ASP A 61 -0.08 9.00 19.55
C ASP A 61 0.56 7.62 19.43
N THR A 62 0.72 7.13 18.20
CA THR A 62 1.32 5.83 17.96
C THR A 62 2.24 5.87 16.74
N SER A 63 3.01 4.81 16.57
CA SER A 63 3.93 4.70 15.44
C SER A 63 3.51 3.56 14.53
N TYR A 64 3.23 3.88 13.26
CA TYR A 64 2.80 2.86 12.31
C TYR A 64 3.70 2.81 11.08
N THR A 65 3.80 1.63 10.49
CA THR A 65 4.60 1.42 9.29
C THR A 65 3.73 0.82 8.18
N PHE A 66 3.79 1.41 7.00
CA PHE A 66 2.98 0.92 5.88
C PHE A 66 3.83 0.36 4.75
N THR A 67 3.21 -0.51 3.97
CA THR A 67 3.85 -1.15 2.83
C THR A 67 2.81 -1.44 1.75
N VAL A 68 3.21 -1.40 0.48
CA VAL A 68 2.27 -1.66 -0.61
C VAL A 68 2.66 -2.90 -1.40
N LYS A 69 1.65 -3.52 -2.02
CA LYS A 69 1.86 -4.72 -2.82
C LYS A 69 1.01 -4.67 -4.08
N ALA A 70 1.23 -5.62 -4.98
CA ALA A 70 0.47 -5.69 -6.24
C ALA A 70 -0.11 -7.08 -6.45
N LYS A 71 -1.42 -7.14 -6.68
CA LYS A 71 -2.09 -8.42 -6.90
C LYS A 71 -2.69 -8.47 -8.31
N ASP A 72 -2.81 -9.68 -8.84
CA ASP A 72 -3.37 -9.88 -10.18
C ASP A 72 -4.75 -10.54 -10.11
N ALA A 73 -5.38 -10.70 -11.26
CA ALA A 73 -6.70 -11.32 -11.33
C ALA A 73 -6.60 -12.84 -11.51
N ALA A 74 -5.72 -13.46 -10.73
CA ALA A 74 -5.52 -14.90 -10.81
C ALA A 74 -5.13 -15.47 -9.45
N GLY A 75 -4.48 -14.65 -8.65
CA GLY A 75 -4.04 -15.09 -7.33
C GLY A 75 -2.55 -14.94 -7.13
N ASN A 76 -1.89 -14.32 -8.10
CA ASN A 76 -0.44 -14.10 -8.04
C ASN A 76 -0.12 -12.71 -7.51
N VAL A 77 0.60 -12.65 -6.40
CA VAL A 77 0.98 -11.38 -5.79
C VAL A 77 2.49 -11.20 -5.80
N SER A 78 2.93 -9.96 -5.92
CA SER A 78 4.35 -9.65 -5.93
C SER A 78 4.89 -9.53 -4.51
N ALA A 79 6.02 -8.86 -4.36
CA ALA A 79 6.64 -8.69 -3.05
C ALA A 79 6.13 -7.40 -2.39
N ALA A 80 6.58 -7.16 -1.16
CA ALA A 80 6.17 -5.97 -0.43
C ALA A 80 7.10 -4.80 -0.74
N SER A 81 6.56 -3.59 -0.66
CA SER A 81 7.34 -2.38 -0.93
C SER A 81 8.07 -1.91 0.32
N ASN A 82 8.67 -0.73 0.24
CA ASN A 82 9.41 -0.16 1.36
C ASN A 82 8.46 0.15 2.52
N ALA A 83 9.02 0.27 3.72
CA ALA A 83 8.22 0.56 4.90
C ALA A 83 8.31 2.04 5.28
N VAL A 84 7.15 2.70 5.36
CA VAL A 84 7.10 4.11 5.71
C VAL A 84 6.74 4.29 7.19
N SER A 85 7.61 4.98 7.92
CA SER A 85 7.38 5.22 9.34
C SER A 85 6.69 6.56 9.55
N VAL A 86 5.38 6.53 9.82
CA VAL A 86 4.61 7.73 10.04
C VAL A 86 4.24 7.90 11.51
N LYS A 87 4.18 9.14 11.96
CA LYS A 87 3.85 9.45 13.35
C LYS A 87 2.41 9.95 13.46
N THR A 88 1.54 9.12 14.01
CA THR A 88 0.13 9.49 14.17
C THR A 88 -0.08 10.30 15.44
N HIS A 1 7.07 -13.70 -15.17
CA HIS A 1 6.03 -13.83 -16.23
C HIS A 1 4.64 -14.03 -15.62
N MET A 2 4.60 -14.48 -14.39
CA MET A 2 3.33 -14.72 -13.70
C MET A 2 3.06 -13.61 -12.67
N ALA A 3 3.82 -13.61 -11.59
CA ALA A 3 3.66 -12.61 -10.54
C ALA A 3 3.95 -11.20 -11.07
N PRO A 4 3.19 -10.19 -10.59
CA PRO A 4 3.38 -8.81 -11.02
C PRO A 4 4.64 -8.19 -10.44
N THR A 5 4.64 -6.86 -10.30
CA THR A 5 5.78 -6.15 -9.75
C THR A 5 5.42 -5.46 -8.43
N ALA A 6 6.31 -5.57 -7.46
CA ALA A 6 6.10 -4.96 -6.14
C ALA A 6 6.30 -3.44 -6.20
N PRO A 7 5.32 -2.67 -5.70
CA PRO A 7 5.41 -1.20 -5.69
C PRO A 7 6.75 -0.70 -5.17
N THR A 8 7.14 0.50 -5.58
CA THR A 8 8.41 1.08 -5.15
C THR A 8 8.26 2.57 -4.86
N ASN A 9 9.13 3.08 -3.99
CA ASN A 9 9.11 4.50 -3.62
C ASN A 9 7.75 4.91 -3.07
N LEU A 10 7.41 4.37 -1.91
CA LEU A 10 6.14 4.69 -1.26
C LEU A 10 6.27 5.93 -0.39
N ALA A 11 5.15 6.58 -0.09
CA ALA A 11 5.18 7.78 0.72
C ALA A 11 3.81 8.09 1.32
N SER A 12 3.76 9.09 2.19
CA SER A 12 2.52 9.50 2.84
C SER A 12 2.30 11.00 2.65
N THR A 13 1.09 11.39 2.30
CA THR A 13 0.77 12.80 2.09
C THR A 13 -0.11 13.36 3.21
N ALA A 14 -1.42 13.19 3.08
CA ALA A 14 -2.35 13.69 4.08
C ALA A 14 -2.53 12.71 5.23
N GLN A 15 -1.89 12.99 6.36
CA GLN A 15 -1.99 12.13 7.52
C GLN A 15 -2.59 12.89 8.71
N THR A 16 -3.59 12.28 9.34
CA THR A 16 -4.26 12.90 10.47
C THR A 16 -4.23 11.99 11.69
N THR A 17 -5.17 12.19 12.61
CA THR A 17 -5.25 11.39 13.83
C THR A 17 -6.20 10.21 13.67
N SER A 18 -6.45 9.81 12.42
CA SER A 18 -7.34 8.70 12.14
C SER A 18 -7.17 8.19 10.72
N SER A 19 -7.18 9.11 9.76
CA SER A 19 -7.02 8.76 8.35
C SER A 19 -5.61 9.09 7.86
N ILE A 20 -5.25 8.53 6.70
CA ILE A 20 -3.93 8.76 6.13
C ILE A 20 -3.92 8.49 4.63
N THR A 21 -3.13 9.27 3.89
CA THR A 21 -3.02 9.10 2.45
C THR A 21 -1.68 8.48 2.08
N LEU A 22 -1.70 7.52 1.18
CA LEU A 22 -0.48 6.84 0.74
C LEU A 22 -0.33 6.86 -0.77
N SER A 23 0.80 7.36 -1.24
CA SER A 23 1.08 7.43 -2.68
C SER A 23 2.35 6.66 -3.00
N TRP A 24 2.32 5.90 -4.11
CA TRP A 24 3.47 5.11 -4.52
C TRP A 24 3.52 4.94 -6.03
N THR A 25 4.64 4.42 -6.52
CA THR A 25 4.81 4.19 -7.95
C THR A 25 4.17 2.88 -8.38
N ALA A 26 3.53 2.91 -9.54
CA ALA A 26 2.86 1.71 -10.08
C ALA A 26 3.86 0.59 -10.29
N SER A 27 3.35 -0.61 -10.53
CA SER A 27 4.19 -1.78 -10.76
C SER A 27 4.92 -1.66 -12.10
N THR A 28 4.60 -0.62 -12.85
CA THR A 28 5.22 -0.39 -14.15
C THR A 28 5.09 -1.62 -15.04
N ASP A 29 4.08 -2.45 -14.75
CA ASP A 29 3.84 -3.66 -15.51
C ASP A 29 2.42 -3.67 -16.06
N ASN A 30 1.45 -3.51 -15.16
CA ASN A 30 0.03 -3.49 -15.54
C ASN A 30 -0.28 -4.65 -16.49
N VAL A 31 -1.33 -4.48 -17.30
CA VAL A 31 -1.73 -5.52 -18.25
C VAL A 31 -1.94 -6.85 -17.54
N GLY A 32 -2.13 -6.77 -16.23
CA GLY A 32 -2.35 -7.96 -15.43
C GLY A 32 -2.77 -7.62 -14.01
N VAL A 33 -2.32 -6.47 -13.53
CA VAL A 33 -2.64 -6.00 -12.19
C VAL A 33 -4.04 -5.40 -12.15
N THR A 34 -4.83 -5.76 -11.14
CA THR A 34 -6.19 -5.25 -11.02
C THR A 34 -6.42 -4.59 -9.66
N GLY A 35 -5.35 -4.12 -9.03
CA GLY A 35 -5.48 -3.47 -7.74
C GLY A 35 -4.24 -3.60 -6.87
N TYR A 36 -4.21 -2.83 -5.79
CA TYR A 36 -3.08 -2.86 -4.86
C TYR A 36 -3.55 -2.98 -3.42
N ASP A 37 -3.01 -3.97 -2.70
CA ASP A 37 -3.37 -4.19 -1.31
C ASP A 37 -2.24 -3.72 -0.39
N VAL A 38 -2.53 -2.73 0.44
CA VAL A 38 -1.53 -2.19 1.35
C VAL A 38 -1.70 -2.77 2.75
N TYR A 39 -0.57 -3.12 3.37
CA TYR A 39 -0.58 -3.69 4.72
C TYR A 39 -0.23 -2.63 5.76
N ASN A 40 -0.43 -2.99 7.03
CA ASN A 40 -0.13 -2.10 8.14
C ASN A 40 0.64 -2.85 9.22
N GLY A 41 1.96 -2.92 9.05
CA GLY A 41 2.80 -3.61 10.01
C GLY A 41 2.99 -5.08 9.65
N THR A 42 1.87 -5.78 9.43
CA THR A 42 1.92 -7.20 9.07
C THR A 42 0.64 -7.63 8.37
N ALA A 43 -0.50 -7.32 8.98
CA ALA A 43 -1.80 -7.67 8.42
C ALA A 43 -2.20 -6.69 7.32
N LEU A 44 -3.31 -6.99 6.65
CA LEU A 44 -3.79 -6.13 5.58
C LEU A 44 -4.54 -4.93 6.14
N ALA A 45 -4.49 -3.81 5.42
CA ALA A 45 -5.17 -2.60 5.85
C ALA A 45 -6.25 -2.21 4.84
N THR A 46 -5.99 -1.19 4.04
CA THR A 46 -6.95 -0.74 3.04
C THR A 46 -6.74 -1.45 1.70
N THR A 47 -7.76 -1.39 0.84
CA THR A 47 -7.70 -2.04 -0.46
C THR A 47 -8.05 -1.04 -1.57
N VAL A 48 -7.10 -0.79 -2.44
CA VAL A 48 -7.30 0.14 -3.55
C VAL A 48 -7.03 -0.51 -4.90
N THR A 49 -7.07 0.30 -5.95
CA THR A 49 -6.83 -0.18 -7.30
C THR A 49 -6.02 0.82 -8.11
N GLY A 50 -5.88 2.03 -7.57
CA GLY A 50 -5.13 3.07 -8.26
C GLY A 50 -3.73 3.24 -7.70
N THR A 51 -3.28 4.48 -7.60
CA THR A 51 -1.95 4.78 -7.08
C THR A 51 -2.02 5.50 -5.74
N THR A 52 -3.09 5.25 -4.99
CA THR A 52 -3.29 5.86 -3.69
C THR A 52 -4.09 4.95 -2.77
N ALA A 53 -3.88 5.09 -1.46
CA ALA A 53 -4.57 4.29 -0.47
C ALA A 53 -5.03 5.13 0.71
N THR A 54 -6.20 4.80 1.25
CA THR A 54 -6.76 5.52 2.38
C THR A 54 -7.00 4.60 3.57
N ILE A 55 -6.22 4.78 4.62
CA ILE A 55 -6.36 3.96 5.82
C ILE A 55 -7.02 4.75 6.96
N SER A 56 -8.14 4.23 7.45
CA SER A 56 -8.88 4.89 8.52
C SER A 56 -8.93 4.00 9.76
N GLY A 57 -9.40 4.57 10.87
CA GLY A 57 -9.49 3.81 12.10
C GLY A 57 -8.15 3.65 12.78
N LEU A 58 -7.45 4.76 12.99
CA LEU A 58 -6.14 4.74 13.64
C LEU A 58 -6.13 5.61 14.89
N ALA A 59 -5.15 5.39 15.74
CA ALA A 59 -5.02 6.15 16.98
C ALA A 59 -3.86 7.14 16.91
N ALA A 60 -3.91 8.16 17.75
CA ALA A 60 -2.87 9.18 17.78
C ALA A 60 -1.71 8.76 18.66
N ASP A 61 -0.57 9.45 18.52
CA ASP A 61 0.62 9.15 19.30
C ASP A 61 1.04 7.70 19.15
N THR A 62 0.99 7.21 17.91
CA THR A 62 1.37 5.82 17.64
C THR A 62 2.14 5.71 16.32
N SER A 63 3.17 4.87 16.32
CA SER A 63 3.98 4.67 15.12
C SER A 63 3.30 3.66 14.19
N TYR A 64 3.30 3.97 12.90
CA TYR A 64 2.66 3.08 11.93
C TYR A 64 3.54 2.90 10.68
N THR A 65 3.93 1.66 10.44
CA THR A 65 4.75 1.33 9.28
C THR A 65 3.89 0.65 8.21
N PHE A 66 3.61 1.38 7.14
CA PHE A 66 2.77 0.87 6.07
C PHE A 66 3.59 0.35 4.89
N THR A 67 2.95 -0.49 4.07
CA THR A 67 3.59 -1.06 2.90
C THR A 67 2.53 -1.35 1.83
N VAL A 68 2.94 -1.33 0.57
CA VAL A 68 2.00 -1.59 -0.52
C VAL A 68 2.34 -2.89 -1.25
N LYS A 69 1.31 -3.51 -1.84
CA LYS A 69 1.48 -4.76 -2.55
C LYS A 69 0.65 -4.78 -3.84
N ALA A 70 1.15 -5.49 -4.85
CA ALA A 70 0.45 -5.60 -6.12
C ALA A 70 -0.15 -6.98 -6.30
N LYS A 71 -1.36 -7.03 -6.84
CA LYS A 71 -2.05 -8.30 -7.06
C LYS A 71 -2.64 -8.36 -8.48
N ASP A 72 -2.71 -9.57 -9.03
CA ASP A 72 -3.25 -9.76 -10.36
C ASP A 72 -4.55 -10.55 -10.32
N ALA A 73 -5.24 -10.62 -11.45
CA ALA A 73 -6.50 -11.34 -11.53
C ALA A 73 -6.27 -12.84 -11.73
N ALA A 74 -5.00 -13.25 -11.62
CA ALA A 74 -4.64 -14.66 -11.78
C ALA A 74 -4.35 -15.29 -10.43
N GLY A 75 -4.23 -14.47 -9.40
CA GLY A 75 -3.95 -14.97 -8.08
C GLY A 75 -2.49 -14.82 -7.69
N ASN A 76 -1.77 -13.98 -8.45
CA ASN A 76 -0.35 -13.75 -8.18
C ASN A 76 -0.16 -12.47 -7.36
N VAL A 77 0.78 -12.51 -6.43
CA VAL A 77 1.07 -11.35 -5.58
C VAL A 77 2.58 -11.10 -5.49
N SER A 78 2.97 -9.86 -5.73
CA SER A 78 4.39 -9.49 -5.67
C SER A 78 4.84 -9.32 -4.23
N ALA A 79 6.05 -8.81 -4.04
CA ALA A 79 6.59 -8.58 -2.70
C ALA A 79 6.04 -7.30 -2.11
N ALA A 80 6.41 -7.03 -0.85
CA ALA A 80 5.96 -5.83 -0.16
C ALA A 80 6.93 -4.67 -0.38
N SER A 81 6.40 -3.50 -0.69
CA SER A 81 7.21 -2.31 -0.92
C SER A 81 7.92 -1.88 0.36
N ASN A 82 8.69 -0.79 0.26
CA ASN A 82 9.42 -0.27 1.41
C ASN A 82 8.46 0.10 2.54
N ALA A 83 9.01 0.25 3.75
CA ALA A 83 8.19 0.59 4.91
C ALA A 83 8.21 2.10 5.17
N VAL A 84 7.02 2.68 5.32
CA VAL A 84 6.90 4.11 5.58
C VAL A 84 6.55 4.35 7.05
N SER A 85 7.54 4.82 7.81
CA SER A 85 7.33 5.09 9.24
C SER A 85 6.75 6.48 9.44
N VAL A 86 5.43 6.55 9.58
CA VAL A 86 4.74 7.82 9.79
C VAL A 86 4.11 7.87 11.17
N LYS A 87 4.43 8.94 11.91
CA LYS A 87 3.89 9.11 13.26
C LYS A 87 2.55 9.83 13.21
N THR A 88 1.66 9.43 14.12
CA THR A 88 0.32 10.04 14.19
C THR A 88 0.13 10.77 15.52
N HIS A 1 3.22 -19.30 -12.08
CA HIS A 1 3.87 -18.45 -11.05
C HIS A 1 4.42 -17.16 -11.67
N MET A 2 3.53 -16.41 -12.32
CA MET A 2 3.92 -15.15 -12.95
C MET A 2 3.33 -13.96 -12.20
N ALA A 3 3.93 -13.63 -11.06
CA ALA A 3 3.48 -12.52 -10.24
C ALA A 3 3.92 -11.18 -10.83
N PRO A 4 3.17 -10.09 -10.54
CA PRO A 4 3.50 -8.75 -11.05
C PRO A 4 4.71 -8.15 -10.35
N THR A 5 4.90 -6.85 -10.52
CA THR A 5 6.03 -6.15 -9.90
C THR A 5 5.63 -5.54 -8.57
N ALA A 6 6.50 -5.67 -7.57
CA ALA A 6 6.25 -5.13 -6.24
C ALA A 6 6.42 -3.62 -6.23
N PRO A 7 5.42 -2.89 -5.69
CA PRO A 7 5.48 -1.42 -5.60
C PRO A 7 6.82 -0.92 -5.08
N THR A 8 7.25 0.23 -5.56
CA THR A 8 8.53 0.80 -5.15
C THR A 8 8.39 2.29 -4.81
N ASN A 9 9.29 2.76 -3.96
CA ASN A 9 9.31 4.17 -3.55
C ASN A 9 7.95 4.60 -2.97
N LEU A 10 7.63 4.09 -1.79
CA LEU A 10 6.38 4.44 -1.13
C LEU A 10 6.52 5.76 -0.38
N ALA A 11 5.39 6.40 -0.10
CA ALA A 11 5.40 7.67 0.62
C ALA A 11 4.04 7.98 1.23
N SER A 12 4.01 9.00 2.08
CA SER A 12 2.78 9.43 2.74
C SER A 12 2.52 10.91 2.47
N THR A 13 1.28 11.23 2.12
CA THR A 13 0.90 12.62 1.83
C THR A 13 -0.01 13.20 2.91
N ALA A 14 -1.32 13.02 2.75
CA ALA A 14 -2.28 13.53 3.71
C ALA A 14 -2.57 12.51 4.80
N GLN A 15 -1.93 12.69 5.96
CA GLN A 15 -2.12 11.80 7.08
C GLN A 15 -2.60 12.57 8.32
N THR A 16 -3.77 12.19 8.83
CA THR A 16 -4.35 12.83 9.99
C THR A 16 -4.33 11.91 11.21
N THR A 17 -5.16 12.21 12.19
CA THR A 17 -5.23 11.40 13.41
C THR A 17 -6.32 10.33 13.28
N SER A 18 -6.60 9.91 12.05
CA SER A 18 -7.61 8.89 11.80
C SER A 18 -7.49 8.33 10.39
N SER A 19 -7.60 9.21 9.39
CA SER A 19 -7.50 8.81 7.99
C SER A 19 -6.14 9.16 7.41
N ILE A 20 -5.50 8.19 6.78
CA ILE A 20 -4.18 8.40 6.19
C ILE A 20 -4.19 8.12 4.69
N THR A 21 -3.44 8.92 3.94
CA THR A 21 -3.35 8.77 2.50
C THR A 21 -1.92 8.43 2.08
N LEU A 22 -1.77 7.35 1.33
CA LEU A 22 -0.44 6.91 0.88
C LEU A 22 -0.35 6.89 -0.64
N SER A 23 0.83 7.20 -1.14
CA SER A 23 1.09 7.20 -2.58
C SER A 23 2.36 6.43 -2.89
N TRP A 24 2.39 5.73 -4.01
CA TRP A 24 3.55 4.95 -4.40
C TRP A 24 3.62 4.77 -5.92
N THR A 25 4.75 4.24 -6.40
CA THR A 25 4.94 4.00 -7.82
C THR A 25 4.34 2.66 -8.23
N ALA A 26 3.56 2.67 -9.30
CA ALA A 26 2.92 1.45 -9.79
C ALA A 26 3.95 0.44 -10.27
N SER A 27 3.48 -0.74 -10.67
CA SER A 27 4.36 -1.80 -11.14
C SER A 27 4.88 -1.49 -12.54
N THR A 28 6.11 -1.93 -12.82
CA THR A 28 6.71 -1.69 -14.13
C THR A 28 6.17 -2.67 -15.16
N ASP A 29 5.44 -3.68 -14.71
CA ASP A 29 4.87 -4.68 -15.60
C ASP A 29 3.47 -4.28 -16.04
N ASN A 30 2.56 -4.18 -15.08
CA ASN A 30 1.17 -3.80 -15.36
C ASN A 30 0.55 -4.73 -16.40
N VAL A 31 1.01 -5.98 -16.41
CA VAL A 31 0.51 -6.97 -17.36
C VAL A 31 -0.94 -7.35 -17.03
N GLY A 32 -1.33 -7.18 -15.77
CA GLY A 32 -2.68 -7.50 -15.36
C GLY A 32 -3.04 -6.88 -14.02
N VAL A 33 -2.15 -6.04 -13.51
CA VAL A 33 -2.38 -5.37 -12.23
C VAL A 33 -3.58 -4.43 -12.31
N THR A 34 -4.56 -4.67 -11.45
CA THR A 34 -5.77 -3.85 -11.42
C THR A 34 -5.94 -3.18 -10.07
N GLY A 35 -5.45 -3.83 -9.01
CA GLY A 35 -5.58 -3.27 -7.67
C GLY A 35 -4.32 -3.48 -6.84
N TYR A 36 -4.32 -2.91 -5.64
CA TYR A 36 -3.18 -3.02 -4.73
C TYR A 36 -3.66 -3.34 -3.32
N ASP A 37 -2.73 -3.81 -2.48
CA ASP A 37 -3.06 -4.16 -1.11
C ASP A 37 -2.04 -3.56 -0.14
N VAL A 38 -2.51 -2.70 0.76
CA VAL A 38 -1.63 -2.07 1.73
C VAL A 38 -1.72 -2.76 3.09
N TYR A 39 -0.59 -2.80 3.80
CA TYR A 39 -0.52 -3.44 5.11
C TYR A 39 -0.12 -2.44 6.18
N ASN A 40 -0.32 -2.81 7.44
CA ASN A 40 0.03 -1.95 8.56
C ASN A 40 0.63 -2.78 9.70
N GLY A 41 1.95 -2.98 9.66
CA GLY A 41 2.60 -3.75 10.69
C GLY A 41 2.21 -5.21 10.65
N THR A 42 2.68 -5.92 9.63
CA THR A 42 2.38 -7.35 9.45
C THR A 42 0.88 -7.61 9.63
N ALA A 43 0.06 -6.71 9.11
CA ALA A 43 -1.39 -6.84 9.20
C ALA A 43 -2.08 -5.98 8.15
N LEU A 44 -2.54 -6.61 7.08
CA LEU A 44 -3.23 -5.92 5.99
C LEU A 44 -4.32 -5.00 6.53
N ALA A 45 -4.39 -3.79 5.99
CA ALA A 45 -5.38 -2.81 6.42
C ALA A 45 -6.41 -2.55 5.31
N THR A 46 -6.22 -1.46 4.57
CA THR A 46 -7.14 -1.11 3.50
C THR A 46 -6.72 -1.71 2.16
N THR A 47 -7.61 -1.59 1.18
CA THR A 47 -7.36 -2.10 -0.17
C THR A 47 -7.81 -1.08 -1.20
N VAL A 48 -7.01 -0.89 -2.23
CA VAL A 48 -7.33 0.08 -3.27
C VAL A 48 -7.17 -0.50 -4.66
N THR A 49 -7.36 0.35 -5.67
CA THR A 49 -7.23 -0.07 -7.06
C THR A 49 -6.35 0.90 -7.84
N GLY A 50 -5.97 2.00 -7.18
CA GLY A 50 -5.12 2.99 -7.83
C GLY A 50 -3.75 3.08 -7.18
N THR A 51 -3.18 4.29 -7.18
CA THR A 51 -1.86 4.51 -6.60
C THR A 51 -1.96 5.11 -5.21
N THR A 52 -3.19 5.31 -4.73
CA THR A 52 -3.41 5.88 -3.41
C THR A 52 -4.06 4.86 -2.47
N ALA A 53 -4.04 5.15 -1.18
CA ALA A 53 -4.63 4.26 -0.18
C ALA A 53 -5.13 5.05 1.03
N THR A 54 -6.34 4.72 1.48
CA THR A 54 -6.92 5.40 2.63
C THR A 54 -7.28 4.41 3.74
N ILE A 55 -6.72 4.64 4.93
CA ILE A 55 -6.97 3.78 6.07
C ILE A 55 -7.77 4.52 7.14
N SER A 56 -8.86 3.91 7.60
CA SER A 56 -9.71 4.51 8.62
C SER A 56 -9.56 3.78 9.94
N GLY A 57 -9.84 4.49 11.04
CA GLY A 57 -9.73 3.90 12.36
C GLY A 57 -8.30 3.83 12.85
N LEU A 58 -7.65 4.97 12.92
CA LEU A 58 -6.27 5.04 13.38
C LEU A 58 -6.16 5.81 14.69
N ALA A 59 -5.12 5.51 15.46
CA ALA A 59 -4.89 6.19 16.73
C ALA A 59 -3.78 7.23 16.62
N ALA A 60 -3.94 8.33 17.34
CA ALA A 60 -2.95 9.40 17.33
C ALA A 60 -1.85 9.15 18.36
N ASP A 61 -0.74 9.86 18.22
CA ASP A 61 0.39 9.72 19.13
C ASP A 61 0.93 8.29 19.12
N THR A 62 0.88 7.66 17.95
CA THR A 62 1.36 6.29 17.82
C THR A 62 2.17 6.12 16.54
N SER A 63 3.02 5.09 16.52
CA SER A 63 3.85 4.81 15.35
C SER A 63 3.19 3.75 14.48
N TYR A 64 3.23 3.97 13.16
CA TYR A 64 2.63 3.03 12.23
C TYR A 64 3.50 2.83 11.00
N THR A 65 3.67 1.57 10.60
CA THR A 65 4.47 1.24 9.42
C THR A 65 3.59 0.64 8.34
N PHE A 66 3.65 1.22 7.15
CA PHE A 66 2.82 0.76 6.04
C PHE A 66 3.67 0.16 4.91
N THR A 67 3.05 -0.73 4.14
CA THR A 67 3.70 -1.38 3.01
C THR A 67 2.65 -1.84 2.00
N VAL A 68 2.79 -1.37 0.77
CA VAL A 68 1.83 -1.72 -0.28
C VAL A 68 2.33 -2.85 -1.17
N LYS A 69 1.39 -3.52 -1.82
CA LYS A 69 1.71 -4.63 -2.70
C LYS A 69 0.88 -4.55 -3.98
N ALA A 70 1.29 -5.28 -5.01
CA ALA A 70 0.57 -5.27 -6.28
C ALA A 70 -0.10 -6.62 -6.53
N LYS A 71 -1.37 -6.58 -6.94
CA LYS A 71 -2.12 -7.80 -7.21
C LYS A 71 -2.73 -7.76 -8.61
N ASP A 72 -2.76 -8.92 -9.26
CA ASP A 72 -3.31 -9.03 -10.61
C ASP A 72 -4.66 -9.74 -10.58
N ALA A 73 -5.48 -9.47 -11.60
CA ALA A 73 -6.80 -10.10 -11.71
C ALA A 73 -6.70 -11.49 -12.31
N ALA A 74 -6.01 -12.39 -11.61
CA ALA A 74 -5.83 -13.76 -12.07
C ALA A 74 -5.50 -14.68 -10.92
N GLY A 75 -4.67 -14.21 -10.00
CA GLY A 75 -4.28 -15.00 -8.85
C GLY A 75 -2.79 -14.96 -8.58
N ASN A 76 -2.21 -13.76 -8.65
CA ASN A 76 -0.79 -13.58 -8.40
C ASN A 76 -0.52 -12.29 -7.63
N VAL A 77 0.52 -12.30 -6.80
CA VAL A 77 0.88 -11.13 -6.01
C VAL A 77 2.39 -10.92 -6.01
N SER A 78 2.80 -9.65 -6.00
CA SER A 78 4.22 -9.30 -5.99
C SER A 78 4.76 -9.24 -4.57
N ALA A 79 5.93 -8.63 -4.40
CA ALA A 79 6.54 -8.49 -3.08
C ALA A 79 6.07 -7.22 -2.40
N ALA A 80 6.52 -7.00 -1.16
CA ALA A 80 6.13 -5.81 -0.42
C ALA A 80 7.00 -4.62 -0.78
N SER A 81 6.39 -3.44 -0.85
CA SER A 81 7.11 -2.22 -1.19
C SER A 81 7.99 -1.78 -0.03
N ASN A 82 8.65 -0.64 -0.21
CA ASN A 82 9.54 -0.10 0.82
C ASN A 82 8.77 0.15 2.11
N ALA A 83 9.43 -0.08 3.24
CA ALA A 83 8.80 0.13 4.54
C ALA A 83 8.79 1.60 4.93
N VAL A 84 7.61 2.20 4.97
CA VAL A 84 7.46 3.60 5.34
C VAL A 84 7.02 3.73 6.80
N SER A 85 7.64 4.67 7.51
CA SER A 85 7.31 4.90 8.91
C SER A 85 6.72 6.30 9.11
N VAL A 86 5.43 6.35 9.42
CA VAL A 86 4.75 7.62 9.65
C VAL A 86 4.26 7.72 11.09
N LYS A 87 4.20 8.95 11.60
CA LYS A 87 3.77 9.20 12.96
C LYS A 87 2.46 9.99 12.98
N THR A 88 1.48 9.49 13.72
CA THR A 88 0.19 10.15 13.83
C THR A 88 0.19 11.18 14.95
N HIS A 1 3.40 -11.62 -17.87
CA HIS A 1 2.90 -12.96 -18.24
C HIS A 1 2.13 -13.62 -17.10
N MET A 2 2.52 -13.29 -15.86
CA MET A 2 1.87 -13.84 -14.68
C MET A 2 1.86 -12.83 -13.53
N ALA A 3 2.81 -12.99 -12.61
CA ALA A 3 2.92 -12.09 -11.46
C ALA A 3 3.34 -10.69 -11.89
N PRO A 4 2.77 -9.64 -11.27
CA PRO A 4 3.10 -8.25 -11.59
C PRO A 4 4.38 -7.78 -10.91
N THR A 5 4.51 -6.47 -10.76
CA THR A 5 5.70 -5.89 -10.12
C THR A 5 5.36 -5.31 -8.76
N ALA A 6 6.34 -5.32 -7.86
CA ALA A 6 6.15 -4.80 -6.51
C ALA A 6 6.35 -3.28 -6.47
N PRO A 7 5.37 -2.55 -5.91
CA PRO A 7 5.45 -1.08 -5.80
C PRO A 7 6.80 -0.61 -5.26
N THR A 8 7.19 0.60 -5.61
CA THR A 8 8.46 1.16 -5.16
C THR A 8 8.36 2.66 -4.91
N ASN A 9 9.30 3.18 -4.12
CA ASN A 9 9.32 4.60 -3.79
C ASN A 9 8.04 5.04 -3.08
N LEU A 10 7.60 4.24 -2.11
CA LEU A 10 6.38 4.56 -1.36
C LEU A 10 6.59 5.80 -0.49
N ALA A 11 5.50 6.45 -0.12
CA ALA A 11 5.56 7.64 0.70
C ALA A 11 4.21 7.95 1.34
N SER A 12 4.15 9.06 2.07
CA SER A 12 2.92 9.49 2.72
C SER A 12 2.53 10.89 2.27
N THR A 13 1.25 11.23 2.39
CA THR A 13 0.76 12.54 1.99
C THR A 13 -0.13 13.15 3.06
N ALA A 14 -1.42 12.87 2.98
CA ALA A 14 -2.39 13.41 3.94
C ALA A 14 -2.51 12.50 5.15
N GLN A 15 -1.86 12.88 6.25
CA GLN A 15 -1.90 12.09 7.48
C GLN A 15 -2.57 12.87 8.60
N THR A 16 -3.85 12.57 8.84
CA THR A 16 -4.61 13.24 9.89
C THR A 16 -4.59 12.42 11.18
N THR A 17 -5.60 12.61 12.02
CA THR A 17 -5.69 11.90 13.28
C THR A 17 -6.59 10.66 13.18
N SER A 18 -6.81 10.20 11.95
CA SER A 18 -7.66 9.03 11.72
C SER A 18 -7.48 8.50 10.30
N SER A 19 -7.51 9.41 9.33
CA SER A 19 -7.35 9.03 7.92
C SER A 19 -5.94 9.31 7.44
N ILE A 20 -5.37 8.38 6.67
CA ILE A 20 -4.03 8.54 6.14
C ILE A 20 -3.99 8.18 4.66
N THR A 21 -3.21 8.95 3.89
CA THR A 21 -3.08 8.72 2.46
C THR A 21 -1.64 8.41 2.08
N LEU A 22 -1.46 7.35 1.30
CA LEU A 22 -0.14 6.94 0.86
C LEU A 22 -0.04 6.93 -0.66
N SER A 23 1.05 7.47 -1.19
CA SER A 23 1.26 7.51 -2.63
C SER A 23 2.52 6.75 -3.01
N TRP A 24 2.45 6.02 -4.13
CA TRP A 24 3.59 5.24 -4.60
C TRP A 24 3.55 5.07 -6.11
N THR A 25 4.64 4.55 -6.67
CA THR A 25 4.72 4.33 -8.11
C THR A 25 4.10 2.99 -8.49
N ALA A 26 3.03 3.04 -9.26
CA ALA A 26 2.33 1.83 -9.69
C ALA A 26 3.30 0.83 -10.31
N SER A 27 2.94 -0.45 -10.24
CA SER A 27 3.78 -1.51 -10.79
C SER A 27 4.14 -1.21 -12.25
N THR A 28 5.37 -1.54 -12.62
CA THR A 28 5.85 -1.30 -13.98
C THR A 28 4.99 -2.04 -15.00
N ASP A 29 4.19 -2.99 -14.52
CA ASP A 29 3.32 -3.77 -15.39
C ASP A 29 1.85 -3.46 -15.12
N ASN A 30 1.01 -3.65 -16.13
CA ASN A 30 -0.42 -3.39 -16.01
C ASN A 30 -1.20 -4.27 -16.98
N VAL A 31 -2.43 -3.85 -17.31
CA VAL A 31 -3.29 -4.58 -18.23
C VAL A 31 -3.82 -5.87 -17.58
N GLY A 32 -3.11 -6.36 -16.56
CA GLY A 32 -3.53 -7.57 -15.88
C GLY A 32 -3.69 -7.35 -14.39
N VAL A 33 -3.04 -6.30 -13.88
CA VAL A 33 -3.10 -5.97 -12.46
C VAL A 33 -4.48 -5.45 -12.09
N THR A 34 -4.96 -5.83 -10.91
CA THR A 34 -6.28 -5.41 -10.45
C THR A 34 -6.19 -4.27 -9.43
N GLY A 35 -5.65 -4.58 -8.25
CA GLY A 35 -5.54 -3.56 -7.21
C GLY A 35 -4.29 -3.72 -6.37
N TYR A 36 -4.16 -2.87 -5.36
CA TYR A 36 -3.01 -2.89 -4.47
C TYR A 36 -3.43 -3.10 -3.02
N ASP A 37 -2.84 -4.10 -2.38
CA ASP A 37 -3.15 -4.41 -0.98
C ASP A 37 -2.07 -3.87 -0.06
N VAL A 38 -2.44 -2.95 0.82
CA VAL A 38 -1.49 -2.36 1.75
C VAL A 38 -1.58 -3.02 3.12
N TYR A 39 -0.43 -3.33 3.69
CA TYR A 39 -0.36 -3.97 5.00
C TYR A 39 0.02 -2.95 6.08
N ASN A 40 -0.44 -3.21 7.30
CA ASN A 40 -0.16 -2.33 8.42
C ASN A 40 0.41 -3.14 9.59
N GLY A 41 1.75 -3.20 9.65
CA GLY A 41 2.39 -3.96 10.71
C GLY A 41 1.83 -5.36 10.83
N THR A 42 2.17 -6.21 9.87
CA THR A 42 1.69 -7.60 9.85
C THR A 42 0.18 -7.65 10.03
N ALA A 43 -0.51 -6.69 9.44
CA ALA A 43 -1.96 -6.60 9.52
C ALA A 43 -2.52 -5.74 8.39
N LEU A 44 -2.92 -6.39 7.30
CA LEU A 44 -3.46 -5.69 6.13
C LEU A 44 -4.48 -4.63 6.54
N ALA A 45 -4.30 -3.41 6.01
CA ALA A 45 -5.20 -2.30 6.32
C ALA A 45 -6.24 -2.13 5.22
N THR A 46 -6.05 -1.13 4.36
CA THR A 46 -7.00 -0.87 3.29
C THR A 46 -6.62 -1.63 2.01
N THR A 47 -7.53 -1.57 1.03
CA THR A 47 -7.31 -2.24 -0.25
C THR A 47 -7.76 -1.33 -1.39
N VAL A 48 -6.79 -0.76 -2.10
CA VAL A 48 -7.08 0.15 -3.20
C VAL A 48 -6.81 -0.52 -4.55
N THR A 49 -6.78 0.29 -5.61
CA THR A 49 -6.54 -0.21 -6.96
C THR A 49 -5.70 0.77 -7.76
N GLY A 50 -5.34 1.90 -7.13
CA GLY A 50 -4.54 2.91 -7.80
C GLY A 50 -3.19 3.10 -7.16
N THR A 51 -2.72 4.35 -7.13
CA THR A 51 -1.43 4.66 -6.53
C THR A 51 -1.59 5.31 -5.17
N THR A 52 -2.82 5.36 -4.68
CA THR A 52 -3.12 5.95 -3.38
C THR A 52 -3.88 4.98 -2.49
N ALA A 53 -3.54 4.99 -1.20
CA ALA A 53 -4.20 4.11 -0.23
C ALA A 53 -4.72 4.91 0.96
N THR A 54 -6.04 4.88 1.14
CA THR A 54 -6.67 5.60 2.24
C THR A 54 -7.08 4.66 3.36
N ILE A 55 -6.52 4.86 4.55
CA ILE A 55 -6.82 4.03 5.71
C ILE A 55 -7.59 4.81 6.76
N SER A 56 -8.70 4.24 7.22
CA SER A 56 -9.53 4.89 8.23
C SER A 56 -9.59 4.05 9.51
N GLY A 57 -9.58 4.72 10.65
CA GLY A 57 -9.62 4.02 11.93
C GLY A 57 -8.25 3.86 12.55
N LEU A 58 -7.63 4.98 12.90
CA LEU A 58 -6.31 4.96 13.51
C LEU A 58 -6.27 5.82 14.76
N ALA A 59 -5.31 5.56 15.64
CA ALA A 59 -5.17 6.32 16.87
C ALA A 59 -3.92 7.19 16.84
N ALA A 60 -4.04 8.41 17.34
CA ALA A 60 -2.92 9.35 17.38
C ALA A 60 -1.89 8.93 18.41
N ASP A 61 -0.75 9.62 18.41
CA ASP A 61 0.33 9.33 19.35
C ASP A 61 0.78 7.87 19.23
N THR A 62 0.75 7.34 18.02
CA THR A 62 1.16 5.96 17.79
C THR A 62 1.95 5.82 16.48
N SER A 63 2.97 4.97 16.51
CA SER A 63 3.81 4.74 15.34
C SER A 63 3.22 3.64 14.47
N TYR A 64 3.09 3.91 13.18
CA TYR A 64 2.53 2.93 12.25
C TYR A 64 3.42 2.76 11.01
N THR A 65 3.52 1.52 10.53
CA THR A 65 4.32 1.21 9.35
C THR A 65 3.45 0.60 8.27
N PHE A 66 3.59 1.08 7.04
CA PHE A 66 2.78 0.58 5.94
C PHE A 66 3.65 0.03 4.81
N THR A 67 3.05 -0.86 4.01
CA THR A 67 3.72 -1.47 2.88
C THR A 67 2.69 -1.85 1.82
N VAL A 68 2.94 -1.50 0.57
CA VAL A 68 2.00 -1.81 -0.50
C VAL A 68 2.40 -3.05 -1.28
N LYS A 69 1.41 -3.71 -1.85
CA LYS A 69 1.63 -4.93 -2.63
C LYS A 69 0.73 -4.94 -3.86
N ALA A 70 1.25 -5.46 -4.97
CA ALA A 70 0.49 -5.52 -6.21
C ALA A 70 -0.03 -6.93 -6.50
N LYS A 71 -1.35 -7.07 -6.52
CA LYS A 71 -1.99 -8.35 -6.78
C LYS A 71 -2.63 -8.36 -8.15
N ASP A 72 -2.68 -9.52 -8.79
CA ASP A 72 -3.28 -9.66 -10.11
C ASP A 72 -4.67 -10.29 -10.02
N ALA A 73 -5.47 -10.10 -11.06
CA ALA A 73 -6.82 -10.65 -11.09
C ALA A 73 -6.82 -12.12 -11.50
N ALA A 74 -5.99 -12.91 -10.85
CA ALA A 74 -5.89 -14.34 -11.15
C ALA A 74 -5.36 -15.11 -9.95
N GLY A 75 -4.45 -14.49 -9.21
CA GLY A 75 -3.88 -15.13 -8.03
C GLY A 75 -2.36 -15.02 -8.00
N ASN A 76 -1.85 -13.86 -8.39
CA ASN A 76 -0.40 -13.62 -8.40
C ASN A 76 -0.07 -12.25 -7.82
N VAL A 77 0.66 -12.25 -6.71
CA VAL A 77 1.05 -11.01 -6.06
C VAL A 77 2.56 -10.84 -6.07
N SER A 78 3.02 -9.59 -6.17
CA SER A 78 4.45 -9.31 -6.19
C SER A 78 4.99 -9.16 -4.77
N ALA A 79 6.20 -8.63 -4.66
CA ALA A 79 6.82 -8.43 -3.35
C ALA A 79 6.24 -7.21 -2.64
N ALA A 80 6.76 -6.94 -1.45
CA ALA A 80 6.30 -5.80 -0.66
C ALA A 80 7.12 -4.55 -0.98
N SER A 81 6.45 -3.40 -0.96
CA SER A 81 7.11 -2.13 -1.26
C SER A 81 7.96 -1.67 -0.07
N ASN A 82 8.52 -0.48 -0.17
CA ASN A 82 9.36 0.07 0.89
C ASN A 82 8.54 0.31 2.15
N ALA A 83 9.19 0.21 3.31
CA ALA A 83 8.53 0.42 4.59
C ALA A 83 8.46 1.90 4.94
N VAL A 84 7.25 2.37 5.26
CA VAL A 84 7.05 3.77 5.63
C VAL A 84 6.69 3.91 7.10
N SER A 85 7.64 4.36 7.90
CA SER A 85 7.43 4.53 9.34
C SER A 85 6.88 5.91 9.65
N VAL A 86 5.55 6.03 9.67
CA VAL A 86 4.90 7.31 9.95
C VAL A 86 4.44 7.39 11.40
N LYS A 87 3.99 8.56 11.81
CA LYS A 87 3.52 8.78 13.18
C LYS A 87 2.33 9.73 13.20
N THR A 88 1.25 9.33 13.85
CA THR A 88 0.05 10.14 13.95
C THR A 88 0.14 11.12 15.12
N HIS A 1 5.93 -18.13 -11.84
CA HIS A 1 6.05 -16.77 -11.24
C HIS A 1 5.32 -15.74 -12.09
N MET A 2 4.01 -15.92 -12.25
CA MET A 2 3.20 -15.01 -13.04
C MET A 2 2.82 -13.77 -12.23
N ALA A 3 3.35 -13.69 -11.01
CA ALA A 3 3.06 -12.57 -10.13
C ALA A 3 3.50 -11.25 -10.77
N PRO A 4 2.83 -10.13 -10.41
CA PRO A 4 3.15 -8.81 -10.95
C PRO A 4 4.46 -8.25 -10.40
N THR A 5 4.57 -6.93 -10.35
CA THR A 5 5.76 -6.28 -9.83
C THR A 5 5.47 -5.52 -8.54
N ALA A 6 6.26 -5.79 -7.51
CA ALA A 6 6.09 -5.13 -6.22
C ALA A 6 6.29 -3.63 -6.34
N PRO A 7 5.36 -2.84 -5.77
CA PRO A 7 5.43 -1.37 -5.81
C PRO A 7 6.81 -0.85 -5.47
N THR A 8 7.11 0.38 -5.86
CA THR A 8 8.41 0.97 -5.61
C THR A 8 8.31 2.40 -5.08
N ASN A 9 9.12 2.70 -4.08
CA ASN A 9 9.16 4.04 -3.49
C ASN A 9 7.79 4.47 -2.95
N LEU A 10 7.48 4.04 -1.73
CA LEU A 10 6.21 4.40 -1.10
C LEU A 10 6.38 5.70 -0.30
N ALA A 11 5.28 6.37 -0.02
CA ALA A 11 5.34 7.63 0.74
C ALA A 11 3.98 7.99 1.33
N SER A 12 4.00 8.91 2.28
CA SER A 12 2.79 9.37 2.95
C SER A 12 2.49 10.82 2.55
N THR A 13 1.21 11.12 2.30
CA THR A 13 0.82 12.47 1.92
C THR A 13 -0.11 13.10 2.94
N ALA A 14 -1.41 12.90 2.77
CA ALA A 14 -2.40 13.47 3.68
C ALA A 14 -2.71 12.52 4.83
N GLN A 15 -2.15 12.82 6.00
CA GLN A 15 -2.37 11.99 7.18
C GLN A 15 -3.06 12.80 8.28
N THR A 16 -3.94 12.14 9.02
CA THR A 16 -4.67 12.79 10.10
C THR A 16 -4.58 11.97 11.39
N THR A 17 -5.52 12.20 12.29
CA THR A 17 -5.54 11.50 13.57
C THR A 17 -6.36 10.21 13.49
N SER A 18 -6.88 9.91 12.30
CA SER A 18 -7.68 8.71 12.10
C SER A 18 -7.41 8.08 10.73
N SER A 19 -7.47 8.91 9.69
CA SER A 19 -7.23 8.44 8.34
C SER A 19 -5.83 8.80 7.87
N ILE A 20 -5.40 8.21 6.76
CA ILE A 20 -4.08 8.48 6.21
C ILE A 20 -4.03 8.18 4.71
N THR A 21 -3.23 8.94 3.99
CA THR A 21 -3.09 8.76 2.55
C THR A 21 -1.70 8.20 2.21
N LEU A 22 -1.66 7.31 1.22
CA LEU A 22 -0.41 6.70 0.80
C LEU A 22 -0.27 6.73 -0.72
N SER A 23 0.92 7.14 -1.18
CA SER A 23 1.19 7.21 -2.62
C SER A 23 2.46 6.46 -2.96
N TRP A 24 2.45 5.74 -4.07
CA TRP A 24 3.60 4.97 -4.50
C TRP A 24 3.61 4.77 -6.01
N THR A 25 4.71 4.27 -6.54
CA THR A 25 4.85 4.03 -7.97
C THR A 25 4.20 2.71 -8.38
N ALA A 26 3.50 2.74 -9.52
CA ALA A 26 2.82 1.55 -10.02
C ALA A 26 3.82 0.51 -10.50
N SER A 27 3.32 -0.68 -10.83
CA SER A 27 4.16 -1.76 -11.31
C SER A 27 4.63 -1.50 -12.73
N THR A 28 5.43 -2.42 -13.27
CA THR A 28 5.94 -2.28 -14.63
C THR A 28 5.31 -3.30 -15.57
N ASP A 29 4.60 -4.27 -15.00
CA ASP A 29 3.94 -5.30 -15.79
C ASP A 29 2.66 -4.78 -16.42
N ASN A 30 1.70 -4.42 -15.58
CA ASN A 30 0.42 -3.90 -16.05
C ASN A 30 -0.26 -4.90 -16.99
N VAL A 31 -1.22 -4.43 -17.79
CA VAL A 31 -1.93 -5.28 -18.72
C VAL A 31 -2.50 -6.50 -18.01
N GLY A 32 -2.74 -6.36 -16.71
CA GLY A 32 -3.28 -7.44 -15.91
C GLY A 32 -3.49 -7.05 -14.47
N VAL A 33 -2.64 -6.13 -13.99
CA VAL A 33 -2.74 -5.65 -12.62
C VAL A 33 -4.02 -4.86 -12.41
N THR A 34 -4.67 -5.07 -11.27
CA THR A 34 -5.91 -4.37 -10.97
C THR A 34 -5.71 -3.31 -9.89
N GLY A 35 -5.38 -3.75 -8.68
CA GLY A 35 -5.19 -2.80 -7.60
C GLY A 35 -3.96 -3.11 -6.75
N TYR A 36 -3.90 -2.49 -5.57
CA TYR A 36 -2.78 -2.69 -4.66
C TYR A 36 -3.28 -2.89 -3.23
N ASP A 37 -2.65 -3.82 -2.53
CA ASP A 37 -3.02 -4.11 -1.14
C ASP A 37 -1.92 -3.62 -0.19
N VAL A 38 -2.28 -2.69 0.70
CA VAL A 38 -1.32 -2.16 1.65
C VAL A 38 -1.45 -2.83 3.01
N TYR A 39 -0.31 -3.15 3.62
CA TYR A 39 -0.30 -3.81 4.92
C TYR A 39 0.06 -2.84 6.05
N ASN A 40 -0.50 -3.10 7.23
CA ASN A 40 -0.25 -2.26 8.39
C ASN A 40 0.60 -3.03 9.41
N GLY A 41 1.92 -3.00 9.21
CA GLY A 41 2.81 -3.69 10.12
C GLY A 41 3.01 -5.15 9.73
N THR A 42 2.03 -5.99 10.06
CA THR A 42 2.11 -7.41 9.75
C THR A 42 0.74 -7.96 9.33
N ALA A 43 -0.20 -7.05 9.08
CA ALA A 43 -1.55 -7.42 8.68
C ALA A 43 -1.98 -6.59 7.47
N LEU A 44 -3.15 -6.90 6.93
CA LEU A 44 -3.66 -6.17 5.77
C LEU A 44 -4.50 -4.98 6.22
N ALA A 45 -4.27 -3.82 5.62
CA ALA A 45 -5.00 -2.62 5.96
C ALA A 45 -6.09 -2.34 4.92
N THR A 46 -5.90 -1.31 4.12
CA THR A 46 -6.88 -0.96 3.09
C THR A 46 -6.57 -1.63 1.76
N THR A 47 -7.50 -1.50 0.82
CA THR A 47 -7.36 -2.07 -0.51
C THR A 47 -7.74 -1.04 -1.57
N VAL A 48 -6.82 -0.78 -2.50
CA VAL A 48 -7.05 0.20 -3.54
C VAL A 48 -6.95 -0.40 -4.94
N THR A 49 -7.25 0.41 -5.94
CA THR A 49 -7.20 -0.03 -7.33
C THR A 49 -6.46 0.98 -8.19
N GLY A 50 -6.28 2.18 -7.65
CA GLY A 50 -5.58 3.23 -8.38
C GLY A 50 -4.11 3.31 -8.03
N THR A 51 -3.73 4.38 -7.32
CA THR A 51 -2.34 4.57 -6.92
C THR A 51 -2.23 4.99 -5.46
N THR A 52 -3.26 5.67 -4.96
CA THR A 52 -3.27 6.13 -3.57
C THR A 52 -3.86 5.07 -2.65
N ALA A 53 -3.98 5.40 -1.37
CA ALA A 53 -4.53 4.48 -0.37
C ALA A 53 -4.98 5.24 0.87
N THR A 54 -6.19 4.92 1.34
CA THR A 54 -6.74 5.57 2.52
C THR A 54 -7.01 4.56 3.63
N ILE A 55 -6.22 4.62 4.69
CA ILE A 55 -6.37 3.71 5.83
C ILE A 55 -7.06 4.41 7.00
N SER A 56 -8.17 3.83 7.45
CA SER A 56 -8.92 4.39 8.57
C SER A 56 -8.76 3.54 9.82
N GLY A 57 -9.19 4.08 10.96
CA GLY A 57 -9.10 3.35 12.21
C GLY A 57 -7.72 3.41 12.82
N LEU A 58 -7.19 4.63 12.96
CA LEU A 58 -5.86 4.82 13.54
C LEU A 58 -5.93 5.63 14.82
N ALA A 59 -4.84 5.63 15.58
CA ALA A 59 -4.78 6.37 16.84
C ALA A 59 -3.55 7.27 16.87
N ALA A 60 -3.75 8.54 17.25
CA ALA A 60 -2.66 9.50 17.32
C ALA A 60 -1.70 9.16 18.45
N ASP A 61 -0.62 9.93 18.56
CA ASP A 61 0.39 9.71 19.59
C ASP A 61 1.00 8.33 19.48
N THR A 62 0.92 7.73 18.29
CA THR A 62 1.46 6.41 18.06
C THR A 62 2.12 6.31 16.69
N SER A 63 3.11 5.44 16.57
CA SER A 63 3.83 5.24 15.31
C SER A 63 3.18 4.11 14.51
N TYR A 64 3.20 4.24 13.20
CA TYR A 64 2.60 3.22 12.34
C TYR A 64 3.45 2.96 11.09
N THR A 65 3.75 1.69 10.85
CA THR A 65 4.53 1.29 9.68
C THR A 65 3.61 0.69 8.62
N PHE A 66 3.80 1.09 7.37
CA PHE A 66 2.96 0.59 6.29
C PHE A 66 3.79 0.05 5.12
N THR A 67 3.12 -0.72 4.27
CA THR A 67 3.73 -1.32 3.10
C THR A 67 2.71 -1.43 1.97
N VAL A 68 3.18 -1.65 0.74
CA VAL A 68 2.29 -1.77 -0.40
C VAL A 68 2.66 -2.95 -1.28
N LYS A 69 1.64 -3.63 -1.81
CA LYS A 69 1.85 -4.78 -2.67
C LYS A 69 1.01 -4.66 -3.95
N ALA A 70 1.36 -5.44 -4.95
CA ALA A 70 0.65 -5.43 -6.23
C ALA A 70 -0.09 -6.74 -6.46
N LYS A 71 -1.36 -6.65 -6.85
CA LYS A 71 -2.16 -7.83 -7.11
C LYS A 71 -2.74 -7.80 -8.52
N ASP A 72 -3.03 -8.99 -9.06
CA ASP A 72 -3.58 -9.10 -10.40
C ASP A 72 -4.99 -9.68 -10.36
N ALA A 73 -5.59 -9.84 -11.54
CA ALA A 73 -6.94 -10.38 -11.64
C ALA A 73 -6.92 -11.90 -11.63
N ALA A 74 -5.73 -12.48 -11.62
CA ALA A 74 -5.58 -13.92 -11.60
C ALA A 74 -5.29 -14.43 -10.20
N GLY A 75 -5.22 -13.52 -9.24
CA GLY A 75 -4.96 -13.89 -7.86
C GLY A 75 -3.48 -14.04 -7.57
N ASN A 76 -2.67 -13.19 -8.21
CA ASN A 76 -1.23 -13.24 -8.01
C ASN A 76 -0.72 -11.94 -7.37
N VAL A 77 0.11 -12.08 -6.34
CA VAL A 77 0.66 -10.91 -5.66
C VAL A 77 2.18 -10.91 -5.73
N SER A 78 2.76 -9.72 -5.79
CA SER A 78 4.21 -9.57 -5.85
C SER A 78 4.82 -9.49 -4.45
N ALA A 79 5.96 -8.81 -4.34
CA ALA A 79 6.62 -8.65 -3.06
C ALA A 79 6.14 -7.39 -2.34
N ALA A 80 6.60 -7.20 -1.11
CA ALA A 80 6.22 -6.03 -0.32
C ALA A 80 7.19 -4.88 -0.54
N SER A 81 6.65 -3.71 -0.82
CA SER A 81 7.46 -2.52 -1.04
C SER A 81 8.16 -2.08 0.24
N ASN A 82 8.92 -0.99 0.15
CA ASN A 82 9.64 -0.46 1.30
C ASN A 82 8.66 -0.05 2.40
N ALA A 83 9.12 -0.15 3.65
CA ALA A 83 8.30 0.21 4.80
C ALA A 83 8.45 1.68 5.16
N VAL A 84 7.33 2.39 5.20
CA VAL A 84 7.34 3.81 5.54
C VAL A 84 6.90 4.03 6.99
N SER A 85 7.40 5.09 7.61
CA SER A 85 7.06 5.40 8.99
C SER A 85 6.29 6.71 9.08
N VAL A 86 5.12 6.66 9.71
CA VAL A 86 4.28 7.84 9.88
C VAL A 86 3.90 8.04 11.35
N LYS A 87 4.02 9.28 11.80
CA LYS A 87 3.69 9.61 13.19
C LYS A 87 2.35 10.34 13.28
N THR A 88 1.36 9.67 13.86
CA THR A 88 0.03 10.25 14.01
C THR A 88 -0.07 11.10 15.28
N HIS A 1 4.17 -13.41 -18.45
CA HIS A 1 3.47 -12.46 -17.55
C HIS A 1 3.85 -12.71 -16.09
N MET A 2 3.40 -13.84 -15.55
CA MET A 2 3.69 -14.20 -14.16
C MET A 2 3.26 -13.10 -13.21
N ALA A 3 3.82 -13.12 -12.00
CA ALA A 3 3.50 -12.11 -10.99
C ALA A 3 3.89 -10.71 -11.47
N PRO A 4 3.17 -9.68 -11.00
CA PRO A 4 3.45 -8.28 -11.38
C PRO A 4 4.75 -7.77 -10.76
N THR A 5 4.82 -6.46 -10.56
CA THR A 5 6.01 -5.85 -9.97
C THR A 5 5.68 -5.20 -8.63
N ALA A 6 6.43 -5.58 -7.60
CA ALA A 6 6.22 -5.04 -6.26
C ALA A 6 6.40 -3.52 -6.26
N PRO A 7 5.38 -2.77 -5.79
CA PRO A 7 5.43 -1.31 -5.73
C PRO A 7 6.74 -0.81 -5.14
N THR A 8 7.23 0.32 -5.66
CA THR A 8 8.48 0.89 -5.18
C THR A 8 8.35 2.38 -4.92
N ASN A 9 9.20 2.90 -4.04
CA ASN A 9 9.19 4.31 -3.69
C ASN A 9 7.84 4.73 -3.12
N LEU A 10 7.49 4.18 -1.97
CA LEU A 10 6.22 4.52 -1.32
C LEU A 10 6.41 5.72 -0.41
N ALA A 11 5.31 6.43 -0.13
CA ALA A 11 5.36 7.60 0.73
C ALA A 11 3.99 7.97 1.27
N SER A 12 3.95 8.92 2.19
CA SER A 12 2.71 9.38 2.79
C SER A 12 2.48 10.86 2.48
N THR A 13 1.30 11.18 1.97
CA THR A 13 0.97 12.56 1.62
C THR A 13 0.12 13.22 2.71
N ALA A 14 -1.19 13.06 2.62
CA ALA A 14 -2.10 13.65 3.58
C ALA A 14 -2.35 12.71 4.76
N GLN A 15 -1.62 12.92 5.85
CA GLN A 15 -1.75 12.10 7.04
C GLN A 15 -2.34 12.91 8.19
N THR A 16 -3.29 12.31 8.90
CA THR A 16 -3.93 12.98 10.03
C THR A 16 -3.95 12.07 11.27
N THR A 17 -4.80 12.40 12.22
CA THR A 17 -4.92 11.61 13.45
C THR A 17 -5.99 10.53 13.32
N SER A 18 -6.54 10.37 12.12
CA SER A 18 -7.56 9.36 11.89
C SER A 18 -7.32 8.60 10.59
N SER A 19 -7.21 9.34 9.49
CA SER A 19 -6.96 8.73 8.19
C SER A 19 -5.61 9.14 7.64
N ILE A 20 -5.08 8.33 6.72
CA ILE A 20 -3.78 8.60 6.12
C ILE A 20 -3.78 8.25 4.64
N THR A 21 -3.20 9.13 3.83
CA THR A 21 -3.10 8.92 2.39
C THR A 21 -1.74 8.38 2.01
N LEU A 22 -1.71 7.30 1.24
CA LEU A 22 -0.46 6.69 0.81
C LEU A 22 -0.34 6.69 -0.70
N SER A 23 0.83 7.11 -1.19
CA SER A 23 1.08 7.16 -2.64
C SER A 23 2.34 6.37 -2.98
N TRP A 24 2.36 5.76 -4.15
CA TRP A 24 3.51 4.96 -4.58
C TRP A 24 3.54 4.78 -6.09
N THR A 25 4.64 4.26 -6.60
CA THR A 25 4.80 4.02 -8.03
C THR A 25 4.08 2.76 -8.47
N ALA A 26 3.33 2.87 -9.56
CA ALA A 26 2.58 1.74 -10.11
C ALA A 26 3.52 0.71 -10.73
N SER A 27 2.95 -0.42 -11.15
CA SER A 27 3.73 -1.49 -11.76
C SER A 27 3.96 -1.21 -13.24
N THR A 28 5.09 -1.68 -13.76
CA THR A 28 5.42 -1.49 -15.16
C THR A 28 4.61 -2.41 -16.06
N ASP A 29 3.87 -3.33 -15.44
CA ASP A 29 3.04 -4.27 -16.18
C ASP A 29 1.59 -4.21 -15.71
N ASN A 30 0.94 -3.09 -15.98
CA ASN A 30 -0.46 -2.90 -15.59
C ASN A 30 -1.41 -3.65 -16.51
N VAL A 31 -0.83 -4.40 -17.45
CA VAL A 31 -1.61 -5.16 -18.41
C VAL A 31 -2.31 -6.34 -17.73
N GLY A 32 -1.89 -6.64 -16.50
CA GLY A 32 -2.47 -7.74 -15.76
C GLY A 32 -2.92 -7.34 -14.37
N VAL A 33 -2.20 -6.39 -13.77
CA VAL A 33 -2.52 -5.92 -12.42
C VAL A 33 -3.91 -5.31 -12.38
N THR A 34 -4.57 -5.40 -11.22
CA THR A 34 -5.91 -4.87 -11.06
C THR A 34 -5.97 -3.87 -9.89
N GLY A 35 -5.47 -4.28 -8.74
CA GLY A 35 -5.49 -3.41 -7.58
C GLY A 35 -4.28 -3.62 -6.67
N TYR A 36 -4.18 -2.78 -5.63
CA TYR A 36 -3.08 -2.87 -4.69
C TYR A 36 -3.59 -3.08 -3.26
N ASP A 37 -2.74 -3.62 -2.40
CA ASP A 37 -3.10 -3.87 -1.00
C ASP A 37 -1.96 -3.47 -0.08
N VAL A 38 -2.24 -2.55 0.84
CA VAL A 38 -1.23 -2.08 1.78
C VAL A 38 -1.43 -2.74 3.15
N TYR A 39 -0.32 -3.16 3.76
CA TYR A 39 -0.37 -3.83 5.06
C TYR A 39 0.08 -2.90 6.19
N ASN A 40 -0.50 -3.10 7.36
CA ASN A 40 -0.16 -2.30 8.53
C ASN A 40 0.81 -3.07 9.43
N GLY A 41 2.09 -2.99 9.10
CA GLY A 41 3.10 -3.69 9.88
C GLY A 41 3.32 -5.11 9.38
N THR A 42 2.28 -5.93 9.45
CA THR A 42 2.35 -7.31 8.99
C THR A 42 0.98 -7.82 8.55
N ALA A 43 -0.06 -7.16 9.03
CA ALA A 43 -1.43 -7.52 8.70
C ALA A 43 -1.96 -6.69 7.54
N LEU A 44 -3.05 -7.14 6.91
CA LEU A 44 -3.64 -6.41 5.80
C LEU A 44 -4.49 -5.25 6.31
N ALA A 45 -4.11 -4.03 5.94
CA ALA A 45 -4.84 -2.84 6.36
C ALA A 45 -5.93 -2.49 5.36
N THR A 46 -5.71 -1.43 4.59
CA THR A 46 -6.69 -1.00 3.59
C THR A 46 -6.42 -1.65 2.24
N THR A 47 -7.39 -1.52 1.34
CA THR A 47 -7.28 -2.09 0.00
C THR A 47 -7.71 -1.06 -1.03
N VAL A 48 -6.88 -0.87 -2.04
CA VAL A 48 -7.17 0.11 -3.09
C VAL A 48 -6.98 -0.49 -4.48
N THR A 49 -7.20 0.33 -5.50
CA THR A 49 -7.04 -0.11 -6.88
C THR A 49 -6.29 0.94 -7.70
N GLY A 50 -6.22 2.16 -7.18
CA GLY A 50 -5.53 3.23 -7.87
C GLY A 50 -4.08 3.38 -7.42
N THR A 51 -3.65 4.63 -7.27
CA THR A 51 -2.28 4.91 -6.85
C THR A 51 -2.25 5.55 -5.47
N THR A 52 -3.36 5.43 -4.74
CA THR A 52 -3.47 6.00 -3.41
C THR A 52 -4.08 5.00 -2.43
N ALA A 53 -4.04 5.33 -1.14
CA ALA A 53 -4.58 4.46 -0.10
C ALA A 53 -5.13 5.29 1.06
N THR A 54 -6.25 4.85 1.62
CA THR A 54 -6.86 5.56 2.75
C THR A 54 -7.11 4.63 3.93
N ILE A 55 -6.40 4.86 5.02
CA ILE A 55 -6.53 4.05 6.22
C ILE A 55 -7.19 4.85 7.34
N SER A 56 -8.44 4.51 7.65
CA SER A 56 -9.18 5.20 8.71
C SER A 56 -9.25 4.35 9.97
N GLY A 57 -9.66 4.97 11.07
CA GLY A 57 -9.75 4.26 12.33
C GLY A 57 -8.42 4.16 13.05
N LEU A 58 -7.58 5.17 12.88
CA LEU A 58 -6.28 5.20 13.51
C LEU A 58 -6.33 5.92 14.85
N ALA A 59 -5.26 5.77 15.64
CA ALA A 59 -5.18 6.40 16.95
C ALA A 59 -4.03 7.42 16.98
N ALA A 60 -4.21 8.48 17.75
CA ALA A 60 -3.19 9.53 17.87
C ALA A 60 -2.07 9.10 18.80
N ASP A 61 -0.93 9.80 18.70
CA ASP A 61 0.23 9.51 19.54
C ASP A 61 0.69 8.06 19.36
N THR A 62 0.63 7.56 18.14
CA THR A 62 1.05 6.20 17.85
C THR A 62 1.80 6.11 16.52
N SER A 63 2.77 5.20 16.45
CA SER A 63 3.55 5.01 15.22
C SER A 63 3.01 3.83 14.42
N TYR A 64 3.05 3.96 13.09
CA TYR A 64 2.55 2.91 12.21
C TYR A 64 3.48 2.67 11.03
N THR A 65 3.44 1.45 10.50
CA THR A 65 4.26 1.08 9.35
C THR A 65 3.38 0.51 8.25
N PHE A 66 3.67 0.88 6.99
CA PHE A 66 2.87 0.41 5.87
C PHE A 66 3.73 -0.11 4.73
N THR A 67 3.16 -1.05 3.96
CA THR A 67 3.82 -1.65 2.82
C THR A 67 2.80 -1.98 1.74
N VAL A 68 3.04 -1.53 0.51
CA VAL A 68 2.10 -1.78 -0.58
C VAL A 68 2.52 -2.95 -1.46
N LYS A 69 1.53 -3.65 -2.00
CA LYS A 69 1.77 -4.81 -2.86
C LYS A 69 0.90 -4.72 -4.11
N ALA A 70 1.17 -5.59 -5.08
CA ALA A 70 0.40 -5.60 -6.33
C ALA A 70 -0.11 -6.99 -6.64
N LYS A 71 -1.41 -7.08 -6.96
CA LYS A 71 -2.03 -8.35 -7.29
C LYS A 71 -2.63 -8.31 -8.69
N ASP A 72 -2.61 -9.45 -9.38
CA ASP A 72 -3.16 -9.54 -10.73
C ASP A 72 -4.53 -10.20 -10.72
N ALA A 73 -5.19 -10.19 -11.88
CA ALA A 73 -6.51 -10.78 -12.02
C ALA A 73 -6.42 -12.27 -12.35
N ALA A 74 -5.47 -12.95 -11.71
CA ALA A 74 -5.27 -14.38 -11.94
C ALA A 74 -4.98 -15.11 -10.64
N GLY A 75 -4.15 -14.49 -9.79
CA GLY A 75 -3.80 -15.10 -8.53
C GLY A 75 -2.36 -14.87 -8.15
N ASN A 76 -1.58 -14.32 -9.08
CA ASN A 76 -0.17 -14.05 -8.84
C ASN A 76 0.02 -12.71 -8.12
N VAL A 77 0.91 -12.70 -7.14
CA VAL A 77 1.19 -11.49 -6.38
C VAL A 77 2.68 -11.22 -6.31
N SER A 78 3.04 -9.94 -6.25
CA SER A 78 4.44 -9.54 -6.19
C SER A 78 4.92 -9.47 -4.75
N ALA A 79 6.06 -8.81 -4.54
CA ALA A 79 6.62 -8.67 -3.19
C ALA A 79 6.10 -7.40 -2.52
N ALA A 80 6.51 -7.19 -1.28
CA ALA A 80 6.09 -6.02 -0.51
C ALA A 80 6.99 -4.83 -0.81
N SER A 81 6.42 -3.63 -0.74
CA SER A 81 7.18 -2.41 -1.00
C SER A 81 7.95 -1.97 0.24
N ASN A 82 8.61 -0.82 0.15
CA ASN A 82 9.38 -0.29 1.26
C ASN A 82 8.49 0.00 2.45
N ALA A 83 9.10 0.10 3.63
CA ALA A 83 8.34 0.37 4.85
C ALA A 83 8.31 1.86 5.16
N VAL A 84 7.12 2.38 5.46
CA VAL A 84 6.96 3.79 5.78
C VAL A 84 6.49 3.97 7.22
N SER A 85 7.11 4.90 7.92
CA SER A 85 6.76 5.17 9.32
C SER A 85 5.96 6.47 9.43
N VAL A 86 4.84 6.40 10.13
CA VAL A 86 3.99 7.58 10.31
C VAL A 86 3.90 7.96 11.79
N LYS A 87 3.70 9.25 12.05
CA LYS A 87 3.59 9.74 13.41
C LYS A 87 2.27 10.46 13.62
N THR A 88 1.24 9.72 14.01
CA THR A 88 -0.08 10.29 14.25
C THR A 88 -0.16 10.93 15.63
N HIS A 1 3.01 -12.14 -17.02
CA HIS A 1 4.03 -13.16 -16.66
C HIS A 1 4.08 -13.36 -15.15
N MET A 2 3.39 -14.39 -14.67
CA MET A 2 3.37 -14.70 -13.25
C MET A 2 2.91 -13.49 -12.43
N ALA A 3 3.37 -13.42 -11.18
CA ALA A 3 3.01 -12.30 -10.31
C ALA A 3 3.47 -10.97 -10.90
N PRO A 4 2.72 -9.88 -10.65
CA PRO A 4 3.06 -8.56 -11.18
C PRO A 4 4.25 -7.94 -10.46
N THR A 5 4.61 -6.72 -10.86
CA THR A 5 5.73 -6.02 -10.26
C THR A 5 5.36 -5.48 -8.88
N ALA A 6 6.37 -5.29 -8.03
CA ALA A 6 6.15 -4.78 -6.68
C ALA A 6 6.27 -3.26 -6.64
N PRO A 7 5.29 -2.57 -6.05
CA PRO A 7 5.30 -1.10 -5.93
C PRO A 7 6.63 -0.59 -5.37
N THR A 8 7.00 0.62 -5.75
CA THR A 8 8.26 1.21 -5.27
C THR A 8 8.10 2.68 -4.93
N ASN A 9 9.00 3.17 -4.07
CA ASN A 9 8.99 4.57 -3.65
C ASN A 9 7.66 4.95 -3.00
N LEU A 10 7.26 4.20 -1.97
CA LEU A 10 6.02 4.49 -1.26
C LEU A 10 6.25 5.58 -0.22
N ALA A 11 5.18 6.28 0.15
CA ALA A 11 5.28 7.35 1.14
C ALA A 11 3.91 7.70 1.72
N SER A 12 3.90 8.66 2.64
CA SER A 12 2.67 9.12 3.27
C SER A 12 2.54 10.63 3.14
N THR A 13 1.43 11.08 2.54
CA THR A 13 1.20 12.51 2.35
C THR A 13 0.26 13.07 3.41
N ALA A 14 -1.04 13.00 3.16
CA ALA A 14 -2.04 13.52 4.09
C ALA A 14 -2.29 12.57 5.25
N GLN A 15 -1.64 12.83 6.38
CA GLN A 15 -1.79 11.99 7.56
C GLN A 15 -2.48 12.77 8.68
N THR A 16 -3.63 12.28 9.12
CA THR A 16 -4.39 12.94 10.17
C THR A 16 -4.45 12.07 11.43
N THR A 17 -5.40 12.35 12.31
CA THR A 17 -5.55 11.60 13.54
C THR A 17 -6.51 10.43 13.38
N SER A 18 -6.72 10.01 12.13
CA SER A 18 -7.62 8.90 11.85
C SER A 18 -7.47 8.40 10.41
N SER A 19 -7.44 9.34 9.46
CA SER A 19 -7.30 9.00 8.05
C SER A 19 -5.90 9.33 7.54
N ILE A 20 -5.28 8.36 6.86
CA ILE A 20 -3.93 8.54 6.32
C ILE A 20 -3.92 8.35 4.81
N THR A 21 -3.05 9.10 4.13
CA THR A 21 -2.92 9.01 2.68
C THR A 21 -1.59 8.39 2.30
N LEU A 22 -1.64 7.40 1.39
CA LEU A 22 -0.43 6.71 0.94
C LEU A 22 -0.27 6.84 -0.57
N SER A 23 0.92 7.24 -1.01
CA SER A 23 1.19 7.39 -2.42
C SER A 23 2.44 6.61 -2.82
N TRP A 24 2.36 5.92 -3.95
CA TRP A 24 3.49 5.11 -4.44
C TRP A 24 3.47 5.02 -5.97
N THR A 25 4.55 4.49 -6.54
CA THR A 25 4.65 4.35 -7.99
C THR A 25 3.87 3.14 -8.47
N ALA A 26 3.00 3.36 -9.45
CA ALA A 26 2.19 2.29 -10.02
C ALA A 26 3.06 1.22 -10.66
N SER A 27 2.76 -0.04 -10.35
CA SER A 27 3.53 -1.15 -10.90
C SER A 27 3.23 -1.34 -12.38
N THR A 28 4.21 -1.88 -13.11
CA THR A 28 4.06 -2.13 -14.54
C THR A 28 3.17 -3.33 -14.81
N ASP A 29 3.00 -3.67 -16.08
CA ASP A 29 2.17 -4.80 -16.48
C ASP A 29 0.77 -4.68 -15.90
N ASN A 30 0.13 -3.52 -16.15
CA ASN A 30 -1.22 -3.27 -15.66
C ASN A 30 -2.22 -4.22 -16.31
N VAL A 31 -1.77 -4.94 -17.33
CA VAL A 31 -2.62 -5.88 -18.05
C VAL A 31 -3.02 -7.05 -17.15
N GLY A 32 -2.38 -7.15 -15.99
CA GLY A 32 -2.68 -8.23 -15.07
C GLY A 32 -3.05 -7.72 -13.69
N VAL A 33 -2.43 -6.63 -13.27
CA VAL A 33 -2.70 -6.04 -11.96
C VAL A 33 -4.13 -5.51 -11.88
N THR A 34 -4.84 -5.89 -10.82
CA THR A 34 -6.21 -5.46 -10.63
C THR A 34 -6.32 -4.46 -9.49
N GLY A 35 -5.34 -4.50 -8.58
CA GLY A 35 -5.35 -3.59 -7.44
C GLY A 35 -4.10 -3.72 -6.59
N TYR A 36 -4.03 -2.89 -5.55
CA TYR A 36 -2.88 -2.90 -4.65
C TYR A 36 -3.34 -3.06 -3.20
N ASP A 37 -2.78 -4.06 -2.52
CA ASP A 37 -3.12 -4.32 -1.12
C ASP A 37 -2.03 -3.78 -0.20
N VAL A 38 -2.39 -2.84 0.66
CA VAL A 38 -1.43 -2.25 1.59
C VAL A 38 -1.55 -2.88 2.97
N TYR A 39 -0.41 -3.28 3.52
CA TYR A 39 -0.36 -3.89 4.84
C TYR A 39 0.08 -2.87 5.89
N ASN A 40 -0.33 -3.11 7.13
CA ASN A 40 0.02 -2.22 8.23
C ASN A 40 0.45 -3.03 9.46
N GLY A 41 1.75 -3.31 9.55
CA GLY A 41 2.26 -4.07 10.66
C GLY A 41 1.84 -5.52 10.60
N THR A 42 2.22 -6.20 9.53
CA THR A 42 1.87 -7.61 9.33
C THR A 42 0.36 -7.84 9.47
N ALA A 43 -0.41 -6.91 8.92
CA ALA A 43 -1.87 -7.01 8.97
C ALA A 43 -2.51 -6.18 7.86
N LEU A 44 -3.12 -6.86 6.89
CA LEU A 44 -3.76 -6.20 5.76
C LEU A 44 -4.68 -5.08 6.24
N ALA A 45 -4.44 -3.87 5.71
CA ALA A 45 -5.23 -2.72 6.07
C ALA A 45 -6.27 -2.40 5.00
N THR A 46 -6.04 -1.33 4.23
CA THR A 46 -6.97 -0.95 3.17
C THR A 46 -6.62 -1.60 1.84
N THR A 47 -7.54 -1.51 0.89
CA THR A 47 -7.34 -2.08 -0.44
C THR A 47 -7.71 -1.07 -1.51
N VAL A 48 -6.80 -0.87 -2.46
CA VAL A 48 -7.03 0.10 -3.53
C VAL A 48 -6.75 -0.51 -4.90
N THR A 49 -6.73 0.34 -5.92
CA THR A 49 -6.47 -0.10 -7.29
C THR A 49 -5.70 0.94 -8.07
N GLY A 50 -5.85 2.21 -7.66
CA GLY A 50 -5.16 3.30 -8.35
C GLY A 50 -3.70 3.41 -7.94
N THR A 51 -3.37 4.51 -7.26
CA THR A 51 -2.00 4.74 -6.82
C THR A 51 -1.97 5.34 -5.41
N THR A 52 -3.15 5.47 -4.80
CA THR A 52 -3.25 6.02 -3.45
C THR A 52 -4.07 5.11 -2.55
N ALA A 53 -3.72 5.07 -1.26
CA ALA A 53 -4.43 4.24 -0.29
C ALA A 53 -4.92 5.09 0.88
N THR A 54 -6.17 4.85 1.29
CA THR A 54 -6.76 5.58 2.40
C THR A 54 -7.14 4.64 3.54
N ILE A 55 -6.71 4.98 4.75
CA ILE A 55 -7.01 4.16 5.92
C ILE A 55 -7.68 5.00 7.01
N SER A 56 -8.91 4.61 7.38
CA SER A 56 -9.65 5.32 8.42
C SER A 56 -9.75 4.49 9.69
N GLY A 57 -9.44 5.12 10.82
CA GLY A 57 -9.50 4.41 12.10
C GLY A 57 -8.14 4.29 12.76
N LEU A 58 -7.52 5.43 13.05
CA LEU A 58 -6.22 5.46 13.69
C LEU A 58 -6.22 6.38 14.90
N ALA A 59 -5.12 6.38 15.65
CA ALA A 59 -5.01 7.23 16.83
C ALA A 59 -3.68 7.99 16.84
N ALA A 60 -3.71 9.21 17.36
CA ALA A 60 -2.51 10.05 17.42
C ALA A 60 -1.50 9.47 18.40
N ASP A 61 -0.31 10.07 18.44
CA ASP A 61 0.75 9.64 19.34
C ASP A 61 1.06 8.15 19.14
N THR A 62 1.03 7.72 17.88
CA THR A 62 1.31 6.32 17.56
C THR A 62 2.20 6.21 16.32
N SER A 63 2.83 5.04 16.16
CA SER A 63 3.69 4.79 15.01
C SER A 63 3.18 3.60 14.20
N TYR A 64 3.01 3.82 12.90
CA TYR A 64 2.53 2.78 12.01
C TYR A 64 3.50 2.52 10.86
N THR A 65 3.53 1.28 10.39
CA THR A 65 4.40 0.90 9.29
C THR A 65 3.59 0.28 8.15
N PHE A 66 3.42 1.03 7.07
CA PHE A 66 2.64 0.56 5.93
C PHE A 66 3.55 0.05 4.82
N THR A 67 2.98 -0.80 3.97
CA THR A 67 3.69 -1.37 2.83
C THR A 67 2.70 -1.70 1.72
N VAL A 68 3.03 -1.36 0.48
CA VAL A 68 2.14 -1.62 -0.63
C VAL A 68 2.55 -2.87 -1.40
N LYS A 69 1.55 -3.63 -1.82
CA LYS A 69 1.76 -4.86 -2.57
C LYS A 69 0.89 -4.87 -3.83
N ALA A 70 1.36 -5.58 -4.85
CA ALA A 70 0.62 -5.67 -6.11
C ALA A 70 0.04 -7.06 -6.33
N LYS A 71 -1.15 -7.13 -6.92
CA LYS A 71 -1.81 -8.40 -7.19
C LYS A 71 -2.10 -8.54 -8.68
N ASP A 72 -2.63 -9.70 -9.07
CA ASP A 72 -2.95 -9.95 -10.46
C ASP A 72 -4.30 -10.65 -10.60
N ALA A 73 -4.76 -10.80 -11.83
CA ALA A 73 -6.04 -11.44 -12.10
C ALA A 73 -5.90 -12.96 -12.16
N ALA A 74 -5.12 -13.51 -11.24
CA ALA A 74 -4.89 -14.96 -11.18
C ALA A 74 -4.63 -15.43 -9.76
N GLY A 75 -4.51 -14.47 -8.84
CA GLY A 75 -4.26 -14.80 -7.45
C GLY A 75 -2.78 -14.81 -7.12
N ASN A 76 -2.02 -13.91 -7.74
CA ASN A 76 -0.59 -13.81 -7.50
C ASN A 76 -0.23 -12.44 -6.93
N VAL A 77 0.68 -12.43 -5.96
CA VAL A 77 1.11 -11.19 -5.34
C VAL A 77 2.58 -10.91 -5.62
N SER A 78 2.94 -9.63 -5.64
CA SER A 78 4.31 -9.21 -5.89
C SER A 78 5.08 -9.11 -4.58
N ALA A 79 6.16 -8.34 -4.59
CA ALA A 79 6.97 -8.15 -3.40
C ALA A 79 6.45 -6.99 -2.56
N ALA A 80 6.77 -7.00 -1.27
CA ALA A 80 6.33 -5.95 -0.38
C ALA A 80 7.22 -4.71 -0.50
N SER A 81 6.64 -3.61 -0.96
CA SER A 81 7.37 -2.37 -1.14
C SER A 81 8.03 -1.93 0.17
N ASN A 82 8.84 -0.87 0.08
CA ASN A 82 9.54 -0.35 1.25
C ASN A 82 8.54 0.05 2.34
N ALA A 83 8.95 -0.09 3.59
CA ALA A 83 8.09 0.25 4.72
C ALA A 83 8.12 1.75 4.98
N VAL A 84 6.95 2.30 5.30
CA VAL A 84 6.82 3.73 5.58
C VAL A 84 6.39 3.97 7.03
N SER A 85 7.34 4.37 7.86
CA SER A 85 7.04 4.63 9.27
C SER A 85 6.49 6.04 9.46
N VAL A 86 5.19 6.13 9.72
CA VAL A 86 4.54 7.41 9.92
C VAL A 86 4.14 7.61 11.38
N LYS A 87 4.21 8.85 11.83
CA LYS A 87 3.86 9.18 13.21
C LYS A 87 2.72 10.19 13.26
N THR A 88 1.56 9.75 13.71
CA THR A 88 0.39 10.62 13.80
C THR A 88 0.45 11.51 15.03
N HIS A 1 7.77 -17.76 -10.84
CA HIS A 1 6.33 -17.41 -10.62
C HIS A 1 5.87 -16.32 -11.57
N MET A 2 4.55 -16.24 -11.77
CA MET A 2 3.98 -15.24 -12.67
C MET A 2 3.54 -14.01 -11.88
N ALA A 3 4.12 -13.83 -10.70
CA ALA A 3 3.79 -12.70 -9.85
C ALA A 3 4.17 -11.37 -10.51
N PRO A 4 3.43 -10.29 -10.23
CA PRO A 4 3.71 -8.97 -10.81
C PRO A 4 4.93 -8.32 -10.17
N THR A 5 5.06 -7.01 -10.39
CA THR A 5 6.19 -6.26 -9.84
C THR A 5 5.80 -5.50 -8.58
N ALA A 6 6.52 -5.75 -7.49
CA ALA A 6 6.24 -5.09 -6.22
C ALA A 6 6.42 -3.58 -6.31
N PRO A 7 5.42 -2.79 -5.86
CA PRO A 7 5.48 -1.33 -5.89
C PRO A 7 6.81 -0.79 -5.39
N THR A 8 7.20 0.38 -5.87
CA THR A 8 8.46 0.99 -5.47
C THR A 8 8.29 2.49 -5.20
N ASN A 9 9.18 3.02 -4.37
CA ASN A 9 9.15 4.44 -4.02
C ASN A 9 7.82 4.83 -3.40
N LEU A 10 7.55 4.32 -2.21
CA LEU A 10 6.30 4.64 -1.52
C LEU A 10 6.48 5.91 -0.70
N ALA A 11 5.36 6.56 -0.36
CA ALA A 11 5.42 7.79 0.41
C ALA A 11 4.08 8.11 1.08
N SER A 12 4.10 9.06 2.00
CA SER A 12 2.90 9.47 2.71
C SER A 12 2.64 10.96 2.50
N THR A 13 1.37 11.35 2.46
CA THR A 13 1.01 12.74 2.25
C THR A 13 0.07 13.24 3.34
N ALA A 14 -1.23 13.02 3.15
CA ALA A 14 -2.23 13.46 4.12
C ALA A 14 -2.34 12.46 5.27
N GLN A 15 -1.68 12.75 6.38
CA GLN A 15 -1.71 11.88 7.55
C GLN A 15 -2.34 12.60 8.73
N THR A 16 -3.64 12.39 8.93
CA THR A 16 -4.36 13.02 10.03
C THR A 16 -4.21 12.21 11.33
N THR A 17 -5.19 12.35 12.22
CA THR A 17 -5.16 11.63 13.50
C THR A 17 -5.86 10.28 13.40
N SER A 18 -6.57 10.06 12.29
CA SER A 18 -7.29 8.80 12.08
C SER A 18 -7.11 8.30 10.67
N SER A 19 -7.15 9.21 9.70
CA SER A 19 -7.01 8.86 8.30
C SER A 19 -5.58 9.12 7.81
N ILE A 20 -5.23 8.51 6.68
CA ILE A 20 -3.91 8.68 6.10
C ILE A 20 -3.94 8.39 4.60
N THR A 21 -3.06 9.06 3.86
CA THR A 21 -2.98 8.87 2.42
C THR A 21 -1.61 8.36 2.01
N LEU A 22 -1.58 7.43 1.06
CA LEU A 22 -0.33 6.86 0.59
C LEU A 22 -0.19 7.02 -0.92
N SER A 23 1.05 7.14 -1.38
CA SER A 23 1.32 7.31 -2.80
C SER A 23 2.58 6.55 -3.19
N TRP A 24 2.50 5.77 -4.25
CA TRP A 24 3.63 4.98 -4.70
C TRP A 24 3.60 4.79 -6.22
N THR A 25 4.70 4.27 -6.77
CA THR A 25 4.80 4.03 -8.20
C THR A 25 4.08 2.75 -8.59
N ALA A 26 3.45 2.76 -9.75
CA ALA A 26 2.73 1.59 -10.25
C ALA A 26 3.65 0.38 -10.37
N SER A 27 3.05 -0.78 -10.61
CA SER A 27 3.81 -2.02 -10.75
C SER A 27 4.64 -2.01 -12.04
N THR A 28 4.44 -0.98 -12.85
CA THR A 28 5.15 -0.85 -14.13
C THR A 28 4.87 -2.05 -15.03
N ASP A 29 3.82 -2.78 -14.70
CA ASP A 29 3.42 -3.95 -15.48
C ASP A 29 1.91 -4.20 -15.35
N ASN A 30 1.13 -3.34 -16.00
CA ASN A 30 -0.32 -3.46 -15.96
C ASN A 30 -0.78 -4.69 -16.76
N VAL A 31 -1.74 -4.47 -17.67
CA VAL A 31 -2.27 -5.56 -18.50
C VAL A 31 -2.54 -6.82 -17.70
N GLY A 32 -2.79 -6.63 -16.40
CA GLY A 32 -3.06 -7.75 -15.52
C GLY A 32 -3.39 -7.30 -14.10
N VAL A 33 -2.70 -6.25 -13.65
CA VAL A 33 -2.92 -5.70 -12.32
C VAL A 33 -4.25 -4.95 -12.27
N THR A 34 -4.93 -5.04 -11.13
CA THR A 34 -6.22 -4.36 -10.97
C THR A 34 -6.29 -3.58 -9.66
N GLY A 35 -5.57 -4.06 -8.64
CA GLY A 35 -5.59 -3.38 -7.36
C GLY A 35 -4.31 -3.57 -6.57
N TYR A 36 -4.19 -2.86 -5.45
CA TYR A 36 -3.01 -2.93 -4.60
C TYR A 36 -3.42 -3.13 -3.14
N ASP A 37 -2.75 -4.05 -2.46
CA ASP A 37 -3.05 -4.33 -1.06
C ASP A 37 -2.04 -3.64 -0.15
N VAL A 38 -2.54 -2.90 0.84
CA VAL A 38 -1.68 -2.18 1.77
C VAL A 38 -1.55 -2.94 3.09
N TYR A 39 -0.31 -3.07 3.55
CA TYR A 39 -0.02 -3.78 4.80
C TYR A 39 0.22 -2.79 5.93
N ASN A 40 -0.54 -2.94 7.01
CA ASN A 40 -0.40 -2.06 8.17
C ASN A 40 0.41 -2.74 9.26
N GLY A 41 1.74 -2.64 9.15
CA GLY A 41 2.61 -3.26 10.13
C GLY A 41 3.10 -4.62 9.69
N THR A 42 2.25 -5.64 9.87
CA THR A 42 2.61 -7.01 9.48
C THR A 42 1.37 -7.78 9.02
N ALA A 43 0.31 -7.05 8.71
CA ALA A 43 -0.94 -7.67 8.25
C ALA A 43 -1.64 -6.80 7.22
N LEU A 44 -2.71 -7.33 6.63
CA LEU A 44 -3.47 -6.60 5.62
C LEU A 44 -4.26 -5.45 6.26
N ALA A 45 -4.47 -4.38 5.49
CA ALA A 45 -5.21 -3.23 5.98
C ALA A 45 -6.27 -2.77 4.98
N THR A 46 -5.96 -1.71 4.23
CA THR A 46 -6.88 -1.17 3.24
C THR A 46 -6.69 -1.83 1.89
N THR A 47 -7.59 -1.52 0.95
CA THR A 47 -7.52 -2.07 -0.39
C THR A 47 -7.88 -1.01 -1.43
N VAL A 48 -7.01 -0.81 -2.40
CA VAL A 48 -7.23 0.17 -3.45
C VAL A 48 -7.11 -0.44 -4.84
N THR A 49 -7.24 0.39 -5.86
CA THR A 49 -7.14 -0.06 -7.24
C THR A 49 -6.34 0.92 -8.08
N GLY A 50 -6.07 2.10 -7.51
CA GLY A 50 -5.31 3.11 -8.22
C GLY A 50 -3.85 3.15 -7.80
N THR A 51 -3.38 4.32 -7.41
CA THR A 51 -1.99 4.48 -6.98
C THR A 51 -1.91 5.04 -5.56
N THR A 52 -3.06 5.37 -5.00
CA THR A 52 -3.13 5.91 -3.64
C THR A 52 -3.78 4.92 -2.69
N ALA A 53 -3.78 5.25 -1.40
CA ALA A 53 -4.36 4.38 -0.38
C ALA A 53 -4.78 5.18 0.85
N THR A 54 -6.03 5.01 1.27
CA THR A 54 -6.55 5.71 2.43
C THR A 54 -6.88 4.75 3.56
N ILE A 55 -6.12 4.84 4.65
CA ILE A 55 -6.33 3.97 5.80
C ILE A 55 -6.98 4.74 6.95
N SER A 56 -8.03 4.15 7.53
CA SER A 56 -8.74 4.78 8.63
C SER A 56 -8.72 3.90 9.87
N GLY A 57 -9.23 4.42 10.98
CA GLY A 57 -9.26 3.67 12.22
C GLY A 57 -7.90 3.57 12.88
N LEU A 58 -7.18 4.69 12.93
CA LEU A 58 -5.86 4.71 13.53
C LEU A 58 -5.83 5.66 14.74
N ALA A 59 -5.27 5.18 15.85
CA ALA A 59 -5.19 5.98 17.06
C ALA A 59 -4.04 6.98 17.00
N ALA A 60 -4.27 8.17 17.57
CA ALA A 60 -3.25 9.22 17.58
C ALA A 60 -2.15 8.90 18.58
N ASP A 61 -1.05 9.66 18.48
CA ASP A 61 0.09 9.46 19.38
C ASP A 61 0.62 8.03 19.30
N THR A 62 0.56 7.45 18.11
CA THR A 62 1.02 6.08 17.90
C THR A 62 1.82 5.95 16.60
N SER A 63 2.81 5.07 16.61
CA SER A 63 3.64 4.85 15.43
C SER A 63 3.05 3.76 14.56
N TYR A 64 3.05 3.98 13.25
CA TYR A 64 2.50 3.01 12.31
C TYR A 64 3.41 2.82 11.10
N THR A 65 3.54 1.57 10.66
CA THR A 65 4.36 1.24 9.49
C THR A 65 3.45 0.78 8.36
N PHE A 66 3.70 1.27 7.15
CA PHE A 66 2.86 0.90 6.01
C PHE A 66 3.69 0.37 4.84
N THR A 67 3.01 -0.33 3.95
CA THR A 67 3.63 -0.91 2.77
C THR A 67 2.56 -1.22 1.72
N VAL A 68 2.97 -1.34 0.46
CA VAL A 68 2.01 -1.63 -0.60
C VAL A 68 2.41 -2.88 -1.38
N LYS A 69 1.40 -3.55 -1.95
CA LYS A 69 1.64 -4.76 -2.72
C LYS A 69 0.76 -4.79 -3.95
N ALA A 70 1.33 -5.24 -5.07
CA ALA A 70 0.60 -5.31 -6.33
C ALA A 70 -0.01 -6.70 -6.53
N LYS A 71 -1.34 -6.77 -6.57
CA LYS A 71 -2.03 -8.04 -6.76
C LYS A 71 -2.66 -8.12 -8.15
N ASP A 72 -2.74 -9.33 -8.69
CA ASP A 72 -3.32 -9.54 -10.01
C ASP A 72 -4.57 -10.40 -9.92
N ALA A 73 -5.31 -10.49 -11.02
CA ALA A 73 -6.53 -11.29 -11.07
C ALA A 73 -6.22 -12.77 -11.21
N ALA A 74 -4.97 -13.07 -11.56
CA ALA A 74 -4.54 -14.46 -11.72
C ALA A 74 -4.16 -15.08 -10.39
N GLY A 75 -4.37 -14.34 -9.31
CA GLY A 75 -4.04 -14.84 -7.98
C GLY A 75 -2.58 -14.65 -7.64
N ASN A 76 -1.83 -14.03 -8.56
CA ASN A 76 -0.41 -13.79 -8.36
C ASN A 76 -0.17 -12.40 -7.80
N VAL A 77 0.50 -12.33 -6.66
CA VAL A 77 0.80 -11.05 -6.02
C VAL A 77 2.30 -10.85 -5.86
N SER A 78 2.76 -9.64 -6.16
CA SER A 78 4.19 -9.31 -6.05
C SER A 78 4.62 -9.27 -4.59
N ALA A 79 5.82 -8.73 -4.35
CA ALA A 79 6.35 -8.63 -3.00
C ALA A 79 5.92 -7.31 -2.35
N ALA A 80 6.38 -7.08 -1.13
CA ALA A 80 6.04 -5.86 -0.41
C ALA A 80 6.97 -4.72 -0.80
N SER A 81 6.42 -3.50 -0.82
CA SER A 81 7.20 -2.32 -1.19
C SER A 81 7.99 -1.80 0.00
N ASN A 82 8.47 -0.56 -0.12
CA ASN A 82 9.25 0.07 0.95
C ASN A 82 8.37 0.30 2.17
N ALA A 83 8.97 0.19 3.36
CA ALA A 83 8.24 0.39 4.60
C ALA A 83 8.06 1.88 4.91
N VAL A 84 6.96 2.20 5.56
CA VAL A 84 6.66 3.59 5.92
C VAL A 84 6.66 3.77 7.43
N SER A 85 6.85 5.01 7.87
CA SER A 85 6.86 5.31 9.29
C SER A 85 6.22 6.67 9.56
N VAL A 86 4.99 6.64 10.09
CA VAL A 86 4.27 7.87 10.40
C VAL A 86 3.86 7.91 11.86
N LYS A 87 3.96 9.08 12.46
CA LYS A 87 3.60 9.27 13.86
C LYS A 87 2.39 10.18 13.99
N THR A 88 1.23 9.60 14.22
CA THR A 88 -0.01 10.37 14.36
C THR A 88 -0.13 10.97 15.76
N HIS A 1 3.79 -17.96 -14.83
CA HIS A 1 2.94 -16.95 -14.14
C HIS A 1 3.72 -15.65 -13.91
N MET A 2 4.72 -15.72 -13.03
CA MET A 2 5.54 -14.55 -12.72
C MET A 2 4.69 -13.42 -12.12
N ALA A 3 4.82 -13.23 -10.81
CA ALA A 3 4.07 -12.19 -10.12
C ALA A 3 4.34 -10.81 -10.73
N PRO A 4 3.43 -9.83 -10.50
CA PRO A 4 3.58 -8.48 -11.03
C PRO A 4 4.79 -7.75 -10.44
N THR A 5 4.87 -6.45 -10.70
CA THR A 5 5.98 -5.64 -10.19
C THR A 5 5.66 -5.09 -8.81
N ALA A 6 6.47 -5.47 -7.82
CA ALA A 6 6.27 -5.01 -6.44
C ALA A 6 6.39 -3.49 -6.35
N PRO A 7 5.36 -2.83 -5.76
CA PRO A 7 5.36 -1.37 -5.60
C PRO A 7 6.69 -0.84 -5.07
N THR A 8 6.97 0.43 -5.34
CA THR A 8 8.21 1.05 -4.88
C THR A 8 8.06 2.55 -4.73
N ASN A 9 8.96 3.14 -3.94
CA ASN A 9 8.95 4.57 -3.70
C ASN A 9 7.63 5.02 -3.06
N LEU A 10 7.22 4.33 -2.00
CA LEU A 10 5.99 4.66 -1.30
C LEU A 10 6.18 5.93 -0.48
N ALA A 11 5.07 6.58 -0.13
CA ALA A 11 5.10 7.81 0.65
C ALA A 11 3.76 8.10 1.30
N SER A 12 3.68 9.24 1.99
CA SER A 12 2.45 9.66 2.65
C SER A 12 2.17 11.13 2.35
N THR A 13 0.93 11.42 1.94
CA THR A 13 0.54 12.79 1.62
C THR A 13 -0.32 13.39 2.72
N ALA A 14 -1.63 13.15 2.67
CA ALA A 14 -2.55 13.68 3.66
C ALA A 14 -2.63 12.78 4.88
N GLN A 15 -1.97 13.20 5.97
CA GLN A 15 -1.96 12.43 7.21
C GLN A 15 -2.58 13.24 8.34
N THR A 16 -3.69 12.74 8.88
CA THR A 16 -4.38 13.42 9.97
C THR A 16 -4.21 12.65 11.28
N THR A 17 -5.08 12.93 12.25
CA THR A 17 -5.01 12.27 13.54
C THR A 17 -5.86 11.00 13.58
N SER A 18 -6.22 10.50 12.39
CA SER A 18 -7.02 9.28 12.29
C SER A 18 -6.91 8.67 10.90
N SER A 19 -6.99 9.51 9.88
CA SER A 19 -6.89 9.05 8.50
C SER A 19 -5.49 9.29 7.94
N ILE A 20 -5.21 8.68 6.80
CA ILE A 20 -3.90 8.83 6.17
C ILE A 20 -3.95 8.46 4.69
N THR A 21 -3.13 9.14 3.89
CA THR A 21 -3.08 8.88 2.46
C THR A 21 -1.70 8.36 2.06
N LEU A 22 -1.69 7.31 1.24
CA LEU A 22 -0.44 6.71 0.80
C LEU A 22 -0.31 6.78 -0.72
N SER A 23 0.87 7.19 -1.20
CA SER A 23 1.13 7.30 -2.62
C SER A 23 2.40 6.55 -2.99
N TRP A 24 2.33 5.75 -4.05
CA TRP A 24 3.48 4.97 -4.49
C TRP A 24 3.48 4.79 -6.01
N THR A 25 4.58 4.28 -6.54
CA THR A 25 4.70 4.05 -7.97
C THR A 25 4.03 2.73 -8.37
N ALA A 26 2.98 2.82 -9.18
CA ALA A 26 2.24 1.64 -9.63
C ALA A 26 3.15 0.70 -10.41
N SER A 27 2.80 -0.58 -10.41
CA SER A 27 3.57 -1.59 -11.11
C SER A 27 3.62 -1.30 -12.61
N THR A 28 4.80 -1.38 -13.19
CA THR A 28 4.99 -1.12 -14.61
C THR A 28 4.43 -2.25 -15.45
N ASP A 29 4.26 -3.42 -14.84
CA ASP A 29 3.74 -4.59 -15.52
C ASP A 29 2.22 -4.64 -15.43
N ASN A 30 1.58 -3.55 -15.84
CA ASN A 30 0.12 -3.46 -15.80
C ASN A 30 -0.50 -4.32 -16.89
N VAL A 31 -1.67 -3.91 -17.39
CA VAL A 31 -2.38 -4.64 -18.44
C VAL A 31 -2.98 -5.94 -17.92
N GLY A 32 -2.49 -6.40 -16.77
CA GLY A 32 -2.99 -7.62 -16.17
C GLY A 32 -3.28 -7.45 -14.69
N VAL A 33 -2.59 -6.51 -14.06
CA VAL A 33 -2.76 -6.23 -12.65
C VAL A 33 -4.15 -5.64 -12.39
N THR A 34 -4.73 -5.98 -11.24
CA THR A 34 -6.05 -5.49 -10.87
C THR A 34 -5.96 -4.31 -9.91
N GLY A 35 -5.50 -4.57 -8.69
CA GLY A 35 -5.37 -3.51 -7.71
C GLY A 35 -4.15 -3.66 -6.83
N TYR A 36 -4.06 -2.82 -5.81
CA TYR A 36 -2.93 -2.84 -4.89
C TYR A 36 -3.41 -2.96 -3.44
N ASP A 37 -2.83 -3.89 -2.70
CA ASP A 37 -3.20 -4.12 -1.30
C ASP A 37 -2.07 -3.68 -0.38
N VAL A 38 -2.37 -2.73 0.50
CA VAL A 38 -1.36 -2.24 1.44
C VAL A 38 -1.54 -2.89 2.81
N TYR A 39 -0.42 -3.29 3.40
CA TYR A 39 -0.43 -3.95 4.70
C TYR A 39 -0.08 -2.96 5.81
N ASN A 40 -0.17 -3.43 7.06
CA ASN A 40 0.15 -2.60 8.21
C ASN A 40 0.89 -3.43 9.26
N GLY A 41 2.20 -3.53 9.10
CA GLY A 41 3.01 -4.29 10.04
C GLY A 41 3.06 -5.76 9.68
N THR A 42 1.92 -6.44 9.77
CA THR A 42 1.83 -7.86 9.44
C THR A 42 0.37 -8.28 9.23
N ALA A 43 -0.43 -7.34 8.72
CA ALA A 43 -1.84 -7.60 8.48
C ALA A 43 -2.40 -6.65 7.43
N LEU A 44 -3.20 -7.18 6.50
CA LEU A 44 -3.79 -6.36 5.44
C LEU A 44 -4.61 -5.21 6.03
N ALA A 45 -4.45 -4.03 5.43
CA ALA A 45 -5.16 -2.85 5.89
C ALA A 45 -6.22 -2.43 4.87
N THR A 46 -5.93 -1.37 4.12
CA THR A 46 -6.86 -0.88 3.11
C THR A 46 -6.61 -1.54 1.75
N THR A 47 -7.59 -1.43 0.87
CA THR A 47 -7.50 -2.00 -0.47
C THR A 47 -7.80 -0.95 -1.53
N VAL A 48 -6.95 -0.87 -2.53
CA VAL A 48 -7.12 0.11 -3.60
C VAL A 48 -6.87 -0.52 -4.97
N THR A 49 -7.01 0.28 -6.03
CA THR A 49 -6.80 -0.20 -7.39
C THR A 49 -5.99 0.81 -8.20
N GLY A 50 -5.73 1.97 -7.60
CA GLY A 50 -4.97 3.00 -8.28
C GLY A 50 -3.55 3.12 -7.76
N THR A 51 -3.18 4.32 -7.33
CA THR A 51 -1.83 4.56 -6.81
C THR A 51 -1.90 5.26 -5.45
N THR A 52 -3.09 5.34 -4.89
CA THR A 52 -3.28 5.98 -3.59
C THR A 52 -4.21 5.17 -2.70
N ALA A 53 -3.87 5.07 -1.42
CA ALA A 53 -4.67 4.32 -0.46
C ALA A 53 -5.09 5.20 0.71
N THR A 54 -6.19 4.84 1.37
CA THR A 54 -6.68 5.60 2.50
C THR A 54 -6.95 4.69 3.70
N ILE A 55 -6.34 5.03 4.84
CA ILE A 55 -6.51 4.26 6.07
C ILE A 55 -7.07 5.11 7.19
N SER A 56 -8.24 4.73 7.69
CA SER A 56 -8.89 5.47 8.78
C SER A 56 -8.81 4.70 10.09
N GLY A 57 -9.26 5.34 11.16
CA GLY A 57 -9.23 4.71 12.47
C GLY A 57 -7.82 4.43 12.97
N LEU A 58 -7.03 5.50 13.09
CA LEU A 58 -5.65 5.37 13.56
C LEU A 58 -5.45 6.16 14.85
N ALA A 59 -5.17 5.44 15.94
CA ALA A 59 -4.95 6.07 17.24
C ALA A 59 -3.69 6.93 17.22
N ALA A 60 -3.80 8.15 17.75
CA ALA A 60 -2.67 9.06 17.79
C ALA A 60 -1.58 8.55 18.74
N ASP A 61 -0.44 9.25 18.74
CA ASP A 61 0.68 8.88 19.59
C ASP A 61 1.14 7.45 19.30
N THR A 62 1.05 7.06 18.03
CA THR A 62 1.46 5.71 17.62
C THR A 62 2.19 5.73 16.29
N SER A 63 3.20 4.88 16.16
CA SER A 63 3.99 4.79 14.93
C SER A 63 3.53 3.60 14.10
N TYR A 64 2.92 3.89 12.95
CA TYR A 64 2.42 2.84 12.06
C TYR A 64 3.32 2.67 10.84
N THR A 65 3.74 1.44 10.59
CA THR A 65 4.58 1.13 9.44
C THR A 65 3.76 0.44 8.35
N PHE A 66 3.54 1.16 7.25
CA PHE A 66 2.75 0.61 6.15
C PHE A 66 3.62 0.14 5.00
N THR A 67 3.02 -0.69 4.14
CA THR A 67 3.70 -1.23 2.98
C THR A 67 2.68 -1.50 1.87
N VAL A 68 3.09 -1.38 0.62
CA VAL A 68 2.17 -1.61 -0.49
C VAL A 68 2.52 -2.89 -1.25
N LYS A 69 1.50 -3.49 -1.84
CA LYS A 69 1.66 -4.72 -2.60
C LYS A 69 0.82 -4.72 -3.86
N ALA A 70 1.29 -5.41 -4.90
CA ALA A 70 0.58 -5.48 -6.17
C ALA A 70 0.06 -6.89 -6.42
N LYS A 71 -1.26 -7.01 -6.60
CA LYS A 71 -1.88 -8.31 -6.83
C LYS A 71 -2.51 -8.37 -8.22
N ASP A 72 -2.71 -9.59 -8.71
CA ASP A 72 -3.30 -9.80 -10.03
C ASP A 72 -4.60 -10.59 -9.91
N ALA A 73 -5.34 -10.70 -11.02
CA ALA A 73 -6.59 -11.43 -11.04
C ALA A 73 -6.37 -12.89 -11.40
N ALA A 74 -5.59 -13.58 -10.58
CA ALA A 74 -5.29 -14.99 -10.81
C ALA A 74 -4.84 -15.68 -9.52
N GLY A 75 -3.97 -15.00 -8.77
CA GLY A 75 -3.47 -15.56 -7.53
C GLY A 75 -1.99 -15.31 -7.33
N ASN A 76 -1.44 -14.38 -8.11
CA ASN A 76 -0.02 -14.06 -8.02
C ASN A 76 0.19 -12.65 -7.46
N VAL A 77 0.97 -12.56 -6.40
CA VAL A 77 1.25 -11.28 -5.75
C VAL A 77 2.73 -10.96 -5.77
N SER A 78 3.05 -9.68 -5.98
CA SER A 78 4.44 -9.23 -6.02
C SER A 78 5.01 -9.12 -4.61
N ALA A 79 6.22 -8.58 -4.51
CA ALA A 79 6.87 -8.42 -3.21
C ALA A 79 6.32 -7.21 -2.47
N ALA A 80 6.66 -7.11 -1.19
CA ALA A 80 6.20 -5.99 -0.36
C ALA A 80 7.14 -4.80 -0.48
N SER A 81 6.57 -3.63 -0.76
CA SER A 81 7.35 -2.41 -0.90
C SER A 81 7.99 -2.01 0.43
N ASN A 82 8.74 -0.91 0.42
CA ASN A 82 9.40 -0.42 1.62
C ASN A 82 8.37 0.00 2.67
N ALA A 83 8.80 0.02 3.93
CA ALA A 83 7.91 0.40 5.02
C ALA A 83 7.96 1.91 5.27
N VAL A 84 6.79 2.50 5.51
CA VAL A 84 6.70 3.93 5.76
C VAL A 84 6.29 4.21 7.21
N SER A 85 7.24 4.71 7.99
CA SER A 85 6.98 5.02 9.40
C SER A 85 6.27 6.37 9.54
N VAL A 86 5.01 6.33 9.96
CA VAL A 86 4.23 7.54 10.15
C VAL A 86 3.70 7.64 11.58
N LYS A 87 3.93 8.79 12.21
CA LYS A 87 3.48 9.01 13.58
C LYS A 87 2.21 9.86 13.61
N THR A 88 1.12 9.28 14.08
CA THR A 88 -0.16 9.99 14.16
C THR A 88 -0.28 10.76 15.46
N HIS A 1 0.78 -17.15 -13.41
CA HIS A 1 2.10 -16.73 -13.94
C HIS A 1 2.08 -15.26 -14.36
N MET A 2 3.19 -14.79 -14.93
CA MET A 2 3.31 -13.41 -15.37
C MET A 2 3.01 -12.45 -14.23
N ALA A 3 3.67 -12.66 -13.10
CA ALA A 3 3.48 -11.82 -11.92
C ALA A 3 3.73 -10.35 -12.25
N PRO A 4 3.12 -9.43 -11.47
CA PRO A 4 3.28 -8.00 -11.68
C PRO A 4 4.59 -7.47 -11.11
N THR A 5 4.64 -6.16 -10.86
CA THR A 5 5.84 -5.54 -10.32
C THR A 5 5.59 -5.00 -8.92
N ALA A 6 6.41 -5.43 -7.97
CA ALA A 6 6.29 -4.99 -6.58
C ALA A 6 6.40 -3.48 -6.47
N PRO A 7 5.37 -2.81 -5.90
CA PRO A 7 5.38 -1.36 -5.74
C PRO A 7 6.67 -0.85 -5.12
N THR A 8 6.96 0.43 -5.31
CA THR A 8 8.18 1.04 -4.78
C THR A 8 8.01 2.55 -4.64
N ASN A 9 8.97 3.18 -3.97
CA ASN A 9 8.94 4.63 -3.77
C ASN A 9 7.67 5.05 -3.03
N LEU A 10 7.29 4.25 -2.02
CA LEU A 10 6.10 4.56 -1.24
C LEU A 10 6.29 5.82 -0.42
N ALA A 11 5.20 6.46 -0.04
CA ALA A 11 5.25 7.68 0.74
C ALA A 11 3.92 7.98 1.41
N SER A 12 3.88 9.10 2.15
CA SER A 12 2.67 9.53 2.84
C SER A 12 2.44 11.02 2.62
N THR A 13 1.28 11.37 2.07
CA THR A 13 0.96 12.77 1.80
C THR A 13 0.04 13.35 2.87
N ALA A 14 -1.26 13.20 2.66
CA ALA A 14 -2.25 13.73 3.61
C ALA A 14 -2.49 12.75 4.75
N GLN A 15 -1.87 13.03 5.90
CA GLN A 15 -2.01 12.18 7.07
C GLN A 15 -2.64 12.96 8.23
N THR A 16 -3.84 12.57 8.61
CA THR A 16 -4.55 13.22 9.72
C THR A 16 -4.43 12.41 11.00
N THR A 17 -5.38 12.62 11.91
CA THR A 17 -5.37 11.91 13.18
C THR A 17 -6.33 10.71 13.16
N SER A 18 -6.62 10.23 11.95
CA SER A 18 -7.52 9.08 11.79
C SER A 18 -7.32 8.42 10.43
N SER A 19 -7.32 9.24 9.38
CA SER A 19 -7.14 8.72 8.02
C SER A 19 -5.82 9.22 7.43
N ILE A 20 -5.05 8.30 6.86
CA ILE A 20 -3.77 8.64 6.27
C ILE A 20 -3.76 8.30 4.78
N THR A 21 -3.05 9.12 4.00
CA THR A 21 -2.95 8.91 2.57
C THR A 21 -1.58 8.33 2.19
N LEU A 22 -1.59 7.38 1.27
CA LEU A 22 -0.35 6.73 0.84
C LEU A 22 -0.20 6.79 -0.68
N SER A 23 0.98 7.16 -1.14
CA SER A 23 1.25 7.26 -2.57
C SER A 23 2.52 6.47 -2.92
N TRP A 24 2.51 5.83 -4.09
CA TRP A 24 3.65 5.04 -4.54
C TRP A 24 3.64 4.86 -6.05
N THR A 25 4.75 4.35 -6.59
CA THR A 25 4.86 4.12 -8.00
C THR A 25 4.17 2.83 -8.42
N ALA A 26 3.11 2.96 -9.22
CA ALA A 26 2.35 1.81 -9.68
C ALA A 26 3.24 0.83 -10.43
N SER A 27 2.79 -0.42 -10.52
CA SER A 27 3.55 -1.45 -11.22
C SER A 27 3.73 -1.09 -12.69
N THR A 28 4.85 -1.51 -13.26
CA THR A 28 5.15 -1.23 -14.66
C THR A 28 4.36 -2.16 -15.58
N ASP A 29 3.65 -3.11 -14.99
CA ASP A 29 2.85 -4.06 -15.75
C ASP A 29 1.41 -4.08 -15.26
N ASN A 30 0.66 -3.02 -15.58
CA ASN A 30 -0.73 -2.92 -15.16
C ASN A 30 -1.65 -3.63 -16.15
N VAL A 31 -1.07 -4.52 -16.96
CA VAL A 31 -1.84 -5.27 -17.94
C VAL A 31 -2.55 -6.47 -17.31
N GLY A 32 -2.13 -6.81 -16.09
CA GLY A 32 -2.73 -7.93 -15.39
C GLY A 32 -3.16 -7.57 -13.97
N VAL A 33 -2.53 -6.55 -13.41
CA VAL A 33 -2.84 -6.11 -12.06
C VAL A 33 -4.29 -5.63 -11.96
N THR A 34 -4.92 -5.91 -10.82
CA THR A 34 -6.30 -5.51 -10.60
C THR A 34 -6.40 -4.47 -9.50
N GLY A 35 -5.34 -4.33 -8.72
CA GLY A 35 -5.33 -3.37 -7.64
C GLY A 35 -4.13 -3.51 -6.73
N TYR A 36 -4.10 -2.74 -5.65
CA TYR A 36 -3.00 -2.77 -4.70
C TYR A 36 -3.50 -2.89 -3.27
N ASP A 37 -2.97 -3.86 -2.53
CA ASP A 37 -3.36 -4.08 -1.15
C ASP A 37 -2.22 -3.72 -0.21
N VAL A 38 -2.45 -2.73 0.65
CA VAL A 38 -1.42 -2.29 1.59
C VAL A 38 -1.64 -2.90 2.97
N TYR A 39 -0.56 -3.32 3.60
CA TYR A 39 -0.62 -3.93 4.94
C TYR A 39 -0.26 -2.91 6.02
N ASN A 40 -0.84 -3.11 7.20
CA ASN A 40 -0.58 -2.23 8.33
C ASN A 40 0.16 -3.00 9.43
N GLY A 41 1.47 -3.08 9.30
CA GLY A 41 2.28 -3.80 10.27
C GLY A 41 2.57 -5.22 9.82
N THR A 42 1.53 -6.04 9.73
CA THR A 42 1.67 -7.43 9.29
C THR A 42 0.38 -7.95 8.68
N ALA A 43 -0.75 -7.38 9.10
CA ALA A 43 -2.05 -7.79 8.58
C ALA A 43 -2.54 -6.82 7.51
N LEU A 44 -3.37 -7.32 6.60
CA LEU A 44 -3.91 -6.51 5.52
C LEU A 44 -4.68 -5.31 6.07
N ALA A 45 -4.37 -4.13 5.54
CA ALA A 45 -5.03 -2.91 5.98
C ALA A 45 -6.12 -2.49 4.99
N THR A 46 -5.85 -1.44 4.22
CA THR A 46 -6.81 -0.94 3.24
C THR A 46 -6.62 -1.61 1.88
N THR A 47 -7.61 -1.44 1.01
CA THR A 47 -7.58 -2.03 -0.33
C THR A 47 -7.90 -0.97 -1.38
N VAL A 48 -6.99 -0.82 -2.34
CA VAL A 48 -7.17 0.17 -3.41
C VAL A 48 -6.94 -0.45 -4.78
N THR A 49 -7.03 0.37 -5.82
CA THR A 49 -6.83 -0.10 -7.18
C THR A 49 -6.10 0.95 -8.02
N GLY A 50 -5.79 2.08 -7.39
CA GLY A 50 -5.10 3.15 -8.09
C GLY A 50 -3.69 3.36 -7.58
N THR A 51 -3.26 4.62 -7.57
CA THR A 51 -1.91 4.96 -7.10
C THR A 51 -1.96 5.61 -5.72
N THR A 52 -3.01 5.32 -4.96
CA THR A 52 -3.17 5.88 -3.62
C THR A 52 -3.87 4.90 -2.70
N ALA A 53 -3.75 5.15 -1.39
CA ALA A 53 -4.38 4.29 -0.38
C ALA A 53 -4.85 5.13 0.80
N THR A 54 -5.92 4.66 1.45
CA THR A 54 -6.47 5.37 2.61
C THR A 54 -6.72 4.42 3.76
N ILE A 55 -6.04 4.65 4.88
CA ILE A 55 -6.20 3.82 6.06
C ILE A 55 -7.12 4.49 7.07
N SER A 56 -8.01 3.69 7.65
CA SER A 56 -8.97 4.21 8.64
C SER A 56 -8.51 3.90 10.05
N GLY A 57 -9.37 4.17 11.03
CA GLY A 57 -9.03 3.91 12.42
C GLY A 57 -7.89 4.78 12.90
N LEU A 58 -6.70 4.19 13.00
CA LEU A 58 -5.51 4.89 13.45
C LEU A 58 -5.71 5.51 14.84
N ALA A 59 -4.66 6.14 15.35
CA ALA A 59 -4.70 6.76 16.67
C ALA A 59 -3.46 7.62 16.90
N ALA A 60 -3.68 8.86 17.32
CA ALA A 60 -2.58 9.79 17.58
C ALA A 60 -1.59 9.21 18.58
N ASP A 61 -0.40 9.80 18.63
CA ASP A 61 0.65 9.36 19.54
C ASP A 61 1.01 7.89 19.29
N THR A 62 0.90 7.47 18.03
CA THR A 62 1.23 6.09 17.68
C THR A 62 1.96 6.02 16.34
N SER A 63 2.84 5.03 16.22
CA SER A 63 3.61 4.84 14.98
C SER A 63 3.05 3.67 14.18
N TYR A 64 3.00 3.83 12.86
CA TYR A 64 2.48 2.78 11.99
C TYR A 64 3.38 2.57 10.78
N THR A 65 3.75 1.32 10.52
CA THR A 65 4.59 0.98 9.38
C THR A 65 3.75 0.34 8.28
N PHE A 66 3.53 1.07 7.19
CA PHE A 66 2.74 0.57 6.08
C PHE A 66 3.60 0.04 4.94
N THR A 67 2.98 -0.79 4.10
CA THR A 67 3.65 -1.38 2.95
C THR A 67 2.63 -1.72 1.87
N VAL A 68 2.93 -1.41 0.62
CA VAL A 68 2.00 -1.68 -0.47
C VAL A 68 2.38 -2.96 -1.22
N LYS A 69 1.37 -3.60 -1.80
CA LYS A 69 1.55 -4.85 -2.52
C LYS A 69 0.69 -4.88 -3.78
N ALA A 70 1.29 -5.28 -4.90
CA ALA A 70 0.56 -5.37 -6.17
C ALA A 70 0.00 -6.76 -6.37
N LYS A 71 -1.31 -6.86 -6.57
CA LYS A 71 -1.98 -8.13 -6.78
C LYS A 71 -2.64 -8.19 -8.16
N ASP A 72 -2.60 -9.37 -8.77
CA ASP A 72 -3.20 -9.56 -10.08
C ASP A 72 -4.44 -10.44 -10.00
N ALA A 73 -5.29 -10.36 -11.01
CA ALA A 73 -6.51 -11.15 -11.05
C ALA A 73 -6.25 -12.55 -11.61
N ALA A 74 -5.35 -13.27 -10.95
CA ALA A 74 -5.00 -14.62 -11.38
C ALA A 74 -4.40 -15.42 -10.22
N GLY A 75 -3.56 -14.75 -9.43
CA GLY A 75 -2.92 -15.41 -8.30
C GLY A 75 -1.44 -15.12 -8.22
N ASN A 76 -1.04 -13.92 -8.64
CA ASN A 76 0.36 -13.53 -8.62
C ASN A 76 0.56 -12.25 -7.80
N VAL A 77 1.01 -12.41 -6.56
CA VAL A 77 1.25 -11.28 -5.67
C VAL A 77 2.72 -10.91 -5.64
N SER A 78 3.04 -9.69 -6.06
CA SER A 78 4.42 -9.21 -6.08
C SER A 78 4.96 -9.07 -4.66
N ALA A 79 6.17 -8.52 -4.55
CA ALA A 79 6.80 -8.33 -3.25
C ALA A 79 6.27 -7.09 -2.55
N ALA A 80 6.56 -6.97 -1.27
CA ALA A 80 6.11 -5.82 -0.48
C ALA A 80 7.02 -4.61 -0.69
N SER A 81 6.43 -3.43 -0.73
CA SER A 81 7.19 -2.19 -0.92
C SER A 81 7.94 -1.82 0.34
N ASN A 82 8.74 -0.76 0.25
CA ASN A 82 9.52 -0.29 1.39
C ASN A 82 8.61 0.10 2.55
N ALA A 83 9.11 -0.03 3.77
CA ALA A 83 8.33 0.30 4.95
C ALA A 83 8.32 1.81 5.19
N VAL A 84 7.16 2.33 5.55
CA VAL A 84 7.00 3.75 5.82
C VAL A 84 6.59 3.99 7.27
N SER A 85 7.50 4.59 8.04
CA SER A 85 7.24 4.87 9.45
C SER A 85 6.58 6.24 9.62
N VAL A 86 5.30 6.24 9.98
CA VAL A 86 4.56 7.47 10.18
C VAL A 86 4.07 7.59 11.62
N LYS A 87 4.05 8.82 12.13
CA LYS A 87 3.59 9.07 13.49
C LYS A 87 2.48 10.11 13.51
N THR A 88 1.31 9.71 14.01
CA THR A 88 0.17 10.61 14.08
C THR A 88 0.18 11.41 15.37
N HIS A 1 3.29 -18.30 -9.45
CA HIS A 1 4.54 -17.66 -9.91
C HIS A 1 4.25 -16.51 -10.87
N MET A 2 5.30 -15.97 -11.50
CA MET A 2 5.16 -14.87 -12.44
C MET A 2 4.44 -13.69 -11.80
N ALA A 3 4.77 -13.42 -10.54
CA ALA A 3 4.17 -12.32 -9.81
C ALA A 3 4.43 -10.99 -10.50
N PRO A 4 3.54 -10.00 -10.32
CA PRO A 4 3.71 -8.66 -10.93
C PRO A 4 4.89 -7.90 -10.34
N THR A 5 4.98 -6.62 -10.68
CA THR A 5 6.05 -5.76 -10.19
C THR A 5 5.68 -5.14 -8.84
N ALA A 6 6.48 -5.43 -7.82
CA ALA A 6 6.25 -4.90 -6.48
C ALA A 6 6.36 -3.38 -6.48
N PRO A 7 5.34 -2.69 -5.90
CA PRO A 7 5.33 -1.23 -5.82
C PRO A 7 6.65 -0.66 -5.31
N THR A 8 6.90 0.61 -5.56
CA THR A 8 8.12 1.26 -5.12
C THR A 8 7.87 2.72 -4.74
N ASN A 9 8.82 3.31 -4.02
CA ASN A 9 8.73 4.70 -3.60
C ASN A 9 7.50 4.93 -2.73
N LEU A 10 7.11 3.94 -1.94
CA LEU A 10 5.96 4.08 -1.05
C LEU A 10 6.20 5.19 -0.04
N ALA A 11 5.34 6.21 -0.06
CA ALA A 11 5.48 7.33 0.85
C ALA A 11 4.12 7.91 1.21
N SER A 12 4.03 8.50 2.40
CA SER A 12 2.79 9.11 2.87
C SER A 12 2.75 10.59 2.55
N THR A 13 1.60 11.07 2.08
CA THR A 13 1.43 12.48 1.74
C THR A 13 0.57 13.20 2.77
N ALA A 14 -0.75 13.16 2.58
CA ALA A 14 -1.68 13.80 3.51
C ALA A 14 -2.11 12.83 4.61
N GLN A 15 -1.62 13.06 5.81
CA GLN A 15 -1.96 12.21 6.96
C GLN A 15 -2.58 13.02 8.08
N THR A 16 -3.66 12.51 8.65
CA THR A 16 -4.36 13.17 9.74
C THR A 16 -4.14 12.43 11.05
N THR A 17 -5.05 12.63 12.00
CA THR A 17 -4.95 11.98 13.31
C THR A 17 -5.69 10.65 13.32
N SER A 18 -6.50 10.42 12.29
CA SER A 18 -7.28 9.18 12.19
C SER A 18 -7.11 8.53 10.83
N SER A 19 -7.20 9.34 9.78
CA SER A 19 -7.06 8.84 8.41
C SER A 19 -5.66 9.13 7.86
N ILE A 20 -5.37 8.56 6.70
CA ILE A 20 -4.07 8.75 6.06
C ILE A 20 -4.12 8.42 4.57
N THR A 21 -3.35 9.14 3.77
CA THR A 21 -3.30 8.91 2.34
C THR A 21 -1.91 8.52 1.89
N LEU A 22 -1.77 7.28 1.42
CA LEU A 22 -0.49 6.77 0.96
C LEU A 22 -0.39 6.79 -0.57
N SER A 23 0.76 7.20 -1.07
CA SER A 23 0.99 7.26 -2.51
C SER A 23 2.24 6.48 -2.88
N TRP A 24 2.21 5.82 -4.04
CA TRP A 24 3.34 5.03 -4.50
C TRP A 24 3.34 4.89 -6.03
N THR A 25 4.43 4.37 -6.57
CA THR A 25 4.56 4.19 -8.01
C THR A 25 3.93 2.88 -8.46
N ALA A 26 3.23 2.91 -9.60
CA ALA A 26 2.58 1.73 -10.13
C ALA A 26 3.60 0.72 -10.64
N SER A 27 3.12 -0.42 -11.14
CA SER A 27 3.98 -1.47 -11.67
C SER A 27 4.44 -1.14 -13.09
N THR A 28 5.71 -1.40 -13.37
CA THR A 28 6.27 -1.13 -14.69
C THR A 28 5.79 -2.16 -15.70
N ASP A 29 4.99 -3.11 -15.24
CA ASP A 29 4.46 -4.16 -16.10
C ASP A 29 2.99 -3.92 -16.41
N ASN A 30 2.15 -4.03 -15.37
CA ASN A 30 0.71 -3.83 -15.53
C ASN A 30 0.13 -4.75 -16.59
N VAL A 31 0.82 -5.87 -16.83
CA VAL A 31 0.37 -6.84 -17.82
C VAL A 31 -0.58 -7.86 -17.20
N GLY A 32 -1.26 -7.46 -16.13
CA GLY A 32 -2.19 -8.35 -15.47
C GLY A 32 -2.64 -7.82 -14.12
N VAL A 33 -1.99 -6.74 -13.66
CA VAL A 33 -2.33 -6.12 -12.38
C VAL A 33 -3.72 -5.52 -12.42
N THR A 34 -4.35 -5.42 -11.25
CA THR A 34 -5.70 -4.86 -11.15
C THR A 34 -5.81 -3.90 -9.98
N GLY A 35 -5.41 -4.35 -8.80
CA GLY A 35 -5.49 -3.51 -7.62
C GLY A 35 -4.22 -3.56 -6.77
N TYR A 36 -4.22 -2.81 -5.68
CA TYR A 36 -3.07 -2.77 -4.78
C TYR A 36 -3.52 -2.88 -3.32
N ASP A 37 -3.02 -3.90 -2.63
CA ASP A 37 -3.36 -4.11 -1.23
C ASP A 37 -2.24 -3.61 -0.32
N VAL A 38 -2.58 -2.75 0.64
CA VAL A 38 -1.60 -2.19 1.56
C VAL A 38 -1.62 -2.92 2.90
N TYR A 39 -0.43 -3.12 3.47
CA TYR A 39 -0.31 -3.80 4.75
C TYR A 39 0.01 -2.83 5.88
N ASN A 40 -0.41 -3.18 7.09
CA ASN A 40 -0.17 -2.34 8.26
C ASN A 40 0.17 -3.19 9.48
N GLY A 41 1.47 -3.32 9.75
CA GLY A 41 1.92 -4.11 10.90
C GLY A 41 1.41 -5.53 10.85
N THR A 42 1.96 -6.33 9.94
CA THR A 42 1.58 -7.73 9.78
C THR A 42 0.06 -7.89 9.74
N ALA A 43 -0.63 -6.87 9.22
CA ALA A 43 -2.08 -6.90 9.13
C ALA A 43 -2.56 -5.92 8.06
N LEU A 44 -3.08 -6.47 6.96
CA LEU A 44 -3.57 -5.65 5.86
C LEU A 44 -4.57 -4.61 6.34
N ALA A 45 -4.39 -3.38 5.87
CA ALA A 45 -5.27 -2.27 6.26
C ALA A 45 -6.34 -2.04 5.18
N THR A 46 -6.12 -1.03 4.34
CA THR A 46 -7.08 -0.71 3.28
C THR A 46 -6.74 -1.45 1.99
N THR A 47 -7.68 -1.43 1.05
CA THR A 47 -7.50 -2.09 -0.23
C THR A 47 -7.97 -1.18 -1.36
N VAL A 48 -7.04 -0.80 -2.24
CA VAL A 48 -7.35 0.07 -3.36
C VAL A 48 -7.11 -0.62 -4.70
N THR A 49 -7.23 0.14 -5.77
CA THR A 49 -7.02 -0.39 -7.11
C THR A 49 -6.33 0.63 -8.01
N GLY A 50 -6.08 1.82 -7.45
CA GLY A 50 -5.43 2.88 -8.22
C GLY A 50 -3.98 3.06 -7.81
N THR A 51 -3.65 4.23 -7.30
CA THR A 51 -2.29 4.54 -6.88
C THR A 51 -2.25 5.04 -5.44
N THR A 52 -3.40 5.47 -4.93
CA THR A 52 -3.49 5.98 -3.57
C THR A 52 -4.22 5.00 -2.66
N ALA A 53 -4.16 5.23 -1.36
CA ALA A 53 -4.81 4.36 -0.39
C ALA A 53 -5.18 5.13 0.88
N THR A 54 -6.44 5.03 1.29
CA THR A 54 -6.91 5.71 2.48
C THR A 54 -7.17 4.73 3.62
N ILE A 55 -6.46 4.93 4.73
CA ILE A 55 -6.61 4.06 5.89
C ILE A 55 -7.31 4.80 7.03
N SER A 56 -8.23 4.10 7.70
CA SER A 56 -8.97 4.69 8.80
C SER A 56 -8.76 3.89 10.09
N GLY A 57 -9.31 4.39 11.19
CA GLY A 57 -9.17 3.70 12.46
C GLY A 57 -7.73 3.67 12.96
N LEU A 58 -7.17 4.85 13.19
CA LEU A 58 -5.79 4.95 13.66
C LEU A 58 -5.69 5.89 14.85
N ALA A 59 -5.14 5.40 15.95
CA ALA A 59 -4.99 6.19 17.17
C ALA A 59 -3.81 7.15 17.04
N ALA A 60 -3.99 8.38 17.54
CA ALA A 60 -2.94 9.38 17.48
C ALA A 60 -1.82 9.06 18.47
N ASP A 61 -0.67 9.73 18.28
CA ASP A 61 0.48 9.53 19.15
C ASP A 61 0.89 8.06 19.18
N THR A 62 0.92 7.43 18.01
CA THR A 62 1.30 6.02 17.92
C THR A 62 2.18 5.78 16.69
N SER A 63 3.05 4.79 16.78
CA SER A 63 3.95 4.44 15.69
C SER A 63 3.27 3.47 14.73
N TYR A 64 3.40 3.75 13.44
CA TYR A 64 2.79 2.89 12.41
C TYR A 64 3.79 2.56 11.31
N THR A 65 3.58 1.43 10.66
CA THR A 65 4.45 0.98 9.57
C THR A 65 3.60 0.40 8.44
N PHE A 66 3.45 1.16 7.36
CA PHE A 66 2.65 0.72 6.23
C PHE A 66 3.51 0.19 5.09
N THR A 67 2.84 -0.30 4.04
CA THR A 67 3.49 -0.84 2.86
C THR A 67 2.44 -1.17 1.80
N VAL A 68 2.88 -1.46 0.57
CA VAL A 68 1.96 -1.77 -0.50
C VAL A 68 2.36 -3.04 -1.24
N LYS A 69 1.36 -3.73 -1.79
CA LYS A 69 1.61 -4.97 -2.52
C LYS A 69 0.71 -5.07 -3.76
N ALA A 70 1.33 -5.23 -4.92
CA ALA A 70 0.59 -5.32 -6.17
C ALA A 70 0.02 -6.73 -6.36
N LYS A 71 -1.26 -6.80 -6.73
CA LYS A 71 -1.92 -8.08 -6.93
C LYS A 71 -2.43 -8.19 -8.37
N ASP A 72 -2.39 -9.41 -8.91
CA ASP A 72 -2.84 -9.65 -10.28
C ASP A 72 -4.16 -10.41 -10.29
N ALA A 73 -4.81 -10.45 -11.46
CA ALA A 73 -6.08 -11.15 -11.61
C ALA A 73 -5.85 -12.61 -11.97
N ALA A 74 -4.80 -13.20 -11.43
CA ALA A 74 -4.47 -14.59 -11.70
C ALA A 74 -3.98 -15.30 -10.43
N GLY A 75 -4.02 -14.58 -9.31
CA GLY A 75 -3.57 -15.15 -8.06
C GLY A 75 -2.09 -14.97 -7.82
N ASN A 76 -1.51 -13.94 -8.43
CA ASN A 76 -0.08 -13.66 -8.28
C ASN A 76 0.14 -12.33 -7.56
N VAL A 77 0.89 -12.38 -6.47
CA VAL A 77 1.18 -11.17 -5.70
C VAL A 77 2.67 -10.84 -5.71
N SER A 78 2.99 -9.58 -5.93
CA SER A 78 4.38 -9.13 -5.97
C SER A 78 4.95 -9.01 -4.56
N ALA A 79 6.09 -8.34 -4.45
CA ALA A 79 6.74 -8.16 -3.14
C ALA A 79 6.21 -6.90 -2.45
N ALA A 80 6.62 -6.71 -1.20
CA ALA A 80 6.18 -5.55 -0.43
C ALA A 80 7.07 -4.35 -0.68
N SER A 81 6.46 -3.19 -0.90
CA SER A 81 7.21 -1.96 -1.15
C SER A 81 8.04 -1.58 0.06
N ASN A 82 8.78 -0.48 -0.06
CA ASN A 82 9.61 0.00 1.03
C ASN A 82 8.77 0.25 2.28
N ALA A 83 9.38 0.06 3.44
CA ALA A 83 8.67 0.25 4.70
C ALA A 83 8.57 1.72 5.06
N VAL A 84 7.36 2.17 5.36
CA VAL A 84 7.12 3.55 5.72
C VAL A 84 6.80 3.69 7.21
N SER A 85 7.32 4.74 7.82
CA SER A 85 7.09 4.99 9.24
C SER A 85 6.12 6.14 9.43
N VAL A 86 4.88 5.81 9.76
CA VAL A 86 3.84 6.82 9.96
C VAL A 86 3.63 7.11 11.44
N LYS A 87 3.96 8.33 11.84
CA LYS A 87 3.80 8.75 13.23
C LYS A 87 2.63 9.71 13.38
N THR A 88 1.50 9.19 13.85
CA THR A 88 0.30 9.99 14.04
C THR A 88 0.33 10.72 15.38
N HIS A 1 2.56 -11.73 -18.03
CA HIS A 1 2.02 -13.11 -17.94
C HIS A 1 2.19 -13.69 -16.54
N MET A 2 3.15 -13.14 -15.81
CA MET A 2 3.42 -13.61 -14.44
C MET A 2 3.09 -12.53 -13.42
N ALA A 3 3.62 -12.69 -12.21
CA ALA A 3 3.38 -11.73 -11.14
C ALA A 3 3.90 -10.34 -11.53
N PRO A 4 3.22 -9.28 -11.06
CA PRO A 4 3.63 -7.90 -11.36
C PRO A 4 4.89 -7.49 -10.60
N THR A 5 5.10 -6.19 -10.46
CA THR A 5 6.27 -5.67 -9.77
C THR A 5 5.87 -5.03 -8.45
N ALA A 6 6.62 -5.35 -7.40
CA ALA A 6 6.37 -4.81 -6.07
C ALA A 6 6.58 -3.29 -6.04
N PRO A 7 5.59 -2.53 -5.54
CA PRO A 7 5.68 -1.07 -5.46
C PRO A 7 7.03 -0.61 -4.92
N THR A 8 7.60 0.42 -5.55
CA THR A 8 8.89 0.95 -5.14
C THR A 8 8.79 2.40 -4.71
N ASN A 9 9.66 2.78 -3.77
CA ASN A 9 9.71 4.15 -3.27
C ASN A 9 8.35 4.58 -2.72
N LEU A 10 7.89 3.88 -1.68
CA LEU A 10 6.61 4.21 -1.06
C LEU A 10 6.66 5.58 -0.40
N ALA A 11 5.50 6.19 -0.18
CA ALA A 11 5.45 7.50 0.45
C ALA A 11 4.07 7.79 1.01
N SER A 12 3.94 8.95 1.66
CA SER A 12 2.68 9.37 2.25
C SER A 12 2.38 10.81 1.89
N THR A 13 1.09 11.16 1.82
CA THR A 13 0.68 12.52 1.47
C THR A 13 -0.15 13.14 2.59
N ALA A 14 -1.47 12.97 2.51
CA ALA A 14 -2.38 13.53 3.51
C ALA A 14 -2.61 12.55 4.65
N GLN A 15 -1.87 12.73 5.74
CA GLN A 15 -1.99 11.86 6.91
C GLN A 15 -2.54 12.63 8.10
N THR A 16 -3.83 12.43 8.38
CA THR A 16 -4.49 13.11 9.49
C THR A 16 -4.33 12.32 10.79
N THR A 17 -5.16 12.65 11.78
CA THR A 17 -5.12 11.96 13.07
C THR A 17 -6.08 10.78 13.13
N SER A 18 -6.50 10.30 11.95
CA SER A 18 -7.41 9.18 11.88
C SER A 18 -7.35 8.49 10.53
N SER A 19 -7.33 9.29 9.46
CA SER A 19 -7.26 8.76 8.11
C SER A 19 -5.95 9.14 7.44
N ILE A 20 -5.20 8.14 7.01
CA ILE A 20 -3.92 8.36 6.35
C ILE A 20 -4.00 8.04 4.86
N THR A 21 -3.39 8.89 4.04
CA THR A 21 -3.38 8.70 2.60
C THR A 21 -1.97 8.40 2.10
N LEU A 22 -1.78 7.20 1.56
CA LEU A 22 -0.47 6.80 1.05
C LEU A 22 -0.42 6.85 -0.47
N SER A 23 0.78 6.99 -1.00
CA SER A 23 0.99 7.06 -2.44
C SER A 23 2.29 6.36 -2.81
N TRP A 24 2.28 5.61 -3.90
CA TRP A 24 3.47 4.88 -4.34
C TRP A 24 3.56 4.83 -5.87
N THR A 25 4.71 4.38 -6.36
CA THR A 25 4.93 4.28 -7.80
C THR A 25 4.30 3.01 -8.37
N ALA A 26 3.47 3.18 -9.39
CA ALA A 26 2.80 2.05 -10.03
C ALA A 26 3.82 1.06 -10.59
N SER A 27 3.36 -0.15 -10.88
CA SER A 27 4.22 -1.19 -11.43
C SER A 27 4.28 -1.11 -12.95
N THR A 28 5.49 -1.17 -13.49
CA THR A 28 5.69 -1.12 -14.94
C THR A 28 5.14 -2.36 -15.61
N ASP A 29 4.75 -3.35 -14.81
CA ASP A 29 4.21 -4.60 -15.34
C ASP A 29 2.69 -4.60 -15.27
N ASN A 30 2.06 -3.58 -15.86
CA ASN A 30 0.60 -3.48 -15.87
C ASN A 30 0.00 -4.54 -16.79
N VAL A 31 -0.98 -4.14 -17.60
CA VAL A 31 -1.64 -5.06 -18.52
C VAL A 31 -2.15 -6.29 -17.79
N GLY A 32 -2.31 -6.16 -16.48
CA GLY A 32 -2.79 -7.25 -15.66
C GLY A 32 -3.09 -6.81 -14.24
N VAL A 33 -2.32 -5.84 -13.76
CA VAL A 33 -2.51 -5.30 -12.42
C VAL A 33 -3.86 -4.61 -12.30
N THR A 34 -4.73 -5.12 -11.44
CA THR A 34 -6.06 -4.56 -11.26
C THR A 34 -6.15 -3.68 -10.02
N GLY A 35 -5.45 -4.06 -8.96
CA GLY A 35 -5.49 -3.28 -7.72
C GLY A 35 -4.28 -3.51 -6.84
N TYR A 36 -4.25 -2.79 -5.71
CA TYR A 36 -3.15 -2.90 -4.76
C TYR A 36 -3.68 -3.24 -3.36
N ASP A 37 -2.82 -3.87 -2.55
CA ASP A 37 -3.18 -4.24 -1.18
C ASP A 37 -2.11 -3.79 -0.20
N VAL A 38 -2.48 -2.91 0.72
CA VAL A 38 -1.54 -2.41 1.71
C VAL A 38 -1.68 -3.13 3.04
N TYR A 39 -0.56 -3.35 3.72
CA TYR A 39 -0.54 -4.04 5.00
C TYR A 39 -0.23 -3.08 6.15
N ASN A 40 -0.66 -3.45 7.35
CA ASN A 40 -0.42 -2.64 8.55
C ASN A 40 0.42 -3.43 9.55
N GLY A 41 1.73 -3.39 9.36
CA GLY A 41 2.63 -4.12 10.26
C GLY A 41 2.73 -5.59 9.90
N THR A 42 1.58 -6.23 9.77
CA THR A 42 1.53 -7.65 9.42
C THR A 42 0.21 -8.01 8.74
N ALA A 43 -0.89 -7.50 9.28
CA ALA A 43 -2.21 -7.76 8.73
C ALA A 43 -2.49 -6.88 7.52
N LEU A 44 -3.61 -7.14 6.85
CA LEU A 44 -3.99 -6.35 5.68
C LEU A 44 -4.87 -5.18 6.10
N ALA A 45 -4.49 -3.96 5.69
CA ALA A 45 -5.25 -2.78 6.03
C ALA A 45 -6.33 -2.50 4.99
N THR A 46 -6.12 -1.48 4.17
CA THR A 46 -7.09 -1.13 3.14
C THR A 46 -6.78 -1.83 1.82
N THR A 47 -7.76 -1.83 0.93
CA THR A 47 -7.62 -2.45 -0.38
C THR A 47 -8.08 -1.48 -1.47
N VAL A 48 -7.12 -0.94 -2.21
CA VAL A 48 -7.43 0.01 -3.27
C VAL A 48 -7.14 -0.58 -4.65
N THR A 49 -7.33 0.24 -5.69
CA THR A 49 -7.09 -0.19 -7.06
C THR A 49 -6.37 0.90 -7.84
N GLY A 50 -6.46 2.14 -7.35
CA GLY A 50 -5.81 3.25 -8.02
C GLY A 50 -4.33 3.34 -7.70
N THR A 51 -3.93 4.43 -7.05
CA THR A 51 -2.54 4.64 -6.70
C THR A 51 -2.38 5.09 -5.24
N THR A 52 -3.51 5.33 -4.58
CA THR A 52 -3.49 5.76 -3.18
C THR A 52 -4.26 4.80 -2.29
N ALA A 53 -3.94 4.80 -1.00
CA ALA A 53 -4.59 3.92 -0.03
C ALA A 53 -4.97 4.69 1.24
N THR A 54 -6.23 4.55 1.66
CA THR A 54 -6.71 5.23 2.84
C THR A 54 -6.98 4.24 3.98
N ILE A 55 -6.37 4.50 5.13
CA ILE A 55 -6.54 3.64 6.29
C ILE A 55 -7.34 4.35 7.39
N SER A 56 -8.28 3.62 7.99
CA SER A 56 -9.11 4.17 9.05
C SER A 56 -8.83 3.48 10.38
N GLY A 57 -9.51 3.94 11.43
CA GLY A 57 -9.31 3.35 12.75
C GLY A 57 -7.91 3.57 13.27
N LEU A 58 -7.34 4.72 12.98
CA LEU A 58 -5.99 5.05 13.42
C LEU A 58 -6.01 5.70 14.79
N ALA A 59 -4.84 6.16 15.25
CA ALA A 59 -4.72 6.80 16.54
C ALA A 59 -3.64 7.87 16.52
N ALA A 60 -3.72 8.81 17.45
CA ALA A 60 -2.76 9.90 17.53
C ALA A 60 -1.57 9.51 18.41
N ASP A 61 -0.43 10.19 18.20
CA ASP A 61 0.78 9.92 18.96
C ASP A 61 1.17 8.45 18.87
N THR A 62 1.09 7.90 17.67
CA THR A 62 1.43 6.50 17.45
C THR A 62 2.20 6.30 16.14
N SER A 63 3.14 5.38 16.14
CA SER A 63 3.94 5.09 14.95
C SER A 63 3.27 3.99 14.13
N TYR A 64 3.30 4.13 12.81
CA TYR A 64 2.69 3.14 11.94
C TYR A 64 3.59 2.80 10.75
N THR A 65 3.91 1.52 10.62
CA THR A 65 4.75 1.04 9.52
C THR A 65 3.89 0.37 8.46
N PHE A 66 3.68 1.06 7.34
CA PHE A 66 2.85 0.53 6.26
C PHE A 66 3.67 -0.07 5.14
N THR A 67 2.96 -0.63 4.17
CA THR A 67 3.56 -1.27 3.00
C THR A 67 2.48 -1.59 1.97
N VAL A 68 2.85 -1.68 0.71
CA VAL A 68 1.88 -1.99 -0.34
C VAL A 68 2.24 -3.28 -1.07
N LYS A 69 1.24 -3.86 -1.72
CA LYS A 69 1.42 -5.11 -2.45
C LYS A 69 0.64 -5.09 -3.76
N ALA A 70 1.37 -5.10 -4.88
CA ALA A 70 0.75 -5.09 -6.19
C ALA A 70 0.25 -6.47 -6.60
N LYS A 71 -1.05 -6.58 -6.82
CA LYS A 71 -1.65 -7.85 -7.22
C LYS A 71 -2.29 -7.74 -8.61
N ASP A 72 -2.62 -8.89 -9.19
CA ASP A 72 -3.24 -8.93 -10.51
C ASP A 72 -4.56 -9.70 -10.47
N ALA A 73 -5.36 -9.54 -11.51
CA ALA A 73 -6.65 -10.23 -11.59
C ALA A 73 -6.48 -11.63 -12.17
N ALA A 74 -5.64 -12.43 -11.52
CA ALA A 74 -5.40 -13.80 -11.96
C ALA A 74 -4.83 -14.65 -10.82
N GLY A 75 -4.29 -13.98 -9.81
CA GLY A 75 -3.72 -14.70 -8.68
C GLY A 75 -2.21 -14.51 -8.59
N ASN A 76 -1.73 -13.39 -9.13
CA ASN A 76 -0.30 -13.10 -9.10
C ASN A 76 -0.04 -11.77 -8.40
N VAL A 77 0.76 -11.81 -7.34
CA VAL A 77 1.09 -10.62 -6.58
C VAL A 77 2.56 -10.60 -6.18
N SER A 78 3.21 -9.45 -6.36
CA SER A 78 4.62 -9.29 -6.03
C SER A 78 4.81 -9.17 -4.52
N ALA A 79 6.04 -8.94 -4.10
CA ALA A 79 6.36 -8.79 -2.68
C ALA A 79 5.90 -7.44 -2.16
N ALA A 80 6.06 -7.22 -0.85
CA ALA A 80 5.67 -5.97 -0.23
C ALA A 80 6.63 -4.85 -0.59
N SER A 81 6.14 -3.61 -0.55
CA SER A 81 6.95 -2.45 -0.86
C SER A 81 7.84 -2.07 0.32
N ASN A 82 8.36 -0.85 0.29
CA ASN A 82 9.23 -0.35 1.36
C ASN A 82 8.40 -0.01 2.59
N ALA A 83 9.00 -0.21 3.76
CA ALA A 83 8.32 0.09 5.02
C ALA A 83 8.37 1.58 5.33
N VAL A 84 7.20 2.19 5.43
CA VAL A 84 7.11 3.61 5.73
C VAL A 84 6.74 3.86 7.20
N SER A 85 7.46 4.79 7.83
CA SER A 85 7.20 5.12 9.22
C SER A 85 6.57 6.51 9.33
N VAL A 86 5.28 6.54 9.62
CA VAL A 86 4.55 7.80 9.73
C VAL A 86 4.16 8.07 11.19
N LYS A 87 4.45 9.28 11.66
CA LYS A 87 4.13 9.66 13.03
C LYS A 87 2.81 10.44 13.08
N THR A 88 1.86 9.92 13.84
CA THR A 88 0.56 10.56 13.97
C THR A 88 0.50 11.44 15.21
N HIS A 1 -1.11 -14.72 -16.01
CA HIS A 1 0.15 -15.51 -15.93
C HIS A 1 1.30 -14.65 -15.41
N MET A 2 2.12 -15.25 -14.54
CA MET A 2 3.27 -14.56 -13.96
C MET A 2 2.83 -13.40 -13.07
N ALA A 3 3.45 -13.28 -11.91
CA ALA A 3 3.14 -12.23 -10.97
C ALA A 3 3.63 -10.87 -11.48
N PRO A 4 2.96 -9.77 -11.07
CA PRO A 4 3.33 -8.42 -11.49
C PRO A 4 4.58 -7.92 -10.78
N THR A 5 4.83 -6.61 -10.87
CA THR A 5 5.99 -6.01 -10.22
C THR A 5 5.62 -5.45 -8.85
N ALA A 6 6.57 -5.43 -7.94
CA ALA A 6 6.35 -4.91 -6.60
C ALA A 6 6.51 -3.40 -6.55
N PRO A 7 5.49 -2.68 -6.04
CA PRO A 7 5.52 -1.21 -5.92
C PRO A 7 6.82 -0.73 -5.29
N THR A 8 7.20 0.52 -5.59
CA THR A 8 8.43 1.08 -5.04
C THR A 8 8.27 2.56 -4.73
N ASN A 9 9.19 3.09 -3.92
CA ASN A 9 9.19 4.50 -3.54
C ASN A 9 7.85 4.92 -2.94
N LEU A 10 7.40 4.19 -1.92
CA LEU A 10 6.14 4.52 -1.25
C LEU A 10 6.35 5.75 -0.36
N ALA A 11 5.25 6.44 -0.07
CA ALA A 11 5.31 7.63 0.77
C ALA A 11 3.94 7.98 1.35
N SER A 12 3.88 9.08 2.10
CA SER A 12 2.65 9.53 2.71
C SER A 12 2.46 11.03 2.49
N THR A 13 1.28 11.41 2.01
CA THR A 13 0.98 12.81 1.75
C THR A 13 -0.09 13.33 2.71
N ALA A 14 -1.34 12.91 2.50
CA ALA A 14 -2.44 13.34 3.37
C ALA A 14 -2.61 12.38 4.53
N GLN A 15 -2.02 12.74 5.68
CA GLN A 15 -2.11 11.92 6.87
C GLN A 15 -2.69 12.71 8.04
N THR A 16 -3.95 12.43 8.37
CA THR A 16 -4.62 13.12 9.46
C THR A 16 -4.33 12.43 10.79
N THR A 17 -5.22 12.60 11.76
CA THR A 17 -5.04 12.00 13.08
C THR A 17 -5.61 10.58 13.14
N SER A 18 -6.74 10.36 12.47
CA SER A 18 -7.38 9.05 12.46
C SER A 18 -7.37 8.44 11.06
N SER A 19 -6.85 9.18 10.10
CA SER A 19 -6.80 8.70 8.71
C SER A 19 -5.43 8.97 8.11
N ILE A 20 -5.15 8.33 6.98
CA ILE A 20 -3.87 8.50 6.29
C ILE A 20 -3.97 8.06 4.83
N THR A 21 -3.18 8.72 3.98
CA THR A 21 -3.17 8.40 2.56
C THR A 21 -1.74 8.26 2.05
N LEU A 22 -1.44 7.12 1.45
CA LEU A 22 -0.10 6.86 0.94
C LEU A 22 -0.07 6.90 -0.60
N SER A 23 1.10 7.23 -1.14
CA SER A 23 1.27 7.30 -2.59
C SER A 23 2.55 6.58 -2.99
N TRP A 24 2.48 5.78 -4.04
CA TRP A 24 3.64 5.02 -4.51
C TRP A 24 3.67 4.92 -6.04
N THR A 25 4.79 4.44 -6.56
CA THR A 25 4.96 4.29 -8.00
C THR A 25 4.32 3.00 -8.50
N ALA A 26 3.30 3.14 -9.35
CA ALA A 26 2.60 1.99 -9.90
C ALA A 26 3.53 1.14 -10.75
N SER A 27 3.18 -0.13 -10.91
CA SER A 27 3.97 -1.06 -11.70
C SER A 27 3.94 -0.69 -13.18
N THR A 28 5.04 -0.92 -13.88
CA THR A 28 5.13 -0.61 -15.30
C THR A 28 4.53 -1.73 -16.14
N ASP A 29 3.68 -2.54 -15.51
CA ASP A 29 3.03 -3.65 -16.20
C ASP A 29 1.57 -3.78 -15.75
N ASN A 30 0.74 -2.84 -16.18
CA ASN A 30 -0.67 -2.84 -15.83
C ASN A 30 -1.47 -3.72 -16.79
N VAL A 31 -0.79 -4.65 -17.44
CA VAL A 31 -1.44 -5.55 -18.38
C VAL A 31 -2.03 -6.76 -17.66
N GLY A 32 -1.99 -6.73 -16.34
CA GLY A 32 -2.53 -7.83 -15.56
C GLY A 32 -2.93 -7.40 -14.16
N VAL A 33 -2.30 -6.33 -13.67
CA VAL A 33 -2.58 -5.82 -12.34
C VAL A 33 -4.00 -5.26 -12.25
N THR A 34 -4.66 -5.49 -11.13
CA THR A 34 -6.02 -5.02 -10.93
C THR A 34 -6.09 -4.01 -9.79
N GLY A 35 -5.54 -4.38 -8.64
CA GLY A 35 -5.55 -3.50 -7.49
C GLY A 35 -4.29 -3.61 -6.66
N TYR A 36 -4.21 -2.82 -5.59
CA TYR A 36 -3.05 -2.83 -4.71
C TYR A 36 -3.47 -2.94 -3.25
N ASP A 37 -3.02 -4.00 -2.58
CA ASP A 37 -3.34 -4.22 -1.18
C ASP A 37 -2.18 -3.77 -0.29
N VAL A 38 -2.45 -2.85 0.62
CA VAL A 38 -1.43 -2.33 1.52
C VAL A 38 -1.55 -2.97 2.91
N TYR A 39 -0.40 -3.32 3.49
CA TYR A 39 -0.36 -3.92 4.81
C TYR A 39 -0.02 -2.89 5.86
N ASN A 40 -0.31 -3.22 7.12
CA ASN A 40 -0.03 -2.31 8.24
C ASN A 40 0.48 -3.09 9.44
N GLY A 41 1.80 -3.26 9.51
CA GLY A 41 2.40 -3.99 10.60
C GLY A 41 1.93 -5.44 10.65
N THR A 42 2.36 -6.22 9.65
CA THR A 42 1.99 -7.63 9.56
C THR A 42 0.47 -7.81 9.68
N ALA A 43 -0.27 -6.83 9.14
CA ALA A 43 -1.73 -6.86 9.19
C ALA A 43 -2.31 -5.99 8.10
N LEU A 44 -2.77 -6.61 7.01
CA LEU A 44 -3.35 -5.89 5.89
C LEU A 44 -4.40 -4.88 6.36
N ALA A 45 -4.19 -3.61 6.00
CA ALA A 45 -5.10 -2.55 6.38
C ALA A 45 -6.16 -2.31 5.31
N THR A 46 -5.94 -1.28 4.48
CA THR A 46 -6.89 -0.96 3.41
C THR A 46 -6.54 -1.68 2.12
N THR A 47 -7.46 -1.63 1.16
CA THR A 47 -7.28 -2.26 -0.13
C THR A 47 -7.78 -1.35 -1.25
N VAL A 48 -6.84 -0.81 -2.03
CA VAL A 48 -7.18 0.09 -3.11
C VAL A 48 -6.97 -0.57 -4.48
N THR A 49 -7.07 0.24 -5.53
CA THR A 49 -6.89 -0.24 -6.90
C THR A 49 -6.11 0.77 -7.73
N GLY A 50 -5.70 1.86 -7.10
CA GLY A 50 -4.95 2.89 -7.79
C GLY A 50 -3.53 3.04 -7.29
N THR A 51 -3.11 4.28 -7.07
CA THR A 51 -1.77 4.55 -6.57
C THR A 51 -1.80 5.12 -5.16
N THR A 52 -3.01 5.35 -4.64
CA THR A 52 -3.18 5.89 -3.30
C THR A 52 -3.96 4.93 -2.41
N ALA A 53 -3.72 4.99 -1.10
CA ALA A 53 -4.38 4.13 -0.14
C ALA A 53 -4.85 4.92 1.08
N THR A 54 -6.14 4.85 1.37
CA THR A 54 -6.70 5.56 2.52
C THR A 54 -7.04 4.60 3.65
N ILE A 55 -6.66 4.97 4.87
CA ILE A 55 -6.93 4.15 6.05
C ILE A 55 -7.77 4.91 7.06
N SER A 56 -8.74 4.22 7.66
CA SER A 56 -9.61 4.84 8.66
C SER A 56 -9.46 4.15 10.02
N GLY A 57 -9.89 4.83 11.07
CA GLY A 57 -9.79 4.26 12.41
C GLY A 57 -8.35 4.13 12.87
N LEU A 58 -7.77 5.24 13.30
CA LEU A 58 -6.38 5.24 13.76
C LEU A 58 -6.24 6.02 15.06
N ALA A 59 -5.22 5.69 15.84
CA ALA A 59 -4.96 6.35 17.11
C ALA A 59 -4.01 7.54 16.93
N ALA A 60 -3.97 8.41 17.93
CA ALA A 60 -3.10 9.58 17.88
C ALA A 60 -1.74 9.26 18.48
N ASP A 61 -0.73 10.05 18.08
CA ASP A 61 0.64 9.87 18.56
C ASP A 61 1.01 8.38 18.65
N THR A 62 0.93 7.69 17.52
CA THR A 62 1.25 6.28 17.46
C THR A 62 2.12 5.97 16.25
N SER A 63 2.99 4.96 16.40
CA SER A 63 3.88 4.56 15.32
C SER A 63 3.20 3.54 14.40
N TYR A 64 3.25 3.79 13.11
CA TYR A 64 2.63 2.89 12.13
C TYR A 64 3.55 2.61 10.95
N THR A 65 3.62 1.34 10.56
CA THR A 65 4.45 0.94 9.43
C THR A 65 3.57 0.40 8.30
N PHE A 66 3.75 0.93 7.10
CA PHE A 66 2.94 0.50 5.97
C PHE A 66 3.78 -0.10 4.84
N THR A 67 3.08 -0.71 3.89
CA THR A 67 3.70 -1.33 2.73
C THR A 67 2.62 -1.66 1.69
N VAL A 68 2.99 -1.70 0.42
CA VAL A 68 2.01 -1.98 -0.63
C VAL A 68 2.36 -3.25 -1.41
N LYS A 69 1.33 -3.85 -2.00
CA LYS A 69 1.49 -5.07 -2.78
C LYS A 69 0.60 -5.04 -4.02
N ALA A 70 1.11 -5.57 -5.13
CA ALA A 70 0.36 -5.60 -6.37
C ALA A 70 -0.25 -6.97 -6.63
N LYS A 71 -1.55 -6.99 -6.90
CA LYS A 71 -2.26 -8.24 -7.17
C LYS A 71 -2.84 -8.23 -8.58
N ASP A 72 -2.77 -9.37 -9.26
CA ASP A 72 -3.31 -9.48 -10.62
C ASP A 72 -4.62 -10.25 -10.62
N ALA A 73 -5.33 -10.21 -11.75
CA ALA A 73 -6.62 -10.89 -11.87
C ALA A 73 -6.46 -12.41 -11.80
N ALA A 74 -5.33 -12.92 -12.29
CA ALA A 74 -5.07 -14.36 -12.29
C ALA A 74 -4.64 -14.85 -10.92
N GLY A 75 -4.67 -13.97 -9.92
CA GLY A 75 -4.28 -14.34 -8.58
C GLY A 75 -2.77 -14.42 -8.42
N ASN A 76 -2.12 -13.26 -8.45
CA ASN A 76 -0.66 -13.20 -8.32
C ASN A 76 -0.24 -11.90 -7.63
N VAL A 77 0.49 -12.03 -6.53
CA VAL A 77 0.95 -10.86 -5.79
C VAL A 77 2.47 -10.71 -5.86
N SER A 78 2.91 -9.46 -6.02
CA SER A 78 4.33 -9.15 -6.09
C SER A 78 4.92 -9.04 -4.70
N ALA A 79 6.12 -8.47 -4.59
CA ALA A 79 6.78 -8.30 -3.31
C ALA A 79 6.25 -7.06 -2.59
N ALA A 80 6.47 -7.00 -1.28
CA ALA A 80 6.02 -5.87 -0.48
C ALA A 80 6.89 -4.64 -0.74
N SER A 81 6.27 -3.47 -0.73
CA SER A 81 6.99 -2.22 -0.95
C SER A 81 7.86 -1.86 0.24
N ASN A 82 8.28 -0.60 0.30
CA ASN A 82 9.14 -0.12 1.39
C ASN A 82 8.29 0.20 2.63
N ALA A 83 8.84 -0.12 3.79
CA ALA A 83 8.14 0.13 5.05
C ALA A 83 8.26 1.59 5.47
N VAL A 84 7.12 2.27 5.52
CA VAL A 84 7.10 3.68 5.90
C VAL A 84 6.66 3.85 7.35
N SER A 85 7.42 4.65 8.10
CA SER A 85 7.10 4.90 9.50
C SER A 85 6.53 6.30 9.68
N VAL A 86 5.26 6.37 10.07
CA VAL A 86 4.60 7.66 10.27
C VAL A 86 4.07 7.79 11.68
N LYS A 87 4.06 9.03 12.20
CA LYS A 87 3.56 9.29 13.54
C LYS A 87 2.26 10.09 13.50
N THR A 88 1.19 9.48 13.97
CA THR A 88 -0.13 10.12 14.00
C THR A 88 -0.26 11.04 15.21
N HIS A 1 4.60 -12.88 -17.51
CA HIS A 1 4.91 -13.87 -16.44
C HIS A 1 3.82 -13.89 -15.38
N MET A 2 2.66 -13.34 -15.71
CA MET A 2 1.51 -13.29 -14.79
C MET A 2 1.81 -12.38 -13.60
N ALA A 3 2.64 -12.86 -12.68
CA ALA A 3 3.00 -12.10 -11.48
C ALA A 3 3.42 -10.67 -11.84
N PRO A 4 2.91 -9.68 -11.10
CA PRO A 4 3.23 -8.27 -11.34
C PRO A 4 4.55 -7.85 -10.68
N THR A 5 4.71 -6.55 -10.47
CA THR A 5 5.92 -6.02 -9.86
C THR A 5 5.60 -5.37 -8.51
N ALA A 6 6.41 -5.67 -7.51
CA ALA A 6 6.22 -5.13 -6.17
C ALA A 6 6.43 -3.61 -6.16
N PRO A 7 5.45 -2.86 -5.62
CA PRO A 7 5.53 -1.38 -5.55
C PRO A 7 6.85 -0.91 -4.97
N THR A 8 7.17 0.36 -5.16
CA THR A 8 8.42 0.92 -4.64
C THR A 8 8.30 2.43 -4.43
N ASN A 9 9.17 2.96 -3.58
CA ASN A 9 9.18 4.39 -3.29
C ASN A 9 7.84 4.86 -2.74
N LEU A 10 7.33 4.14 -1.74
CA LEU A 10 6.05 4.49 -1.12
C LEU A 10 6.20 5.75 -0.29
N ALA A 11 5.08 6.43 -0.04
CA ALA A 11 5.10 7.66 0.74
C ALA A 11 3.71 7.99 1.29
N SER A 12 3.65 9.03 2.11
CA SER A 12 2.39 9.47 2.71
C SER A 12 2.19 10.97 2.51
N THR A 13 0.95 11.37 2.27
CA THR A 13 0.63 12.77 2.06
C THR A 13 -0.25 13.31 3.18
N ALA A 14 -1.54 13.00 3.12
CA ALA A 14 -2.48 13.47 4.13
C ALA A 14 -2.58 12.48 5.29
N GLN A 15 -1.83 12.77 6.36
CA GLN A 15 -1.82 11.90 7.54
C GLN A 15 -2.39 12.63 8.75
N THR A 16 -3.67 12.40 9.02
CA THR A 16 -4.33 13.03 10.16
C THR A 16 -4.26 12.15 11.40
N THR A 17 -5.10 12.45 12.39
CA THR A 17 -5.12 11.68 13.64
C THR A 17 -6.10 10.52 13.55
N SER A 18 -6.38 10.06 12.33
CA SER A 18 -7.30 8.94 12.12
C SER A 18 -7.14 8.36 10.73
N SER A 19 -7.15 9.23 9.71
CA SER A 19 -7.00 8.80 8.32
C SER A 19 -5.59 9.02 7.83
N ILE A 20 -5.21 8.32 6.76
CA ILE A 20 -3.88 8.45 6.18
C ILE A 20 -3.90 8.16 4.69
N THR A 21 -3.18 8.99 3.92
CA THR A 21 -3.11 8.83 2.48
C THR A 21 -1.74 8.28 2.08
N LEU A 22 -1.74 7.25 1.25
CA LEU A 22 -0.50 6.62 0.80
C LEU A 22 -0.36 6.67 -0.71
N SER A 23 0.78 7.18 -1.17
CA SER A 23 1.06 7.27 -2.61
C SER A 23 2.36 6.53 -2.94
N TRP A 24 2.30 5.65 -3.94
CA TRP A 24 3.46 4.88 -4.34
C TRP A 24 3.53 4.73 -5.86
N THR A 25 4.65 4.21 -6.34
CA THR A 25 4.85 4.01 -7.78
C THR A 25 4.16 2.74 -8.25
N ALA A 26 3.27 2.89 -9.23
CA ALA A 26 2.53 1.77 -9.78
C ALA A 26 3.48 0.74 -10.40
N SER A 27 2.97 -0.46 -10.61
CA SER A 27 3.76 -1.54 -11.21
C SER A 27 4.00 -1.27 -12.69
N THR A 28 5.04 -1.89 -13.23
CA THR A 28 5.39 -1.72 -14.64
C THR A 28 4.59 -2.69 -15.52
N ASP A 29 3.52 -3.23 -14.96
CA ASP A 29 2.67 -4.17 -15.69
C ASP A 29 1.19 -3.89 -15.43
N ASN A 30 0.82 -2.61 -15.45
CA ASN A 30 -0.56 -2.20 -15.21
C ASN A 30 -1.50 -2.80 -16.24
N VAL A 31 -0.93 -3.36 -17.32
CA VAL A 31 -1.72 -3.97 -18.37
C VAL A 31 -2.41 -5.24 -17.87
N GLY A 32 -2.04 -5.68 -16.67
CA GLY A 32 -2.63 -6.87 -16.10
C GLY A 32 -3.09 -6.66 -14.67
N VAL A 33 -2.42 -5.77 -13.96
CA VAL A 33 -2.76 -5.48 -12.57
C VAL A 33 -4.15 -4.83 -12.48
N THR A 34 -4.87 -5.14 -11.41
CA THR A 34 -6.21 -4.60 -11.22
C THR A 34 -6.28 -3.74 -9.96
N GLY A 35 -5.54 -4.13 -8.93
CA GLY A 35 -5.55 -3.38 -7.68
C GLY A 35 -4.30 -3.60 -6.85
N TYR A 36 -4.14 -2.78 -5.82
CA TYR A 36 -2.99 -2.86 -4.93
C TYR A 36 -3.45 -3.08 -3.49
N ASP A 37 -2.91 -4.12 -2.85
CA ASP A 37 -3.26 -4.43 -1.46
C ASP A 37 -2.16 -3.96 -0.53
N VAL A 38 -2.49 -3.01 0.35
CA VAL A 38 -1.52 -2.49 1.30
C VAL A 38 -1.69 -3.14 2.67
N TYR A 39 -0.55 -3.43 3.32
CA TYR A 39 -0.56 -4.06 4.63
C TYR A 39 -0.27 -3.05 5.73
N ASN A 40 -0.88 -3.26 6.90
CA ASN A 40 -0.68 -2.37 8.04
C ASN A 40 0.29 -2.99 9.03
N GLY A 41 1.58 -2.81 8.79
CA GLY A 41 2.59 -3.38 9.67
C GLY A 41 2.94 -4.80 9.29
N THR A 42 1.94 -5.67 9.24
CA THR A 42 2.14 -7.07 8.89
C THR A 42 0.93 -7.63 8.15
N ALA A 43 -0.24 -7.54 8.78
CA ALA A 43 -1.46 -8.04 8.18
C ALA A 43 -2.01 -7.04 7.17
N LEU A 44 -3.08 -7.43 6.46
CA LEU A 44 -3.69 -6.56 5.46
C LEU A 44 -4.63 -5.56 6.12
N ALA A 45 -4.83 -4.42 5.46
CA ALA A 45 -5.71 -3.38 5.97
C ALA A 45 -6.51 -2.74 4.84
N THR A 46 -5.80 -2.00 3.98
CA THR A 46 -6.44 -1.32 2.87
C THR A 46 -6.49 -2.15 1.60
N THR A 47 -7.46 -1.84 0.76
CA THR A 47 -7.62 -2.52 -0.52
C THR A 47 -8.00 -1.53 -1.60
N VAL A 48 -7.00 -0.97 -2.25
CA VAL A 48 -7.21 0.01 -3.32
C VAL A 48 -6.99 -0.60 -4.70
N THR A 49 -7.08 0.24 -5.72
CA THR A 49 -6.89 -0.20 -7.09
C THR A 49 -6.21 0.87 -7.93
N GLY A 50 -6.11 2.08 -7.37
CA GLY A 50 -5.47 3.18 -8.08
C GLY A 50 -4.02 3.37 -7.68
N THR A 51 -3.62 4.62 -7.51
CA THR A 51 -2.25 4.94 -7.12
C THR A 51 -2.19 5.53 -5.71
N THR A 52 -3.31 5.48 -5.00
CA THR A 52 -3.37 6.01 -3.65
C THR A 52 -4.14 5.07 -2.71
N ALA A 53 -4.00 5.30 -1.41
CA ALA A 53 -4.67 4.49 -0.41
C ALA A 53 -5.17 5.33 0.75
N THR A 54 -6.26 4.88 1.39
CA THR A 54 -6.83 5.60 2.51
C THR A 54 -7.16 4.66 3.67
N ILE A 55 -6.52 4.88 4.81
CA ILE A 55 -6.75 4.06 5.99
C ILE A 55 -7.31 4.88 7.14
N SER A 56 -8.57 4.63 7.49
CA SER A 56 -9.23 5.35 8.58
C SER A 56 -9.35 4.47 9.82
N GLY A 57 -9.42 5.11 10.98
CA GLY A 57 -9.55 4.38 12.23
C GLY A 57 -8.23 4.22 12.94
N LEU A 58 -7.36 5.21 12.82
CA LEU A 58 -6.05 5.17 13.46
C LEU A 58 -5.99 6.14 14.64
N ALA A 59 -5.09 5.86 15.58
CA ALA A 59 -4.94 6.70 16.77
C ALA A 59 -3.64 7.52 16.68
N ALA A 60 -3.59 8.60 17.46
CA ALA A 60 -2.42 9.47 17.46
C ALA A 60 -1.41 9.02 18.51
N ASP A 61 -0.29 9.75 18.60
CA ASP A 61 0.77 9.45 19.55
C ASP A 61 1.32 8.04 19.32
N THR A 62 1.24 7.57 18.07
CA THR A 62 1.73 6.23 17.73
C THR A 62 2.44 6.23 16.39
N SER A 63 3.40 5.32 16.23
CA SER A 63 4.16 5.20 15.00
C SER A 63 3.63 4.03 14.17
N TYR A 64 3.18 4.33 12.95
CA TYR A 64 2.63 3.29 12.07
C TYR A 64 3.50 3.09 10.83
N THR A 65 3.84 1.83 10.57
CA THR A 65 4.64 1.47 9.41
C THR A 65 3.77 0.74 8.38
N PHE A 66 3.70 1.29 7.17
CA PHE A 66 2.88 0.69 6.12
C PHE A 66 3.71 0.09 5.00
N THR A 67 3.05 -0.72 4.19
CA THR A 67 3.68 -1.38 3.05
C THR A 67 2.63 -1.61 1.95
N VAL A 68 3.06 -1.61 0.70
CA VAL A 68 2.14 -1.82 -0.41
C VAL A 68 2.48 -3.08 -1.19
N LYS A 69 1.47 -3.67 -1.81
CA LYS A 69 1.64 -4.89 -2.58
C LYS A 69 0.81 -4.87 -3.86
N ALA A 70 1.39 -5.36 -4.95
CA ALA A 70 0.70 -5.39 -6.23
C ALA A 70 0.11 -6.78 -6.50
N LYS A 71 -1.20 -6.84 -6.71
CA LYS A 71 -1.88 -8.10 -6.98
C LYS A 71 -2.55 -8.08 -8.34
N ASP A 72 -2.47 -9.21 -9.04
CA ASP A 72 -3.07 -9.33 -10.36
C ASP A 72 -4.36 -10.17 -10.30
N ALA A 73 -5.04 -10.26 -11.43
CA ALA A 73 -6.28 -11.02 -11.52
C ALA A 73 -6.01 -12.50 -11.79
N ALA A 74 -4.76 -12.90 -11.59
CA ALA A 74 -4.37 -14.29 -11.81
C ALA A 74 -3.98 -14.96 -10.49
N GLY A 75 -4.18 -14.24 -9.38
CA GLY A 75 -3.86 -14.77 -8.08
C GLY A 75 -2.37 -14.66 -7.77
N ASN A 76 -1.65 -13.93 -8.60
CA ASN A 76 -0.21 -13.74 -8.43
C ASN A 76 0.08 -12.36 -7.82
N VAL A 77 0.79 -12.35 -6.71
CA VAL A 77 1.15 -11.11 -6.04
C VAL A 77 2.66 -11.01 -5.80
N SER A 78 3.20 -9.82 -6.04
CA SER A 78 4.63 -9.59 -5.86
C SER A 78 4.99 -9.45 -4.38
N ALA A 79 6.21 -8.99 -4.11
CA ALA A 79 6.67 -8.79 -2.75
C ALA A 79 6.14 -7.50 -2.16
N ALA A 80 6.48 -7.23 -0.91
CA ALA A 80 6.03 -6.02 -0.22
C ALA A 80 7.03 -4.87 -0.43
N SER A 81 6.51 -3.65 -0.50
CA SER A 81 7.35 -2.47 -0.69
C SER A 81 8.02 -2.06 0.62
N ASN A 82 8.89 -1.07 0.55
CA ASN A 82 9.59 -0.57 1.73
C ASN A 82 8.60 -0.07 2.77
N ALA A 83 8.96 -0.21 4.04
CA ALA A 83 8.11 0.23 5.13
C ALA A 83 8.24 1.73 5.37
N VAL A 84 7.11 2.42 5.37
CA VAL A 84 7.10 3.86 5.60
C VAL A 84 6.73 4.19 7.04
N SER A 85 7.49 5.09 7.65
CA SER A 85 7.24 5.46 9.04
C SER A 85 6.56 6.82 9.13
N VAL A 86 5.31 6.82 9.59
CA VAL A 86 4.54 8.05 9.72
C VAL A 86 4.07 8.23 11.16
N LYS A 87 4.28 9.43 11.71
CA LYS A 87 3.87 9.73 13.07
C LYS A 87 2.51 10.41 13.09
N THR A 88 1.52 9.72 13.66
CA THR A 88 0.17 10.26 13.74
C THR A 88 -0.01 11.12 14.99
N HIS A 1 8.90 -14.78 -15.97
CA HIS A 1 8.14 -14.20 -14.83
C HIS A 1 6.66 -14.11 -15.15
N MET A 2 5.82 -14.22 -14.12
CA MET A 2 4.38 -14.14 -14.28
C MET A 2 3.77 -13.09 -13.37
N ALA A 3 4.15 -13.12 -12.10
CA ALA A 3 3.65 -12.18 -11.12
C ALA A 3 4.09 -10.75 -11.47
N PRO A 4 3.29 -9.74 -11.06
CA PRO A 4 3.61 -8.33 -11.33
C PRO A 4 4.83 -7.85 -10.56
N THR A 5 5.10 -6.55 -10.63
CA THR A 5 6.24 -5.97 -9.93
C THR A 5 5.82 -5.30 -8.63
N ALA A 6 6.59 -5.55 -7.57
CA ALA A 6 6.31 -4.98 -6.26
C ALA A 6 6.42 -3.45 -6.29
N PRO A 7 5.42 -2.74 -5.73
CA PRO A 7 5.43 -1.27 -5.69
C PRO A 7 6.78 -0.71 -5.26
N THR A 8 7.09 0.51 -5.69
CA THR A 8 8.35 1.14 -5.34
C THR A 8 8.18 2.62 -5.03
N ASN A 9 9.06 3.14 -4.18
CA ASN A 9 9.03 4.55 -3.79
C ASN A 9 7.69 4.93 -3.14
N LEU A 10 7.35 4.27 -2.03
CA LEU A 10 6.12 4.57 -1.32
C LEU A 10 6.27 5.88 -0.55
N ALA A 11 5.15 6.51 -0.20
CA ALA A 11 5.19 7.77 0.53
C ALA A 11 3.87 8.07 1.22
N SER A 12 3.87 9.13 2.02
CA SER A 12 2.67 9.55 2.74
C SER A 12 2.47 11.06 2.60
N THR A 13 1.26 11.46 2.20
CA THR A 13 0.95 12.88 2.02
C THR A 13 0.06 13.41 3.13
N ALA A 14 -1.25 13.22 2.99
CA ALA A 14 -2.20 13.69 3.99
C ALA A 14 -2.42 12.65 5.09
N GLN A 15 -1.71 12.82 6.20
CA GLN A 15 -1.83 11.90 7.33
C GLN A 15 -2.39 12.62 8.55
N THR A 16 -3.68 12.41 8.80
CA THR A 16 -4.35 13.04 9.94
C THR A 16 -4.28 12.16 11.18
N THR A 17 -5.20 12.35 12.12
CA THR A 17 -5.24 11.57 13.35
C THR A 17 -6.19 10.39 13.23
N SER A 18 -6.42 9.93 12.00
CA SER A 18 -7.31 8.80 11.76
C SER A 18 -7.18 8.28 10.33
N SER A 19 -7.26 9.18 9.36
CA SER A 19 -7.15 8.80 7.96
C SER A 19 -5.80 9.23 7.38
N ILE A 20 -5.14 8.30 6.70
CA ILE A 20 -3.84 8.59 6.09
C ILE A 20 -3.88 8.34 4.58
N THR A 21 -3.16 9.18 3.83
CA THR A 21 -3.10 9.06 2.39
C THR A 21 -1.73 8.54 1.95
N LEU A 22 -1.72 7.36 1.34
CA LEU A 22 -0.48 6.74 0.88
C LEU A 22 -0.37 6.78 -0.64
N SER A 23 0.80 7.16 -1.13
CA SER A 23 1.04 7.23 -2.57
C SER A 23 2.33 6.49 -2.94
N TRP A 24 2.27 5.71 -4.02
CA TRP A 24 3.43 4.95 -4.46
C TRP A 24 3.44 4.79 -5.97
N THR A 25 4.55 4.29 -6.51
CA THR A 25 4.69 4.09 -7.94
C THR A 25 4.04 2.78 -8.37
N ALA A 26 3.01 2.87 -9.20
CA ALA A 26 2.30 1.70 -9.68
C ALA A 26 3.23 0.79 -10.47
N SER A 27 2.89 -0.50 -10.54
CA SER A 27 3.69 -1.47 -11.26
C SER A 27 3.80 -1.09 -12.73
N THR A 28 5.03 -0.89 -13.20
CA THR A 28 5.26 -0.53 -14.59
C THR A 28 4.84 -1.64 -15.53
N ASP A 29 4.65 -2.84 -14.99
CA ASP A 29 4.23 -3.98 -15.79
C ASP A 29 2.76 -3.89 -16.16
N ASN A 30 1.90 -3.97 -15.15
CA ASN A 30 0.46 -3.89 -15.36
C ASN A 30 0.00 -4.99 -16.33
N VAL A 31 -0.84 -4.62 -17.31
CA VAL A 31 -1.37 -5.56 -18.29
C VAL A 31 -1.84 -6.87 -17.64
N GLY A 32 -2.18 -6.79 -16.36
CA GLY A 32 -2.64 -7.93 -15.62
C GLY A 32 -3.01 -7.60 -14.19
N VAL A 33 -2.46 -6.49 -13.70
CA VAL A 33 -2.73 -6.04 -12.33
C VAL A 33 -4.11 -5.41 -12.24
N THR A 34 -4.86 -5.79 -11.21
CA THR A 34 -6.21 -5.25 -11.01
C THR A 34 -6.23 -4.19 -9.92
N GLY A 35 -5.61 -4.51 -8.78
CA GLY A 35 -5.58 -3.56 -7.68
C GLY A 35 -4.36 -3.73 -6.81
N TYR A 36 -4.27 -2.90 -5.76
CA TYR A 36 -3.14 -2.94 -4.84
C TYR A 36 -3.62 -3.09 -3.40
N ASP A 37 -3.02 -4.01 -2.66
CA ASP A 37 -3.37 -4.24 -1.27
C ASP A 37 -2.27 -3.73 -0.34
N VAL A 38 -2.63 -2.83 0.57
CA VAL A 38 -1.66 -2.26 1.49
C VAL A 38 -1.74 -2.95 2.86
N TYR A 39 -0.58 -3.23 3.43
CA TYR A 39 -0.50 -3.89 4.74
C TYR A 39 -0.24 -2.87 5.84
N ASN A 40 -0.81 -3.11 7.01
CA ASN A 40 -0.64 -2.23 8.16
C ASN A 40 0.11 -2.95 9.27
N GLY A 41 1.44 -2.84 9.24
CA GLY A 41 2.25 -3.49 10.26
C GLY A 41 2.47 -4.96 9.95
N THR A 42 1.42 -5.75 10.09
CA THR A 42 1.49 -7.19 9.83
C THR A 42 0.16 -7.71 9.30
N ALA A 43 -0.90 -6.92 9.50
CA ALA A 43 -2.23 -7.30 9.03
C ALA A 43 -2.72 -6.34 7.95
N LEU A 44 -3.28 -6.89 6.88
CA LEU A 44 -3.78 -6.09 5.78
C LEU A 44 -4.67 -4.95 6.27
N ALA A 45 -4.64 -3.82 5.56
CA ALA A 45 -5.44 -2.66 5.92
C ALA A 45 -6.50 -2.36 4.86
N THR A 46 -6.29 -1.30 4.08
CA THR A 46 -7.23 -0.91 3.04
C THR A 46 -6.90 -1.57 1.69
N THR A 47 -7.84 -1.48 0.77
CA THR A 47 -7.68 -2.04 -0.56
C THR A 47 -8.00 -1.00 -1.63
N VAL A 48 -7.10 -0.86 -2.59
CA VAL A 48 -7.29 0.12 -3.66
C VAL A 48 -7.02 -0.50 -5.03
N THR A 49 -7.11 0.33 -6.07
CA THR A 49 -6.90 -0.13 -7.43
C THR A 49 -6.24 0.96 -8.28
N GLY A 50 -5.65 1.95 -7.61
CA GLY A 50 -5.00 3.04 -8.31
C GLY A 50 -3.58 3.28 -7.83
N THR A 51 -3.31 4.50 -7.36
CA THR A 51 -1.98 4.86 -6.87
C THR A 51 -2.05 5.49 -5.49
N THR A 52 -3.23 5.44 -4.87
CA THR A 52 -3.42 6.02 -3.55
C THR A 52 -4.29 5.13 -2.67
N ALA A 53 -3.93 5.01 -1.40
CA ALA A 53 -4.68 4.19 -0.45
C ALA A 53 -5.15 5.02 0.73
N THR A 54 -6.30 4.66 1.29
CA THR A 54 -6.86 5.38 2.43
C THR A 54 -7.07 4.46 3.62
N ILE A 55 -6.24 4.62 4.65
CA ILE A 55 -6.34 3.80 5.85
C ILE A 55 -7.03 4.56 6.99
N SER A 56 -8.08 3.95 7.54
CA SER A 56 -8.82 4.56 8.63
C SER A 56 -8.68 3.75 9.92
N GLY A 57 -9.05 4.35 11.05
CA GLY A 57 -8.96 3.67 12.32
C GLY A 57 -7.58 3.78 12.93
N LEU A 58 -7.03 4.99 12.96
CA LEU A 58 -5.71 5.23 13.53
C LEU A 58 -5.79 6.20 14.71
N ALA A 59 -4.85 6.08 15.63
CA ALA A 59 -4.81 6.94 16.81
C ALA A 59 -3.53 7.77 16.83
N ALA A 60 -3.59 8.94 17.46
CA ALA A 60 -2.44 9.83 17.56
C ALA A 60 -1.47 9.36 18.63
N ASP A 61 -0.33 10.04 18.73
CA ASP A 61 0.70 9.71 19.71
C ASP A 61 1.14 8.25 19.57
N THR A 62 1.00 7.71 18.36
CA THR A 62 1.40 6.34 18.09
C THR A 62 2.24 6.25 16.81
N SER A 63 2.97 5.16 16.66
CA SER A 63 3.82 4.95 15.50
C SER A 63 3.42 3.67 14.75
N TYR A 64 3.38 3.75 13.43
CA TYR A 64 3.01 2.60 12.61
C TYR A 64 3.95 2.45 11.41
N THR A 65 3.78 1.35 10.69
CA THR A 65 4.60 1.07 9.51
C THR A 65 3.73 0.46 8.41
N PHE A 66 3.51 1.21 7.34
CA PHE A 66 2.68 0.76 6.24
C PHE A 66 3.50 0.23 5.08
N THR A 67 2.83 -0.47 4.17
CA THR A 67 3.47 -1.03 2.99
C THR A 67 2.42 -1.33 1.92
N VAL A 68 2.83 -1.32 0.66
CA VAL A 68 1.89 -1.59 -0.44
C VAL A 68 2.29 -2.82 -1.23
N LYS A 69 1.30 -3.51 -1.79
CA LYS A 69 1.55 -4.72 -2.56
C LYS A 69 0.73 -4.73 -3.84
N ALA A 70 1.25 -5.38 -4.88
CA ALA A 70 0.56 -5.45 -6.16
C ALA A 70 -0.01 -6.85 -6.39
N LYS A 71 -1.29 -6.90 -6.74
CA LYS A 71 -1.96 -8.17 -6.99
C LYS A 71 -2.66 -8.16 -8.35
N ASP A 72 -2.63 -9.29 -9.04
CA ASP A 72 -3.26 -9.41 -10.35
C ASP A 72 -4.57 -10.19 -10.24
N ALA A 73 -5.34 -10.19 -11.33
CA ALA A 73 -6.61 -10.90 -11.35
C ALA A 73 -6.43 -12.36 -11.73
N ALA A 74 -5.48 -13.01 -11.07
CA ALA A 74 -5.19 -14.42 -11.34
C ALA A 74 -4.46 -15.07 -10.16
N GLY A 75 -4.25 -14.29 -9.10
CA GLY A 75 -3.56 -14.80 -7.94
C GLY A 75 -2.06 -14.70 -8.06
N ASN A 76 -1.56 -13.47 -8.18
CA ASN A 76 -0.12 -13.24 -8.31
C ASN A 76 0.27 -11.94 -7.62
N VAL A 77 0.94 -12.06 -6.47
CA VAL A 77 1.36 -10.88 -5.71
C VAL A 77 2.88 -10.84 -5.57
N SER A 78 3.45 -9.64 -5.74
CA SER A 78 4.89 -9.47 -5.62
C SER A 78 5.29 -9.19 -4.18
N ALA A 79 6.53 -8.74 -3.97
CA ALA A 79 7.02 -8.45 -2.63
C ALA A 79 6.39 -7.16 -2.09
N ALA A 80 6.62 -6.88 -0.82
CA ALA A 80 6.07 -5.69 -0.19
C ALA A 80 6.96 -4.48 -0.47
N SER A 81 6.32 -3.34 -0.75
CA SER A 81 7.06 -2.12 -1.04
C SER A 81 7.87 -1.65 0.16
N ASN A 82 8.57 -0.54 0.00
CA ASN A 82 9.39 0.01 1.09
C ASN A 82 8.54 0.31 2.31
N ALA A 83 9.13 0.18 3.49
CA ALA A 83 8.42 0.43 4.74
C ALA A 83 8.39 1.92 5.06
N VAL A 84 7.20 2.44 5.33
CA VAL A 84 7.03 3.85 5.65
C VAL A 84 6.67 4.04 7.12
N SER A 85 7.56 4.68 7.87
CA SER A 85 7.32 4.94 9.28
C SER A 85 6.41 6.13 9.46
N VAL A 86 5.13 5.86 9.73
CA VAL A 86 4.15 6.91 9.91
C VAL A 86 3.88 7.17 11.39
N LYS A 87 4.35 8.31 11.88
CA LYS A 87 4.16 8.69 13.27
C LYS A 87 2.91 9.55 13.44
N THR A 88 1.79 8.91 13.77
CA THR A 88 0.53 9.61 13.96
C THR A 88 0.47 10.28 15.33
N HIS A 1 6.34 -17.70 -10.65
CA HIS A 1 5.25 -17.24 -9.76
C HIS A 1 4.18 -16.47 -10.53
N MET A 2 4.54 -16.03 -11.74
CA MET A 2 3.62 -15.27 -12.58
C MET A 2 3.09 -14.04 -11.87
N ALA A 3 3.85 -13.57 -10.88
CA ALA A 3 3.46 -12.38 -10.12
C ALA A 3 3.98 -11.10 -10.77
N PRO A 4 3.29 -9.97 -10.56
CA PRO A 4 3.70 -8.68 -11.12
C PRO A 4 4.92 -8.11 -10.41
N THR A 5 5.04 -6.78 -10.43
CA THR A 5 6.17 -6.12 -9.78
C THR A 5 5.73 -5.41 -8.50
N ALA A 6 6.53 -5.55 -7.45
CA ALA A 6 6.23 -4.93 -6.16
C ALA A 6 6.31 -3.40 -6.25
N PRO A 7 5.26 -2.70 -5.77
CA PRO A 7 5.22 -1.23 -5.76
C PRO A 7 6.53 -0.63 -5.25
N THR A 8 6.84 0.58 -5.71
CA THR A 8 8.06 1.25 -5.29
C THR A 8 7.79 2.72 -4.97
N ASN A 9 8.72 3.32 -4.23
CA ASN A 9 8.61 4.73 -3.86
C ASN A 9 7.37 5.00 -3.01
N LEU A 10 6.99 4.04 -2.18
CA LEU A 10 5.82 4.20 -1.31
C LEU A 10 6.12 5.23 -0.24
N ALA A 11 5.37 6.33 -0.25
CA ALA A 11 5.55 7.39 0.72
C ALA A 11 4.22 8.03 1.11
N SER A 12 4.10 8.45 2.36
CA SER A 12 2.89 9.07 2.85
C SER A 12 2.89 10.57 2.54
N THR A 13 1.69 11.13 2.36
CA THR A 13 1.56 12.56 2.06
C THR A 13 0.65 13.26 3.08
N ALA A 14 -0.65 13.23 2.83
CA ALA A 14 -1.62 13.87 3.72
C ALA A 14 -2.09 12.89 4.79
N GLN A 15 -1.50 13.01 5.98
CA GLN A 15 -1.86 12.14 7.10
C GLN A 15 -2.40 12.95 8.26
N THR A 16 -3.43 12.42 8.92
CA THR A 16 -4.05 13.09 10.06
C THR A 16 -4.15 12.15 11.25
N THR A 17 -4.92 12.55 12.26
CA THR A 17 -5.09 11.73 13.46
C THR A 17 -6.25 10.76 13.29
N SER A 18 -6.46 10.29 12.06
CA SER A 18 -7.53 9.35 11.77
C SER A 18 -7.39 8.76 10.38
N SER A 19 -7.33 9.64 9.37
CA SER A 19 -7.20 9.21 7.98
C SER A 19 -5.82 9.54 7.42
N ILE A 20 -5.24 8.59 6.71
CA ILE A 20 -3.92 8.77 6.11
C ILE A 20 -3.95 8.43 4.62
N THR A 21 -3.26 9.25 3.83
CA THR A 21 -3.21 9.03 2.38
C THR A 21 -1.82 8.58 1.95
N LEU A 22 -1.76 7.42 1.31
CA LEU A 22 -0.50 6.87 0.83
C LEU A 22 -0.40 6.93 -0.68
N SER A 23 0.78 7.24 -1.20
CA SER A 23 1.01 7.32 -2.64
C SER A 23 2.26 6.55 -3.03
N TRP A 24 2.17 5.75 -4.08
CA TRP A 24 3.30 4.96 -4.55
C TRP A 24 3.29 4.83 -6.07
N THR A 25 4.38 4.31 -6.61
CA THR A 25 4.52 4.14 -8.05
C THR A 25 3.90 2.82 -8.50
N ALA A 26 3.03 2.91 -9.51
CA ALA A 26 2.35 1.73 -10.04
C ALA A 26 3.36 0.72 -10.55
N SER A 27 2.99 -0.57 -10.49
CA SER A 27 3.86 -1.64 -10.96
C SER A 27 4.15 -1.50 -12.44
N THR A 28 5.33 -1.97 -12.86
CA THR A 28 5.74 -1.89 -14.26
C THR A 28 5.21 -3.09 -15.04
N ASP A 29 4.29 -3.83 -14.42
CA ASP A 29 3.70 -5.00 -15.06
C ASP A 29 2.20 -4.85 -15.20
N ASN A 30 1.76 -3.67 -15.64
CA ASN A 30 0.35 -3.39 -15.82
C ASN A 30 -0.25 -4.27 -16.92
N VAL A 31 -1.44 -3.90 -17.39
CA VAL A 31 -2.13 -4.66 -18.43
C VAL A 31 -2.54 -6.03 -17.92
N GLY A 32 -2.16 -6.35 -16.70
CA GLY A 32 -2.49 -7.62 -16.10
C GLY A 32 -2.80 -7.49 -14.62
N VAL A 33 -2.39 -6.35 -14.05
CA VAL A 33 -2.62 -6.07 -12.64
C VAL A 33 -4.03 -5.52 -12.41
N THR A 34 -4.62 -5.85 -11.27
CA THR A 34 -5.97 -5.38 -10.95
C THR A 34 -5.94 -4.29 -9.89
N GLY A 35 -5.30 -4.56 -8.75
CA GLY A 35 -5.24 -3.57 -7.68
C GLY A 35 -4.01 -3.71 -6.82
N TYR A 36 -3.98 -2.94 -5.74
CA TYR A 36 -2.85 -2.96 -4.81
C TYR A 36 -3.35 -3.11 -3.37
N ASP A 37 -2.78 -4.06 -2.64
CA ASP A 37 -3.18 -4.29 -1.26
C ASP A 37 -2.10 -3.80 -0.30
N VAL A 38 -2.46 -2.82 0.53
CA VAL A 38 -1.52 -2.26 1.49
C VAL A 38 -1.74 -2.85 2.88
N TYR A 39 -0.64 -3.18 3.56
CA TYR A 39 -0.71 -3.77 4.89
C TYR A 39 -0.41 -2.73 5.97
N ASN A 40 -0.55 -3.14 7.23
CA ASN A 40 -0.28 -2.27 8.36
C ASN A 40 0.43 -3.03 9.48
N GLY A 41 1.77 -3.04 9.43
CA GLY A 41 2.54 -3.73 10.44
C GLY A 41 2.71 -5.20 10.11
N THR A 42 1.62 -5.96 10.19
CA THR A 42 1.64 -7.38 9.90
C THR A 42 0.30 -7.84 9.34
N ALA A 43 -0.73 -7.03 9.57
CA ALA A 43 -2.07 -7.33 9.09
C ALA A 43 -2.52 -6.32 8.06
N LEU A 44 -3.10 -6.81 6.97
CA LEU A 44 -3.58 -5.95 5.89
C LEU A 44 -4.47 -4.83 6.42
N ALA A 45 -4.37 -3.66 5.81
CA ALA A 45 -5.17 -2.51 6.22
C ALA A 45 -6.20 -2.16 5.15
N THR A 46 -5.89 -1.17 4.32
CA THR A 46 -6.81 -0.73 3.27
C THR A 46 -6.56 -1.49 1.97
N THR A 47 -7.57 -1.48 1.10
CA THR A 47 -7.48 -2.15 -0.19
C THR A 47 -7.81 -1.17 -1.31
N VAL A 48 -6.89 -1.00 -2.25
CA VAL A 48 -7.09 -0.07 -3.34
C VAL A 48 -6.85 -0.73 -4.71
N THR A 49 -6.91 0.08 -5.75
CA THR A 49 -6.69 -0.40 -7.11
C THR A 49 -6.02 0.67 -7.97
N GLY A 50 -5.79 1.84 -7.38
CA GLY A 50 -5.16 2.93 -8.10
C GLY A 50 -3.76 3.23 -7.60
N THR A 51 -3.45 4.50 -7.40
CA THR A 51 -2.13 4.92 -6.93
C THR A 51 -2.25 5.68 -5.60
N THR A 52 -3.25 5.34 -4.80
CA THR A 52 -3.45 5.99 -3.52
C THR A 52 -4.29 5.11 -2.58
N ALA A 53 -3.91 5.11 -1.30
CA ALA A 53 -4.62 4.32 -0.29
C ALA A 53 -5.12 5.20 0.85
N THR A 54 -6.16 4.74 1.54
CA THR A 54 -6.73 5.49 2.65
C THR A 54 -7.04 4.58 3.83
N ILE A 55 -6.50 4.91 4.99
CA ILE A 55 -6.71 4.12 6.20
C ILE A 55 -7.50 4.90 7.24
N SER A 56 -8.57 4.30 7.74
CA SER A 56 -9.42 4.94 8.74
C SER A 56 -9.18 4.33 10.12
N GLY A 57 -9.75 4.94 11.14
CA GLY A 57 -9.58 4.45 12.50
C GLY A 57 -8.14 4.44 12.94
N LEU A 58 -7.55 5.64 13.05
CA LEU A 58 -6.16 5.78 13.47
C LEU A 58 -6.06 6.51 14.80
N ALA A 59 -5.28 5.95 15.72
CA ALA A 59 -5.09 6.55 17.04
C ALA A 59 -3.79 7.34 17.11
N ALA A 60 -3.87 8.55 17.66
CA ALA A 60 -2.70 9.41 17.80
C ALA A 60 -1.73 8.85 18.83
N ASP A 61 -0.52 9.41 18.86
CA ASP A 61 0.52 8.98 19.80
C ASP A 61 0.86 7.50 19.59
N THR A 62 0.69 7.03 18.36
CA THR A 62 0.99 5.64 18.04
C THR A 62 1.78 5.53 16.74
N SER A 63 2.72 4.60 16.70
CA SER A 63 3.55 4.39 15.52
C SER A 63 2.85 3.49 14.51
N TYR A 64 3.04 3.79 13.23
CA TYR A 64 2.42 3.01 12.16
C TYR A 64 3.40 2.73 11.03
N THR A 65 3.31 1.53 10.47
CA THR A 65 4.19 1.14 9.37
C THR A 65 3.37 0.51 8.24
N PHE A 66 3.33 1.17 7.09
CA PHE A 66 2.56 0.68 5.96
C PHE A 66 3.47 0.18 4.83
N THR A 67 2.86 -0.54 3.89
CA THR A 67 3.56 -1.09 2.74
C THR A 67 2.56 -1.62 1.74
N VAL A 68 2.67 -1.18 0.49
CA VAL A 68 1.74 -1.61 -0.54
C VAL A 68 2.32 -2.72 -1.41
N LYS A 69 1.44 -3.58 -1.91
CA LYS A 69 1.84 -4.69 -2.76
C LYS A 69 1.03 -4.71 -4.04
N ALA A 70 1.47 -5.49 -5.02
CA ALA A 70 0.78 -5.58 -6.30
C ALA A 70 0.24 -6.98 -6.53
N LYS A 71 -1.07 -7.08 -6.76
CA LYS A 71 -1.71 -8.37 -7.00
C LYS A 71 -2.41 -8.39 -8.36
N ASP A 72 -2.57 -9.58 -8.92
CA ASP A 72 -3.21 -9.72 -10.23
C ASP A 72 -4.62 -10.30 -10.06
N ALA A 73 -5.37 -10.32 -11.17
CA ALA A 73 -6.73 -10.83 -11.15
C ALA A 73 -6.75 -12.36 -11.24
N ALA A 74 -5.92 -13.01 -10.43
CA ALA A 74 -5.85 -14.47 -10.42
C ALA A 74 -5.37 -14.98 -9.06
N GLY A 75 -4.55 -14.19 -8.39
CA GLY A 75 -4.03 -14.58 -7.09
C GLY A 75 -2.51 -14.55 -7.03
N ASN A 76 -1.92 -13.69 -7.84
CA ASN A 76 -0.46 -13.57 -7.88
C ASN A 76 -0.02 -12.21 -7.33
N VAL A 77 0.78 -12.23 -6.28
CA VAL A 77 1.27 -11.00 -5.67
C VAL A 77 2.79 -10.93 -5.68
N SER A 78 3.33 -9.73 -5.80
CA SER A 78 4.77 -9.52 -5.81
C SER A 78 5.30 -9.31 -4.40
N ALA A 79 6.43 -8.62 -4.29
CA ALA A 79 7.03 -8.35 -2.99
C ALA A 79 6.40 -7.12 -2.35
N ALA A 80 6.87 -6.76 -1.16
CA ALA A 80 6.36 -5.59 -0.46
C ALA A 80 7.14 -4.33 -0.83
N SER A 81 6.41 -3.23 -0.99
CA SER A 81 7.04 -1.96 -1.34
C SER A 81 7.89 -1.43 -0.19
N ASN A 82 8.39 -0.21 -0.34
CA ASN A 82 9.22 0.42 0.68
C ASN A 82 8.45 0.58 1.99
N ALA A 83 9.15 0.43 3.10
CA ALA A 83 8.53 0.56 4.41
C ALA A 83 8.35 2.02 4.80
N VAL A 84 7.10 2.43 5.02
CA VAL A 84 6.80 3.80 5.40
C VAL A 84 6.53 3.90 6.89
N SER A 85 7.28 4.77 7.57
CA SER A 85 7.13 4.96 9.00
C SER A 85 6.42 6.28 9.30
N VAL A 86 5.15 6.19 9.70
CA VAL A 86 4.37 7.38 10.01
C VAL A 86 4.02 7.44 11.49
N LYS A 87 4.37 8.55 12.13
CA LYS A 87 4.10 8.73 13.56
C LYS A 87 2.88 9.63 13.76
N THR A 88 1.75 9.02 14.07
CA THR A 88 0.51 9.76 14.29
C THR A 88 0.47 10.35 15.70
N HIS A 1 7.87 -12.92 -17.29
CA HIS A 1 7.02 -11.84 -17.85
C HIS A 1 5.55 -12.06 -17.50
N MET A 2 5.31 -12.66 -16.33
CA MET A 2 3.95 -12.93 -15.87
C MET A 2 3.61 -12.09 -14.64
N ALA A 3 4.34 -12.32 -13.56
CA ALA A 3 4.12 -11.60 -12.32
C ALA A 3 4.23 -10.09 -12.52
N PRO A 4 3.47 -9.31 -11.74
CA PRO A 4 3.49 -7.85 -11.85
C PRO A 4 4.75 -7.26 -11.23
N THR A 5 4.78 -5.94 -11.06
CA THR A 5 5.93 -5.26 -10.49
C THR A 5 5.62 -4.74 -9.09
N ALA A 6 6.28 -5.31 -8.09
CA ALA A 6 6.08 -4.90 -6.70
C ALA A 6 6.32 -3.40 -6.55
N PRO A 7 5.35 -2.68 -5.94
CA PRO A 7 5.47 -1.23 -5.73
C PRO A 7 6.83 -0.83 -5.17
N THR A 8 7.18 0.44 -5.32
CA THR A 8 8.45 0.95 -4.83
C THR A 8 8.40 2.45 -4.56
N ASN A 9 9.31 2.92 -3.70
CA ASN A 9 9.38 4.33 -3.35
C ASN A 9 8.07 4.82 -2.75
N LEU A 10 7.48 4.02 -1.86
CA LEU A 10 6.23 4.39 -1.21
C LEU A 10 6.41 5.67 -0.40
N ALA A 11 5.31 6.34 -0.08
CA ALA A 11 5.37 7.57 0.69
C ALA A 11 4.02 7.91 1.33
N SER A 12 4.01 8.95 2.15
CA SER A 12 2.79 9.40 2.82
C SER A 12 2.56 10.89 2.55
N THR A 13 1.31 11.24 2.25
CA THR A 13 0.96 12.63 1.98
C THR A 13 0.09 13.22 3.08
N ALA A 14 -1.22 13.03 2.97
CA ALA A 14 -2.15 13.56 3.97
C ALA A 14 -2.38 12.56 5.10
N GLN A 15 -1.67 12.76 6.21
CA GLN A 15 -1.80 11.87 7.37
C GLN A 15 -2.33 12.63 8.57
N THR A 16 -3.61 12.43 8.87
CA THR A 16 -4.24 13.09 10.01
C THR A 16 -4.40 12.13 11.18
N THR A 17 -5.15 12.56 12.20
CA THR A 17 -5.38 11.74 13.38
C THR A 17 -6.65 10.90 13.23
N SER A 18 -6.85 10.34 12.04
CA SER A 18 -8.02 9.52 11.77
C SER A 18 -7.89 8.77 10.45
N SER A 19 -7.40 9.48 9.43
CA SER A 19 -7.23 8.87 8.11
C SER A 19 -5.87 9.24 7.51
N ILE A 20 -5.21 8.26 6.90
CA ILE A 20 -3.91 8.48 6.29
C ILE A 20 -3.95 8.21 4.78
N THR A 21 -3.22 9.01 4.03
CA THR A 21 -3.16 8.86 2.58
C THR A 21 -1.78 8.38 2.15
N LEU A 22 -1.73 7.24 1.47
CA LEU A 22 -0.47 6.67 1.01
C LEU A 22 -0.37 6.72 -0.50
N SER A 23 0.80 7.12 -1.00
CA SER A 23 1.04 7.20 -2.44
C SER A 23 2.34 6.50 -2.80
N TRP A 24 2.31 5.71 -3.87
CA TRP A 24 3.49 4.98 -4.31
C TRP A 24 3.56 4.90 -5.83
N THR A 25 4.70 4.43 -6.34
CA THR A 25 4.92 4.29 -7.77
C THR A 25 4.24 3.04 -8.31
N ALA A 26 3.26 3.23 -9.18
CA ALA A 26 2.53 2.11 -9.78
C ALA A 26 3.46 1.20 -10.55
N SER A 27 2.94 0.04 -10.96
CA SER A 27 3.73 -0.93 -11.71
C SER A 27 3.64 -0.66 -13.21
N THR A 28 4.77 -0.79 -13.90
CA THR A 28 4.82 -0.56 -15.35
C THR A 28 4.05 -1.63 -16.10
N ASP A 29 3.73 -2.72 -15.41
CA ASP A 29 3.00 -3.83 -16.03
C ASP A 29 1.57 -3.90 -15.48
N ASN A 30 0.82 -2.83 -15.66
CA ASN A 30 -0.56 -2.77 -15.17
C ASN A 30 -1.49 -3.52 -16.11
N VAL A 31 -0.92 -4.18 -17.11
CA VAL A 31 -1.70 -4.94 -18.08
C VAL A 31 -2.34 -6.17 -17.42
N GLY A 32 -1.79 -6.54 -16.27
CA GLY A 32 -2.32 -7.68 -15.54
C GLY A 32 -2.79 -7.33 -14.15
N VAL A 33 -2.23 -6.25 -13.59
CA VAL A 33 -2.59 -5.81 -12.25
C VAL A 33 -4.01 -5.24 -12.24
N THR A 34 -4.80 -5.65 -11.25
CA THR A 34 -6.17 -5.19 -11.13
C THR A 34 -6.40 -4.47 -9.80
N GLY A 35 -5.35 -4.36 -8.99
CA GLY A 35 -5.48 -3.68 -7.72
C GLY A 35 -4.27 -3.85 -6.82
N TYR A 36 -4.16 -2.98 -5.81
CA TYR A 36 -3.05 -3.02 -4.88
C TYR A 36 -3.55 -3.19 -3.44
N ASP A 37 -2.78 -3.91 -2.63
CA ASP A 37 -3.16 -4.15 -1.24
C ASP A 37 -2.07 -3.67 -0.30
N VAL A 38 -2.43 -2.80 0.64
CA VAL A 38 -1.46 -2.26 1.59
C VAL A 38 -1.59 -2.96 2.94
N TYR A 39 -0.44 -3.36 3.49
CA TYR A 39 -0.40 -4.06 4.76
C TYR A 39 -0.02 -3.08 5.89
N ASN A 40 -0.53 -3.36 7.09
CA ASN A 40 -0.25 -2.52 8.24
C ASN A 40 0.17 -3.37 9.44
N GLY A 41 1.47 -3.44 9.68
CA GLY A 41 1.99 -4.22 10.79
C GLY A 41 1.55 -5.67 10.72
N THR A 42 2.08 -6.40 9.75
CA THR A 42 1.73 -7.81 9.56
C THR A 42 0.22 -8.03 9.59
N ALA A 43 -0.52 -7.00 9.17
CA ALA A 43 -1.97 -7.06 9.14
C ALA A 43 -2.52 -6.10 8.09
N LEU A 44 -2.95 -6.64 6.95
CA LEU A 44 -3.49 -5.83 5.86
C LEU A 44 -4.54 -4.85 6.37
N ALA A 45 -4.49 -3.63 5.84
CA ALA A 45 -5.44 -2.59 6.22
C ALA A 45 -6.44 -2.33 5.11
N THR A 46 -6.17 -1.34 4.27
CA THR A 46 -7.05 -1.01 3.16
C THR A 46 -6.67 -1.78 1.89
N THR A 47 -7.61 -1.82 0.95
CA THR A 47 -7.41 -2.51 -0.32
C THR A 47 -7.83 -1.62 -1.48
N VAL A 48 -6.86 -0.97 -2.12
CA VAL A 48 -7.14 -0.09 -3.23
C VAL A 48 -6.80 -0.74 -4.57
N THR A 49 -6.78 0.07 -5.63
CA THR A 49 -6.47 -0.42 -6.96
C THR A 49 -5.65 0.60 -7.75
N GLY A 50 -5.78 1.87 -7.37
CA GLY A 50 -5.05 2.92 -8.04
C GLY A 50 -3.63 3.07 -7.53
N THR A 51 -3.29 4.28 -7.09
CA THR A 51 -1.94 4.56 -6.58
C THR A 51 -2.00 5.18 -5.19
N THR A 52 -3.20 5.19 -4.60
CA THR A 52 -3.38 5.75 -3.27
C THR A 52 -4.15 4.80 -2.36
N ALA A 53 -4.00 4.97 -1.06
CA ALA A 53 -4.67 4.13 -0.07
C ALA A 53 -5.06 4.95 1.15
N THR A 54 -6.23 4.64 1.72
CA THR A 54 -6.69 5.36 2.90
C THR A 54 -7.03 4.41 4.04
N ILE A 55 -6.52 4.72 5.23
CA ILE A 55 -6.76 3.89 6.41
C ILE A 55 -7.55 4.65 7.46
N SER A 56 -8.62 4.03 7.97
CA SER A 56 -9.46 4.65 8.99
C SER A 56 -9.11 4.13 10.37
N GLY A 57 -9.84 4.59 11.38
CA GLY A 57 -9.58 4.18 12.74
C GLY A 57 -8.16 4.44 13.17
N LEU A 58 -7.67 5.65 12.87
CA LEU A 58 -6.30 6.03 13.23
C LEU A 58 -6.28 6.83 14.51
N ALA A 59 -5.20 6.69 15.28
CA ALA A 59 -5.04 7.41 16.54
C ALA A 59 -3.83 8.35 16.49
N ALA A 60 -3.76 9.26 17.44
CA ALA A 60 -2.65 10.22 17.50
C ALA A 60 -1.50 9.68 18.34
N ASP A 61 -0.40 10.43 18.35
CA ASP A 61 0.80 10.04 19.11
C ASP A 61 1.13 8.56 18.95
N THR A 62 1.05 8.06 17.72
CA THR A 62 1.35 6.66 17.45
C THR A 62 2.11 6.50 16.14
N SER A 63 2.93 5.46 16.06
CA SER A 63 3.71 5.18 14.86
C SER A 63 3.16 3.96 14.12
N TYR A 64 3.00 4.10 12.81
CA TYR A 64 2.47 3.01 12.00
C TYR A 64 3.39 2.70 10.82
N THR A 65 3.60 1.41 10.57
CA THR A 65 4.44 0.96 9.48
C THR A 65 3.58 0.35 8.37
N PHE A 66 3.58 0.97 7.20
CA PHE A 66 2.77 0.48 6.10
C PHE A 66 3.64 -0.02 4.93
N THR A 67 3.00 -0.78 4.05
CA THR A 67 3.66 -1.33 2.87
C THR A 67 2.62 -1.62 1.79
N VAL A 68 3.00 -1.48 0.54
CA VAL A 68 2.07 -1.72 -0.56
C VAL A 68 2.42 -2.98 -1.34
N LYS A 69 1.40 -3.60 -1.93
CA LYS A 69 1.58 -4.82 -2.70
C LYS A 69 0.81 -4.77 -4.01
N ALA A 70 1.37 -5.37 -5.05
CA ALA A 70 0.72 -5.39 -6.36
C ALA A 70 0.22 -6.79 -6.70
N LYS A 71 -1.09 -6.93 -6.83
CA LYS A 71 -1.68 -8.22 -7.14
C LYS A 71 -2.43 -8.16 -8.47
N ASP A 72 -2.51 -9.31 -9.13
CA ASP A 72 -3.20 -9.39 -10.41
C ASP A 72 -4.60 -9.97 -10.22
N ALA A 73 -5.19 -10.50 -11.29
CA ALA A 73 -6.53 -11.07 -11.22
C ALA A 73 -6.63 -12.09 -10.08
N ALA A 74 -6.07 -13.28 -10.30
CA ALA A 74 -6.11 -14.32 -9.29
C ALA A 74 -5.05 -15.39 -9.55
N GLY A 75 -3.81 -14.96 -9.81
CA GLY A 75 -2.75 -15.90 -10.08
C GLY A 75 -1.39 -15.42 -9.61
N ASN A 76 -0.88 -14.35 -10.23
CA ASN A 76 0.43 -13.82 -9.87
C ASN A 76 0.34 -12.76 -8.77
N VAL A 77 1.34 -12.74 -7.91
CA VAL A 77 1.40 -11.79 -6.81
C VAL A 77 2.82 -11.23 -6.66
N SER A 78 2.92 -9.92 -6.48
CA SER A 78 4.23 -9.28 -6.34
C SER A 78 4.67 -9.24 -4.89
N ALA A 79 5.89 -8.79 -4.66
CA ALA A 79 6.45 -8.70 -3.31
C ALA A 79 5.99 -7.43 -2.61
N ALA A 80 6.30 -7.33 -1.31
CA ALA A 80 5.92 -6.17 -0.52
C ALA A 80 6.90 -5.02 -0.74
N SER A 81 6.37 -3.81 -0.74
CA SER A 81 7.19 -2.62 -0.94
C SER A 81 7.92 -2.24 0.35
N ASN A 82 8.61 -1.11 0.32
CA ASN A 82 9.35 -0.63 1.48
C ASN A 82 8.38 -0.16 2.57
N ALA A 83 8.83 -0.26 3.82
CA ALA A 83 7.99 0.16 4.95
C ALA A 83 8.05 1.68 5.14
N VAL A 84 6.95 2.24 5.65
CA VAL A 84 6.86 3.67 5.87
C VAL A 84 6.43 3.99 7.30
N SER A 85 7.34 4.53 8.08
CA SER A 85 7.04 4.89 9.47
C SER A 85 6.51 6.31 9.57
N VAL A 86 5.24 6.43 9.93
CA VAL A 86 4.59 7.74 10.06
C VAL A 86 4.27 8.05 11.51
N LYS A 87 4.46 9.30 11.89
CA LYS A 87 4.19 9.73 13.26
C LYS A 87 2.91 10.55 13.32
N THR A 88 1.82 9.92 13.75
CA THR A 88 0.53 10.59 13.86
C THR A 88 0.45 11.43 15.13
N HIS A 1 3.62 -12.64 -17.40
CA HIS A 1 2.60 -13.37 -16.61
C HIS A 1 3.04 -13.50 -15.15
N MET A 2 2.36 -14.38 -14.40
CA MET A 2 2.67 -14.60 -13.00
C MET A 2 2.56 -13.30 -12.20
N ALA A 3 3.29 -13.22 -11.08
CA ALA A 3 3.26 -12.04 -10.22
C ALA A 3 3.65 -10.78 -11.00
N PRO A 4 3.08 -9.62 -10.63
CA PRO A 4 3.37 -8.36 -11.29
C PRO A 4 4.64 -7.70 -10.75
N THR A 5 4.61 -6.37 -10.60
CA THR A 5 5.76 -5.64 -10.09
C THR A 5 5.42 -4.98 -8.75
N ALA A 6 6.20 -5.32 -7.73
CA ALA A 6 5.99 -4.77 -6.39
C ALA A 6 6.11 -3.24 -6.40
N PRO A 7 5.11 -2.54 -5.81
CA PRO A 7 5.11 -1.08 -5.75
C PRO A 7 6.46 -0.53 -5.31
N THR A 8 7.01 0.37 -6.11
CA THR A 8 8.31 0.97 -5.82
C THR A 8 8.18 2.43 -5.42
N ASN A 9 9.10 2.88 -4.57
CA ASN A 9 9.11 4.26 -4.11
C ASN A 9 7.81 4.64 -3.43
N LEU A 10 7.63 4.23 -2.18
CA LEU A 10 6.43 4.55 -1.42
C LEU A 10 6.62 5.85 -0.66
N ALA A 11 5.51 6.49 -0.29
CA ALA A 11 5.56 7.75 0.46
C ALA A 11 4.25 8.05 1.16
N SER A 12 4.25 9.11 1.96
CA SER A 12 3.06 9.53 2.69
C SER A 12 2.73 10.99 2.38
N THR A 13 1.44 11.31 2.29
CA THR A 13 1.01 12.66 1.99
C THR A 13 0.05 13.21 3.04
N ALA A 14 -1.24 12.98 2.82
CA ALA A 14 -2.26 13.45 3.75
C ALA A 14 -2.43 12.51 4.95
N GLN A 15 -1.88 12.91 6.08
CA GLN A 15 -1.96 12.12 7.30
C GLN A 15 -2.64 12.90 8.42
N THR A 16 -3.56 12.25 9.11
CA THR A 16 -4.29 12.87 10.21
C THR A 16 -4.25 12.00 11.46
N THR A 17 -5.17 12.25 12.38
CA THR A 17 -5.24 11.47 13.62
C THR A 17 -6.29 10.37 13.51
N SER A 18 -6.52 9.90 12.29
CA SER A 18 -7.51 8.83 12.06
C SER A 18 -7.40 8.30 10.64
N SER A 19 -7.19 9.19 9.68
CA SER A 19 -7.08 8.79 8.28
C SER A 19 -5.69 9.09 7.73
N ILE A 20 -5.29 8.33 6.72
CA ILE A 20 -3.98 8.51 6.09
C ILE A 20 -4.05 8.22 4.59
N THR A 21 -3.21 8.91 3.82
CA THR A 21 -3.17 8.74 2.38
C THR A 21 -1.75 8.47 1.90
N LEU A 22 -1.52 7.25 1.42
CA LEU A 22 -0.19 6.86 0.94
C LEU A 22 -0.14 6.91 -0.59
N SER A 23 0.99 7.36 -1.12
CA SER A 23 1.18 7.46 -2.57
C SER A 23 2.44 6.69 -2.98
N TRP A 24 2.35 6.00 -4.11
CA TRP A 24 3.48 5.22 -4.61
C TRP A 24 3.40 5.05 -6.12
N THR A 25 4.47 4.53 -6.72
CA THR A 25 4.52 4.31 -8.16
C THR A 25 3.90 2.97 -8.52
N ALA A 26 2.89 3.02 -9.38
CA ALA A 26 2.20 1.80 -9.81
C ALA A 26 3.17 0.81 -10.44
N SER A 27 2.77 -0.45 -10.51
CA SER A 27 3.61 -1.50 -11.08
C SER A 27 4.00 -1.16 -12.51
N THR A 28 5.08 -1.76 -12.99
CA THR A 28 5.55 -1.51 -14.35
C THR A 28 5.05 -2.58 -15.32
N ASP A 29 4.08 -3.38 -14.89
CA ASP A 29 3.53 -4.42 -15.74
C ASP A 29 2.14 -4.04 -16.25
N ASN A 30 1.21 -3.78 -15.32
CA ASN A 30 -0.15 -3.40 -15.68
C ASN A 30 -0.74 -4.36 -16.71
N VAL A 31 -0.21 -5.57 -16.76
CA VAL A 31 -0.69 -6.58 -17.71
C VAL A 31 -1.67 -7.53 -17.04
N GLY A 32 -1.87 -7.34 -15.74
CA GLY A 32 -2.79 -8.19 -14.99
C GLY A 32 -3.14 -7.58 -13.65
N VAL A 33 -2.45 -6.50 -13.31
CA VAL A 33 -2.68 -5.81 -12.04
C VAL A 33 -4.08 -5.20 -12.01
N THR A 34 -4.82 -5.49 -10.95
CA THR A 34 -6.17 -4.97 -10.79
C THR A 34 -6.28 -4.05 -9.58
N GLY A 35 -5.47 -4.32 -8.56
CA GLY A 35 -5.50 -3.51 -7.36
C GLY A 35 -4.25 -3.68 -6.52
N TYR A 36 -4.15 -2.87 -5.45
CA TYR A 36 -2.99 -2.94 -4.56
C TYR A 36 -3.44 -3.13 -3.11
N ASP A 37 -2.90 -4.16 -2.47
CA ASP A 37 -3.23 -4.46 -1.09
C ASP A 37 -2.15 -3.94 -0.15
N VAL A 38 -2.51 -3.03 0.75
CA VAL A 38 -1.55 -2.47 1.69
C VAL A 38 -1.66 -3.14 3.06
N TYR A 39 -0.51 -3.47 3.63
CA TYR A 39 -0.44 -4.13 4.93
C TYR A 39 -0.13 -3.12 6.02
N ASN A 40 -0.93 -3.14 7.08
CA ASN A 40 -0.74 -2.23 8.21
C ASN A 40 -0.25 -3.01 9.44
N GLY A 41 1.06 -3.14 9.56
CA GLY A 41 1.64 -3.85 10.69
C GLY A 41 1.34 -5.34 10.64
N THR A 42 2.00 -6.04 9.73
CA THR A 42 1.82 -7.49 9.57
C THR A 42 0.34 -7.85 9.56
N ALA A 43 -0.49 -6.94 9.07
CA ALA A 43 -1.93 -7.15 9.01
C ALA A 43 -2.57 -6.22 7.98
N LEU A 44 -2.97 -6.78 6.85
CA LEU A 44 -3.58 -6.00 5.78
C LEU A 44 -4.68 -5.08 6.32
N ALA A 45 -4.72 -3.86 5.80
CA ALA A 45 -5.71 -2.89 6.23
C ALA A 45 -6.67 -2.55 5.09
N THR A 46 -6.34 -1.50 4.32
CA THR A 46 -7.18 -1.09 3.21
C THR A 46 -6.76 -1.78 1.91
N THR A 47 -7.62 -1.65 0.90
CA THR A 47 -7.37 -2.25 -0.41
C THR A 47 -7.77 -1.28 -1.51
N VAL A 48 -6.77 -0.74 -2.19
CA VAL A 48 -7.01 0.21 -3.28
C VAL A 48 -6.76 -0.42 -4.64
N THR A 49 -6.72 0.40 -5.67
CA THR A 49 -6.50 -0.06 -7.02
C THR A 49 -5.63 0.92 -7.80
N GLY A 50 -5.44 2.11 -7.25
CA GLY A 50 -4.63 3.12 -7.89
C GLY A 50 -3.27 3.28 -7.25
N THR A 51 -2.85 4.53 -7.05
CA THR A 51 -1.56 4.81 -6.44
C THR A 51 -1.73 5.42 -5.05
N THR A 52 -2.97 5.50 -4.58
CA THR A 52 -3.27 6.05 -3.26
C THR A 52 -3.85 4.99 -2.34
N ALA A 53 -3.86 5.26 -1.04
CA ALA A 53 -4.38 4.32 -0.06
C ALA A 53 -4.94 5.06 1.16
N THR A 54 -6.25 4.94 1.37
CA THR A 54 -6.90 5.59 2.50
C THR A 54 -7.19 4.59 3.63
N ILE A 55 -6.64 4.87 4.81
CA ILE A 55 -6.83 4.00 5.96
C ILE A 55 -7.48 4.76 7.11
N SER A 56 -8.64 4.27 7.56
CA SER A 56 -9.36 4.90 8.65
C SER A 56 -9.13 4.13 9.95
N GLY A 57 -9.66 4.67 11.05
CA GLY A 57 -9.49 4.04 12.35
C GLY A 57 -8.05 4.01 12.79
N LEU A 58 -7.44 5.19 12.90
CA LEU A 58 -6.04 5.29 13.31
C LEU A 58 -5.91 6.13 14.58
N ALA A 59 -5.14 5.63 15.54
CA ALA A 59 -4.94 6.34 16.80
C ALA A 59 -4.01 7.53 16.63
N ALA A 60 -4.05 8.45 17.58
CA ALA A 60 -3.21 9.65 17.55
C ALA A 60 -1.88 9.40 18.25
N ASP A 61 -0.83 10.06 17.75
CA ASP A 61 0.50 9.91 18.33
C ASP A 61 0.90 8.44 18.45
N THR A 62 0.80 7.72 17.33
CA THR A 62 1.14 6.30 17.30
C THR A 62 2.00 5.96 16.09
N SER A 63 2.97 5.07 16.29
CA SER A 63 3.86 4.66 15.20
C SER A 63 3.16 3.63 14.31
N TYR A 64 3.33 3.80 13.00
CA TYR A 64 2.71 2.89 12.04
C TYR A 64 3.67 2.55 10.90
N THR A 65 3.73 1.26 10.56
CA THR A 65 4.59 0.80 9.47
C THR A 65 3.74 0.22 8.34
N PHE A 66 3.74 0.88 7.19
CA PHE A 66 2.94 0.43 6.06
C PHE A 66 3.79 -0.15 4.94
N THR A 67 3.14 -0.93 4.09
CA THR A 67 3.79 -1.58 2.95
C THR A 67 2.76 -1.89 1.88
N VAL A 68 3.04 -1.51 0.63
CA VAL A 68 2.11 -1.75 -0.46
C VAL A 68 2.51 -2.98 -1.27
N LYS A 69 1.50 -3.62 -1.86
CA LYS A 69 1.73 -4.81 -2.68
C LYS A 69 0.83 -4.81 -3.91
N ALA A 70 1.36 -5.28 -5.03
CA ALA A 70 0.62 -5.33 -6.28
C ALA A 70 0.12 -6.74 -6.56
N LYS A 71 -1.20 -6.87 -6.72
CA LYS A 71 -1.80 -8.17 -7.00
C LYS A 71 -2.43 -8.19 -8.39
N ASP A 72 -2.45 -9.36 -9.01
CA ASP A 72 -3.02 -9.50 -10.35
C ASP A 72 -4.37 -10.21 -10.29
N ALA A 73 -4.98 -10.41 -11.46
CA ALA A 73 -6.27 -11.08 -11.54
C ALA A 73 -6.09 -12.58 -11.70
N ALA A 74 -5.09 -13.14 -11.03
CA ALA A 74 -4.82 -14.56 -11.09
C ALA A 74 -4.34 -15.10 -9.74
N GLY A 75 -4.37 -14.24 -8.73
CA GLY A 75 -3.92 -14.65 -7.41
C GLY A 75 -2.42 -14.57 -7.25
N ASN A 76 -1.77 -13.84 -8.16
CA ASN A 76 -0.32 -13.68 -8.11
C ASN A 76 0.05 -12.28 -7.65
N VAL A 77 0.63 -12.19 -6.46
CA VAL A 77 1.03 -10.90 -5.90
C VAL A 77 2.56 -10.78 -5.86
N SER A 78 3.05 -9.56 -6.09
CA SER A 78 4.49 -9.30 -6.08
C SER A 78 5.01 -9.18 -4.65
N ALA A 79 6.20 -8.60 -4.51
CA ALA A 79 6.81 -8.41 -3.20
C ALA A 79 6.25 -7.18 -2.49
N ALA A 80 6.72 -6.94 -1.27
CA ALA A 80 6.26 -5.81 -0.49
C ALA A 80 7.13 -4.58 -0.74
N SER A 81 6.51 -3.40 -0.67
CA SER A 81 7.22 -2.15 -0.88
C SER A 81 8.02 -1.75 0.36
N ASN A 82 8.66 -0.59 0.30
CA ASN A 82 9.44 -0.10 1.44
C ASN A 82 8.54 0.20 2.62
N ALA A 83 9.03 -0.10 3.82
CA ALA A 83 8.27 0.13 5.04
C ALA A 83 8.33 1.60 5.46
N VAL A 84 7.16 2.23 5.51
CA VAL A 84 7.08 3.64 5.89
C VAL A 84 6.66 3.79 7.35
N SER A 85 7.45 4.54 8.11
CA SER A 85 7.17 4.77 9.52
C SER A 85 6.65 6.19 9.74
N VAL A 86 5.33 6.34 9.73
CA VAL A 86 4.70 7.66 9.92
C VAL A 86 4.21 7.83 11.35
N LYS A 87 4.10 9.08 11.78
CA LYS A 87 3.64 9.38 13.13
C LYS A 87 2.30 10.11 13.09
N THR A 88 1.28 9.50 13.67
CA THR A 88 -0.05 10.08 13.70
C THR A 88 -0.18 11.09 14.84
N HIS A 1 8.07 -12.07 -14.86
CA HIS A 1 7.79 -13.49 -15.19
C HIS A 1 6.28 -13.76 -15.23
N MET A 2 5.69 -13.95 -14.06
CA MET A 2 4.25 -14.20 -13.96
C MET A 2 3.58 -13.16 -13.06
N ALA A 3 4.00 -13.13 -11.80
CA ALA A 3 3.45 -12.19 -10.84
C ALA A 3 3.79 -10.75 -11.22
N PRO A 4 2.93 -9.78 -10.88
CA PRO A 4 3.16 -8.37 -11.20
C PRO A 4 4.40 -7.81 -10.51
N THR A 5 4.74 -6.56 -10.81
CA THR A 5 5.91 -5.93 -10.24
C THR A 5 5.59 -5.35 -8.85
N ALA A 6 6.50 -5.59 -7.91
CA ALA A 6 6.33 -5.11 -6.54
C ALA A 6 6.47 -3.59 -6.46
N PRO A 7 5.48 -2.90 -5.87
CA PRO A 7 5.50 -1.44 -5.71
C PRO A 7 6.80 -0.96 -5.07
N THR A 8 7.08 0.33 -5.22
CA THR A 8 8.30 0.90 -4.65
C THR A 8 8.18 2.41 -4.51
N ASN A 9 9.13 3.01 -3.80
CA ASN A 9 9.15 4.45 -3.58
C ASN A 9 7.87 4.92 -2.89
N LEU A 10 7.32 4.08 -2.02
CA LEU A 10 6.10 4.43 -1.30
C LEU A 10 6.31 5.68 -0.46
N ALA A 11 5.23 6.36 -0.11
CA ALA A 11 5.32 7.57 0.69
C ALA A 11 3.98 7.91 1.34
N SER A 12 4.00 8.92 2.20
CA SER A 12 2.79 9.37 2.89
C SER A 12 2.63 10.88 2.74
N THR A 13 1.45 11.30 2.29
CA THR A 13 1.18 12.73 2.09
C THR A 13 0.24 13.26 3.17
N ALA A 14 -1.07 13.09 2.95
CA ALA A 14 -2.07 13.58 3.89
C ALA A 14 -2.33 12.57 4.99
N GLN A 15 -1.68 12.75 6.14
CA GLN A 15 -1.84 11.86 7.28
C GLN A 15 -2.40 12.61 8.47
N THR A 16 -3.67 12.37 8.78
CA THR A 16 -4.33 13.02 9.89
C THR A 16 -4.31 12.13 11.14
N THR A 17 -5.25 12.35 12.05
CA THR A 17 -5.32 11.57 13.28
C THR A 17 -6.37 10.47 13.19
N SER A 18 -6.68 10.06 11.97
CA SER A 18 -7.67 9.01 11.74
C SER A 18 -7.56 8.45 10.33
N SER A 19 -7.38 9.34 9.35
CA SER A 19 -7.27 8.92 7.95
C SER A 19 -5.92 9.30 7.38
N ILE A 20 -5.24 8.33 6.76
CA ILE A 20 -3.94 8.57 6.16
C ILE A 20 -3.96 8.29 4.66
N THR A 21 -3.18 9.04 3.90
CA THR A 21 -3.11 8.88 2.46
C THR A 21 -1.73 8.36 2.05
N LEU A 22 -1.72 7.32 1.21
CA LEU A 22 -0.48 6.72 0.75
C LEU A 22 -0.32 6.84 -0.75
N SER A 23 0.92 6.99 -1.21
CA SER A 23 1.20 7.11 -2.63
C SER A 23 2.48 6.35 -2.99
N TRP A 24 2.47 5.68 -4.14
CA TRP A 24 3.63 4.91 -4.57
C TRP A 24 3.64 4.75 -6.09
N THR A 25 4.75 4.25 -6.62
CA THR A 25 4.89 4.04 -8.05
C THR A 25 4.27 2.72 -8.48
N ALA A 26 3.38 2.79 -9.45
CA ALA A 26 2.70 1.60 -9.95
C ALA A 26 3.69 0.60 -10.54
N SER A 27 3.24 -0.63 -10.75
CA SER A 27 4.09 -1.68 -11.31
C SER A 27 4.34 -1.45 -12.79
N THR A 28 5.41 -2.02 -13.31
CA THR A 28 5.77 -1.89 -14.70
C THR A 28 5.05 -2.94 -15.55
N ASP A 29 4.30 -3.80 -14.89
CA ASP A 29 3.56 -4.85 -15.57
C ASP A 29 2.08 -4.78 -15.23
N ASN A 30 1.49 -3.60 -15.47
CA ASN A 30 0.08 -3.38 -15.20
C ASN A 30 -0.80 -4.06 -16.25
N VAL A 31 -0.15 -4.75 -17.19
CA VAL A 31 -0.86 -5.45 -18.26
C VAL A 31 -1.80 -6.52 -17.69
N GLY A 32 -1.61 -6.85 -16.42
CA GLY A 32 -2.45 -7.85 -15.79
C GLY A 32 -2.92 -7.43 -14.40
N VAL A 33 -2.22 -6.48 -13.80
CA VAL A 33 -2.56 -5.99 -12.47
C VAL A 33 -4.00 -5.48 -12.43
N THR A 34 -4.65 -5.62 -11.28
CA THR A 34 -6.03 -5.18 -11.13
C THR A 34 -6.21 -4.31 -9.87
N GLY A 35 -5.30 -4.46 -8.91
CA GLY A 35 -5.41 -3.68 -7.68
C GLY A 35 -4.13 -3.71 -6.86
N TYR A 36 -4.15 -3.01 -5.72
CA TYR A 36 -2.99 -2.94 -4.84
C TYR A 36 -3.42 -3.07 -3.38
N ASP A 37 -2.86 -4.05 -2.68
CA ASP A 37 -3.19 -4.27 -1.28
C ASP A 37 -2.11 -3.66 -0.38
N VAL A 38 -2.52 -2.85 0.58
CA VAL A 38 -1.58 -2.22 1.49
C VAL A 38 -1.59 -2.91 2.85
N TYR A 39 -0.41 -3.23 3.35
CA TYR A 39 -0.28 -3.89 4.63
C TYR A 39 0.07 -2.89 5.73
N ASN A 40 -0.36 -3.19 6.95
CA ASN A 40 -0.10 -2.31 8.09
C ASN A 40 0.38 -3.13 9.29
N GLY A 41 1.69 -3.22 9.43
CA GLY A 41 2.27 -3.99 10.54
C GLY A 41 1.75 -5.41 10.58
N THR A 42 2.22 -6.24 9.65
CA THR A 42 1.80 -7.64 9.58
C THR A 42 0.29 -7.77 9.66
N ALA A 43 -0.43 -6.81 9.07
CA ALA A 43 -1.88 -6.82 9.07
C ALA A 43 -2.44 -5.94 7.95
N LEU A 44 -2.93 -6.58 6.89
CA LEU A 44 -3.49 -5.86 5.74
C LEU A 44 -4.50 -4.80 6.20
N ALA A 45 -4.23 -3.55 5.84
CA ALA A 45 -5.11 -2.45 6.22
C ALA A 45 -6.20 -2.24 5.17
N THR A 46 -6.03 -1.23 4.32
CA THR A 46 -7.00 -0.92 3.28
C THR A 46 -6.68 -1.67 1.99
N THR A 47 -7.63 -1.63 1.05
CA THR A 47 -7.47 -2.28 -0.24
C THR A 47 -7.90 -1.35 -1.36
N VAL A 48 -6.96 -0.93 -2.19
CA VAL A 48 -7.25 -0.03 -3.29
C VAL A 48 -7.05 -0.70 -4.65
N THR A 49 -7.20 0.08 -5.71
CA THR A 49 -7.04 -0.42 -7.06
C THR A 49 -6.42 0.63 -7.97
N GLY A 50 -6.00 1.74 -7.37
CA GLY A 50 -5.39 2.82 -8.13
C GLY A 50 -3.93 3.02 -7.80
N THR A 51 -3.57 4.21 -7.34
CA THR A 51 -2.20 4.53 -7.00
C THR A 51 -2.07 4.96 -5.54
N THR A 52 -3.21 5.29 -4.92
CA THR A 52 -3.23 5.74 -3.54
C THR A 52 -3.95 4.74 -2.64
N ALA A 53 -3.93 4.99 -1.34
CA ALA A 53 -4.57 4.13 -0.37
C ALA A 53 -4.88 4.88 0.93
N THR A 54 -6.14 4.85 1.35
CA THR A 54 -6.57 5.53 2.56
C THR A 54 -6.93 4.55 3.67
N ILE A 55 -6.43 4.81 4.87
CA ILE A 55 -6.71 3.96 6.02
C ILE A 55 -7.52 4.70 7.07
N SER A 56 -8.54 4.05 7.60
CA SER A 56 -9.40 4.65 8.61
C SER A 56 -9.06 4.12 10.00
N GLY A 57 -9.76 4.63 11.02
CA GLY A 57 -9.52 4.20 12.38
C GLY A 57 -8.21 4.74 12.94
N LEU A 58 -7.12 4.03 12.65
CA LEU A 58 -5.79 4.43 13.10
C LEU A 58 -5.78 4.76 14.60
N ALA A 59 -4.71 5.41 15.05
CA ALA A 59 -4.57 5.78 16.46
C ALA A 59 -3.42 6.76 16.64
N ALA A 60 -3.75 8.00 16.99
CA ALA A 60 -2.74 9.03 17.21
C ALA A 60 -1.78 8.66 18.32
N ASP A 61 -0.70 9.42 18.43
CA ASP A 61 0.32 9.18 19.46
C ASP A 61 0.91 7.78 19.35
N THR A 62 0.92 7.25 18.13
CA THR A 62 1.46 5.91 17.88
C THR A 62 2.25 5.87 16.58
N SER A 63 3.27 5.01 16.55
CA SER A 63 4.09 4.87 15.35
C SER A 63 3.50 3.80 14.42
N TYR A 64 3.45 4.12 13.13
CA TYR A 64 2.89 3.18 12.15
C TYR A 64 3.86 2.92 11.00
N THR A 65 3.81 1.70 10.49
CA THR A 65 4.65 1.29 9.37
C THR A 65 3.81 0.58 8.32
N PHE A 66 3.51 1.28 7.24
CA PHE A 66 2.69 0.73 6.16
C PHE A 66 3.53 0.23 5.00
N THR A 67 2.89 -0.55 4.13
CA THR A 67 3.53 -1.10 2.96
C THR A 67 2.50 -1.34 1.86
N VAL A 68 2.95 -1.50 0.62
CA VAL A 68 2.04 -1.73 -0.49
C VAL A 68 2.40 -2.99 -1.26
N LYS A 69 1.40 -3.58 -1.90
CA LYS A 69 1.59 -4.80 -2.67
C LYS A 69 0.78 -4.77 -3.95
N ALA A 70 1.46 -4.95 -5.08
CA ALA A 70 0.79 -4.95 -6.38
C ALA A 70 0.19 -6.31 -6.67
N LYS A 71 -1.11 -6.43 -6.47
CA LYS A 71 -1.81 -7.70 -6.70
C LYS A 71 -2.52 -7.69 -8.06
N ASP A 72 -2.73 -8.88 -8.60
CA ASP A 72 -3.40 -9.03 -9.88
C ASP A 72 -4.87 -9.40 -9.67
N ALA A 73 -5.48 -10.03 -10.67
CA ALA A 73 -6.89 -10.43 -10.59
C ALA A 73 -7.15 -11.19 -9.29
N ALA A 74 -6.78 -12.48 -9.26
CA ALA A 74 -7.00 -13.30 -8.07
C ALA A 74 -6.11 -14.54 -8.09
N GLY A 75 -4.82 -14.36 -8.36
CA GLY A 75 -3.91 -15.50 -8.40
C GLY A 75 -2.45 -15.11 -8.47
N ASN A 76 -2.15 -13.82 -8.30
CA ASN A 76 -0.76 -13.35 -8.36
C ASN A 76 -0.57 -12.10 -7.52
N VAL A 77 0.46 -12.11 -6.69
CA VAL A 77 0.76 -10.95 -5.84
C VAL A 77 2.26 -10.69 -5.81
N SER A 78 2.66 -9.47 -6.15
CA SER A 78 4.06 -9.10 -6.16
C SER A 78 4.64 -9.06 -4.76
N ALA A 79 5.79 -8.43 -4.60
CA ALA A 79 6.44 -8.33 -3.30
C ALA A 79 6.00 -7.06 -2.57
N ALA A 80 6.35 -6.95 -1.30
CA ALA A 80 6.00 -5.79 -0.50
C ALA A 80 7.03 -4.67 -0.68
N SER A 81 6.55 -3.45 -0.80
CA SER A 81 7.42 -2.29 -0.99
C SER A 81 8.13 -1.93 0.32
N ASN A 82 8.75 -0.75 0.35
CA ASN A 82 9.47 -0.29 1.53
C ASN A 82 8.50 0.07 2.65
N ALA A 83 9.03 0.23 3.85
CA ALA A 83 8.20 0.58 5.02
C ALA A 83 8.17 2.08 5.24
N VAL A 84 6.97 2.63 5.43
CA VAL A 84 6.80 4.06 5.67
C VAL A 84 6.42 4.33 7.11
N SER A 85 7.34 4.95 7.85
CA SER A 85 7.10 5.28 9.25
C SER A 85 6.46 6.65 9.40
N VAL A 86 5.26 6.68 9.96
CA VAL A 86 4.53 7.93 10.15
C VAL A 86 3.99 8.05 11.57
N LYS A 87 4.29 9.16 12.23
CA LYS A 87 3.82 9.39 13.59
C LYS A 87 2.48 10.10 13.59
N THR A 88 1.42 9.36 13.91
CA THR A 88 0.07 9.91 13.94
C THR A 88 -0.19 10.67 15.24
N HIS A 1 7.22 -16.12 -13.59
CA HIS A 1 6.34 -16.76 -12.58
C HIS A 1 4.93 -16.17 -12.63
N MET A 2 4.65 -15.43 -13.69
CA MET A 2 3.34 -14.81 -13.89
C MET A 2 3.07 -13.74 -12.83
N ALA A 3 4.04 -13.52 -11.95
CA ALA A 3 3.91 -12.53 -10.89
C ALA A 3 4.25 -11.13 -11.41
N PRO A 4 3.62 -10.08 -10.84
CA PRO A 4 3.84 -8.70 -11.24
C PRO A 4 5.02 -8.08 -10.50
N THR A 5 5.21 -6.77 -10.68
CA THR A 5 6.30 -6.05 -10.03
C THR A 5 5.84 -5.43 -8.71
N ALA A 6 6.64 -5.60 -7.66
CA ALA A 6 6.32 -5.06 -6.36
C ALA A 6 6.47 -3.54 -6.34
N PRO A 7 5.46 -2.83 -5.79
CA PRO A 7 5.48 -1.37 -5.71
C PRO A 7 6.81 -0.84 -5.17
N THR A 8 7.06 0.45 -5.39
CA THR A 8 8.29 1.07 -4.91
C THR A 8 8.12 2.57 -4.73
N ASN A 9 9.03 3.17 -3.97
CA ASN A 9 9.01 4.61 -3.71
C ASN A 9 7.70 5.03 -3.06
N LEU A 10 7.30 4.32 -2.01
CA LEU A 10 6.07 4.65 -1.29
C LEU A 10 6.26 5.89 -0.43
N ALA A 11 5.17 6.55 -0.09
CA ALA A 11 5.22 7.75 0.72
C ALA A 11 3.87 8.06 1.35
N SER A 12 3.83 9.13 2.16
CA SER A 12 2.60 9.55 2.82
C SER A 12 2.33 11.03 2.53
N THR A 13 1.12 11.35 2.09
CA THR A 13 0.76 12.72 1.78
C THR A 13 -0.11 13.34 2.87
N ALA A 14 -1.42 13.17 2.75
CA ALA A 14 -2.35 13.72 3.73
C ALA A 14 -2.64 12.73 4.85
N GLN A 15 -1.98 12.94 6.00
CA GLN A 15 -2.16 12.06 7.14
C GLN A 15 -2.63 12.84 8.36
N THR A 16 -3.71 12.35 8.98
CA THR A 16 -4.27 12.99 10.16
C THR A 16 -4.14 12.08 11.39
N THR A 17 -4.93 12.36 12.42
CA THR A 17 -4.90 11.56 13.64
C THR A 17 -5.90 10.42 13.60
N SER A 18 -6.46 10.18 12.41
CA SER A 18 -7.44 9.11 12.24
C SER A 18 -7.31 8.45 10.87
N SER A 19 -7.14 9.27 9.84
CA SER A 19 -6.98 8.77 8.48
C SER A 19 -5.57 9.02 7.96
N ILE A 20 -5.26 8.48 6.80
CA ILE A 20 -3.94 8.65 6.20
C ILE A 20 -3.96 8.36 4.71
N THR A 21 -3.24 9.18 3.94
CA THR A 21 -3.17 9.01 2.50
C THR A 21 -1.80 8.50 2.08
N LEU A 22 -1.79 7.46 1.24
CA LEU A 22 -0.56 6.87 0.78
C LEU A 22 -0.38 7.07 -0.73
N SER A 23 0.86 7.01 -1.19
CA SER A 23 1.17 7.19 -2.60
C SER A 23 2.44 6.44 -2.97
N TRP A 24 2.42 5.77 -4.11
CA TRP A 24 3.57 5.00 -4.57
C TRP A 24 3.55 4.80 -6.08
N THR A 25 4.67 4.31 -6.62
CA THR A 25 4.78 4.06 -8.05
C THR A 25 4.13 2.74 -8.43
N ALA A 26 3.37 2.75 -9.52
CA ALA A 26 2.69 1.55 -9.99
C ALA A 26 3.69 0.48 -10.42
N SER A 27 3.19 -0.71 -10.72
CA SER A 27 4.04 -1.82 -11.14
C SER A 27 4.35 -1.73 -12.62
N THR A 28 3.99 -0.61 -13.24
CA THR A 28 4.23 -0.39 -14.67
C THR A 28 3.65 -1.52 -15.50
N ASP A 29 2.64 -2.20 -14.95
CA ASP A 29 1.99 -3.31 -15.65
C ASP A 29 0.49 -3.30 -15.37
N ASN A 30 -0.13 -2.12 -15.47
CA ASN A 30 -1.56 -1.97 -15.24
C ASN A 30 -2.37 -2.78 -16.24
N VAL A 31 -1.69 -3.37 -17.21
CA VAL A 31 -2.34 -4.17 -18.23
C VAL A 31 -2.76 -5.53 -17.69
N GLY A 32 -2.55 -5.75 -16.39
CA GLY A 32 -2.91 -7.01 -15.77
C GLY A 32 -3.26 -6.86 -14.30
N VAL A 33 -2.84 -5.76 -13.69
CA VAL A 33 -3.13 -5.51 -12.28
C VAL A 33 -4.55 -5.00 -12.09
N THR A 34 -5.23 -5.52 -11.08
CA THR A 34 -6.61 -5.11 -10.79
C THR A 34 -6.67 -4.23 -9.55
N GLY A 35 -5.55 -4.11 -8.85
CA GLY A 35 -5.51 -3.30 -7.65
C GLY A 35 -4.25 -3.53 -6.83
N TYR A 36 -4.14 -2.82 -5.72
CA TYR A 36 -2.99 -2.94 -4.84
C TYR A 36 -3.43 -3.11 -3.39
N ASP A 37 -2.89 -4.13 -2.73
CA ASP A 37 -3.22 -4.40 -1.33
C ASP A 37 -2.09 -3.94 -0.41
N VAL A 38 -2.40 -2.98 0.45
CA VAL A 38 -1.39 -2.46 1.39
C VAL A 38 -1.60 -3.03 2.78
N TYR A 39 -0.51 -3.42 3.42
CA TYR A 39 -0.56 -4.00 4.76
C TYR A 39 -0.21 -2.96 5.82
N ASN A 40 -0.46 -3.30 7.07
CA ASN A 40 -0.17 -2.42 8.19
C ASN A 40 0.56 -3.18 9.29
N GLY A 41 1.89 -3.28 9.15
CA GLY A 41 2.69 -4.00 10.13
C GLY A 41 2.82 -5.47 9.78
N THR A 42 1.69 -6.16 9.70
CA THR A 42 1.68 -7.58 9.38
C THR A 42 0.30 -8.03 8.90
N ALA A 43 -0.71 -7.22 9.18
CA ALA A 43 -2.08 -7.54 8.78
C ALA A 43 -2.57 -6.62 7.67
N LEU A 44 -3.23 -7.19 6.68
CA LEU A 44 -3.75 -6.42 5.56
C LEU A 44 -4.65 -5.29 6.04
N ALA A 45 -4.34 -4.07 5.62
CA ALA A 45 -5.11 -2.90 6.02
C ALA A 45 -6.16 -2.54 4.96
N THR A 46 -5.90 -1.48 4.20
CA THR A 46 -6.83 -1.04 3.17
C THR A 46 -6.54 -1.69 1.82
N THR A 47 -7.51 -1.57 0.91
CA THR A 47 -7.39 -2.13 -0.43
C THR A 47 -7.75 -1.07 -1.46
N VAL A 48 -6.87 -0.87 -2.44
CA VAL A 48 -7.10 0.12 -3.48
C VAL A 48 -6.95 -0.47 -4.87
N THR A 49 -7.11 0.38 -5.88
CA THR A 49 -6.98 -0.05 -7.27
C THR A 49 -6.20 0.96 -8.09
N GLY A 50 -5.73 2.01 -7.42
CA GLY A 50 -4.97 3.04 -8.10
C GLY A 50 -3.55 3.15 -7.58
N THR A 51 -3.17 4.34 -7.12
CA THR A 51 -1.83 4.56 -6.59
C THR A 51 -1.88 5.25 -5.23
N THR A 52 -3.08 5.37 -4.68
CA THR A 52 -3.27 6.01 -3.38
C THR A 52 -4.10 5.15 -2.45
N ALA A 53 -3.57 4.88 -1.25
CA ALA A 53 -4.26 4.06 -0.26
C ALA A 53 -4.63 4.88 0.96
N THR A 54 -5.91 4.85 1.33
CA THR A 54 -6.39 5.59 2.49
C THR A 54 -6.82 4.64 3.60
N ILE A 55 -6.23 4.81 4.78
CA ILE A 55 -6.55 3.97 5.94
C ILE A 55 -7.38 4.74 6.96
N SER A 56 -8.39 4.07 7.52
CA SER A 56 -9.26 4.68 8.51
C SER A 56 -9.12 3.98 9.86
N GLY A 57 -9.58 4.64 10.92
CA GLY A 57 -9.51 4.06 12.25
C GLY A 57 -8.08 3.95 12.75
N LEU A 58 -7.47 5.10 13.02
CA LEU A 58 -6.09 5.13 13.50
C LEU A 58 -6.00 5.88 14.83
N ALA A 59 -4.99 5.51 15.63
CA ALA A 59 -4.79 6.14 16.93
C ALA A 59 -3.74 7.24 16.85
N ALA A 60 -3.82 8.20 17.77
CA ALA A 60 -2.87 9.31 17.80
C ALA A 60 -1.67 8.99 18.68
N ASP A 61 -0.58 9.74 18.49
CA ASP A 61 0.63 9.54 19.28
C ASP A 61 1.13 8.11 19.15
N THR A 62 1.02 7.54 17.96
CA THR A 62 1.46 6.17 17.71
C THR A 62 2.14 6.05 16.35
N SER A 63 3.20 5.25 16.30
CA SER A 63 3.94 5.04 15.06
C SER A 63 3.33 3.90 14.24
N TYR A 64 3.10 4.15 12.96
CA TYR A 64 2.51 3.15 12.09
C TYR A 64 3.38 2.89 10.86
N THR A 65 3.71 1.62 10.64
CA THR A 65 4.53 1.23 9.49
C THR A 65 3.68 0.54 8.44
N PHE A 66 3.62 1.14 7.25
CA PHE A 66 2.82 0.59 6.16
C PHE A 66 3.68 0.04 5.03
N THR A 67 3.05 -0.74 4.16
CA THR A 67 3.73 -1.34 3.01
C THR A 67 2.71 -1.66 1.92
N VAL A 68 3.05 -1.35 0.67
CA VAL A 68 2.13 -1.61 -0.43
C VAL A 68 2.51 -2.87 -1.19
N LYS A 69 1.50 -3.50 -1.79
CA LYS A 69 1.70 -4.73 -2.54
C LYS A 69 0.85 -4.72 -3.81
N ALA A 70 1.25 -5.53 -4.80
CA ALA A 70 0.52 -5.61 -6.06
C ALA A 70 -0.19 -6.95 -6.20
N LYS A 71 -1.36 -6.93 -6.82
CA LYS A 71 -2.15 -8.14 -7.02
C LYS A 71 -2.79 -8.15 -8.40
N ASP A 72 -2.64 -9.27 -9.10
CA ASP A 72 -3.20 -9.41 -10.45
C ASP A 72 -4.37 -10.38 -10.45
N ALA A 73 -5.09 -10.43 -11.56
CA ALA A 73 -6.23 -11.33 -11.70
C ALA A 73 -5.80 -12.68 -12.25
N ALA A 74 -4.63 -13.14 -11.83
CA ALA A 74 -4.10 -14.42 -12.27
C ALA A 74 -3.53 -15.22 -11.11
N GLY A 75 -3.93 -14.84 -9.89
CA GLY A 75 -3.45 -15.53 -8.71
C GLY A 75 -1.98 -15.30 -8.44
N ASN A 76 -1.50 -14.11 -8.82
CA ASN A 76 -0.09 -13.77 -8.63
C ASN A 76 0.05 -12.43 -7.90
N VAL A 77 0.78 -12.45 -6.79
CA VAL A 77 0.98 -11.25 -5.99
C VAL A 77 2.48 -10.90 -5.92
N SER A 78 2.78 -9.61 -6.10
CA SER A 78 4.17 -9.14 -6.05
C SER A 78 4.71 -9.16 -4.63
N ALA A 79 5.88 -8.57 -4.43
CA ALA A 79 6.50 -8.51 -3.12
C ALA A 79 6.07 -7.26 -2.37
N ALA A 80 6.47 -7.17 -1.11
CA ALA A 80 6.11 -6.01 -0.29
C ALA A 80 7.07 -4.85 -0.52
N SER A 81 6.52 -3.65 -0.68
CA SER A 81 7.32 -2.46 -0.92
C SER A 81 8.04 -2.01 0.35
N ASN A 82 8.67 -0.85 0.30
CA ASN A 82 9.40 -0.32 1.44
C ASN A 82 8.43 0.07 2.55
N ALA A 83 8.90 -0.03 3.80
CA ALA A 83 8.08 0.31 4.95
C ALA A 83 8.13 1.80 5.24
N VAL A 84 6.95 2.42 5.36
CA VAL A 84 6.86 3.85 5.63
C VAL A 84 6.49 4.09 7.09
N SER A 85 7.17 5.04 7.72
CA SER A 85 6.93 5.36 9.12
C SER A 85 6.19 6.71 9.25
N VAL A 86 5.01 6.66 9.84
CA VAL A 86 4.20 7.87 10.02
C VAL A 86 3.88 8.08 11.50
N LYS A 87 4.18 9.28 11.99
CA LYS A 87 3.91 9.61 13.40
C LYS A 87 2.59 10.36 13.53
N THR A 88 1.56 9.65 13.99
CA THR A 88 0.25 10.25 14.17
C THR A 88 0.15 10.99 15.50
#